data_2NA0
#
_entry.id   2NA0
#
_entity_poly.entity_id   1
_entity_poly.type   'polypeptide(L)'
_entity_poly.pdbx_seq_one_letter_code
;(MYR)GNIMDGKSVEELSSTECHQWYKKFMTECPSGQLTLYEFRQFFGLKNLSPWASQYVEQMFETFDFNKDGYIDFMEY
EAALSLVLKGKVEQKLRWYFKLYDVDGNGCIDRDELLTIIRAIRAINPCSDSTMTAEEFTDTVFSKIDVNGDGELSLEEF
MEGVQKDQMLLDTLTRSLDLTRIVRRLQNGEQDEEGASGRETEAAEADG
;
_entity_poly.pdbx_strand_id   A
#
# COMPACT_ATOMS: atom_id res chain seq x y z
N GLY A 2 -7.71 9.51 -0.27
CA GLY A 2 -8.15 9.70 -1.64
C GLY A 2 -7.68 11.04 -2.20
N ASN A 3 -8.62 11.80 -2.77
CA ASN A 3 -8.31 13.10 -3.34
C ASN A 3 -9.56 13.97 -3.44
N ILE A 4 -9.40 15.20 -3.90
CA ILE A 4 -10.52 16.14 -4.02
C ILE A 4 -10.81 16.47 -5.49
N MET A 5 -10.07 15.86 -6.40
CA MET A 5 -10.27 16.12 -7.83
C MET A 5 -11.66 15.65 -8.27
N ASP A 6 -12.21 14.67 -7.56
CA ASP A 6 -13.55 14.16 -7.86
C ASP A 6 -13.71 13.75 -9.32
N GLY A 7 -12.95 12.75 -9.77
CA GLY A 7 -13.04 12.29 -11.15
C GLY A 7 -11.88 11.37 -11.52
N LYS A 8 -12.17 10.07 -11.63
CA LYS A 8 -11.13 9.11 -11.98
C LYS A 8 -10.56 9.44 -13.35
N SER A 9 -11.43 9.84 -14.27
CA SER A 9 -11.00 10.19 -15.62
C SER A 9 -10.02 11.36 -15.58
N VAL A 10 -10.28 12.32 -14.69
CA VAL A 10 -9.41 13.49 -14.56
C VAL A 10 -8.01 13.04 -14.15
N GLU A 11 -7.94 12.10 -13.21
CA GLU A 11 -6.66 11.60 -12.73
C GLU A 11 -5.88 10.96 -13.88
N GLU A 12 -6.57 10.18 -14.71
CA GLU A 12 -5.90 9.52 -15.82
C GLU A 12 -5.33 10.56 -16.79
N LEU A 13 -6.11 11.61 -17.05
CA LEU A 13 -5.67 12.67 -17.95
C LEU A 13 -4.44 13.36 -17.36
N SER A 14 -4.53 13.71 -16.08
CA SER A 14 -3.43 14.38 -15.40
C SER A 14 -2.20 13.49 -15.33
N SER A 15 -2.40 12.24 -14.97
CA SER A 15 -1.30 11.28 -14.86
C SER A 15 -0.22 11.83 -13.95
N THR A 16 -0.56 12.86 -13.17
CA THR A 16 0.40 13.47 -12.25
C THR A 16 -0.28 14.51 -11.36
N GLU A 17 -1.59 14.34 -11.16
CA GLU A 17 -2.35 15.27 -10.33
C GLU A 17 -1.85 15.28 -8.89
N CYS A 18 -1.61 14.10 -8.33
CA CYS A 18 -1.14 14.01 -6.96
C CYS A 18 0.25 14.62 -6.81
N HIS A 19 1.11 14.36 -7.79
CA HIS A 19 2.47 14.87 -7.75
C HIS A 19 2.49 16.40 -7.70
N GLN A 20 1.68 17.03 -8.55
CA GLN A 20 1.62 18.49 -8.61
C GLN A 20 1.18 19.08 -7.27
N TRP A 21 0.16 18.48 -6.66
CA TRP A 21 -0.33 18.96 -5.38
C TRP A 21 0.68 18.69 -4.27
N TYR A 22 1.46 17.62 -4.44
CA TYR A 22 2.45 17.27 -3.43
C TYR A 22 3.53 18.35 -3.35
N LYS A 23 3.79 19.03 -4.47
CA LYS A 23 4.80 20.10 -4.47
C LYS A 23 4.15 21.41 -4.06
N LYS A 24 2.89 21.60 -4.47
CA LYS A 24 2.17 22.81 -4.16
C LYS A 24 1.94 22.97 -2.66
N PHE A 25 1.64 21.86 -1.97
CA PHE A 25 1.40 21.93 -0.54
C PHE A 25 2.57 22.63 0.17
N MET A 26 3.73 22.60 -0.46
CA MET A 26 4.91 23.22 0.13
C MET A 26 4.66 24.70 0.40
N THR A 27 4.01 25.36 -0.55
CA THR A 27 3.71 26.78 -0.39
C THR A 27 2.66 27.01 0.69
N GLU A 28 1.68 26.11 0.78
CA GLU A 28 0.61 26.23 1.78
C GLU A 28 1.01 25.59 3.10
N CYS A 29 1.27 24.29 3.07
CA CYS A 29 1.64 23.55 4.28
C CYS A 29 3.07 23.91 4.71
N PRO A 30 3.40 23.78 5.98
CA PRO A 30 4.78 24.08 6.47
C PRO A 30 5.86 23.44 5.59
N SER A 31 7.11 23.66 5.97
CA SER A 31 8.23 23.12 5.21
C SER A 31 8.17 21.59 5.14
N GLY A 32 7.81 20.96 6.26
CA GLY A 32 7.74 19.50 6.29
C GLY A 32 7.05 18.99 7.55
N GLN A 33 5.88 19.55 7.86
CA GLN A 33 5.13 19.12 9.05
C GLN A 33 3.62 19.24 8.80
N LEU A 34 2.92 18.10 8.92
CA LEU A 34 1.47 18.09 8.72
C LEU A 34 0.83 17.00 9.57
N THR A 35 -0.30 17.33 10.20
CA THR A 35 -1.01 16.36 11.06
C THR A 35 -1.77 15.34 10.22
N LEU A 36 -2.13 14.23 10.85
CA LEU A 36 -2.87 13.15 10.17
C LEU A 36 -4.31 13.55 9.88
N TYR A 37 -4.90 14.36 10.78
CA TYR A 37 -6.27 14.79 10.56
C TYR A 37 -6.34 15.70 9.34
N GLU A 38 -5.51 16.73 9.35
CA GLU A 38 -5.45 17.68 8.26
C GLU A 38 -5.01 17.00 6.97
N PHE A 39 -4.24 15.92 7.13
CA PHE A 39 -3.77 15.17 5.98
C PHE A 39 -4.95 14.49 5.29
N ARG A 40 -5.76 13.79 6.08
CA ARG A 40 -6.91 13.11 5.52
C ARG A 40 -7.96 14.10 5.05
N GLN A 41 -8.13 15.17 5.82
CA GLN A 41 -9.10 16.18 5.47
C GLN A 41 -8.72 16.86 4.16
N PHE A 42 -7.44 17.18 4.00
CA PHE A 42 -6.98 17.83 2.78
C PHE A 42 -7.19 16.93 1.57
N PHE A 43 -6.79 15.67 1.69
CA PHE A 43 -6.93 14.71 0.60
C PHE A 43 -8.40 14.40 0.32
N GLY A 44 -9.20 14.27 1.38
CA GLY A 44 -10.62 13.96 1.21
C GLY A 44 -11.19 13.25 2.43
N LEU A 45 -12.06 12.28 2.19
CA LEU A 45 -12.69 11.52 3.27
C LEU A 45 -13.74 12.38 3.97
N LYS A 46 -14.60 13.01 3.17
CA LYS A 46 -15.66 13.86 3.72
C LYS A 46 -16.90 13.03 4.01
N ASN A 47 -17.38 12.32 2.98
CA ASN A 47 -18.57 11.49 3.12
C ASN A 47 -18.44 10.22 2.28
N LEU A 48 -19.45 9.35 2.36
CA LEU A 48 -19.45 8.09 1.61
C LEU A 48 -18.23 7.25 1.99
N SER A 49 -17.78 7.38 3.24
CA SER A 49 -16.63 6.61 3.72
C SER A 49 -16.83 6.20 5.17
N PRO A 50 -17.77 5.31 5.41
CA PRO A 50 -18.08 4.81 6.79
C PRO A 50 -17.16 3.66 7.21
N TRP A 51 -17.63 2.42 6.96
CA TRP A 51 -16.85 1.24 7.31
C TRP A 51 -15.53 1.25 6.54
N ALA A 52 -15.58 1.79 5.33
CA ALA A 52 -14.38 1.86 4.49
C ALA A 52 -13.29 2.65 5.20
N SER A 53 -13.68 3.68 5.93
CA SER A 53 -12.73 4.47 6.70
C SER A 53 -12.16 3.62 7.83
N GLN A 54 -13.05 2.86 8.45
CA GLN A 54 -12.66 2.00 9.56
C GLN A 54 -11.57 1.02 9.14
N TYR A 55 -11.60 0.58 7.89
CA TYR A 55 -10.59 -0.34 7.38
C TYR A 55 -9.33 0.41 6.96
N VAL A 56 -9.50 1.64 6.49
CA VAL A 56 -8.35 2.43 6.05
C VAL A 56 -7.49 2.84 7.25
N GLU A 57 -8.11 2.94 8.44
CA GLU A 57 -7.37 3.32 9.63
C GLU A 57 -6.29 2.28 9.95
N GLN A 58 -6.65 1.00 9.85
CA GLN A 58 -5.69 -0.06 10.13
C GLN A 58 -4.56 -0.05 9.10
N MET A 59 -4.93 0.15 7.84
CA MET A 59 -3.96 0.19 6.76
C MET A 59 -3.04 1.39 6.92
N PHE A 60 -3.63 2.50 7.35
CA PHE A 60 -2.89 3.74 7.55
C PHE A 60 -1.75 3.54 8.55
N GLU A 61 -2.04 2.88 9.67
CA GLU A 61 -1.02 2.68 10.69
C GLU A 61 0.17 1.90 10.12
N THR A 62 -0.11 0.87 9.33
CA THR A 62 0.96 0.08 8.74
C THR A 62 1.66 0.86 7.63
N PHE A 63 0.89 1.65 6.89
CA PHE A 63 1.44 2.46 5.81
C PHE A 63 2.26 3.63 6.36
N ASP A 64 1.96 4.04 7.58
CA ASP A 64 2.67 5.15 8.20
C ASP A 64 4.16 4.85 8.31
N PHE A 65 4.48 3.59 8.63
CA PHE A 65 5.87 3.15 8.79
C PHE A 65 6.38 3.51 10.18
N ASN A 66 6.58 4.81 10.42
CA ASN A 66 7.07 5.26 11.71
C ASN A 66 5.94 5.24 12.74
N LYS A 67 4.73 4.99 12.27
CA LYS A 67 3.57 4.93 13.15
C LYS A 67 3.52 6.15 14.07
N ASP A 68 3.94 7.31 13.55
CA ASP A 68 3.93 8.54 14.32
C ASP A 68 2.58 9.25 14.22
N GLY A 69 2.46 10.37 14.93
CA GLY A 69 1.22 11.15 14.93
C GLY A 69 1.34 12.38 14.04
N TYR A 70 2.43 12.44 13.26
CA TYR A 70 2.66 13.57 12.38
C TYR A 70 3.34 13.14 11.08
N ILE A 71 3.13 13.89 10.01
CA ILE A 71 3.72 13.57 8.71
C ILE A 71 4.87 14.53 8.41
N ASP A 72 6.08 13.97 8.32
CA ASP A 72 7.28 14.77 8.04
C ASP A 72 7.58 14.80 6.54
N PHE A 73 8.64 15.52 6.19
CA PHE A 73 9.06 15.63 4.78
C PHE A 73 9.43 14.26 4.22
N MET A 74 10.18 13.49 5.00
CA MET A 74 10.62 12.17 4.57
C MET A 74 9.44 11.28 4.20
N GLU A 75 8.36 11.40 4.97
CA GLU A 75 7.17 10.58 4.71
C GLU A 75 6.64 10.86 3.31
N TYR A 76 6.68 12.12 2.88
CA TYR A 76 6.20 12.47 1.54
C TYR A 76 7.01 11.75 0.47
N GLU A 77 8.31 11.61 0.69
CA GLU A 77 9.15 10.93 -0.28
C GLU A 77 8.64 9.49 -0.45
N ALA A 78 8.37 8.84 0.67
CA ALA A 78 7.83 7.49 0.64
C ALA A 78 6.47 7.49 -0.03
N ALA A 79 5.69 8.52 0.24
CA ALA A 79 4.35 8.65 -0.33
C ALA A 79 4.42 8.72 -1.85
N LEU A 80 5.40 9.44 -2.38
CA LEU A 80 5.54 9.57 -3.82
C LEU A 80 5.78 8.20 -4.46
N SER A 81 6.60 7.39 -3.79
CA SER A 81 6.90 6.05 -4.30
C SER A 81 5.63 5.19 -4.28
N LEU A 82 4.78 5.42 -3.28
CA LEU A 82 3.54 4.65 -3.16
C LEU A 82 2.64 4.89 -4.37
N VAL A 83 2.47 6.16 -4.74
CA VAL A 83 1.62 6.51 -5.87
C VAL A 83 2.21 6.00 -7.19
N LEU A 84 3.51 6.17 -7.36
CA LEU A 84 4.20 5.73 -8.58
C LEU A 84 5.18 4.61 -8.27
N LYS A 85 6.26 4.53 -9.04
CA LYS A 85 7.27 3.49 -8.84
C LYS A 85 8.66 4.04 -9.22
N GLY A 86 8.67 5.05 -10.08
CA GLY A 86 9.92 5.66 -10.52
C GLY A 86 10.85 4.63 -11.14
N LYS A 87 12.11 4.64 -10.70
CA LYS A 87 13.10 3.71 -11.22
C LYS A 87 12.83 2.30 -10.68
N VAL A 88 13.18 1.29 -11.46
CA VAL A 88 12.96 -0.09 -11.05
C VAL A 88 13.76 -0.39 -9.78
N GLU A 89 14.96 0.16 -9.69
CA GLU A 89 15.80 -0.05 -8.52
C GLU A 89 15.14 0.56 -7.30
N GLN A 90 14.55 1.74 -7.49
CA GLN A 90 13.86 2.43 -6.40
C GLN A 90 12.64 1.60 -5.96
N LYS A 91 11.98 0.99 -6.93
CA LYS A 91 10.80 0.19 -6.64
C LYS A 91 11.15 -0.95 -5.69
N LEU A 92 12.28 -1.61 -5.93
CA LEU A 92 12.68 -2.72 -5.09
C LEU A 92 12.91 -2.25 -3.65
N ARG A 93 13.57 -1.11 -3.50
CA ARG A 93 13.83 -0.57 -2.17
C ARG A 93 12.50 -0.19 -1.51
N TRP A 94 11.63 0.43 -2.32
CA TRP A 94 10.32 0.83 -1.84
C TRP A 94 9.52 -0.38 -1.37
N TYR A 95 9.60 -1.47 -2.10
CA TYR A 95 8.87 -2.67 -1.74
C TYR A 95 9.27 -3.12 -0.34
N PHE A 96 10.57 -3.20 -0.09
CA PHE A 96 11.07 -3.60 1.23
C PHE A 96 10.63 -2.58 2.28
N LYS A 97 10.79 -1.31 1.96
CA LYS A 97 10.42 -0.24 2.89
C LYS A 97 8.94 -0.34 3.25
N LEU A 98 8.11 -0.69 2.27
CA LEU A 98 6.68 -0.81 2.51
C LEU A 98 6.44 -1.65 3.76
N TYR A 99 7.14 -2.77 3.87
CA TYR A 99 6.99 -3.64 5.05
C TYR A 99 7.63 -2.99 6.27
N ASP A 100 8.67 -2.19 6.02
CA ASP A 100 9.40 -1.52 7.11
C ASP A 100 9.60 -2.47 8.28
N VAL A 101 9.91 -3.72 7.98
CA VAL A 101 10.14 -4.73 9.01
C VAL A 101 9.13 -4.57 10.15
N ASP A 102 7.93 -5.10 9.94
CA ASP A 102 6.89 -5.01 10.96
C ASP A 102 7.03 -6.14 11.97
N GLY A 103 8.07 -6.96 11.78
CA GLY A 103 8.33 -8.09 12.68
C GLY A 103 9.77 -8.07 13.16
N ASN A 104 10.29 -9.25 13.52
CA ASN A 104 11.67 -9.37 14.00
C ASN A 104 12.59 -9.83 12.89
N GLY A 105 12.09 -9.77 11.65
CA GLY A 105 12.87 -10.20 10.49
C GLY A 105 12.47 -11.61 10.07
N CYS A 106 12.93 -12.05 8.90
CA CYS A 106 12.60 -13.38 8.42
C CYS A 106 11.08 -13.56 8.35
N ILE A 107 10.52 -13.66 7.15
CA ILE A 107 9.08 -13.81 6.98
C ILE A 107 8.72 -15.16 6.37
N ASP A 108 7.93 -15.94 7.10
CA ASP A 108 7.50 -17.26 6.63
C ASP A 108 6.07 -17.18 6.08
N ARG A 109 5.57 -18.29 5.58
CA ARG A 109 4.22 -18.34 5.02
C ARG A 109 3.17 -18.02 6.09
N ASP A 110 3.34 -18.56 7.30
CA ASP A 110 2.37 -18.33 8.36
C ASP A 110 2.24 -16.84 8.69
N GLU A 111 3.38 -16.15 8.78
CA GLU A 111 3.37 -14.72 9.07
C GLU A 111 2.69 -13.97 7.93
N LEU A 112 2.98 -14.42 6.71
CA LEU A 112 2.42 -13.80 5.51
C LEU A 112 0.89 -13.80 5.61
N LEU A 113 0.32 -14.86 6.17
CA LEU A 113 -1.12 -14.98 6.33
C LEU A 113 -1.66 -13.92 7.29
N THR A 114 -0.81 -13.50 8.22
CA THR A 114 -1.18 -12.48 9.19
C THR A 114 -1.03 -11.09 8.61
N ILE A 115 -0.08 -10.92 7.70
CA ILE A 115 0.11 -9.65 7.05
C ILE A 115 -1.05 -9.39 6.11
N ILE A 116 -1.48 -10.46 5.44
CA ILE A 116 -2.58 -10.38 4.47
C ILE A 116 -3.64 -9.37 4.90
N ARG A 117 -4.12 -9.44 6.15
CA ARG A 117 -5.15 -8.49 6.57
C ARG A 117 -4.73 -7.07 6.26
N ALA A 118 -3.43 -6.81 6.37
CA ALA A 118 -2.88 -5.50 6.08
C ALA A 118 -3.12 -5.12 4.62
N ILE A 119 -2.99 -6.09 3.73
CA ILE A 119 -3.17 -5.84 2.29
C ILE A 119 -4.65 -5.69 1.95
N ARG A 120 -5.40 -6.80 2.01
CA ARG A 120 -6.82 -6.74 1.68
C ARG A 120 -7.48 -8.10 1.94
N ALA A 121 -8.69 -8.07 2.49
CA ALA A 121 -9.42 -9.30 2.79
C ALA A 121 -10.24 -9.75 1.58
N ILE A 122 -11.16 -10.68 1.80
CA ILE A 122 -12.00 -11.20 0.72
C ILE A 122 -13.05 -10.18 0.30
N ASN A 123 -12.75 -8.90 0.51
CA ASN A 123 -13.68 -7.84 0.14
C ASN A 123 -14.04 -7.89 -1.34
N PRO A 124 -13.11 -8.19 -2.22
CA PRO A 124 -13.40 -8.24 -3.70
C PRO A 124 -14.50 -9.25 -4.03
N CYS A 125 -15.33 -8.90 -5.01
CA CYS A 125 -16.43 -9.77 -5.42
C CYS A 125 -15.89 -11.09 -5.96
N SER A 126 -14.81 -11.02 -6.74
CA SER A 126 -14.21 -12.21 -7.33
C SER A 126 -12.90 -12.56 -6.61
N ASP A 127 -12.17 -13.53 -7.18
CA ASP A 127 -10.90 -13.95 -6.59
C ASP A 127 -11.13 -14.50 -5.18
N SER A 128 -10.14 -15.24 -4.68
CA SER A 128 -10.26 -15.81 -3.34
C SER A 128 -11.54 -16.63 -3.22
N THR A 129 -11.65 -17.69 -4.04
CA THR A 129 -12.84 -18.55 -4.03
C THR A 129 -13.50 -18.60 -2.65
N MET A 130 -12.68 -18.65 -1.61
CA MET A 130 -13.18 -18.65 -0.24
C MET A 130 -12.25 -17.82 0.65
N THR A 131 -10.95 -18.06 0.54
CA THR A 131 -9.97 -17.30 1.31
C THR A 131 -8.72 -17.06 0.46
N ALA A 132 -8.07 -15.92 0.66
CA ALA A 132 -6.86 -15.60 -0.08
C ALA A 132 -5.67 -16.37 0.49
N GLU A 133 -5.80 -16.77 1.74
CA GLU A 133 -4.73 -17.49 2.43
C GLU A 133 -4.35 -18.79 1.72
N GLU A 134 -5.33 -19.50 1.15
CA GLU A 134 -5.03 -20.75 0.48
C GLU A 134 -4.21 -20.49 -0.79
N PHE A 135 -4.37 -19.30 -1.35
CA PHE A 135 -3.62 -18.94 -2.55
C PHE A 135 -2.15 -18.70 -2.21
N THR A 136 -1.89 -18.06 -1.08
CA THR A 136 -0.51 -17.80 -0.69
C THR A 136 0.21 -19.08 -0.36
N ASP A 137 -0.46 -19.97 0.38
CA ASP A 137 0.16 -21.23 0.76
C ASP A 137 0.38 -22.13 -0.45
N THR A 138 -0.58 -22.15 -1.37
CA THR A 138 -0.46 -23.01 -2.54
C THR A 138 0.68 -22.55 -3.45
N VAL A 139 0.84 -21.25 -3.65
CA VAL A 139 1.93 -20.79 -4.51
C VAL A 139 3.26 -20.94 -3.77
N PHE A 140 3.25 -20.65 -2.47
CA PHE A 140 4.45 -20.76 -1.66
C PHE A 140 4.94 -22.21 -1.63
N SER A 141 4.01 -23.14 -1.42
CA SER A 141 4.35 -24.55 -1.36
C SER A 141 4.96 -25.03 -2.67
N LYS A 142 4.34 -24.64 -3.78
CA LYS A 142 4.85 -25.05 -5.09
C LYS A 142 6.25 -24.49 -5.34
N ILE A 143 6.45 -23.22 -4.99
CA ILE A 143 7.76 -22.60 -5.17
C ILE A 143 8.80 -23.27 -4.27
N ASP A 144 8.41 -23.48 -3.01
CA ASP A 144 9.29 -24.13 -2.03
C ASP A 144 10.69 -23.49 -2.05
N VAL A 145 10.83 -22.39 -2.77
CA VAL A 145 12.09 -21.68 -2.87
C VAL A 145 13.26 -22.66 -3.04
N ASN A 146 12.95 -23.91 -3.38
CA ASN A 146 14.00 -24.91 -3.56
C ASN A 146 14.91 -24.91 -2.32
N GLY A 147 14.28 -24.93 -1.14
CA GLY A 147 15.01 -24.89 0.12
C GLY A 147 14.95 -23.49 0.70
N ASP A 148 15.16 -23.37 2.00
CA ASP A 148 15.11 -22.04 2.63
C ASP A 148 13.76 -21.40 2.35
N GLY A 149 12.69 -22.06 2.82
CA GLY A 149 11.34 -21.56 2.59
C GLY A 149 11.17 -20.17 3.17
N GLU A 150 11.74 -19.93 4.35
CA GLU A 150 11.64 -18.62 4.97
C GLU A 150 12.22 -17.56 4.04
N LEU A 151 11.72 -16.32 4.16
CA LEU A 151 12.19 -15.24 3.29
C LEU A 151 13.21 -14.38 4.01
N SER A 152 14.36 -14.20 3.37
CA SER A 152 15.45 -13.39 3.93
C SER A 152 15.43 -12.00 3.31
N LEU A 153 16.60 -11.47 2.95
CA LEU A 153 16.69 -10.14 2.34
C LEU A 153 16.50 -10.22 0.83
N GLU A 154 17.39 -10.93 0.14
CA GLU A 154 17.29 -11.06 -1.30
C GLU A 154 16.04 -11.81 -1.71
N GLU A 155 15.66 -12.80 -0.90
CA GLU A 155 14.45 -13.55 -1.18
C GLU A 155 13.25 -12.65 -0.93
N PHE A 156 13.46 -11.62 -0.11
CA PHE A 156 12.39 -10.71 0.22
C PHE A 156 11.68 -10.26 -1.06
N MET A 157 12.44 -9.84 -2.06
CA MET A 157 11.83 -9.41 -3.31
C MET A 157 11.13 -10.56 -4.00
N GLU A 158 11.59 -11.78 -3.72
CA GLU A 158 11.00 -12.97 -4.34
C GLU A 158 9.51 -13.05 -4.02
N GLY A 159 9.10 -12.44 -2.91
CA GLY A 159 7.68 -12.49 -2.53
C GLY A 159 6.80 -11.87 -3.61
N VAL A 160 7.24 -10.76 -4.21
CA VAL A 160 6.45 -10.09 -5.24
C VAL A 160 6.33 -10.98 -6.49
N GLN A 161 7.29 -11.88 -6.65
CA GLN A 161 7.29 -12.80 -7.79
C GLN A 161 6.12 -13.76 -7.65
N LYS A 162 5.89 -14.16 -6.40
CA LYS A 162 4.81 -15.10 -6.03
C LYS A 162 3.88 -15.43 -7.21
N ASP A 163 2.91 -14.57 -7.46
CA ASP A 163 1.97 -14.80 -8.56
C ASP A 163 1.35 -13.48 -9.04
N GLN A 164 1.03 -13.43 -10.33
CA GLN A 164 0.44 -12.25 -10.93
C GLN A 164 -0.93 -11.95 -10.33
N MET A 165 -1.68 -13.00 -10.04
CA MET A 165 -3.02 -12.83 -9.46
C MET A 165 -2.91 -12.22 -8.06
N LEU A 166 -1.88 -12.64 -7.33
CA LEU A 166 -1.63 -12.10 -6.01
C LEU A 166 -1.13 -10.66 -6.13
N LEU A 167 -0.17 -10.49 -7.02
CA LEU A 167 0.43 -9.18 -7.25
C LEU A 167 -0.61 -8.17 -7.68
N ASP A 168 -1.56 -8.59 -8.51
CA ASP A 168 -2.59 -7.68 -8.98
C ASP A 168 -3.39 -7.11 -7.80
N THR A 169 -3.71 -7.96 -6.84
CA THR A 169 -4.46 -7.51 -5.67
C THR A 169 -3.58 -6.61 -4.80
N LEU A 170 -2.30 -6.98 -4.70
CA LEU A 170 -1.36 -6.21 -3.91
C LEU A 170 -1.16 -4.83 -4.51
N THR A 171 -1.12 -4.77 -5.84
CA THR A 171 -0.91 -3.51 -6.54
C THR A 171 -2.01 -2.53 -6.20
N ARG A 172 -3.25 -2.99 -6.18
CA ARG A 172 -4.37 -2.11 -5.85
C ARG A 172 -4.23 -1.62 -4.41
N SER A 173 -3.81 -2.51 -3.51
CA SER A 173 -3.65 -2.16 -2.11
C SER A 173 -2.56 -1.11 -1.93
N LEU A 174 -1.43 -1.31 -2.60
CA LEU A 174 -0.31 -0.38 -2.50
C LEU A 174 -0.57 0.87 -3.35
N ASP A 175 -1.36 1.79 -2.82
CA ASP A 175 -1.67 3.01 -3.53
C ASP A 175 -2.38 4.00 -2.61
N LEU A 176 -2.52 5.24 -3.08
CA LEU A 176 -3.17 6.29 -2.29
C LEU A 176 -4.56 6.62 -2.85
N THR A 177 -4.60 7.11 -4.09
CA THR A 177 -5.87 7.50 -4.73
C THR A 177 -6.54 6.33 -5.44
N ARG A 178 -5.76 5.38 -5.93
CA ARG A 178 -6.36 4.24 -6.63
C ARG A 178 -7.34 3.51 -5.74
N ILE A 179 -7.13 3.61 -4.42
CA ILE A 179 -8.01 2.94 -3.46
C ILE A 179 -9.47 3.26 -3.78
N VAL A 180 -9.71 4.43 -4.37
CA VAL A 180 -11.08 4.81 -4.69
C VAL A 180 -11.72 3.74 -5.57
N ARG A 181 -10.88 3.09 -6.37
CA ARG A 181 -11.34 2.03 -7.26
C ARG A 181 -11.95 0.89 -6.45
N ARG A 182 -11.28 0.52 -5.37
CA ARG A 182 -11.75 -0.56 -4.52
C ARG A 182 -13.11 -0.22 -3.92
N LEU A 183 -13.29 1.04 -3.53
CA LEU A 183 -14.54 1.49 -2.96
C LEU A 183 -15.68 1.29 -3.95
N GLN A 184 -15.43 1.64 -5.21
CA GLN A 184 -16.44 1.50 -6.25
C GLN A 184 -16.80 0.04 -6.43
N ASN A 185 -15.80 -0.83 -6.38
CA ASN A 185 -16.02 -2.26 -6.55
C ASN A 185 -16.97 -2.79 -5.47
N GLY A 2 -9.61 17.37 -4.50
CA GLY A 2 -10.75 17.96 -5.19
C GLY A 2 -11.72 16.88 -5.64
N ASN A 3 -11.76 15.78 -4.88
CA ASN A 3 -12.64 14.67 -5.20
C ASN A 3 -12.26 14.05 -6.54
N ILE A 4 -13.26 13.57 -7.28
CA ILE A 4 -13.01 12.97 -8.60
C ILE A 4 -13.65 13.83 -9.69
N MET A 5 -13.08 15.00 -9.94
CA MET A 5 -13.60 15.89 -10.96
C MET A 5 -13.56 15.19 -12.32
N ASP A 6 -12.43 14.55 -12.61
CA ASP A 6 -12.26 13.83 -13.87
C ASP A 6 -11.26 12.70 -13.70
N GLY A 7 -11.47 11.61 -14.42
CA GLY A 7 -10.57 10.46 -14.35
C GLY A 7 -9.17 10.85 -14.79
N LYS A 8 -9.10 11.68 -15.82
CA LYS A 8 -7.81 12.14 -16.33
C LYS A 8 -7.13 13.10 -15.37
N SER A 9 -7.91 13.98 -14.75
CA SER A 9 -7.34 14.97 -13.82
C SER A 9 -6.71 14.31 -12.60
N VAL A 10 -7.35 13.28 -12.05
CA VAL A 10 -6.80 12.60 -10.89
C VAL A 10 -5.62 11.73 -11.31
N GLU A 11 -5.66 11.27 -12.57
CA GLU A 11 -4.59 10.43 -13.11
C GLU A 11 -3.28 11.22 -13.15
N GLU A 12 -3.37 12.50 -13.48
CA GLU A 12 -2.18 13.33 -13.59
C GLU A 12 -1.41 13.37 -12.26
N LEU A 13 -2.14 13.36 -11.16
CA LEU A 13 -1.51 13.38 -9.84
C LEU A 13 -0.60 12.16 -9.67
N SER A 14 -0.92 11.08 -10.39
CA SER A 14 -0.13 9.86 -10.29
C SER A 14 1.32 10.07 -10.73
N SER A 15 1.52 10.93 -11.73
CA SER A 15 2.87 11.19 -12.22
C SER A 15 2.96 12.53 -12.93
N THR A 16 4.18 12.96 -13.21
CA THR A 16 4.41 14.23 -13.91
C THR A 16 4.09 15.41 -12.99
N GLU A 17 3.35 15.15 -11.93
CA GLU A 17 2.96 16.19 -10.97
C GLU A 17 3.44 15.83 -9.57
N CYS A 18 4.54 15.08 -9.49
CA CYS A 18 5.08 14.68 -8.20
C CYS A 18 5.48 15.90 -7.38
N HIS A 19 6.10 16.88 -8.04
CA HIS A 19 6.52 18.08 -7.35
C HIS A 19 5.32 18.85 -6.81
N GLN A 20 4.19 18.73 -7.50
CA GLN A 20 2.97 19.39 -7.06
C GLN A 20 2.51 18.82 -5.72
N TRP A 21 2.64 17.51 -5.57
CA TRP A 21 2.22 16.83 -4.36
C TRP A 21 2.82 17.52 -3.12
N TYR A 22 3.99 18.11 -3.27
CA TYR A 22 4.63 18.78 -2.15
C TYR A 22 3.80 20.00 -1.75
N LYS A 23 3.06 20.54 -2.71
CA LYS A 23 2.19 21.68 -2.44
C LYS A 23 1.19 21.33 -1.35
N LYS A 24 0.74 20.08 -1.35
CA LYS A 24 -0.23 19.62 -0.35
C LYS A 24 0.28 19.88 1.06
N PHE A 25 1.55 19.53 1.30
CA PHE A 25 2.14 19.73 2.60
C PHE A 25 2.08 21.20 2.99
N MET A 26 2.56 22.07 2.11
CA MET A 26 2.54 23.50 2.38
C MET A 26 1.11 23.99 2.56
N THR A 27 0.21 23.55 1.69
CA THR A 27 -1.18 23.95 1.74
C THR A 27 -1.85 23.51 3.04
N GLU A 28 -1.65 22.26 3.43
CA GLU A 28 -2.28 21.76 4.65
C GLU A 28 -1.72 22.49 5.87
N CYS A 29 -0.41 22.66 5.91
CA CYS A 29 0.23 23.36 7.02
C CYS A 29 1.70 23.64 6.68
N PRO A 30 2.27 24.69 7.23
CA PRO A 30 3.72 25.00 6.97
C PRO A 30 4.64 24.11 7.79
N SER A 31 4.26 22.84 7.92
CA SER A 31 5.05 21.88 8.69
C SER A 31 4.75 20.45 8.26
N GLY A 32 5.58 19.51 8.70
CA GLY A 32 5.39 18.10 8.35
C GLY A 32 4.48 17.42 9.36
N GLN A 33 4.70 16.13 9.57
CA GLN A 33 3.89 15.36 10.52
C GLN A 33 2.42 15.38 10.09
N LEU A 34 2.08 14.55 9.11
CA LEU A 34 0.70 14.48 8.61
C LEU A 34 -0.01 13.28 9.25
N THR A 35 -1.33 13.40 9.40
CA THR A 35 -2.15 12.35 10.01
C THR A 35 -3.30 11.96 9.09
N LEU A 36 -4.00 10.89 9.46
CA LEU A 36 -5.12 10.39 8.66
C LEU A 36 -6.22 11.43 8.54
N TYR A 37 -6.49 12.16 9.62
CA TYR A 37 -7.51 13.21 9.56
C TYR A 37 -7.09 14.25 8.54
N GLU A 38 -5.83 14.66 8.66
CA GLU A 38 -5.27 15.67 7.77
C GLU A 38 -5.35 15.21 6.32
N PHE A 39 -5.15 13.92 6.08
CA PHE A 39 -5.23 13.39 4.73
C PHE A 39 -6.67 13.48 4.21
N ARG A 40 -7.65 13.38 5.10
CA ARG A 40 -9.04 13.45 4.68
C ARG A 40 -9.32 14.75 3.94
N GLN A 41 -8.82 15.86 4.48
CA GLN A 41 -9.07 17.15 3.86
C GLN A 41 -8.58 17.16 2.42
N PHE A 42 -7.34 16.71 2.21
CA PHE A 42 -6.80 16.65 0.85
C PHE A 42 -7.56 15.66 0.00
N PHE A 43 -7.80 14.47 0.56
CA PHE A 43 -8.52 13.41 -0.14
C PHE A 43 -9.93 13.88 -0.50
N GLY A 44 -10.55 14.62 0.41
CA GLY A 44 -11.90 15.10 0.18
C GLY A 44 -12.90 13.96 0.24
N LEU A 45 -13.62 13.72 -0.85
CA LEU A 45 -14.60 12.65 -0.89
C LEU A 45 -15.63 12.82 0.20
N LYS A 46 -16.09 14.06 0.39
CA LYS A 46 -17.09 14.38 1.41
C LYS A 46 -16.93 13.48 2.64
N ASN A 47 -17.91 12.60 2.87
CA ASN A 47 -17.88 11.67 4.01
C ASN A 47 -18.11 10.24 3.52
N LEU A 48 -19.38 9.88 3.33
CA LEU A 48 -19.74 8.55 2.87
C LEU A 48 -19.30 7.49 3.86
N SER A 49 -20.20 7.12 4.78
CA SER A 49 -19.89 6.10 5.76
C SER A 49 -18.56 6.36 6.44
N PRO A 50 -18.50 7.38 7.27
CA PRO A 50 -17.25 7.75 8.01
C PRO A 50 -16.66 6.55 8.75
N TRP A 51 -17.47 5.52 8.95
CA TRP A 51 -17.01 4.31 9.65
C TRP A 51 -15.83 3.69 8.90
N ALA A 52 -15.91 3.67 7.58
CA ALA A 52 -14.85 3.10 6.77
C ALA A 52 -13.50 3.69 7.18
N SER A 53 -13.53 4.87 7.77
CA SER A 53 -12.31 5.53 8.21
C SER A 53 -11.59 4.62 9.20
N GLN A 54 -12.36 3.91 10.01
CA GLN A 54 -11.76 3.00 10.97
C GLN A 54 -10.80 2.06 10.24
N TYR A 55 -11.36 1.16 9.44
CA TYR A 55 -10.54 0.18 8.70
C TYR A 55 -9.24 0.83 8.19
N VAL A 56 -9.34 2.06 7.71
CA VAL A 56 -8.16 2.77 7.21
C VAL A 56 -7.14 2.98 8.34
N GLU A 57 -7.63 3.22 9.55
CA GLU A 57 -6.75 3.45 10.69
C GLU A 57 -5.81 2.26 10.87
N GLN A 58 -6.33 1.05 10.69
CA GLN A 58 -5.50 -0.15 10.82
C GLN A 58 -4.47 -0.21 9.70
N MET A 59 -4.87 0.22 8.52
CA MET A 59 -3.98 0.21 7.38
C MET A 59 -2.78 1.12 7.65
N PHE A 60 -2.96 2.09 8.53
CA PHE A 60 -1.88 3.01 8.86
C PHE A 60 -0.58 2.25 9.12
N GLU A 61 -0.71 1.02 9.64
CA GLU A 61 0.48 0.24 9.93
C GLU A 61 1.23 -0.12 8.65
N THR A 62 0.50 -0.56 7.63
CA THR A 62 1.11 -0.94 6.35
C THR A 62 1.26 0.24 5.38
N PHE A 63 0.37 1.21 5.49
CA PHE A 63 0.41 2.36 4.57
C PHE A 63 1.72 3.13 4.67
N ASP A 64 2.13 3.46 5.88
CA ASP A 64 3.37 4.21 6.08
C ASP A 64 4.57 3.27 6.14
N PHE A 65 5.74 3.84 6.45
CA PHE A 65 6.97 3.09 6.56
C PHE A 65 7.47 3.12 7.99
N ASN A 66 8.62 2.50 8.25
CA ASN A 66 9.18 2.47 9.60
C ASN A 66 8.08 2.24 10.64
N LYS A 67 8.34 2.63 11.88
CA LYS A 67 7.35 2.45 12.96
C LYS A 67 7.08 3.79 13.65
N ASP A 68 5.92 4.37 13.35
CA ASP A 68 5.54 5.65 13.96
C ASP A 68 4.06 5.91 13.75
N GLY A 69 3.51 6.85 14.52
CA GLY A 69 2.09 7.21 14.41
C GLY A 69 1.92 8.45 13.53
N TYR A 70 3.04 8.95 13.00
CA TYR A 70 3.03 10.14 12.15
C TYR A 70 3.86 9.89 10.89
N ILE A 71 3.48 10.57 9.80
CA ILE A 71 4.20 10.41 8.53
C ILE A 71 5.00 11.67 8.20
N ASP A 72 6.28 11.47 7.87
CA ASP A 72 7.19 12.57 7.54
C ASP A 72 7.09 12.93 6.06
N PHE A 73 7.45 14.17 5.74
CA PHE A 73 7.41 14.64 4.35
C PHE A 73 8.32 13.78 3.47
N MET A 74 9.45 13.36 4.02
CA MET A 74 10.38 12.52 3.27
C MET A 74 9.78 11.13 3.10
N GLU A 75 9.09 10.69 4.15
CA GLU A 75 8.43 9.39 4.16
C GLU A 75 7.33 9.37 3.10
N TYR A 76 6.66 10.49 2.94
CA TYR A 76 5.58 10.64 1.98
C TYR A 76 6.05 10.28 0.57
N GLU A 77 7.30 10.63 0.25
CA GLU A 77 7.83 10.34 -1.07
C GLU A 77 7.76 8.84 -1.35
N ALA A 78 8.14 8.04 -0.35
CA ALA A 78 8.09 6.59 -0.50
C ALA A 78 6.66 6.12 -0.75
N ALA A 79 5.71 6.78 -0.09
CA ALA A 79 4.31 6.44 -0.24
C ALA A 79 3.86 6.60 -1.69
N LEU A 80 4.44 7.56 -2.39
CA LEU A 80 4.07 7.80 -3.79
C LEU A 80 4.33 6.56 -4.63
N SER A 81 5.24 5.71 -4.16
CA SER A 81 5.56 4.49 -4.89
C SER A 81 4.33 3.61 -5.03
N LEU A 82 3.50 3.56 -4.00
CA LEU A 82 2.29 2.73 -4.04
C LEU A 82 1.38 3.17 -5.20
N VAL A 83 1.13 4.48 -5.28
CA VAL A 83 0.28 5.00 -6.34
C VAL A 83 1.02 4.97 -7.68
N LEU A 84 2.29 5.38 -7.66
CA LEU A 84 3.09 5.42 -8.88
C LEU A 84 3.76 4.06 -9.13
N LYS A 85 3.45 3.47 -10.28
CA LYS A 85 4.02 2.17 -10.66
C LYS A 85 5.07 2.34 -11.75
N GLY A 86 5.62 3.55 -11.85
CA GLY A 86 6.63 3.84 -12.87
C GLY A 86 7.88 2.96 -12.69
N LYS A 87 8.31 2.78 -11.45
CA LYS A 87 9.49 1.96 -11.17
C LYS A 87 9.07 0.55 -10.79
N VAL A 88 9.97 -0.41 -10.99
CA VAL A 88 9.68 -1.82 -10.67
C VAL A 88 10.59 -2.33 -9.56
N GLU A 89 11.89 -2.27 -9.79
CA GLU A 89 12.85 -2.77 -8.79
C GLU A 89 12.76 -1.97 -7.50
N GLN A 90 12.68 -0.65 -7.60
CA GLN A 90 12.58 0.19 -6.41
C GLN A 90 11.24 -0.03 -5.73
N LYS A 91 10.20 -0.17 -6.55
CA LYS A 91 8.85 -0.38 -6.04
C LYS A 91 8.80 -1.68 -5.23
N LEU A 92 9.44 -2.71 -5.74
CA LEU A 92 9.44 -3.99 -5.06
C LEU A 92 10.05 -3.85 -3.67
N ARG A 93 11.17 -3.14 -3.58
CA ARG A 93 11.84 -2.94 -2.30
C ARG A 93 10.94 -2.17 -1.34
N TRP A 94 10.33 -1.10 -1.83
CA TRP A 94 9.46 -0.30 -0.99
C TRP A 94 8.23 -1.11 -0.60
N TYR A 95 7.74 -1.93 -1.52
CA TYR A 95 6.59 -2.78 -1.28
C TYR A 95 6.84 -3.72 -0.12
N PHE A 96 8.00 -4.37 -0.12
CA PHE A 96 8.35 -5.31 0.95
C PHE A 96 8.42 -4.57 2.29
N LYS A 97 8.90 -3.34 2.27
CA LYS A 97 9.01 -2.55 3.48
C LYS A 97 7.63 -2.31 4.09
N LEU A 98 6.59 -2.36 3.27
CA LEU A 98 5.23 -2.13 3.76
C LEU A 98 4.84 -3.20 4.78
N TYR A 99 5.25 -4.44 4.53
CA TYR A 99 4.90 -5.52 5.45
C TYR A 99 5.49 -5.24 6.84
N ASP A 100 6.73 -4.81 6.87
CA ASP A 100 7.40 -4.52 8.13
C ASP A 100 8.78 -3.92 7.89
N VAL A 101 9.61 -3.90 8.93
CA VAL A 101 10.97 -3.37 8.82
C VAL A 101 11.96 -4.52 8.76
N ASP A 102 12.73 -4.59 7.68
CA ASP A 102 13.71 -5.65 7.52
C ASP A 102 14.99 -5.33 8.28
N GLY A 103 15.02 -4.14 8.88
CA GLY A 103 16.18 -3.71 9.66
C GLY A 103 16.38 -4.62 10.86
N ASN A 104 15.28 -5.01 11.49
CA ASN A 104 15.34 -5.87 12.67
C ASN A 104 15.98 -7.22 12.35
N GLY A 105 15.64 -7.78 11.19
CA GLY A 105 16.20 -9.07 10.77
C GLY A 105 15.26 -9.77 9.79
N CYS A 106 15.48 -11.07 9.61
CA CYS A 106 14.64 -11.84 8.69
C CYS A 106 13.23 -11.98 9.27
N ILE A 107 12.25 -12.18 8.39
CA ILE A 107 10.85 -12.33 8.83
C ILE A 107 10.18 -13.55 8.18
N ASP A 108 9.51 -14.36 8.99
CA ASP A 108 8.82 -15.53 8.47
C ASP A 108 7.65 -15.09 7.58
N ARG A 109 7.37 -15.85 6.52
CA ARG A 109 6.26 -15.49 5.63
C ARG A 109 4.92 -15.65 6.34
N ASP A 110 4.87 -16.54 7.33
CA ASP A 110 3.65 -16.79 8.08
C ASP A 110 3.12 -15.51 8.72
N GLU A 111 4.02 -14.67 9.22
CA GLU A 111 3.60 -13.41 9.82
C GLU A 111 3.05 -12.49 8.74
N LEU A 112 3.76 -12.45 7.61
CA LEU A 112 3.38 -11.60 6.50
C LEU A 112 1.94 -11.90 6.08
N LEU A 113 1.53 -13.16 6.17
CA LEU A 113 0.17 -13.51 5.78
C LEU A 113 -0.83 -12.65 6.55
N THR A 114 -0.75 -12.66 7.87
CA THR A 114 -1.70 -11.89 8.68
C THR A 114 -1.68 -10.40 8.32
N ILE A 115 -0.59 -9.93 7.74
CA ILE A 115 -0.50 -8.53 7.36
C ILE A 115 -1.11 -8.35 5.97
N ILE A 116 -0.85 -9.29 5.06
CA ILE A 116 -1.36 -9.18 3.69
C ILE A 116 -2.84 -8.77 3.70
N ARG A 117 -3.59 -9.24 4.70
CA ARG A 117 -4.99 -8.88 4.77
C ARG A 117 -5.13 -7.41 5.15
N ALA A 118 -4.25 -6.95 6.04
CA ALA A 118 -4.29 -5.56 6.49
C ALA A 118 -4.05 -4.57 5.34
N ILE A 119 -3.04 -4.86 4.50
CA ILE A 119 -2.74 -3.97 3.38
C ILE A 119 -3.74 -4.19 2.24
N ARG A 120 -4.07 -5.45 1.98
CA ARG A 120 -5.02 -5.80 0.92
C ARG A 120 -6.31 -6.30 1.53
N ALA A 121 -7.38 -5.55 1.33
CA ALA A 121 -8.70 -5.92 1.84
C ALA A 121 -9.45 -6.73 0.81
N ILE A 122 -9.87 -7.93 1.19
CA ILE A 122 -10.61 -8.80 0.28
C ILE A 122 -12.08 -8.41 0.27
N ASN A 123 -12.60 -8.09 -0.91
CA ASN A 123 -14.00 -7.69 -1.06
C ASN A 123 -14.83 -8.88 -1.56
N PRO A 124 -16.12 -8.95 -1.25
CA PRO A 124 -16.98 -10.06 -1.74
C PRO A 124 -16.83 -10.30 -3.24
N CYS A 125 -16.70 -9.19 -3.98
CA CYS A 125 -16.54 -9.27 -5.43
C CYS A 125 -15.24 -9.96 -5.80
N SER A 126 -15.31 -10.92 -6.71
CA SER A 126 -14.13 -11.65 -7.17
C SER A 126 -13.72 -12.71 -6.15
N ASP A 127 -13.69 -13.96 -6.58
CA ASP A 127 -13.31 -15.06 -5.71
C ASP A 127 -14.16 -15.07 -4.45
N SER A 128 -15.46 -14.78 -4.61
CA SER A 128 -16.38 -14.74 -3.47
C SER A 128 -15.71 -14.15 -2.24
N THR A 129 -16.12 -14.60 -1.06
CA THR A 129 -15.54 -14.10 0.18
C THR A 129 -14.10 -14.60 0.32
N MET A 130 -13.96 -15.90 0.53
CA MET A 130 -12.64 -16.52 0.66
C MET A 130 -11.75 -15.65 1.56
N THR A 131 -10.46 -16.01 1.62
CA THR A 131 -9.50 -15.25 2.43
C THR A 131 -8.16 -15.17 1.69
N ALA A 132 -7.47 -14.05 1.88
CA ALA A 132 -6.17 -13.85 1.23
C ALA A 132 -5.15 -14.87 1.73
N GLU A 133 -5.19 -15.15 3.03
CA GLU A 133 -4.24 -16.09 3.64
C GLU A 133 -4.28 -17.43 2.92
N GLU A 134 -5.44 -17.80 2.39
CA GLU A 134 -5.57 -19.06 1.68
C GLU A 134 -4.76 -19.04 0.38
N PHE A 135 -4.79 -17.90 -0.30
CA PHE A 135 -4.04 -17.75 -1.54
C PHE A 135 -2.55 -17.72 -1.26
N THR A 136 -2.16 -17.08 -0.17
CA THR A 136 -0.76 -16.98 0.18
C THR A 136 -0.17 -18.37 0.36
N ASP A 137 -0.94 -19.29 0.94
CA ASP A 137 -0.43 -20.64 1.16
C ASP A 137 0.06 -21.25 -0.16
N THR A 138 -0.69 -21.04 -1.23
CA THR A 138 -0.29 -21.57 -2.52
C THR A 138 1.00 -20.88 -2.97
N VAL A 139 1.08 -19.58 -2.74
CA VAL A 139 2.27 -18.81 -3.11
C VAL A 139 3.48 -19.31 -2.31
N PHE A 140 3.26 -19.55 -1.02
CA PHE A 140 4.32 -20.02 -0.13
C PHE A 140 4.88 -21.36 -0.62
N SER A 141 3.98 -22.26 -0.99
CA SER A 141 4.42 -23.56 -1.48
C SER A 141 5.27 -23.39 -2.75
N LYS A 142 4.78 -22.55 -3.67
CA LYS A 142 5.48 -22.33 -4.93
C LYS A 142 6.84 -21.65 -4.73
N ILE A 143 6.90 -20.60 -3.89
CA ILE A 143 8.16 -19.91 -3.68
C ILE A 143 9.16 -20.81 -2.97
N ASP A 144 8.64 -21.75 -2.18
CA ASP A 144 9.48 -22.69 -1.44
C ASP A 144 10.32 -21.99 -0.38
N VAL A 145 10.51 -20.68 -0.54
CA VAL A 145 11.30 -19.87 0.42
C VAL A 145 12.60 -20.58 0.80
N ASN A 146 13.41 -19.93 1.61
CA ASN A 146 14.68 -20.51 2.04
C ASN A 146 14.42 -21.79 2.84
N GLY A 147 13.38 -21.75 3.68
CA GLY A 147 13.02 -22.91 4.49
C GLY A 147 12.38 -22.46 5.81
N ASP A 148 11.65 -23.38 6.44
CA ASP A 148 10.99 -23.10 7.71
C ASP A 148 10.39 -21.69 7.74
N GLY A 149 10.21 -21.09 6.57
CA GLY A 149 9.64 -19.76 6.49
C GLY A 149 10.66 -18.70 6.92
N GLU A 150 11.22 -17.98 5.96
CA GLU A 150 12.20 -16.95 6.26
C GLU A 150 12.28 -15.92 5.14
N LEU A 151 12.24 -14.63 5.51
CA LEU A 151 12.33 -13.55 4.53
C LEU A 151 13.67 -12.84 4.67
N SER A 152 14.43 -12.82 3.57
CA SER A 152 15.76 -12.19 3.55
C SER A 152 15.96 -11.38 2.27
N LEU A 153 17.19 -10.92 2.06
CA LEU A 153 17.48 -10.12 0.86
C LEU A 153 17.07 -10.88 -0.40
N GLU A 154 17.72 -12.02 -0.64
CA GLU A 154 17.43 -12.81 -1.84
C GLU A 154 15.93 -13.05 -1.99
N GLU A 155 15.23 -13.26 -0.88
CA GLU A 155 13.80 -13.49 -0.95
C GLU A 155 13.13 -12.29 -1.60
N PHE A 156 13.54 -11.09 -1.19
CA PHE A 156 13.00 -9.86 -1.77
C PHE A 156 13.25 -9.84 -3.27
N MET A 157 14.44 -10.30 -3.66
CA MET A 157 14.77 -10.36 -5.08
C MET A 157 13.80 -11.33 -5.74
N GLU A 158 13.84 -12.57 -5.29
CA GLU A 158 12.99 -13.61 -5.86
C GLU A 158 11.57 -13.09 -6.09
N GLY A 159 11.07 -12.25 -5.19
CA GLY A 159 9.71 -11.74 -5.35
C GLY A 159 9.53 -11.06 -6.70
N VAL A 160 10.61 -10.59 -7.30
CA VAL A 160 10.52 -9.91 -8.60
C VAL A 160 9.97 -10.86 -9.68
N GLN A 161 10.41 -12.11 -9.65
CA GLN A 161 9.95 -13.10 -10.63
C GLN A 161 8.66 -13.76 -10.19
N LYS A 162 8.20 -13.38 -9.00
CA LYS A 162 6.96 -13.94 -8.45
C LYS A 162 5.91 -14.12 -9.55
N ASP A 163 5.03 -15.12 -9.37
CA ASP A 163 4.00 -15.42 -10.36
C ASP A 163 3.46 -14.13 -11.00
N GLN A 164 3.38 -14.15 -12.32
CA GLN A 164 2.89 -13.00 -13.07
C GLN A 164 1.39 -12.83 -12.88
N MET A 165 0.71 -13.92 -12.58
CA MET A 165 -0.72 -13.85 -12.37
C MET A 165 -0.99 -12.91 -11.20
N LEU A 166 -0.77 -13.39 -9.99
CA LEU A 166 -1.03 -12.59 -8.80
C LEU A 166 -0.42 -11.20 -8.93
N LEU A 167 0.74 -11.12 -9.58
CA LEU A 167 1.39 -9.83 -9.75
C LEU A 167 0.45 -8.88 -10.49
N ASP A 168 -0.22 -9.39 -11.51
CA ASP A 168 -1.14 -8.55 -12.28
C ASP A 168 -2.22 -8.00 -11.36
N THR A 169 -2.77 -8.85 -10.52
CA THR A 169 -3.80 -8.43 -9.57
C THR A 169 -3.24 -7.44 -8.56
N LEU A 170 -2.02 -7.69 -8.12
CA LEU A 170 -1.36 -6.81 -7.15
C LEU A 170 -1.10 -5.44 -7.75
N THR A 171 -0.70 -5.40 -9.02
CA THR A 171 -0.43 -4.13 -9.66
C THR A 171 -1.72 -3.34 -9.88
N ARG A 172 -2.80 -4.04 -10.20
CA ARG A 172 -4.09 -3.38 -10.39
C ARG A 172 -4.57 -2.82 -9.06
N SER A 173 -4.39 -3.61 -8.01
CA SER A 173 -4.82 -3.21 -6.67
C SER A 173 -4.13 -1.92 -6.25
N LEU A 174 -2.84 -1.82 -6.54
CA LEU A 174 -2.09 -0.61 -6.19
C LEU A 174 -2.40 0.46 -7.23
N ASP A 175 -3.50 1.18 -7.01
CA ASP A 175 -3.91 2.24 -7.93
C ASP A 175 -4.80 3.26 -7.22
N LEU A 176 -5.05 4.37 -7.90
CA LEU A 176 -5.87 5.44 -7.36
C LEU A 176 -7.30 4.96 -7.14
N THR A 177 -7.79 4.14 -8.05
CA THR A 177 -9.15 3.62 -7.97
C THR A 177 -9.34 2.85 -6.67
N ARG A 178 -8.33 2.08 -6.29
CA ARG A 178 -8.40 1.29 -5.07
C ARG A 178 -8.62 2.19 -3.86
N ILE A 179 -7.97 3.35 -3.85
CA ILE A 179 -8.09 4.26 -2.71
C ILE A 179 -9.55 4.69 -2.50
N VAL A 180 -10.23 5.08 -3.56
CA VAL A 180 -11.62 5.50 -3.42
C VAL A 180 -12.51 4.28 -3.18
N ARG A 181 -12.05 3.13 -3.68
CA ARG A 181 -12.80 1.89 -3.51
C ARG A 181 -12.91 1.53 -2.03
N ARG A 182 -11.82 1.68 -1.29
CA ARG A 182 -11.84 1.35 0.13
C ARG A 182 -12.82 2.23 0.87
N LEU A 183 -12.86 3.51 0.52
CA LEU A 183 -13.77 4.45 1.15
C LEU A 183 -15.22 4.06 0.85
N GLN A 184 -15.46 3.65 -0.39
CA GLN A 184 -16.81 3.26 -0.81
C GLN A 184 -17.30 2.07 0.02
N ASN A 185 -16.41 1.12 0.26
CA ASN A 185 -16.78 -0.06 1.04
C ASN A 185 -17.17 0.34 2.46
N GLY A 2 -12.66 20.00 -3.32
CA GLY A 2 -12.55 20.62 -4.64
C GLY A 2 -13.44 19.92 -5.66
N ASN A 3 -14.73 19.79 -5.32
CA ASN A 3 -15.70 19.13 -6.20
C ASN A 3 -15.07 17.95 -6.92
N ILE A 4 -14.24 17.18 -6.21
CA ILE A 4 -13.58 16.02 -6.79
C ILE A 4 -14.50 14.81 -6.74
N MET A 5 -13.93 13.63 -6.48
CA MET A 5 -14.72 12.40 -6.42
C MET A 5 -15.16 11.97 -7.82
N ASP A 6 -14.49 12.52 -8.83
CA ASP A 6 -14.82 12.17 -10.21
C ASP A 6 -14.60 10.69 -10.46
N GLY A 7 -13.52 10.14 -9.90
CA GLY A 7 -13.20 8.73 -10.09
C GLY A 7 -11.70 8.54 -10.25
N LYS A 8 -11.31 7.67 -11.18
CA LYS A 8 -9.90 7.42 -11.44
C LYS A 8 -9.19 8.71 -11.79
N SER A 9 -9.95 9.69 -12.27
CA SER A 9 -9.38 10.98 -12.63
C SER A 9 -8.74 11.64 -11.41
N VAL A 10 -9.40 11.52 -10.26
CA VAL A 10 -8.89 12.10 -9.03
C VAL A 10 -7.54 11.48 -8.68
N GLU A 11 -7.44 10.17 -8.87
CA GLU A 11 -6.20 9.46 -8.58
C GLU A 11 -5.06 9.99 -9.45
N GLU A 12 -5.38 10.36 -10.69
CA GLU A 12 -4.37 10.87 -11.60
C GLU A 12 -3.74 12.13 -11.01
N LEU A 13 -4.56 13.01 -10.44
CA LEU A 13 -4.04 14.23 -9.86
C LEU A 13 -3.09 13.92 -8.70
N SER A 14 -3.54 13.05 -7.79
CA SER A 14 -2.73 12.67 -6.63
C SER A 14 -1.50 11.87 -7.04
N SER A 15 -1.69 10.94 -7.98
CA SER A 15 -0.60 10.08 -8.46
C SER A 15 0.11 10.72 -9.65
N THR A 16 1.39 10.40 -9.81
CA THR A 16 2.18 10.95 -10.91
C THR A 16 2.20 12.47 -10.83
N GLU A 17 3.38 13.05 -11.04
CA GLU A 17 3.52 14.49 -10.97
C GLU A 17 2.98 15.00 -9.64
N CYS A 18 3.33 14.30 -8.57
CA CYS A 18 2.88 14.66 -7.23
C CYS A 18 3.47 16.00 -6.81
N HIS A 19 4.58 16.37 -7.42
CA HIS A 19 5.24 17.62 -7.07
C HIS A 19 4.30 18.80 -7.32
N GLN A 20 3.58 18.77 -8.43
CA GLN A 20 2.64 19.85 -8.74
C GLN A 20 1.56 19.94 -7.68
N TRP A 21 1.02 18.78 -7.30
CA TRP A 21 -0.02 18.73 -6.27
C TRP A 21 0.52 19.23 -4.94
N TYR A 22 1.76 18.85 -4.64
CA TYR A 22 2.40 19.23 -3.40
C TYR A 22 2.48 20.77 -3.28
N LYS A 23 2.66 21.44 -4.41
CA LYS A 23 2.75 22.90 -4.39
C LYS A 23 1.47 23.50 -3.80
N LYS A 24 0.32 22.94 -4.18
CA LYS A 24 -0.95 23.43 -3.66
C LYS A 24 -0.99 23.26 -2.15
N PHE A 25 -0.56 22.09 -1.69
CA PHE A 25 -0.51 21.80 -0.27
C PHE A 25 0.43 22.76 0.45
N MET A 26 1.52 23.10 -0.22
CA MET A 26 2.51 23.99 0.36
C MET A 26 1.88 25.31 0.77
N THR A 27 0.94 25.81 -0.02
CA THR A 27 0.30 27.08 0.31
C THR A 27 -0.44 26.96 1.64
N GLU A 28 -1.07 25.81 1.87
CA GLU A 28 -1.79 25.57 3.12
C GLU A 28 -0.81 25.49 4.29
N CYS A 29 0.31 24.81 4.05
CA CYS A 29 1.35 24.63 5.06
C CYS A 29 0.98 23.47 6.00
N PRO A 30 1.96 22.76 6.53
CA PRO A 30 1.70 21.61 7.45
C PRO A 30 1.14 22.07 8.80
N SER A 31 1.39 23.33 9.14
CA SER A 31 0.91 23.87 10.40
C SER A 31 1.26 22.93 11.55
N GLY A 32 2.44 22.32 11.48
CA GLY A 32 2.89 21.40 12.52
C GLY A 32 2.43 19.98 12.21
N GLN A 33 3.32 19.20 11.58
CA GLN A 33 3.00 17.83 11.23
C GLN A 33 1.66 17.78 10.49
N LEU A 34 1.25 16.57 10.07
CA LEU A 34 -0.03 16.41 9.37
C LEU A 34 -0.97 15.54 10.23
N THR A 35 -2.24 15.94 10.25
CA THR A 35 -3.23 15.26 11.07
C THR A 35 -3.76 13.96 10.45
N LEU A 36 -4.74 13.41 11.14
CA LEU A 36 -5.41 12.19 10.72
C LEU A 36 -6.25 12.46 9.49
N TYR A 37 -6.84 13.64 9.43
CA TYR A 37 -7.68 14.03 8.31
C TYR A 37 -6.90 14.00 7.00
N GLU A 38 -5.59 14.19 7.10
CA GLU A 38 -4.75 14.19 5.92
C GLU A 38 -4.85 12.86 5.19
N PHE A 39 -4.81 11.76 5.94
CA PHE A 39 -4.85 10.45 5.32
C PHE A 39 -6.10 10.33 4.45
N ARG A 40 -7.26 10.68 5.00
CA ARG A 40 -8.51 10.59 4.26
C ARG A 40 -8.45 11.40 2.98
N GLN A 41 -7.86 12.59 3.07
CA GLN A 41 -7.74 13.47 1.92
C GLN A 41 -6.95 12.79 0.81
N PHE A 42 -5.88 12.11 1.18
CA PHE A 42 -5.05 11.42 0.20
C PHE A 42 -5.86 10.31 -0.47
N PHE A 43 -6.60 9.56 0.34
CA PHE A 43 -7.42 8.46 -0.16
C PHE A 43 -8.54 8.99 -1.05
N GLY A 44 -9.15 10.10 -0.63
CA GLY A 44 -10.24 10.69 -1.39
C GLY A 44 -10.85 11.87 -0.63
N LEU A 45 -12.03 12.29 -1.06
CA LEU A 45 -12.72 13.41 -0.43
C LEU A 45 -13.00 13.12 1.05
N LYS A 46 -13.50 11.91 1.33
CA LYS A 46 -13.80 11.54 2.71
C LYS A 46 -14.13 10.05 2.82
N ASN A 47 -13.63 9.27 1.87
CA ASN A 47 -13.89 7.83 1.88
C ASN A 47 -15.38 7.54 1.94
N LEU A 48 -16.16 8.33 1.21
CA LEU A 48 -17.61 8.15 1.16
C LEU A 48 -18.20 8.02 2.58
N SER A 49 -18.66 6.82 2.92
CA SER A 49 -19.26 6.58 4.22
C SER A 49 -18.20 6.58 5.33
N PRO A 50 -18.55 6.99 6.53
CA PRO A 50 -17.60 7.01 7.68
C PRO A 50 -17.12 5.61 8.08
N TRP A 51 -17.96 4.60 7.82
CA TRP A 51 -17.57 3.23 8.16
C TRP A 51 -16.35 2.84 7.33
N ALA A 52 -16.38 3.22 6.06
CA ALA A 52 -15.29 2.93 5.14
C ALA A 52 -13.98 3.53 5.67
N SER A 53 -14.08 4.69 6.28
CA SER A 53 -12.90 5.35 6.84
C SER A 53 -12.31 4.49 7.95
N GLN A 54 -13.17 3.89 8.75
CA GLN A 54 -12.74 3.03 9.85
C GLN A 54 -11.94 1.84 9.31
N TYR A 55 -12.19 1.47 8.06
CA TYR A 55 -11.48 0.35 7.44
C TYR A 55 -10.05 0.74 7.02
N VAL A 56 -9.89 1.97 6.52
CA VAL A 56 -8.58 2.42 6.08
C VAL A 56 -7.68 2.64 7.30
N GLU A 57 -8.30 2.85 8.45
CA GLU A 57 -7.55 3.08 9.67
C GLU A 57 -6.64 1.89 9.96
N GLN A 58 -7.15 0.68 9.75
CA GLN A 58 -6.35 -0.51 9.99
C GLN A 58 -5.17 -0.54 9.00
N MET A 59 -5.44 -0.19 7.75
CA MET A 59 -4.40 -0.17 6.73
C MET A 59 -3.37 0.90 7.05
N PHE A 60 -3.84 2.03 7.53
CA PHE A 60 -2.96 3.14 7.87
C PHE A 60 -1.84 2.67 8.80
N GLU A 61 -2.15 1.78 9.73
CA GLU A 61 -1.13 1.31 10.66
C GLU A 61 0.13 0.89 9.89
N THR A 62 -0.06 0.44 8.63
CA THR A 62 1.08 0.01 7.83
C THR A 62 1.78 1.21 7.17
N PHE A 63 1.02 2.26 6.91
CA PHE A 63 1.57 3.45 6.27
C PHE A 63 2.68 4.03 7.14
N ASP A 64 2.41 4.17 8.44
CA ASP A 64 3.40 4.69 9.38
C ASP A 64 3.96 3.54 10.22
N PHE A 65 5.26 3.30 10.07
CA PHE A 65 5.92 2.24 10.82
C PHE A 65 6.16 2.69 12.25
N ASN A 66 5.99 3.98 12.50
CA ASN A 66 6.19 4.54 13.82
C ASN A 66 4.95 4.36 14.69
N LYS A 67 5.02 4.87 15.92
CA LYS A 67 3.91 4.76 16.85
C LYS A 67 2.87 5.85 16.58
N ASP A 68 1.81 5.85 17.38
CA ASP A 68 0.73 6.84 17.23
C ASP A 68 0.23 6.89 15.79
N GLY A 69 -0.34 8.04 15.40
CA GLY A 69 -0.85 8.20 14.05
C GLY A 69 -0.77 9.64 13.57
N TYR A 70 0.41 10.02 13.09
CA TYR A 70 0.64 11.36 12.57
C TYR A 70 1.70 11.30 11.48
N ILE A 71 1.65 12.23 10.52
CA ILE A 71 2.63 12.24 9.43
C ILE A 71 3.44 13.53 9.46
N ASP A 72 4.75 13.37 9.55
CA ASP A 72 5.65 14.51 9.60
C ASP A 72 5.79 15.14 8.22
N PHE A 73 6.02 16.45 8.20
CA PHE A 73 6.16 17.17 6.95
C PHE A 73 7.31 16.60 6.14
N MET A 74 8.24 15.95 6.81
CA MET A 74 9.38 15.34 6.13
C MET A 74 9.00 13.92 5.68
N GLU A 75 8.25 13.23 6.52
CA GLU A 75 7.83 11.86 6.23
C GLU A 75 6.95 11.78 5.00
N TYR A 76 6.04 12.73 4.83
CA TYR A 76 5.13 12.68 3.68
C TYR A 76 5.93 12.61 2.37
N GLU A 77 7.17 13.10 2.39
CA GLU A 77 8.00 13.08 1.20
C GLU A 77 8.19 11.65 0.71
N ALA A 78 8.13 10.70 1.65
CA ALA A 78 8.31 9.30 1.29
C ALA A 78 7.23 8.84 0.33
N ALA A 79 6.00 9.26 0.57
CA ALA A 79 4.90 8.88 -0.31
C ALA A 79 5.14 9.38 -1.73
N LEU A 80 5.66 10.60 -1.83
CA LEU A 80 5.96 11.18 -3.13
C LEU A 80 7.03 10.37 -3.85
N SER A 81 8.05 9.97 -3.10
CA SER A 81 9.15 9.19 -3.67
C SER A 81 8.64 7.87 -4.23
N LEU A 82 7.70 7.24 -3.53
CA LEU A 82 7.17 5.96 -3.99
C LEU A 82 6.47 6.15 -5.34
N VAL A 83 5.70 7.22 -5.45
CA VAL A 83 4.98 7.51 -6.69
C VAL A 83 5.97 7.94 -7.78
N LEU A 84 6.93 8.78 -7.39
CA LEU A 84 7.94 9.27 -8.33
C LEU A 84 9.10 8.28 -8.43
N LYS A 85 10.02 8.55 -9.34
CA LYS A 85 11.19 7.70 -9.52
C LYS A 85 10.78 6.26 -9.82
N GLY A 86 9.84 6.09 -10.75
CA GLY A 86 9.39 4.76 -11.11
C GLY A 86 10.51 3.97 -11.77
N LYS A 87 10.61 2.68 -11.42
CA LYS A 87 11.64 1.81 -11.98
C LYS A 87 11.07 0.41 -12.21
N VAL A 88 11.82 -0.45 -12.87
CA VAL A 88 11.35 -1.80 -13.14
C VAL A 88 11.57 -2.71 -11.92
N GLU A 89 12.70 -3.42 -11.92
CA GLU A 89 13.02 -4.32 -10.81
C GLU A 89 13.30 -3.56 -9.52
N GLN A 90 14.00 -2.43 -9.65
CA GLN A 90 14.34 -1.63 -8.48
C GLN A 90 13.10 -1.11 -7.76
N LYS A 91 12.08 -0.72 -8.53
CA LYS A 91 10.85 -0.22 -7.93
C LYS A 91 10.23 -1.29 -7.05
N LEU A 92 10.22 -2.52 -7.54
CA LEU A 92 9.65 -3.63 -6.79
C LEU A 92 10.43 -3.84 -5.49
N ARG A 93 11.75 -3.73 -5.58
CA ARG A 93 12.60 -3.90 -4.40
C ARG A 93 12.28 -2.82 -3.37
N TRP A 94 12.13 -1.59 -3.84
CA TRP A 94 11.82 -0.49 -2.94
C TRP A 94 10.42 -0.66 -2.35
N TYR A 95 9.48 -1.07 -3.19
CA TYR A 95 8.10 -1.28 -2.76
C TYR A 95 8.06 -2.32 -1.65
N PHE A 96 8.87 -3.36 -1.79
CA PHE A 96 8.93 -4.42 -0.80
C PHE A 96 9.06 -3.81 0.61
N LYS A 97 9.72 -2.65 0.70
CA LYS A 97 9.90 -2.00 1.99
C LYS A 97 8.56 -1.69 2.65
N LEU A 98 7.63 -1.11 1.88
CA LEU A 98 6.31 -0.76 2.41
C LEU A 98 5.38 -1.98 2.44
N TYR A 99 5.39 -2.74 1.34
CA TYR A 99 4.53 -3.92 1.23
C TYR A 99 4.85 -4.91 2.35
N ASP A 100 6.14 -5.21 2.53
CA ASP A 100 6.58 -6.14 3.57
C ASP A 100 7.49 -5.44 4.56
N VAL A 101 7.06 -5.37 5.82
CA VAL A 101 7.85 -4.72 6.86
C VAL A 101 9.33 -5.05 6.69
N ASP A 102 10.20 -4.17 7.20
CA ASP A 102 11.64 -4.36 7.09
C ASP A 102 12.14 -5.31 8.17
N GLY A 103 12.36 -6.57 7.79
CA GLY A 103 12.86 -7.56 8.73
C GLY A 103 14.37 -7.49 8.84
N ASN A 104 14.98 -6.68 7.98
CA ASN A 104 16.43 -6.52 7.98
C ASN A 104 17.12 -7.87 7.88
N GLY A 105 16.58 -8.76 7.04
CA GLY A 105 17.16 -10.09 6.85
C GLY A 105 16.06 -11.14 6.73
N CYS A 106 15.56 -11.34 5.51
CA CYS A 106 14.51 -12.33 5.26
C CYS A 106 13.34 -12.14 6.22
N ILE A 107 12.22 -12.81 5.95
CA ILE A 107 11.04 -12.70 6.80
C ILE A 107 10.38 -14.08 6.98
N ASP A 108 9.74 -14.26 8.12
CA ASP A 108 9.04 -15.51 8.40
C ASP A 108 7.67 -15.51 7.73
N ARG A 109 7.41 -16.50 6.87
CA ARG A 109 6.15 -16.55 6.17
C ARG A 109 4.97 -16.38 7.13
N ASP A 110 5.06 -17.01 8.29
CA ASP A 110 3.97 -16.92 9.26
C ASP A 110 3.76 -15.48 9.72
N GLU A 111 4.84 -14.78 10.01
CA GLU A 111 4.72 -13.39 10.43
C GLU A 111 4.29 -12.53 9.25
N LEU A 112 4.87 -12.83 8.09
CA LEU A 112 4.55 -12.08 6.90
C LEU A 112 3.07 -12.19 6.61
N LEU A 113 2.53 -13.40 6.69
CA LEU A 113 1.10 -13.58 6.42
C LEU A 113 0.30 -12.58 7.24
N THR A 114 0.52 -12.57 8.55
CA THR A 114 -0.23 -11.67 9.42
C THR A 114 0.00 -10.21 9.08
N ILE A 115 1.13 -9.88 8.46
CA ILE A 115 1.36 -8.48 8.07
C ILE A 115 0.41 -8.12 6.94
N ILE A 116 0.26 -9.05 5.99
CA ILE A 116 -0.60 -8.83 4.83
C ILE A 116 -1.88 -8.08 5.20
N ARG A 117 -2.55 -8.47 6.28
CA ARG A 117 -3.80 -7.79 6.63
C ARG A 117 -3.54 -6.29 6.75
N ALA A 118 -2.35 -5.95 7.22
CA ALA A 118 -1.99 -4.55 7.37
C ALA A 118 -1.97 -3.86 6.01
N ILE A 119 -1.46 -4.55 5.01
CA ILE A 119 -1.38 -4.00 3.65
C ILE A 119 -2.77 -3.90 3.01
N ARG A 120 -3.56 -4.98 3.13
CA ARG A 120 -4.91 -5.01 2.53
C ARG A 120 -5.99 -5.04 3.61
N ALA A 121 -5.84 -5.94 4.59
CA ALA A 121 -6.82 -6.07 5.66
C ALA A 121 -8.10 -6.72 5.15
N ILE A 122 -7.99 -7.97 4.71
CA ILE A 122 -9.14 -8.71 4.18
C ILE A 122 -10.08 -7.78 3.39
N ASN A 123 -9.50 -7.09 2.42
CA ASN A 123 -10.25 -6.16 1.58
C ASN A 123 -11.29 -6.92 0.74
N PRO A 124 -12.40 -6.29 0.41
CA PRO A 124 -13.46 -6.95 -0.42
C PRO A 124 -12.98 -7.18 -1.86
N CYS A 125 -11.85 -6.59 -2.19
CA CYS A 125 -11.28 -6.72 -3.53
C CYS A 125 -12.22 -6.10 -4.57
N SER A 126 -12.01 -6.46 -5.83
CA SER A 126 -12.83 -5.93 -6.91
C SER A 126 -14.30 -6.31 -6.73
N ASP A 127 -14.55 -7.59 -6.45
CA ASP A 127 -15.91 -8.07 -6.25
C ASP A 127 -15.94 -9.33 -5.37
N SER A 128 -14.99 -10.22 -5.59
CA SER A 128 -14.92 -11.46 -4.82
C SER A 128 -14.51 -11.19 -3.38
N THR A 129 -14.83 -12.12 -2.49
CA THR A 129 -14.50 -11.99 -1.06
C THR A 129 -13.18 -12.70 -0.76
N MET A 130 -12.32 -12.80 -1.76
CA MET A 130 -11.03 -13.47 -1.57
C MET A 130 -10.23 -12.74 -0.49
N THR A 131 -9.72 -13.49 0.46
CA THR A 131 -8.95 -12.91 1.55
C THR A 131 -7.50 -12.69 1.13
N ALA A 132 -6.90 -11.61 1.62
CA ALA A 132 -5.52 -11.29 1.31
C ALA A 132 -4.58 -12.34 1.88
N GLU A 133 -4.88 -12.82 3.08
CA GLU A 133 -4.04 -13.81 3.74
C GLU A 133 -3.97 -15.11 2.95
N GLU A 134 -5.09 -15.50 2.38
CA GLU A 134 -5.15 -16.73 1.59
C GLU A 134 -4.31 -16.58 0.34
N PHE A 135 -4.41 -15.40 -0.25
CA PHE A 135 -3.66 -15.07 -1.46
C PHE A 135 -2.15 -15.19 -1.21
N THR A 136 -1.68 -14.62 -0.12
CA THR A 136 -0.25 -14.69 0.18
C THR A 136 0.15 -16.12 0.46
N ASP A 137 -0.68 -16.84 1.20
CA ASP A 137 -0.41 -18.23 1.55
C ASP A 137 -0.22 -19.09 0.31
N THR A 138 -1.02 -18.84 -0.73
CA THR A 138 -0.90 -19.64 -1.95
C THR A 138 0.50 -19.53 -2.53
N VAL A 139 1.08 -18.34 -2.47
CA VAL A 139 2.43 -18.15 -2.99
C VAL A 139 3.44 -19.00 -2.22
N PHE A 140 3.38 -18.95 -0.90
CA PHE A 140 4.30 -19.73 -0.07
C PHE A 140 4.04 -21.23 -0.23
N SER A 141 2.77 -21.59 -0.30
CA SER A 141 2.40 -22.99 -0.45
C SER A 141 2.90 -23.55 -1.77
N LYS A 142 2.89 -22.72 -2.82
CA LYS A 142 3.33 -23.17 -4.13
C LYS A 142 4.79 -23.61 -4.06
N ILE A 143 5.62 -22.80 -3.42
CA ILE A 143 7.04 -23.11 -3.29
C ILE A 143 7.26 -24.02 -2.08
N ASP A 144 6.32 -23.98 -1.15
CA ASP A 144 6.38 -24.78 0.07
C ASP A 144 7.42 -24.21 1.03
N VAL A 145 7.46 -24.75 2.25
CA VAL A 145 8.42 -24.28 3.23
C VAL A 145 9.82 -24.82 2.94
N ASN A 146 10.30 -25.73 3.78
CA ASN A 146 11.62 -26.30 3.59
C ASN A 146 12.66 -25.20 3.48
N GLY A 147 12.49 -24.16 4.30
CA GLY A 147 13.42 -23.03 4.29
C GLY A 147 13.30 -22.24 5.58
N ASP A 148 12.77 -22.89 6.62
CA ASP A 148 12.58 -22.24 7.91
C ASP A 148 11.65 -21.05 7.77
N GLY A 149 10.96 -20.97 6.63
CA GLY A 149 10.03 -19.89 6.39
C GLY A 149 10.75 -18.58 6.12
N GLU A 150 12.07 -18.66 5.95
CA GLU A 150 12.87 -17.46 5.69
C GLU A 150 12.91 -17.15 4.20
N LEU A 151 12.15 -16.13 3.81
CA LEU A 151 12.08 -15.70 2.40
C LEU A 151 12.62 -14.28 2.27
N SER A 152 13.38 -14.03 1.21
CA SER A 152 13.94 -12.70 0.97
C SER A 152 13.08 -11.93 -0.02
N LEU A 153 13.35 -10.64 -0.16
CA LEU A 153 12.58 -9.81 -1.09
C LEU A 153 12.65 -10.39 -2.50
N GLU A 154 13.83 -10.34 -3.11
CA GLU A 154 13.99 -10.83 -4.47
C GLU A 154 13.54 -12.29 -4.60
N GLU A 155 13.57 -13.05 -3.50
CA GLU A 155 13.11 -14.43 -3.55
C GLU A 155 11.59 -14.44 -3.59
N PHE A 156 10.99 -13.56 -2.81
CA PHE A 156 9.54 -13.48 -2.73
C PHE A 156 8.92 -13.33 -4.10
N MET A 157 9.44 -12.43 -4.92
CA MET A 157 8.89 -12.24 -6.26
C MET A 157 9.16 -13.48 -7.12
N GLU A 158 10.24 -14.21 -6.81
CA GLU A 158 10.57 -15.39 -7.58
C GLU A 158 9.40 -16.36 -7.58
N GLY A 159 8.75 -16.48 -6.43
CA GLY A 159 7.60 -17.37 -6.33
C GLY A 159 6.52 -16.98 -7.34
N VAL A 160 6.35 -15.67 -7.52
CA VAL A 160 5.35 -15.13 -8.44
C VAL A 160 5.81 -15.27 -9.90
N GLN A 161 7.12 -15.35 -10.11
CA GLN A 161 7.67 -15.48 -11.45
C GLN A 161 7.46 -16.91 -11.93
N LYS A 162 7.26 -17.81 -10.99
CA LYS A 162 7.04 -19.21 -11.32
C LYS A 162 5.74 -19.38 -12.09
N ASP A 163 4.83 -18.40 -11.92
CA ASP A 163 3.53 -18.45 -12.59
C ASP A 163 3.08 -17.04 -12.98
N GLN A 164 1.84 -16.94 -13.48
CA GLN A 164 1.26 -15.65 -13.90
C GLN A 164 -0.04 -15.37 -13.16
N MET A 165 -0.68 -16.43 -12.68
CA MET A 165 -1.94 -16.29 -11.95
C MET A 165 -1.73 -15.49 -10.67
N LEU A 166 -0.61 -15.75 -10.01
CA LEU A 166 -0.25 -15.03 -8.79
C LEU A 166 0.10 -13.59 -9.12
N LEU A 167 0.78 -13.42 -10.24
CA LEU A 167 1.21 -12.10 -10.70
C LEU A 167 0.00 -11.21 -11.01
N ASP A 168 -1.08 -11.81 -11.48
CA ASP A 168 -2.28 -11.05 -11.81
C ASP A 168 -2.89 -10.40 -10.57
N THR A 169 -2.98 -11.15 -9.48
CA THR A 169 -3.55 -10.61 -8.25
C THR A 169 -2.55 -9.67 -7.60
N LEU A 170 -1.27 -9.95 -7.79
CA LEU A 170 -0.22 -9.12 -7.21
C LEU A 170 -0.27 -7.71 -7.78
N THR A 171 -0.45 -7.60 -9.10
CA THR A 171 -0.47 -6.29 -9.73
C THR A 171 -1.57 -5.41 -9.12
N ARG A 172 -2.68 -6.03 -8.70
CA ARG A 172 -3.75 -5.27 -8.09
C ARG A 172 -3.34 -4.82 -6.69
N SER A 173 -2.62 -5.70 -6.00
CA SER A 173 -2.17 -5.41 -4.63
C SER A 173 -1.32 -4.15 -4.59
N LEU A 174 -0.43 -3.98 -5.57
CA LEU A 174 0.41 -2.80 -5.60
C LEU A 174 -0.47 -1.56 -5.70
N ASP A 175 -0.27 -0.76 -6.74
CA ASP A 175 -1.08 0.43 -6.94
C ASP A 175 -1.06 1.32 -5.69
N LEU A 176 -0.20 0.98 -4.73
CA LEU A 176 -0.07 1.74 -3.48
C LEU A 176 -1.35 2.53 -3.13
N THR A 177 -1.28 3.86 -3.26
CA THR A 177 -2.42 4.70 -2.94
C THR A 177 -3.54 4.57 -3.98
N ARG A 178 -3.18 4.22 -5.21
CA ARG A 178 -4.20 4.06 -6.25
C ARG A 178 -5.12 2.91 -5.86
N ILE A 179 -4.60 2.01 -5.04
CA ILE A 179 -5.39 0.85 -4.59
C ILE A 179 -6.74 1.31 -4.06
N VAL A 180 -6.78 2.53 -3.52
CA VAL A 180 -8.02 3.06 -2.98
C VAL A 180 -9.12 3.03 -4.03
N ARG A 181 -8.74 3.15 -5.30
CA ARG A 181 -9.70 3.14 -6.38
C ARG A 181 -10.46 1.82 -6.38
N ARG A 182 -9.73 0.73 -6.21
CA ARG A 182 -10.34 -0.60 -6.18
C ARG A 182 -11.28 -0.71 -4.99
N LEU A 183 -10.89 -0.13 -3.87
CA LEU A 183 -11.70 -0.17 -2.67
C LEU A 183 -13.07 0.47 -2.91
N GLN A 184 -13.08 1.63 -3.56
CA GLN A 184 -14.33 2.33 -3.84
C GLN A 184 -15.22 1.47 -4.73
N ASN A 185 -14.63 0.83 -5.74
CA ASN A 185 -15.39 -0.01 -6.65
C ASN A 185 -15.93 -1.24 -5.93
N GLY A 2 -10.18 20.38 -4.81
CA GLY A 2 -11.46 20.53 -4.13
C GLY A 2 -12.11 19.17 -3.87
N ASN A 3 -13.39 19.05 -4.17
CA ASN A 3 -14.12 17.80 -3.97
C ASN A 3 -14.06 16.94 -5.23
N ILE A 4 -13.81 15.64 -5.05
CA ILE A 4 -13.74 14.71 -6.16
C ILE A 4 -15.06 13.95 -6.31
N MET A 5 -15.93 14.11 -5.32
CA MET A 5 -17.23 13.44 -5.35
C MET A 5 -17.08 11.96 -5.71
N ASP A 6 -15.84 11.48 -5.67
CA ASP A 6 -15.59 10.08 -5.99
C ASP A 6 -16.22 9.72 -7.33
N GLY A 7 -16.20 10.67 -8.27
CA GLY A 7 -16.77 10.45 -9.60
C GLY A 7 -15.66 10.36 -10.64
N LYS A 8 -15.92 10.89 -11.82
CA LYS A 8 -14.94 10.86 -12.91
C LYS A 8 -13.67 11.63 -12.52
N SER A 9 -13.80 12.55 -11.57
CA SER A 9 -12.66 13.36 -11.14
C SER A 9 -11.53 12.50 -10.58
N VAL A 10 -11.87 11.51 -9.75
CA VAL A 10 -10.85 10.65 -9.16
C VAL A 10 -10.11 9.86 -10.24
N GLU A 11 -10.84 9.49 -11.30
CA GLU A 11 -10.24 8.73 -12.40
C GLU A 11 -9.15 9.54 -13.08
N GLU A 12 -9.40 10.84 -13.26
CA GLU A 12 -8.42 11.70 -13.90
C GLU A 12 -7.15 11.76 -13.06
N LEU A 13 -7.32 11.86 -11.75
CA LEU A 13 -6.20 11.91 -10.84
C LEU A 13 -5.40 10.61 -10.89
N SER A 14 -6.12 9.50 -11.01
CA SER A 14 -5.48 8.19 -11.07
C SER A 14 -4.53 8.09 -12.25
N SER A 15 -4.97 8.57 -13.41
CA SER A 15 -4.13 8.53 -14.61
C SER A 15 -3.17 9.71 -14.64
N THR A 16 -2.26 9.75 -13.67
CA THR A 16 -1.28 10.83 -13.59
C THR A 16 0.10 10.28 -13.23
N GLU A 17 1.14 11.05 -13.52
CA GLU A 17 2.50 10.64 -13.22
C GLU A 17 2.82 10.88 -11.75
N CYS A 18 3.77 10.13 -11.21
CA CYS A 18 4.15 10.29 -9.81
C CYS A 18 4.64 11.71 -9.57
N HIS A 19 5.17 12.34 -10.62
CA HIS A 19 5.68 13.70 -10.51
C HIS A 19 4.54 14.67 -10.21
N GLN A 20 3.38 14.43 -10.82
CA GLN A 20 2.23 15.30 -10.61
C GLN A 20 1.79 15.27 -9.14
N TRP A 21 1.83 14.10 -8.53
CA TRP A 21 1.44 13.98 -7.13
C TRP A 21 2.36 14.81 -6.24
N TYR A 22 3.64 14.81 -6.57
CA TYR A 22 4.60 15.58 -5.79
C TYR A 22 4.26 17.06 -5.83
N LYS A 23 4.02 17.59 -7.02
CA LYS A 23 3.68 19.00 -7.18
C LYS A 23 2.40 19.33 -6.43
N LYS A 24 1.39 18.48 -6.59
CA LYS A 24 0.11 18.68 -5.92
C LYS A 24 0.31 18.65 -4.42
N PHE A 25 1.11 17.69 -3.95
CA PHE A 25 1.38 17.57 -2.52
C PHE A 25 2.02 18.84 -1.97
N MET A 26 3.05 19.33 -2.66
CA MET A 26 3.72 20.54 -2.21
C MET A 26 2.75 21.72 -2.19
N THR A 27 1.97 21.85 -3.26
CA THR A 27 1.01 22.95 -3.34
C THR A 27 -0.07 22.82 -2.25
N GLU A 28 -0.61 21.61 -2.11
CA GLU A 28 -1.64 21.37 -1.11
C GLU A 28 -1.08 21.52 0.30
N CYS A 29 0.12 20.99 0.52
CA CYS A 29 0.78 21.07 1.83
C CYS A 29 2.30 21.17 1.67
N PRO A 30 2.94 22.23 2.12
CA PRO A 30 4.43 22.36 2.02
C PRO A 30 5.14 21.10 2.52
N SER A 31 4.46 20.37 3.41
CA SER A 31 4.99 19.14 3.99
C SER A 31 5.63 19.41 5.35
N GLY A 32 6.00 18.33 6.05
CA GLY A 32 6.63 18.45 7.37
C GLY A 32 5.62 18.10 8.46
N GLN A 33 5.99 17.14 9.30
CA GLN A 33 5.12 16.72 10.39
C GLN A 33 3.66 16.64 9.93
N LEU A 34 3.22 15.45 9.54
CA LEU A 34 1.85 15.26 9.08
C LEU A 34 0.99 14.66 10.20
N THR A 35 -0.11 15.35 10.51
CA THR A 35 -1.02 14.90 11.56
C THR A 35 -1.96 13.82 11.04
N LEU A 36 -2.67 13.16 11.96
CA LEU A 36 -3.59 12.10 11.58
C LEU A 36 -4.71 12.66 10.70
N TYR A 37 -5.23 13.82 11.06
CA TYR A 37 -6.29 14.45 10.27
C TYR A 37 -5.77 14.77 8.88
N GLU A 38 -4.60 15.40 8.83
CA GLU A 38 -3.99 15.76 7.57
C GLU A 38 -3.73 14.50 6.75
N PHE A 39 -3.29 13.46 7.43
CA PHE A 39 -3.00 12.20 6.77
C PHE A 39 -4.22 11.66 6.04
N ARG A 40 -5.38 11.67 6.70
CA ARG A 40 -6.58 11.15 6.07
C ARG A 40 -6.83 11.84 4.74
N GLN A 41 -6.55 13.13 4.66
CA GLN A 41 -6.77 13.87 3.42
C GLN A 41 -6.17 13.09 2.25
N PHE A 42 -5.07 12.39 2.51
CA PHE A 42 -4.42 11.60 1.48
C PHE A 42 -5.36 10.52 0.94
N PHE A 43 -5.98 9.77 1.84
CA PHE A 43 -6.91 8.71 1.44
C PHE A 43 -8.31 9.28 1.20
N GLY A 44 -8.89 9.87 2.25
CA GLY A 44 -10.24 10.44 2.15
C GLY A 44 -10.21 11.94 2.39
N LEU A 45 -10.65 12.70 1.39
CA LEU A 45 -10.68 14.15 1.50
C LEU A 45 -11.76 14.59 2.48
N LYS A 46 -12.97 14.05 2.30
CA LYS A 46 -14.10 14.39 3.17
C LYS A 46 -14.32 13.30 4.21
N ASN A 47 -15.52 12.71 4.22
CA ASN A 47 -15.85 11.65 5.18
C ASN A 47 -16.34 10.41 4.45
N LEU A 48 -17.31 10.58 3.55
CA LEU A 48 -17.87 9.46 2.79
C LEU A 48 -18.08 8.25 3.69
N SER A 49 -17.05 7.42 3.80
CA SER A 49 -17.09 6.21 4.62
C SER A 49 -15.93 6.18 5.61
N PRO A 50 -16.04 6.90 6.69
CA PRO A 50 -14.97 6.97 7.73
C PRO A 50 -14.48 5.59 8.17
N TRP A 51 -15.41 4.63 8.25
CA TRP A 51 -15.04 3.28 8.65
C TRP A 51 -14.01 2.71 7.67
N ALA A 52 -14.31 2.81 6.38
CA ALA A 52 -13.43 2.28 5.35
C ALA A 52 -12.04 2.91 5.44
N SER A 53 -11.98 4.20 5.76
CA SER A 53 -10.70 4.87 5.87
C SER A 53 -9.92 4.29 7.05
N GLN A 54 -10.66 3.88 8.08
CA GLN A 54 -10.06 3.30 9.27
C GLN A 54 -9.50 1.90 8.98
N TYR A 55 -10.06 1.24 7.97
CA TYR A 55 -9.60 -0.11 7.63
C TYR A 55 -8.25 -0.05 6.90
N VAL A 56 -8.15 0.80 5.88
CA VAL A 56 -6.91 0.93 5.14
C VAL A 56 -5.79 1.42 6.06
N GLU A 57 -6.20 2.07 7.14
CA GLU A 57 -5.23 2.59 8.11
C GLU A 57 -4.36 1.45 8.62
N GLN A 58 -4.94 0.26 8.72
CA GLN A 58 -4.19 -0.90 9.20
C GLN A 58 -2.97 -1.15 8.32
N MET A 59 -3.14 -1.03 7.01
CA MET A 59 -2.02 -1.24 6.08
C MET A 59 -0.96 -0.17 6.31
N PHE A 60 -1.40 1.06 6.54
CA PHE A 60 -0.49 2.17 6.77
C PHE A 60 0.29 1.95 8.07
N GLU A 61 -0.26 1.14 8.96
CA GLU A 61 0.42 0.88 10.22
C GLU A 61 1.81 0.35 9.92
N THR A 62 1.91 -0.52 8.91
CA THR A 62 3.19 -1.10 8.52
C THR A 62 4.06 -0.08 7.77
N PHE A 63 3.44 0.92 7.13
CA PHE A 63 4.19 1.90 6.36
C PHE A 63 5.15 2.69 7.28
N ASP A 64 4.65 3.13 8.43
CA ASP A 64 5.49 3.89 9.35
C ASP A 64 6.42 2.96 10.12
N PHE A 65 7.66 3.39 10.30
CA PHE A 65 8.65 2.59 11.00
C PHE A 65 8.20 2.28 12.43
N ASN A 66 7.76 3.30 13.15
CA ASN A 66 7.31 3.11 14.54
C ASN A 66 5.89 3.62 14.74
N LYS A 67 5.27 4.12 13.67
CA LYS A 67 3.90 4.64 13.75
C LYS A 67 3.63 5.33 15.09
N ASP A 68 4.14 6.56 15.22
CA ASP A 68 3.95 7.34 16.44
C ASP A 68 2.72 8.23 16.30
N GLY A 69 1.93 7.99 15.27
CA GLY A 69 0.72 8.77 15.01
C GLY A 69 1.02 9.95 14.11
N TYR A 70 2.30 10.18 13.86
CA TYR A 70 2.74 11.28 12.99
C TYR A 70 3.67 10.73 11.91
N ILE A 71 3.61 11.32 10.71
CA ILE A 71 4.45 10.87 9.61
C ILE A 71 5.42 11.96 9.18
N ASP A 72 6.71 11.63 9.22
CA ASP A 72 7.76 12.57 8.84
C ASP A 72 7.90 12.66 7.32
N PHE A 73 8.58 13.71 6.86
CA PHE A 73 8.79 13.90 5.43
C PHE A 73 9.52 12.71 4.82
N MET A 74 10.60 12.28 5.47
CA MET A 74 11.37 11.16 4.97
C MET A 74 10.49 9.92 4.87
N GLU A 75 9.69 9.66 5.88
CA GLU A 75 8.80 8.52 5.85
C GLU A 75 7.71 8.72 4.80
N TYR A 76 7.24 9.97 4.68
CA TYR A 76 6.20 10.30 3.71
C TYR A 76 6.65 10.01 2.28
N GLU A 77 7.86 10.43 1.93
CA GLU A 77 8.35 10.20 0.57
C GLU A 77 8.19 8.73 0.17
N ALA A 78 8.28 7.84 1.14
CA ALA A 78 8.13 6.42 0.87
C ALA A 78 6.73 6.14 0.31
N ALA A 79 5.74 6.74 0.96
CA ALA A 79 4.36 6.58 0.51
C ALA A 79 4.18 7.20 -0.86
N LEU A 80 4.84 8.34 -1.07
CA LEU A 80 4.75 9.05 -2.34
C LEU A 80 5.26 8.18 -3.49
N SER A 81 6.38 7.51 -3.29
CA SER A 81 6.94 6.66 -4.34
C SER A 81 6.00 5.50 -4.66
N LEU A 82 5.29 5.03 -3.63
CA LEU A 82 4.36 3.91 -3.80
C LEU A 82 3.21 4.24 -4.74
N VAL A 83 2.67 5.46 -4.64
CA VAL A 83 1.53 5.87 -5.48
C VAL A 83 1.66 5.30 -6.89
N LEU A 84 2.89 5.29 -7.41
CA LEU A 84 3.14 4.79 -8.75
C LEU A 84 4.64 4.63 -8.99
N LYS A 85 5.00 3.71 -9.87
CA LYS A 85 6.41 3.48 -10.16
C LYS A 85 7.09 4.80 -10.52
N GLY A 86 8.25 5.04 -9.90
CA GLY A 86 8.99 6.27 -10.14
C GLY A 86 10.41 6.15 -9.59
N LYS A 87 11.15 7.25 -9.64
CA LYS A 87 12.53 7.25 -9.16
C LYS A 87 13.33 6.16 -9.86
N VAL A 88 13.99 5.31 -9.09
CA VAL A 88 14.80 4.23 -9.65
C VAL A 88 14.93 3.07 -8.65
N GLU A 89 16.15 2.59 -8.44
CA GLU A 89 16.40 1.49 -7.52
C GLU A 89 15.94 1.85 -6.12
N GLN A 90 15.88 3.14 -5.84
CA GLN A 90 15.46 3.62 -4.52
C GLN A 90 14.05 3.12 -4.19
N LYS A 91 13.25 2.87 -5.23
CA LYS A 91 11.90 2.39 -5.03
C LYS A 91 11.91 1.09 -4.23
N LEU A 92 12.84 0.20 -4.57
CA LEU A 92 12.93 -1.08 -3.88
C LEU A 92 13.23 -0.87 -2.40
N ARG A 93 14.13 0.06 -2.10
CA ARG A 93 14.46 0.34 -0.70
C ARG A 93 13.26 0.91 0.05
N TRP A 94 12.50 1.79 -0.59
CA TRP A 94 11.34 2.37 0.05
C TRP A 94 10.31 1.28 0.33
N TYR A 95 10.14 0.38 -0.65
CA TYR A 95 9.20 -0.71 -0.49
C TYR A 95 9.66 -1.66 0.60
N PHE A 96 10.97 -1.89 0.65
CA PHE A 96 11.55 -2.77 1.65
C PHE A 96 11.19 -2.27 3.04
N LYS A 97 11.33 -0.96 3.24
CA LYS A 97 11.02 -0.35 4.53
C LYS A 97 9.67 -0.82 5.04
N LEU A 98 8.80 -1.22 4.13
CA LEU A 98 7.47 -1.69 4.50
C LEU A 98 7.57 -2.88 5.46
N TYR A 99 8.60 -3.71 5.27
CA TYR A 99 8.80 -4.91 6.09
C TYR A 99 8.34 -4.68 7.54
N ASP A 100 8.84 -3.63 8.16
CA ASP A 100 8.46 -3.31 9.54
C ASP A 100 8.33 -4.58 10.39
N VAL A 101 9.40 -5.36 10.44
CA VAL A 101 9.39 -6.61 11.20
C VAL A 101 8.60 -6.47 12.51
N ASP A 102 7.49 -7.19 12.59
CA ASP A 102 6.65 -7.15 13.78
C ASP A 102 7.41 -7.68 15.00
N GLY A 103 8.16 -8.76 14.80
CA GLY A 103 8.92 -9.37 15.87
C GLY A 103 9.99 -10.31 15.32
N ASN A 104 10.68 -11.00 16.23
CA ASN A 104 11.73 -11.94 15.83
C ASN A 104 12.85 -11.21 15.10
N GLY A 105 13.32 -11.79 14.00
CA GLY A 105 14.40 -11.20 13.21
C GLY A 105 14.01 -11.10 11.74
N CYS A 106 14.17 -12.20 11.02
CA CYS A 106 13.83 -12.24 9.59
C CYS A 106 12.32 -12.18 9.43
N ILE A 107 11.86 -11.97 8.19
CA ILE A 107 10.43 -11.89 7.93
C ILE A 107 9.91 -13.22 7.39
N ASP A 108 8.89 -13.76 8.06
CA ASP A 108 8.31 -15.05 7.67
C ASP A 108 6.84 -14.88 7.26
N ARG A 109 6.29 -15.94 6.68
CA ARG A 109 4.91 -15.93 6.24
C ARG A 109 3.96 -15.50 7.36
N ASP A 110 4.40 -15.69 8.60
CA ASP A 110 3.56 -15.34 9.74
C ASP A 110 3.21 -13.85 9.75
N GLU A 111 4.20 -12.98 9.57
CA GLU A 111 3.94 -11.55 9.56
C GLU A 111 3.10 -11.17 8.34
N LEU A 112 3.46 -11.75 7.21
CA LEU A 112 2.76 -11.47 5.96
C LEU A 112 1.28 -11.88 6.06
N LEU A 113 1.01 -13.00 6.72
CA LEU A 113 -0.37 -13.46 6.89
C LEU A 113 -1.17 -12.47 7.73
N THR A 114 -0.44 -11.72 8.55
CA THR A 114 -1.04 -10.70 9.41
C THR A 114 -1.26 -9.42 8.65
N ILE A 115 -0.39 -9.13 7.69
CA ILE A 115 -0.54 -7.95 6.86
C ILE A 115 -1.72 -8.17 5.93
N ILE A 116 -1.81 -9.40 5.42
CA ILE A 116 -2.87 -9.77 4.49
C ILE A 116 -4.19 -9.09 4.85
N ARG A 117 -4.67 -9.22 6.09
CA ARG A 117 -5.94 -8.62 6.45
C ARG A 117 -5.94 -7.12 6.18
N ALA A 118 -4.84 -6.46 6.53
CA ALA A 118 -4.76 -5.01 6.34
C ALA A 118 -4.90 -4.63 4.86
N ILE A 119 -4.21 -5.36 3.98
CA ILE A 119 -4.27 -5.08 2.55
C ILE A 119 -5.48 -5.76 1.89
N ARG A 120 -5.85 -6.92 2.41
CA ARG A 120 -6.97 -7.71 1.88
C ARG A 120 -7.18 -7.48 0.39
N ALA A 121 -6.56 -8.34 -0.43
CA ALA A 121 -6.66 -8.21 -1.88
C ALA A 121 -8.11 -8.38 -2.34
N ILE A 122 -8.48 -7.61 -3.35
CA ILE A 122 -9.83 -7.67 -3.90
C ILE A 122 -10.86 -7.44 -2.80
N ASN A 123 -11.27 -6.18 -2.62
CA ASN A 123 -12.27 -5.86 -1.61
C ASN A 123 -13.66 -6.29 -2.06
N PRO A 124 -14.14 -5.83 -3.20
CA PRO A 124 -15.49 -6.22 -3.71
C PRO A 124 -15.52 -7.68 -4.18
N CYS A 125 -16.73 -8.24 -4.24
CA CYS A 125 -16.89 -9.63 -4.67
C CYS A 125 -16.90 -9.73 -6.18
N SER A 126 -16.20 -8.81 -6.83
CA SER A 126 -16.14 -8.81 -8.29
C SER A 126 -15.52 -10.10 -8.80
N ASP A 127 -14.44 -10.53 -8.17
CA ASP A 127 -13.78 -11.77 -8.58
C ASP A 127 -14.52 -12.98 -8.05
N SER A 128 -14.40 -13.23 -6.75
CA SER A 128 -15.08 -14.37 -6.14
C SER A 128 -14.92 -14.34 -4.62
N THR A 129 -13.93 -13.58 -4.15
CA THR A 129 -13.66 -13.48 -2.72
C THR A 129 -13.32 -14.84 -2.13
N MET A 130 -14.33 -15.70 -2.01
CA MET A 130 -14.13 -17.02 -1.45
C MET A 130 -13.30 -16.93 -0.16
N THR A 131 -12.04 -17.37 -0.24
CA THR A 131 -11.15 -17.32 0.92
C THR A 131 -9.81 -16.70 0.52
N ALA A 132 -9.59 -15.47 0.95
CA ALA A 132 -8.35 -14.77 0.63
C ALA A 132 -7.16 -15.55 1.17
N GLU A 133 -7.33 -16.12 2.35
CA GLU A 133 -6.26 -16.90 2.96
C GLU A 133 -5.90 -18.10 2.09
N GLU A 134 -6.88 -18.60 1.33
CA GLU A 134 -6.62 -19.73 0.45
C GLU A 134 -5.76 -19.26 -0.72
N PHE A 135 -6.14 -18.11 -1.25
CA PHE A 135 -5.42 -17.50 -2.35
C PHE A 135 -4.00 -17.17 -1.90
N THR A 136 -3.88 -16.62 -0.71
CA THR A 136 -2.57 -16.27 -0.18
C THR A 136 -1.62 -17.45 -0.35
N ASP A 137 -2.13 -18.67 -0.16
CA ASP A 137 -1.30 -19.86 -0.31
C ASP A 137 -0.38 -19.72 -1.51
N THR A 138 -0.91 -19.19 -2.61
CA THR A 138 -0.10 -18.99 -3.81
C THR A 138 0.92 -17.88 -3.59
N VAL A 139 0.53 -16.87 -2.81
CA VAL A 139 1.42 -15.75 -2.53
C VAL A 139 2.65 -16.18 -1.74
N PHE A 140 2.46 -17.06 -0.75
CA PHE A 140 3.59 -17.51 0.06
C PHE A 140 4.60 -18.26 -0.80
N SER A 141 4.14 -18.87 -1.88
CA SER A 141 5.04 -19.59 -2.76
C SER A 141 6.08 -18.64 -3.34
N LYS A 142 5.73 -17.35 -3.38
CA LYS A 142 6.63 -16.34 -3.94
C LYS A 142 7.98 -16.30 -3.21
N ILE A 143 8.01 -16.69 -1.93
CA ILE A 143 9.27 -16.65 -1.19
C ILE A 143 10.21 -17.73 -1.70
N ASP A 144 9.68 -18.94 -1.87
CA ASP A 144 10.46 -20.07 -2.34
C ASP A 144 9.56 -21.25 -2.66
N VAL A 145 10.15 -22.30 -3.22
CA VAL A 145 9.39 -23.49 -3.56
C VAL A 145 8.78 -24.09 -2.30
N ASN A 146 9.56 -24.11 -1.23
CA ASN A 146 9.09 -24.64 0.05
C ASN A 146 7.83 -23.93 0.49
N GLY A 147 6.99 -24.63 1.23
CA GLY A 147 5.73 -24.07 1.72
C GLY A 147 5.97 -22.83 2.56
N ASP A 148 7.01 -22.86 3.40
CA ASP A 148 7.32 -21.73 4.27
C ASP A 148 8.83 -21.56 4.43
N GLY A 149 9.23 -20.45 5.04
CA GLY A 149 10.64 -20.16 5.26
C GLY A 149 10.87 -18.69 5.61
N GLU A 150 12.12 -18.34 5.88
CA GLU A 150 12.46 -16.96 6.22
C GLU A 150 12.60 -16.11 4.97
N LEU A 151 12.32 -14.81 5.10
CA LEU A 151 12.42 -13.88 3.97
C LEU A 151 13.35 -12.72 4.32
N SER A 152 14.36 -12.51 3.47
CA SER A 152 15.33 -11.44 3.67
C SER A 152 15.47 -10.60 2.39
N LEU A 153 16.67 -10.09 2.13
CA LEU A 153 16.89 -9.26 0.96
C LEU A 153 16.83 -10.08 -0.33
N GLU A 154 17.81 -10.96 -0.55
CA GLU A 154 17.86 -11.75 -1.77
C GLU A 154 16.54 -12.48 -2.01
N GLU A 155 15.97 -13.04 -0.96
CA GLU A 155 14.71 -13.75 -1.12
C GLU A 155 13.64 -12.78 -1.62
N PHE A 156 13.62 -11.58 -1.06
CA PHE A 156 12.66 -10.57 -1.50
C PHE A 156 12.93 -10.21 -2.95
N MET A 157 14.22 -10.14 -3.27
CA MET A 157 14.62 -9.80 -4.63
C MET A 157 13.96 -10.77 -5.59
N GLU A 158 14.30 -12.05 -5.47
CA GLU A 158 13.74 -13.06 -6.37
C GLU A 158 12.23 -12.93 -6.44
N GLY A 159 11.60 -12.60 -5.32
CA GLY A 159 10.15 -12.45 -5.30
C GLY A 159 9.71 -11.33 -6.25
N VAL A 160 10.47 -10.24 -6.28
CA VAL A 160 10.13 -9.12 -7.15
C VAL A 160 10.15 -9.53 -8.62
N GLN A 161 11.17 -10.30 -9.01
CA GLN A 161 11.27 -10.77 -10.38
C GLN A 161 10.18 -11.77 -10.65
N LYS A 162 9.90 -12.58 -9.64
CA LYS A 162 8.86 -13.61 -9.73
C LYS A 162 7.55 -13.07 -9.17
N ASP A 163 6.68 -12.60 -10.07
CA ASP A 163 5.38 -12.05 -9.65
C ASP A 163 4.33 -12.28 -10.73
N GLN A 164 4.29 -11.39 -11.72
CA GLN A 164 3.32 -11.50 -12.81
C GLN A 164 1.89 -11.46 -12.27
N MET A 165 1.46 -12.57 -11.68
CA MET A 165 0.11 -12.64 -11.12
C MET A 165 0.03 -11.77 -9.86
N LEU A 166 1.15 -11.68 -9.16
CA LEU A 166 1.22 -10.87 -7.96
C LEU A 166 1.28 -9.39 -8.35
N LEU A 167 2.08 -9.10 -9.35
CA LEU A 167 2.26 -7.74 -9.84
C LEU A 167 0.92 -7.13 -10.22
N ASP A 168 0.05 -7.94 -10.81
CA ASP A 168 -1.26 -7.46 -11.22
C ASP A 168 -2.02 -6.89 -10.03
N THR A 169 -1.87 -7.53 -8.88
CA THR A 169 -2.54 -7.08 -7.66
C THR A 169 -2.08 -5.69 -7.24
N LEU A 170 -0.78 -5.41 -7.39
CA LEU A 170 -0.26 -4.10 -7.03
C LEU A 170 -0.93 -3.01 -7.85
N THR A 171 -1.16 -3.27 -9.13
CA THR A 171 -1.80 -2.29 -9.99
C THR A 171 -2.99 -1.66 -9.28
N ARG A 172 -3.59 -2.40 -8.36
CA ARG A 172 -4.75 -1.89 -7.63
C ARG A 172 -4.36 -0.67 -6.78
N SER A 173 -3.32 -0.82 -5.97
CA SER A 173 -2.86 0.29 -5.13
C SER A 173 -2.11 1.35 -5.96
N LEU A 174 -1.27 0.86 -6.85
CA LEU A 174 -0.46 1.73 -7.70
C LEU A 174 -1.36 2.63 -8.57
N ASP A 175 -2.51 2.11 -8.98
CA ASP A 175 -3.43 2.89 -9.81
C ASP A 175 -4.31 3.79 -8.95
N LEU A 176 -4.09 3.74 -7.64
CA LEU A 176 -4.87 4.55 -6.70
C LEU A 176 -6.36 4.21 -6.80
N THR A 177 -6.66 3.16 -7.57
CA THR A 177 -8.04 2.72 -7.75
C THR A 177 -8.56 2.07 -6.47
N ARG A 178 -7.65 1.61 -5.63
CA ARG A 178 -8.02 0.95 -4.39
C ARG A 178 -8.98 1.84 -3.59
N ILE A 179 -8.80 3.15 -3.69
CA ILE A 179 -9.64 4.08 -2.94
C ILE A 179 -11.12 3.94 -3.32
N VAL A 180 -11.42 3.87 -4.61
CA VAL A 180 -12.81 3.75 -5.04
C VAL A 180 -13.31 2.34 -4.76
N ARG A 181 -12.42 1.35 -4.84
CA ARG A 181 -12.80 -0.03 -4.58
C ARG A 181 -13.18 -0.19 -3.11
N ARG A 182 -12.43 0.48 -2.24
CA ARG A 182 -12.70 0.39 -0.80
C ARG A 182 -14.10 0.90 -0.48
N LEU A 183 -14.45 2.05 -1.07
CA LEU A 183 -15.77 2.65 -0.85
C LEU A 183 -16.85 1.81 -1.54
N GLN A 184 -16.47 1.13 -2.62
CA GLN A 184 -17.42 0.31 -3.36
C GLN A 184 -18.00 -0.77 -2.47
N ASN A 185 -17.16 -1.38 -1.63
CA ASN A 185 -17.63 -2.42 -0.72
C ASN A 185 -18.95 -2.03 -0.06
N GLY A 2 -11.76 8.19 0.06
CA GLY A 2 -12.71 9.14 -0.51
C GLY A 2 -13.77 8.43 -1.35
N ASN A 3 -14.93 9.08 -1.50
CA ASN A 3 -16.02 8.51 -2.28
C ASN A 3 -16.70 9.58 -3.13
N ILE A 4 -16.08 10.76 -3.18
CA ILE A 4 -16.63 11.87 -3.97
C ILE A 4 -15.96 11.90 -5.35
N MET A 5 -15.28 10.81 -5.69
CA MET A 5 -14.60 10.72 -6.98
C MET A 5 -14.58 9.27 -7.47
N ASP A 6 -14.39 9.10 -8.77
CA ASP A 6 -14.33 7.76 -9.37
C ASP A 6 -12.89 7.29 -9.44
N GLY A 7 -12.01 8.01 -8.74
CA GLY A 7 -10.58 7.68 -8.73
C GLY A 7 -9.77 8.62 -9.61
N LYS A 8 -10.44 9.36 -10.49
CA LYS A 8 -9.75 10.30 -11.38
C LYS A 8 -9.09 11.43 -10.60
N SER A 9 -9.77 11.94 -9.58
CA SER A 9 -9.23 13.05 -8.80
C SER A 9 -7.91 12.69 -8.14
N VAL A 10 -7.84 11.53 -7.52
CA VAL A 10 -6.60 11.11 -6.86
C VAL A 10 -5.50 10.86 -7.88
N GLU A 11 -5.87 10.26 -9.02
CA GLU A 11 -4.91 10.01 -10.08
C GLU A 11 -4.37 11.32 -10.63
N GLU A 12 -5.25 12.30 -10.77
CA GLU A 12 -4.86 13.60 -11.28
C GLU A 12 -3.84 14.25 -10.35
N LEU A 13 -4.09 14.14 -9.06
CA LEU A 13 -3.19 14.70 -8.06
C LEU A 13 -1.83 14.02 -8.10
N SER A 14 -1.84 12.71 -8.31
CA SER A 14 -0.59 11.96 -8.36
C SER A 14 0.31 12.44 -9.50
N SER A 15 -0.31 12.77 -10.64
CA SER A 15 0.44 13.23 -11.82
C SER A 15 0.16 14.72 -12.07
N THR A 16 0.89 15.28 -13.04
CA THR A 16 0.73 16.69 -13.40
C THR A 16 1.37 17.62 -12.38
N GLU A 17 0.85 17.59 -11.16
CA GLU A 17 1.38 18.44 -10.09
C GLU A 17 2.75 17.94 -9.62
N CYS A 18 3.52 17.35 -10.54
CA CYS A 18 4.83 16.84 -10.19
C CYS A 18 5.76 17.97 -9.73
N HIS A 19 5.84 19.03 -10.53
CA HIS A 19 6.67 20.17 -10.15
C HIS A 19 6.02 20.93 -9.01
N GLN A 20 4.70 20.99 -9.04
CA GLN A 20 3.95 21.67 -8.00
C GLN A 20 4.15 20.94 -6.66
N TRP A 21 4.52 19.66 -6.72
CA TRP A 21 4.73 18.90 -5.50
C TRP A 21 5.69 19.67 -4.59
N TYR A 22 6.74 20.21 -5.18
CA TYR A 22 7.69 20.97 -4.37
C TYR A 22 7.01 22.23 -3.82
N LYS A 23 6.18 22.85 -4.65
CA LYS A 23 5.46 24.06 -4.25
C LYS A 23 4.51 23.81 -3.09
N LYS A 24 3.74 22.72 -3.13
CA LYS A 24 2.78 22.44 -2.06
C LYS A 24 3.51 22.28 -0.73
N PHE A 25 4.80 21.97 -0.80
CA PHE A 25 5.58 21.79 0.42
C PHE A 25 5.53 23.07 1.26
N MET A 26 5.58 24.23 0.60
CA MET A 26 5.52 25.50 1.30
C MET A 26 4.18 25.62 2.04
N THR A 27 3.11 25.19 1.38
CA THR A 27 1.78 25.25 1.99
C THR A 27 1.72 24.34 3.21
N GLU A 28 2.33 23.16 3.09
CA GLU A 28 2.35 22.19 4.17
C GLU A 28 3.45 22.49 5.19
N CYS A 29 4.47 23.25 4.78
CA CYS A 29 5.58 23.56 5.67
C CYS A 29 5.10 23.99 7.06
N PRO A 30 4.19 24.93 7.19
CA PRO A 30 3.68 25.36 8.53
C PRO A 30 2.82 24.28 9.20
N SER A 31 3.36 23.05 9.24
CA SER A 31 2.66 21.93 9.86
C SER A 31 3.68 20.88 10.30
N GLY A 32 3.59 20.46 11.56
CA GLY A 32 4.52 19.46 12.09
C GLY A 32 4.43 18.14 11.34
N GLN A 33 3.20 17.71 11.06
CA GLN A 33 2.98 16.44 10.36
C GLN A 33 1.71 16.51 9.51
N LEU A 34 1.38 15.38 8.87
CA LEU A 34 0.19 15.29 8.02
C LEU A 34 -0.94 14.63 8.82
N THR A 35 -2.06 15.35 8.95
CA THR A 35 -3.22 14.86 9.71
C THR A 35 -4.45 14.79 8.81
N LEU A 36 -5.48 14.11 9.30
CA LEU A 36 -6.72 13.96 8.54
C LEU A 36 -7.30 15.34 8.21
N TYR A 37 -7.32 16.23 9.21
CA TYR A 37 -7.85 17.58 8.99
C TYR A 37 -6.98 18.32 7.97
N GLU A 38 -5.67 18.17 8.11
CA GLU A 38 -4.74 18.81 7.18
C GLU A 38 -4.96 18.26 5.78
N PHE A 39 -5.16 16.95 5.70
CA PHE A 39 -5.38 16.29 4.42
C PHE A 39 -6.58 16.88 3.71
N ARG A 40 -7.69 17.05 4.44
CA ARG A 40 -8.89 17.60 3.84
C ARG A 40 -8.63 19.00 3.30
N GLN A 41 -7.85 19.77 4.04
CA GLN A 41 -7.57 21.14 3.63
C GLN A 41 -6.86 21.15 2.28
N PHE A 42 -5.87 20.26 2.10
CA PHE A 42 -5.15 20.21 0.83
C PHE A 42 -6.01 19.62 -0.29
N PHE A 43 -6.61 18.47 -0.03
CA PHE A 43 -7.45 17.81 -1.04
C PHE A 43 -8.76 18.57 -1.23
N GLY A 44 -9.26 19.16 -0.15
CA GLY A 44 -10.51 19.92 -0.21
C GLY A 44 -11.72 19.00 -0.36
N LEU A 45 -11.65 17.82 0.25
CA LEU A 45 -12.76 16.86 0.17
C LEU A 45 -14.02 17.46 0.80
N LYS A 46 -13.83 18.11 1.93
CA LYS A 46 -14.95 18.73 2.65
C LYS A 46 -16.06 17.70 2.89
N ASN A 47 -15.79 16.44 2.60
CA ASN A 47 -16.79 15.39 2.80
C ASN A 47 -16.14 14.00 2.86
N LEU A 48 -16.27 13.34 4.01
CA LEU A 48 -15.71 11.99 4.17
C LEU A 48 -16.70 11.08 4.88
N SER A 49 -17.12 10.01 4.20
CA SER A 49 -18.07 9.07 4.78
C SER A 49 -17.41 8.32 5.95
N PRO A 50 -18.10 8.13 7.06
CA PRO A 50 -17.51 7.43 8.24
C PRO A 50 -17.24 5.95 7.95
N TRP A 51 -18.11 5.33 7.17
CA TRP A 51 -17.92 3.91 6.84
C TRP A 51 -16.62 3.73 6.08
N ALA A 52 -16.44 4.50 5.01
CA ALA A 52 -15.25 4.42 4.18
C ALA A 52 -14.01 4.74 5.00
N SER A 53 -14.13 5.72 5.89
CA SER A 53 -13.00 6.09 6.73
C SER A 53 -12.58 4.92 7.61
N GLN A 54 -13.57 4.14 8.03
CA GLN A 54 -13.33 2.97 8.88
C GLN A 54 -12.67 1.83 8.11
N TYR A 55 -12.83 1.81 6.79
CA TYR A 55 -12.24 0.77 5.96
C TYR A 55 -10.75 1.04 5.70
N VAL A 56 -10.43 2.29 5.43
CA VAL A 56 -9.05 2.65 5.16
C VAL A 56 -8.17 2.46 6.39
N GLU A 57 -8.79 2.49 7.58
CA GLU A 57 -8.03 2.32 8.81
C GLU A 57 -7.32 0.97 8.83
N GLN A 58 -8.00 -0.07 8.36
CA GLN A 58 -7.39 -1.40 8.35
C GLN A 58 -6.18 -1.45 7.43
N MET A 59 -6.28 -0.81 6.27
CA MET A 59 -5.17 -0.77 5.32
C MET A 59 -4.06 0.13 5.83
N PHE A 60 -4.43 1.12 6.62
CA PHE A 60 -3.47 2.07 7.17
C PHE A 60 -2.44 1.36 8.05
N GLU A 61 -2.88 0.34 8.80
CA GLU A 61 -1.94 -0.36 9.66
C GLU A 61 -0.73 -0.85 8.85
N THR A 62 -0.97 -1.20 7.59
CA THR A 62 0.11 -1.67 6.73
C THR A 62 0.85 -0.49 6.09
N PHE A 63 0.09 0.44 5.51
CA PHE A 63 0.67 1.60 4.85
C PHE A 63 1.49 2.45 5.82
N ASP A 64 0.91 2.73 6.99
CA ASP A 64 1.60 3.55 7.98
C ASP A 64 2.69 2.74 8.69
N PHE A 65 3.94 3.09 8.39
CA PHE A 65 5.08 2.41 8.99
C PHE A 65 5.12 2.67 10.49
N ASN A 66 4.81 3.91 10.89
CA ASN A 66 4.82 4.28 12.29
C ASN A 66 3.52 3.86 12.97
N LYS A 67 2.55 3.43 12.17
CA LYS A 67 1.26 3.00 12.71
C LYS A 67 0.68 4.08 13.62
N ASP A 68 1.31 5.25 13.63
CA ASP A 68 0.85 6.35 14.47
C ASP A 68 -0.26 7.13 13.76
N GLY A 69 -0.77 8.16 14.43
CA GLY A 69 -1.84 8.98 13.87
C GLY A 69 -1.29 10.12 13.03
N TYR A 70 0.05 10.22 12.98
CA TYR A 70 0.72 11.28 12.20
C TYR A 70 1.52 10.66 11.07
N ILE A 71 1.37 11.22 9.87
CA ILE A 71 2.09 10.72 8.69
C ILE A 71 2.94 11.81 8.05
N ASP A 72 4.18 11.47 7.71
CA ASP A 72 5.08 12.42 7.08
C ASP A 72 4.47 12.89 5.76
N PHE A 73 4.68 14.17 5.43
CA PHE A 73 4.12 14.73 4.20
C PHE A 73 4.88 14.24 2.96
N MET A 74 6.20 14.35 2.97
CA MET A 74 6.99 13.92 1.82
C MET A 74 6.84 12.42 1.57
N GLU A 75 6.67 11.65 2.63
CA GLU A 75 6.50 10.21 2.50
C GLU A 75 5.22 9.90 1.74
N TYR A 76 4.18 10.65 2.03
CA TYR A 76 2.88 10.44 1.37
C TYR A 76 3.00 10.60 -0.14
N GLU A 77 3.59 11.69 -0.59
CA GLU A 77 3.75 11.92 -2.01
C GLU A 77 4.67 10.88 -2.62
N ALA A 78 5.72 10.54 -1.88
CA ALA A 78 6.70 9.57 -2.36
C ALA A 78 6.03 8.22 -2.65
N ALA A 79 5.10 7.80 -1.81
CA ALA A 79 4.44 6.53 -2.02
C ALA A 79 3.70 6.52 -3.36
N LEU A 80 3.00 7.61 -3.65
CA LEU A 80 2.27 7.73 -4.91
C LEU A 80 3.23 7.79 -6.08
N SER A 81 4.35 8.49 -5.89
CA SER A 81 5.34 8.61 -6.96
C SER A 81 5.90 7.24 -7.34
N LEU A 82 6.08 6.38 -6.34
CA LEU A 82 6.59 5.04 -6.59
C LEU A 82 5.56 4.23 -7.37
N VAL A 83 4.29 4.44 -7.06
CA VAL A 83 3.21 3.74 -7.74
C VAL A 83 3.21 4.06 -9.22
N LEU A 84 3.37 5.34 -9.54
CA LEU A 84 3.40 5.78 -10.94
C LEU A 84 4.84 6.00 -11.38
N LYS A 85 5.30 5.23 -12.36
CA LYS A 85 6.67 5.35 -12.86
C LYS A 85 6.79 4.80 -14.27
N GLY A 86 5.86 3.94 -14.66
CA GLY A 86 5.87 3.33 -15.99
C GLY A 86 6.65 2.03 -16.00
N LYS A 87 7.32 1.72 -14.89
CA LYS A 87 8.11 0.48 -14.78
C LYS A 87 7.50 -0.42 -13.71
N VAL A 88 7.18 -1.66 -14.10
CA VAL A 88 6.59 -2.61 -13.17
C VAL A 88 7.66 -3.27 -12.32
N GLU A 89 8.80 -3.59 -12.93
CA GLU A 89 9.89 -4.23 -12.21
C GLU A 89 10.39 -3.32 -11.09
N GLN A 90 10.60 -2.04 -11.41
CA GLN A 90 11.06 -1.09 -10.41
C GLN A 90 10.00 -0.88 -9.34
N LYS A 91 8.74 -0.84 -9.77
CA LYS A 91 7.63 -0.66 -8.86
C LYS A 91 7.57 -1.82 -7.87
N LEU A 92 7.87 -3.01 -8.35
CA LEU A 92 7.84 -4.21 -7.50
C LEU A 92 8.72 -4.02 -6.28
N ARG A 93 9.82 -3.28 -6.42
CA ARG A 93 10.73 -3.06 -5.30
C ARG A 93 10.00 -2.35 -4.16
N TRP A 94 8.97 -1.59 -4.50
CA TRP A 94 8.18 -0.89 -3.48
C TRP A 94 7.59 -1.88 -2.50
N TYR A 95 7.14 -3.02 -3.00
CA TYR A 95 6.55 -4.05 -2.16
C TYR A 95 7.51 -4.41 -1.03
N PHE A 96 8.78 -4.58 -1.37
CA PHE A 96 9.78 -4.93 -0.37
C PHE A 96 9.82 -3.88 0.74
N LYS A 97 9.86 -2.61 0.35
CA LYS A 97 9.90 -1.52 1.33
C LYS A 97 8.65 -1.56 2.21
N LEU A 98 7.51 -1.82 1.58
CA LEU A 98 6.24 -1.90 2.31
C LEU A 98 6.28 -3.07 3.29
N TYR A 99 6.83 -4.18 2.82
CA TYR A 99 6.95 -5.40 3.62
C TYR A 99 7.76 -5.17 4.89
N ASP A 100 8.91 -4.50 4.75
CA ASP A 100 9.77 -4.26 5.91
C ASP A 100 9.11 -3.30 6.88
N VAL A 101 8.17 -3.82 7.67
CA VAL A 101 7.46 -3.03 8.67
C VAL A 101 7.95 -3.39 10.07
N ASP A 102 8.02 -4.68 10.35
CA ASP A 102 8.45 -5.17 11.66
C ASP A 102 9.95 -5.48 11.66
N GLY A 103 10.27 -6.76 11.49
CA GLY A 103 11.67 -7.20 11.49
C GLY A 103 12.28 -7.17 10.09
N ASN A 104 13.47 -7.75 9.96
CA ASN A 104 14.18 -7.79 8.69
C ASN A 104 13.66 -8.93 7.81
N GLY A 105 14.35 -9.15 6.68
CA GLY A 105 13.95 -10.20 5.75
C GLY A 105 14.01 -11.59 6.40
N CYS A 106 15.04 -11.83 7.21
CA CYS A 106 15.20 -13.12 7.87
C CYS A 106 14.00 -13.43 8.77
N ILE A 107 12.85 -13.73 8.16
CA ILE A 107 11.63 -14.03 8.91
C ILE A 107 10.87 -15.19 8.27
N ASP A 108 10.22 -16.00 9.10
CA ASP A 108 9.48 -17.15 8.59
C ASP A 108 8.16 -16.71 7.93
N ARG A 109 7.49 -17.65 7.26
CA ARG A 109 6.24 -17.36 6.58
C ARG A 109 5.14 -16.87 7.54
N ASP A 110 5.12 -17.38 8.77
CA ASP A 110 4.08 -16.99 9.73
C ASP A 110 3.78 -15.49 9.63
N GLU A 111 4.82 -14.68 9.49
CA GLU A 111 4.62 -13.23 9.39
C GLU A 111 3.48 -12.93 8.43
N LEU A 112 3.21 -13.88 7.52
CA LEU A 112 2.11 -13.72 6.57
C LEU A 112 0.90 -13.15 7.29
N LEU A 113 0.52 -13.78 8.41
CA LEU A 113 -0.65 -13.34 9.17
C LEU A 113 -0.80 -11.83 9.10
N THR A 114 0.31 -11.11 9.03
CA THR A 114 0.23 -9.66 9.01
C THR A 114 -0.68 -9.19 7.89
N ILE A 115 -0.47 -9.62 6.65
CA ILE A 115 -1.37 -9.16 5.60
C ILE A 115 -2.78 -9.66 5.90
N ILE A 116 -2.88 -10.96 6.16
CA ILE A 116 -4.19 -11.56 6.45
C ILE A 116 -5.03 -10.65 7.34
N ARG A 117 -4.35 -9.78 8.11
CA ARG A 117 -5.07 -8.84 8.96
C ARG A 117 -5.48 -7.64 8.11
N ALA A 118 -4.52 -7.16 7.33
CA ALA A 118 -4.73 -6.01 6.45
C ALA A 118 -5.83 -6.32 5.44
N ILE A 119 -5.81 -7.51 4.86
CA ILE A 119 -6.82 -7.91 3.90
C ILE A 119 -8.18 -8.01 4.58
N ARG A 120 -8.18 -8.58 5.79
CA ARG A 120 -9.42 -8.75 6.55
C ARG A 120 -10.31 -7.51 6.42
N ALA A 121 -11.44 -7.69 5.78
CA ALA A 121 -12.39 -6.59 5.59
C ALA A 121 -13.80 -7.15 5.33
N ILE A 122 -14.81 -6.35 5.66
CA ILE A 122 -16.20 -6.77 5.47
C ILE A 122 -16.84 -6.03 4.29
N ASN A 123 -16.01 -5.36 3.49
CA ASN A 123 -16.51 -4.61 2.33
C ASN A 123 -16.31 -5.40 1.04
N PRO A 124 -17.14 -5.18 0.02
CA PRO A 124 -17.00 -5.90 -1.30
C PRO A 124 -15.59 -5.79 -1.89
N CYS A 125 -14.90 -4.71 -1.57
CA CYS A 125 -13.55 -4.49 -2.09
C CYS A 125 -12.64 -5.66 -1.77
N SER A 126 -12.96 -6.42 -0.72
CA SER A 126 -12.14 -7.56 -0.34
C SER A 126 -12.11 -8.58 -1.48
N ASP A 127 -10.93 -9.12 -1.74
CA ASP A 127 -10.77 -10.10 -2.81
C ASP A 127 -11.57 -11.37 -2.49
N SER A 128 -12.22 -11.92 -3.50
CA SER A 128 -13.01 -13.13 -3.31
C SER A 128 -12.10 -14.34 -3.13
N THR A 129 -12.44 -15.19 -2.16
CA THR A 129 -11.65 -16.40 -1.87
C THR A 129 -10.15 -16.18 -2.15
N MET A 130 -9.44 -17.26 -2.46
CA MET A 130 -8.01 -17.15 -2.75
C MET A 130 -7.33 -16.22 -1.76
N THR A 131 -6.98 -16.76 -0.60
CA THR A 131 -6.32 -15.95 0.42
C THR A 131 -4.86 -15.72 0.07
N ALA A 132 -4.26 -14.71 0.69
CA ALA A 132 -2.86 -14.39 0.46
C ALA A 132 -1.97 -15.54 0.92
N GLU A 133 -2.35 -16.13 2.04
CA GLU A 133 -1.58 -17.24 2.60
C GLU A 133 -1.49 -18.40 1.62
N GLU A 134 -2.59 -18.72 0.96
CA GLU A 134 -2.59 -19.82 0.02
C GLU A 134 -1.72 -19.50 -1.19
N PHE A 135 -1.79 -18.26 -1.64
CA PHE A 135 -1.00 -17.82 -2.78
C PHE A 135 0.49 -17.82 -2.43
N THR A 136 0.82 -17.25 -1.28
CA THR A 136 2.21 -17.19 -0.87
C THR A 136 2.75 -18.58 -0.58
N ASP A 137 1.92 -19.41 0.04
CA ASP A 137 2.34 -20.77 0.37
C ASP A 137 2.65 -21.59 -0.87
N THR A 138 1.86 -21.42 -1.92
CA THR A 138 2.07 -22.17 -3.15
C THR A 138 3.39 -21.82 -3.83
N VAL A 139 3.79 -20.55 -3.79
CA VAL A 139 5.05 -20.15 -4.41
C VAL A 139 6.24 -20.56 -3.55
N PHE A 140 6.10 -20.44 -2.22
CA PHE A 140 7.18 -20.83 -1.32
C PHE A 140 7.38 -22.34 -1.38
N SER A 141 6.29 -23.08 -1.57
CA SER A 141 6.37 -24.53 -1.64
C SER A 141 7.22 -24.96 -2.83
N LYS A 142 7.03 -24.31 -3.98
CA LYS A 142 7.75 -24.65 -5.19
C LYS A 142 9.27 -24.42 -5.09
N ILE A 143 9.68 -23.29 -4.50
CA ILE A 143 11.10 -22.98 -4.39
C ILE A 143 11.72 -23.58 -3.12
N ASP A 144 10.90 -23.83 -2.11
CA ASP A 144 11.39 -24.40 -0.86
C ASP A 144 10.29 -25.17 -0.15
N VAL A 145 10.67 -25.97 0.83
CA VAL A 145 9.69 -26.75 1.57
C VAL A 145 8.90 -25.84 2.50
N ASN A 146 7.58 -25.96 2.47
CA ASN A 146 6.72 -25.12 3.30
C ASN A 146 7.24 -25.09 4.73
N GLY A 147 7.70 -26.22 5.23
CA GLY A 147 8.23 -26.28 6.58
C GLY A 147 9.45 -25.38 6.73
N ASP A 148 10.30 -25.38 5.69
CA ASP A 148 11.51 -24.57 5.68
C ASP A 148 11.29 -23.23 4.97
N GLY A 149 10.05 -22.98 4.55
CA GLY A 149 9.76 -21.73 3.85
C GLY A 149 10.08 -20.54 4.74
N GLU A 150 11.05 -19.73 4.31
CA GLU A 150 11.47 -18.54 5.06
C GLU A 150 11.83 -17.39 4.12
N LEU A 151 11.81 -16.16 4.65
CA LEU A 151 12.16 -14.98 3.85
C LEU A 151 13.60 -14.56 4.13
N SER A 152 14.36 -14.37 3.06
CA SER A 152 15.76 -13.97 3.17
C SER A 152 16.19 -13.15 1.95
N LEU A 153 17.45 -12.77 1.90
CA LEU A 153 17.94 -11.98 0.77
C LEU A 153 17.70 -12.75 -0.53
N GLU A 154 18.34 -13.91 -0.65
CA GLU A 154 18.23 -14.71 -1.86
C GLU A 154 16.77 -14.90 -2.27
N GLU A 155 15.86 -14.97 -1.30
CA GLU A 155 14.46 -15.14 -1.64
C GLU A 155 13.98 -13.98 -2.50
N PHE A 156 14.47 -12.78 -2.20
CA PHE A 156 14.07 -11.59 -2.97
C PHE A 156 14.30 -11.80 -4.46
N MET A 157 15.21 -12.71 -4.81
CA MET A 157 15.47 -13.00 -6.23
C MET A 157 14.42 -13.97 -6.76
N GLU A 158 14.23 -15.05 -6.04
CA GLU A 158 13.27 -16.08 -6.41
C GLU A 158 11.84 -15.57 -6.29
N GLY A 159 11.64 -14.52 -5.51
CA GLY A 159 10.32 -13.93 -5.32
C GLY A 159 9.92 -13.03 -6.47
N VAL A 160 10.88 -12.27 -7.00
CA VAL A 160 10.59 -11.34 -8.10
C VAL A 160 10.59 -12.04 -9.45
N GLN A 161 11.32 -13.15 -9.56
CA GLN A 161 11.39 -13.88 -10.82
C GLN A 161 10.19 -14.81 -10.95
N LYS A 162 9.61 -15.15 -9.80
CA LYS A 162 8.44 -16.04 -9.76
C LYS A 162 7.16 -15.25 -9.53
N ASP A 163 7.24 -13.92 -9.69
CA ASP A 163 6.06 -13.06 -9.48
C ASP A 163 5.90 -12.07 -10.63
N GLN A 164 6.00 -10.78 -10.31
CA GLN A 164 5.86 -9.71 -11.30
C GLN A 164 4.39 -9.34 -11.51
N MET A 165 3.61 -10.28 -12.04
CA MET A 165 2.18 -10.05 -12.27
C MET A 165 1.37 -10.32 -11.01
N LEU A 166 1.88 -11.23 -10.19
CA LEU A 166 1.20 -11.58 -8.95
C LEU A 166 1.29 -10.42 -7.96
N LEU A 167 2.51 -10.08 -7.57
CA LEU A 167 2.73 -8.98 -6.63
C LEU A 167 2.09 -7.70 -7.18
N ASP A 168 1.92 -7.64 -8.49
CA ASP A 168 1.31 -6.44 -9.09
C ASP A 168 -0.10 -6.24 -8.53
N THR A 169 -0.89 -7.30 -8.51
CA THR A 169 -2.25 -7.21 -7.99
C THR A 169 -2.25 -6.91 -6.50
N LEU A 170 -1.37 -7.58 -5.77
CA LEU A 170 -1.28 -7.38 -4.33
C LEU A 170 -0.83 -5.96 -3.98
N THR A 171 0.11 -5.42 -4.77
CA THR A 171 0.58 -4.08 -4.49
C THR A 171 -0.55 -3.07 -4.69
N ARG A 172 -1.32 -3.23 -5.76
CA ARG A 172 -2.42 -2.32 -6.01
C ARG A 172 -3.41 -2.38 -4.85
N SER A 173 -3.68 -3.59 -4.37
CA SER A 173 -4.61 -3.75 -3.25
C SER A 173 -4.07 -3.03 -2.01
N LEU A 174 -2.80 -3.29 -1.69
CA LEU A 174 -2.17 -2.67 -0.52
C LEU A 174 -1.55 -1.32 -0.91
N ASP A 175 -2.29 -0.23 -0.66
CA ASP A 175 -1.80 1.10 -0.97
C ASP A 175 -2.75 2.17 -0.46
N LEU A 176 -3.26 2.99 -1.37
CA LEU A 176 -4.19 4.05 -1.00
C LEU A 176 -5.02 4.47 -2.22
N THR A 177 -4.34 5.06 -3.20
CA THR A 177 -5.00 5.51 -4.42
C THR A 177 -5.61 4.32 -5.16
N ARG A 178 -4.83 3.25 -5.25
CA ARG A 178 -5.27 2.04 -5.94
C ARG A 178 -6.49 1.44 -5.23
N ILE A 179 -6.50 1.54 -3.90
CA ILE A 179 -7.61 1.02 -3.12
C ILE A 179 -8.93 1.70 -3.51
N VAL A 180 -8.85 2.99 -3.82
CA VAL A 180 -10.06 3.73 -4.18
C VAL A 180 -10.75 3.05 -5.35
N ARG A 181 -9.98 2.62 -6.34
CA ARG A 181 -10.57 1.95 -7.51
C ARG A 181 -11.29 0.68 -7.05
N ARG A 182 -10.65 -0.06 -6.15
CA ARG A 182 -11.25 -1.29 -5.64
C ARG A 182 -12.53 -0.96 -4.87
N LEU A 183 -12.51 0.14 -4.14
CA LEU A 183 -13.66 0.56 -3.34
C LEU A 183 -14.90 0.78 -4.20
N GLN A 184 -14.75 1.52 -5.30
CA GLN A 184 -15.89 1.78 -6.17
C GLN A 184 -16.29 0.51 -6.92
N ASN A 185 -15.33 -0.37 -7.16
CA ASN A 185 -15.60 -1.62 -7.88
C ASN A 185 -16.08 -2.69 -6.90
N GLY A 2 -11.26 13.62 -2.53
CA GLY A 2 -12.14 14.58 -1.88
C GLY A 2 -12.88 15.40 -2.93
N ASN A 3 -14.20 15.28 -2.94
CA ASN A 3 -15.01 16.03 -3.91
C ASN A 3 -14.41 15.84 -5.30
N ILE A 4 -14.97 16.52 -6.31
CA ILE A 4 -14.45 16.39 -7.66
C ILE A 4 -13.40 17.47 -7.93
N MET A 5 -12.14 17.13 -7.69
CA MET A 5 -11.03 18.06 -7.89
C MET A 5 -9.83 17.34 -8.48
N ASP A 6 -9.95 16.02 -8.66
CA ASP A 6 -8.86 15.21 -9.21
C ASP A 6 -9.41 14.17 -10.18
N GLY A 7 -9.55 12.94 -9.68
CA GLY A 7 -10.06 11.84 -10.50
C GLY A 7 -8.92 10.95 -11.00
N LYS A 8 -9.24 9.70 -11.32
CA LYS A 8 -8.24 8.75 -11.79
C LYS A 8 -7.62 9.21 -13.11
N SER A 9 -8.45 9.76 -14.00
CA SER A 9 -7.96 10.21 -15.29
C SER A 9 -6.91 11.30 -15.13
N VAL A 10 -7.10 12.18 -14.16
CA VAL A 10 -6.15 13.26 -13.91
C VAL A 10 -4.80 12.70 -13.50
N GLU A 11 -4.82 11.65 -12.69
CA GLU A 11 -3.58 11.04 -12.21
C GLU A 11 -2.73 10.54 -13.39
N GLU A 12 -3.38 9.97 -14.40
CA GLU A 12 -2.64 9.46 -15.55
C GLU A 12 -1.88 10.60 -16.24
N LEU A 13 -2.54 11.72 -16.44
CA LEU A 13 -1.91 12.87 -17.08
C LEU A 13 -0.84 13.46 -16.16
N SER A 14 -1.12 13.47 -14.87
CA SER A 14 -0.18 14.02 -13.89
C SER A 14 1.14 13.26 -13.91
N SER A 15 1.07 11.94 -14.07
CA SER A 15 2.28 11.12 -14.08
C SER A 15 3.30 11.72 -15.04
N THR A 16 4.14 12.62 -14.51
CA THR A 16 5.17 13.27 -15.32
C THR A 16 6.34 13.70 -14.42
N GLU A 17 6.01 14.45 -13.37
CA GLU A 17 7.04 14.94 -12.44
C GLU A 17 6.55 14.76 -10.99
N CYS A 18 7.35 14.07 -10.18
CA CYS A 18 6.99 13.83 -8.79
C CYS A 18 7.09 15.11 -7.95
N HIS A 19 7.91 16.05 -8.41
CA HIS A 19 8.08 17.30 -7.68
C HIS A 19 6.84 18.18 -7.81
N GLN A 20 6.09 18.00 -8.90
CA GLN A 20 4.88 18.77 -9.12
C GLN A 20 3.87 18.50 -8.01
N TRP A 21 3.78 17.25 -7.57
CA TRP A 21 2.85 16.88 -6.51
C TRP A 21 3.17 17.64 -5.23
N TYR A 22 4.44 17.86 -4.97
CA TYR A 22 4.86 18.57 -3.75
C TYR A 22 4.20 19.95 -3.70
N LYS A 23 4.13 20.61 -4.85
CA LYS A 23 3.52 21.94 -4.94
C LYS A 23 2.07 21.90 -4.46
N LYS A 24 1.37 20.83 -4.79
CA LYS A 24 -0.04 20.72 -4.41
C LYS A 24 -0.21 20.77 -2.89
N PHE A 25 0.69 20.13 -2.16
CA PHE A 25 0.58 20.14 -0.70
C PHE A 25 0.68 21.56 -0.16
N MET A 26 1.61 22.33 -0.70
CA MET A 26 1.78 23.71 -0.27
C MET A 26 0.53 24.53 -0.60
N THR A 27 -0.02 24.29 -1.79
CA THR A 27 -1.21 25.00 -2.24
C THR A 27 -2.43 24.67 -1.38
N GLU A 28 -2.62 23.38 -1.09
CA GLU A 28 -3.78 22.97 -0.30
C GLU A 28 -3.74 23.60 1.09
N CYS A 29 -2.59 23.46 1.77
CA CYS A 29 -2.41 24.01 3.12
C CYS A 29 -1.29 23.27 3.86
N PRO A 30 -1.47 22.00 4.17
CA PRO A 30 -0.44 21.19 4.89
C PRO A 30 0.81 20.93 4.06
N SER A 31 1.94 20.75 4.74
CA SER A 31 3.20 20.48 4.06
C SER A 31 4.15 19.73 4.99
N GLY A 32 4.98 18.86 4.43
CA GLY A 32 5.93 18.10 5.24
C GLY A 32 5.22 17.20 6.25
N GLN A 33 5.48 17.45 7.53
CA GLN A 33 4.89 16.65 8.61
C GLN A 33 3.37 16.60 8.47
N LEU A 34 2.79 15.41 8.61
CA LEU A 34 1.33 15.24 8.50
C LEU A 34 0.76 14.49 9.71
N THR A 35 -0.44 14.89 10.13
CA THR A 35 -1.11 14.25 11.27
C THR A 35 -2.04 13.15 10.76
N LEU A 36 -2.73 12.49 11.69
CA LEU A 36 -3.65 11.42 11.34
C LEU A 36 -4.91 11.97 10.65
N TYR A 37 -5.39 13.12 11.13
CA TYR A 37 -6.57 13.74 10.54
C TYR A 37 -6.22 14.30 9.16
N GLU A 38 -5.12 15.02 9.11
CA GLU A 38 -4.68 15.61 7.85
C GLU A 38 -4.41 14.51 6.83
N PHE A 39 -3.97 13.36 7.31
CA PHE A 39 -3.67 12.22 6.46
C PHE A 39 -4.92 11.70 5.73
N ARG A 40 -6.00 11.47 6.48
CA ARG A 40 -7.23 10.95 5.88
C ARG A 40 -7.85 12.00 4.96
N GLN A 41 -7.72 13.26 5.36
CA GLN A 41 -8.28 14.36 4.58
C GLN A 41 -7.62 14.44 3.20
N PHE A 42 -6.30 14.24 3.17
CA PHE A 42 -5.58 14.31 1.90
C PHE A 42 -6.02 13.18 0.96
N PHE A 43 -6.29 12.02 1.55
CA PHE A 43 -6.72 10.86 0.78
C PHE A 43 -8.01 11.16 0.03
N GLY A 44 -8.92 11.88 0.68
CA GLY A 44 -10.20 12.23 0.06
C GLY A 44 -11.30 11.26 0.48
N LEU A 45 -12.19 10.94 -0.46
CA LEU A 45 -13.32 10.03 -0.22
C LEU A 45 -13.77 10.08 1.24
N LYS A 46 -13.71 11.28 1.82
CA LYS A 46 -14.12 11.46 3.21
C LYS A 46 -15.62 11.70 3.31
N ASN A 47 -16.08 12.80 2.72
CA ASN A 47 -17.50 13.14 2.77
C ASN A 47 -18.35 12.09 2.05
N LEU A 48 -17.88 11.62 0.91
CA LEU A 48 -18.62 10.62 0.14
C LEU A 48 -18.72 9.30 0.92
N SER A 49 -17.57 8.84 1.42
CA SER A 49 -17.52 7.58 2.17
C SER A 49 -16.69 7.77 3.45
N PRO A 50 -17.20 8.48 4.43
CA PRO A 50 -16.43 8.72 5.70
C PRO A 50 -16.18 7.43 6.48
N TRP A 51 -17.08 6.47 6.37
CA TRP A 51 -16.90 5.20 7.06
C TRP A 51 -15.74 4.43 6.45
N ALA A 52 -15.65 4.50 5.13
CA ALA A 52 -14.59 3.81 4.39
C ALA A 52 -13.22 4.23 4.92
N SER A 53 -13.16 5.42 5.49
CA SER A 53 -11.91 5.91 6.07
C SER A 53 -11.52 5.04 7.25
N GLN A 54 -12.52 4.65 8.02
CA GLN A 54 -12.31 3.82 9.20
C GLN A 54 -11.51 2.57 8.88
N TYR A 55 -11.56 2.11 7.64
CA TYR A 55 -10.80 0.94 7.23
C TYR A 55 -9.35 1.29 6.92
N VAL A 56 -9.11 2.55 6.56
CA VAL A 56 -7.75 2.98 6.24
C VAL A 56 -6.92 3.07 7.53
N GLU A 57 -7.60 3.24 8.65
CA GLU A 57 -6.92 3.37 9.93
C GLU A 57 -6.13 2.10 10.29
N GLN A 58 -6.71 0.93 10.03
CA GLN A 58 -6.02 -0.33 10.36
C GLN A 58 -4.74 -0.52 9.55
N MET A 59 -4.78 -0.23 8.26
CA MET A 59 -3.59 -0.38 7.44
C MET A 59 -2.63 0.77 7.71
N PHE A 60 -3.21 1.93 7.99
CA PHE A 60 -2.41 3.12 8.29
C PHE A 60 -1.56 2.89 9.53
N GLU A 61 -2.18 2.33 10.57
CA GLU A 61 -1.46 2.10 11.81
C GLU A 61 -0.26 1.18 11.57
N THR A 62 -0.47 0.09 10.85
CA THR A 62 0.62 -0.82 10.56
C THR A 62 1.64 -0.16 9.66
N PHE A 63 1.16 0.51 8.60
CA PHE A 63 2.04 1.19 7.67
C PHE A 63 2.84 2.26 8.39
N ASP A 64 2.13 3.09 9.16
CA ASP A 64 2.76 4.16 9.92
C ASP A 64 3.00 3.70 11.36
N PHE A 65 3.50 2.48 11.51
CA PHE A 65 3.77 1.95 12.84
C PHE A 65 4.78 2.84 13.55
N ASN A 66 5.89 3.12 12.87
CA ASN A 66 6.95 3.99 13.40
C ASN A 66 6.93 4.04 14.93
N LYS A 67 6.57 5.20 15.47
CA LYS A 67 6.50 5.37 16.92
C LYS A 67 5.80 6.69 17.26
N ASP A 68 4.90 7.12 16.37
CA ASP A 68 4.17 8.37 16.59
C ASP A 68 2.85 8.38 15.83
N GLY A 69 2.08 9.44 16.03
CA GLY A 69 0.76 9.59 15.36
C GLY A 69 0.88 10.48 14.13
N TYR A 70 2.11 10.77 13.70
CA TYR A 70 2.34 11.62 12.55
C TYR A 70 3.48 11.06 11.70
N ILE A 71 3.47 11.39 10.39
CA ILE A 71 4.50 10.88 9.48
C ILE A 71 5.46 11.99 9.06
N ASP A 72 6.73 11.61 8.91
CA ASP A 72 7.80 12.54 8.52
C ASP A 72 8.01 12.55 7.01
N PHE A 73 9.10 13.20 6.59
CA PHE A 73 9.44 13.32 5.17
C PHE A 73 9.84 11.96 4.58
N MET A 74 10.35 11.06 5.42
CA MET A 74 10.77 9.76 4.95
C MET A 74 9.59 9.03 4.30
N GLU A 75 8.44 9.10 4.94
CA GLU A 75 7.25 8.47 4.40
C GLU A 75 6.82 9.19 3.13
N TYR A 76 6.99 10.51 3.13
CA TYR A 76 6.61 11.33 1.98
C TYR A 76 7.33 10.91 0.71
N GLU A 77 8.65 10.73 0.77
CA GLU A 77 9.38 10.34 -0.44
C GLU A 77 8.83 9.03 -0.99
N ALA A 78 8.44 8.12 -0.10
CA ALA A 78 7.87 6.86 -0.54
C ALA A 78 6.54 7.10 -1.23
N ALA A 79 5.77 8.04 -0.69
CA ALA A 79 4.47 8.38 -1.24
C ALA A 79 4.58 8.89 -2.66
N LEU A 80 5.75 9.42 -3.01
CA LEU A 80 5.95 9.95 -4.36
C LEU A 80 5.75 8.83 -5.38
N SER A 81 6.22 7.63 -5.06
CA SER A 81 6.08 6.50 -5.96
C SER A 81 4.62 6.16 -6.21
N LEU A 82 3.78 6.35 -5.20
CA LEU A 82 2.36 6.04 -5.34
C LEU A 82 1.70 6.92 -6.40
N VAL A 83 2.05 8.21 -6.41
CA VAL A 83 1.47 9.13 -7.39
C VAL A 83 2.21 9.04 -8.72
N LEU A 84 3.48 8.65 -8.68
CA LEU A 84 4.29 8.55 -9.90
C LEU A 84 4.21 7.13 -10.45
N LYS A 85 3.38 6.95 -11.46
CA LYS A 85 3.20 5.65 -12.10
C LYS A 85 4.48 5.18 -12.80
N GLY A 86 5.28 6.14 -13.27
CA GLY A 86 6.50 5.83 -13.98
C GLY A 86 7.45 4.98 -13.14
N LYS A 87 7.55 5.28 -11.85
CA LYS A 87 8.43 4.50 -10.98
C LYS A 87 7.86 3.10 -10.78
N VAL A 88 8.74 2.09 -10.81
CA VAL A 88 8.31 0.69 -10.64
C VAL A 88 9.10 0.02 -9.52
N GLU A 89 10.42 0.18 -9.55
CA GLU A 89 11.27 -0.44 -8.54
C GLU A 89 10.96 0.13 -7.16
N GLN A 90 10.76 1.44 -7.09
CA GLN A 90 10.45 2.10 -5.83
C GLN A 90 9.12 1.60 -5.28
N LYS A 91 8.16 1.38 -6.16
CA LYS A 91 6.84 0.90 -5.74
C LYS A 91 6.97 -0.46 -5.06
N LEU A 92 7.83 -1.31 -5.61
CA LEU A 92 8.04 -2.63 -5.04
C LEU A 92 8.60 -2.49 -3.62
N ARG A 93 9.50 -1.53 -3.46
CA ARG A 93 10.11 -1.29 -2.16
C ARG A 93 9.04 -0.85 -1.17
N TRP A 94 8.11 -0.02 -1.64
CA TRP A 94 7.03 0.47 -0.80
C TRP A 94 6.21 -0.68 -0.23
N TYR A 95 5.96 -1.70 -1.05
CA TYR A 95 5.19 -2.84 -0.60
C TYR A 95 5.85 -3.47 0.64
N PHE A 96 7.18 -3.53 0.63
CA PHE A 96 7.92 -4.07 1.77
C PHE A 96 7.63 -3.26 3.02
N LYS A 97 7.51 -1.95 2.85
CA LYS A 97 7.25 -1.04 3.97
C LYS A 97 6.01 -1.47 4.76
N LEU A 98 5.07 -2.14 4.09
CA LEU A 98 3.86 -2.58 4.77
C LEU A 98 4.22 -3.51 5.93
N TYR A 99 5.24 -4.34 5.74
CA TYR A 99 5.66 -5.27 6.78
C TYR A 99 6.06 -4.49 8.04
N ASP A 100 6.77 -3.38 7.85
CA ASP A 100 7.21 -2.55 8.96
C ASP A 100 8.01 -3.35 9.99
N VAL A 101 7.31 -4.14 10.78
CA VAL A 101 7.96 -4.95 11.81
C VAL A 101 8.97 -5.90 11.19
N ASP A 102 8.58 -6.52 10.07
CA ASP A 102 9.45 -7.47 9.38
C ASP A 102 9.49 -8.80 10.13
N GLY A 103 10.69 -9.31 10.34
CA GLY A 103 10.85 -10.58 11.05
C GLY A 103 12.27 -10.72 11.61
N ASN A 104 12.51 -11.83 12.30
CA ASN A 104 13.83 -12.07 12.89
C ASN A 104 14.77 -12.67 11.85
N GLY A 105 15.45 -11.79 11.11
CA GLY A 105 16.39 -12.24 10.09
C GLY A 105 15.66 -12.62 8.81
N CYS A 106 14.66 -13.49 8.94
CA CYS A 106 13.88 -13.95 7.78
C CYS A 106 12.39 -13.82 8.05
N ILE A 107 11.59 -13.90 6.98
CA ILE A 107 10.13 -13.78 7.10
C ILE A 107 9.46 -15.15 7.10
N ASP A 108 8.62 -15.38 8.10
CA ASP A 108 7.89 -16.64 8.23
C ASP A 108 6.50 -16.51 7.61
N ARG A 109 5.97 -17.61 7.11
CA ARG A 109 4.64 -17.58 6.49
C ARG A 109 3.58 -17.17 7.52
N ASP A 110 3.81 -17.54 8.78
CA ASP A 110 2.86 -17.19 9.84
C ASP A 110 2.78 -15.67 9.98
N GLU A 111 3.95 -15.04 9.98
CA GLU A 111 4.01 -13.59 10.11
C GLU A 111 3.24 -12.94 8.96
N LEU A 112 3.35 -13.55 7.79
CA LEU A 112 2.64 -13.05 6.62
C LEU A 112 1.14 -13.01 6.93
N LEU A 113 0.55 -14.18 7.16
CA LEU A 113 -0.87 -14.26 7.45
C LEU A 113 -1.32 -13.13 8.38
N THR A 114 -0.47 -12.74 9.32
CA THR A 114 -0.82 -11.65 10.24
C THR A 114 -0.49 -10.31 9.63
N ILE A 115 0.46 -10.27 8.69
CA ILE A 115 0.80 -9.02 8.04
C ILE A 115 -0.41 -8.61 7.22
N ILE A 116 -1.17 -9.61 6.79
CA ILE A 116 -2.34 -9.38 5.95
C ILE A 116 -3.06 -8.10 6.37
N ARG A 117 -3.45 -7.96 7.63
CA ARG A 117 -4.16 -6.75 8.07
C ARG A 117 -3.43 -5.49 7.63
N ALA A 118 -2.13 -5.60 7.41
CA ALA A 118 -1.31 -4.46 7.02
C ALA A 118 -1.78 -3.82 5.72
N ILE A 119 -2.15 -4.63 4.73
CA ILE A 119 -2.58 -4.05 3.45
C ILE A 119 -4.03 -3.56 3.52
N ARG A 120 -5.00 -4.48 3.44
CA ARG A 120 -6.41 -4.10 3.51
C ARG A 120 -7.30 -5.33 3.52
N ALA A 121 -8.54 -5.15 3.96
CA ALA A 121 -9.49 -6.25 4.00
C ALA A 121 -8.98 -7.38 4.88
N ILE A 122 -9.82 -7.86 5.80
CA ILE A 122 -9.44 -8.95 6.68
C ILE A 122 -9.14 -10.22 5.88
N ASN A 123 -9.81 -10.35 4.75
CA ASN A 123 -9.61 -11.53 3.88
C ASN A 123 -10.09 -11.26 2.46
N PRO A 124 -11.22 -10.60 2.29
CA PRO A 124 -11.79 -10.31 0.93
C PRO A 124 -10.91 -9.32 0.14
N CYS A 125 -9.60 -9.37 0.39
CA CYS A 125 -8.67 -8.47 -0.30
C CYS A 125 -8.75 -8.68 -1.81
N SER A 126 -8.85 -7.58 -2.55
CA SER A 126 -8.93 -7.64 -4.00
C SER A 126 -10.17 -8.42 -4.43
N ASP A 127 -9.99 -9.38 -5.33
CA ASP A 127 -11.10 -10.19 -5.80
C ASP A 127 -11.72 -10.97 -4.65
N SER A 128 -13.04 -11.10 -4.66
CA SER A 128 -13.73 -11.82 -3.61
C SER A 128 -13.28 -13.29 -3.56
N THR A 129 -13.04 -13.86 -4.74
CA THR A 129 -12.59 -15.24 -4.82
C THR A 129 -11.08 -15.32 -4.58
N MET A 130 -10.60 -16.52 -4.25
CA MET A 130 -9.17 -16.71 -3.99
C MET A 130 -8.62 -15.57 -3.15
N THR A 131 -8.55 -15.80 -1.84
CA THR A 131 -8.06 -14.78 -0.92
C THR A 131 -6.56 -14.58 -1.12
N ALA A 132 -6.04 -13.49 -0.55
CA ALA A 132 -4.62 -13.18 -0.67
C ALA A 132 -3.79 -14.30 -0.04
N GLU A 133 -4.25 -14.81 1.09
CA GLU A 133 -3.52 -15.88 1.78
C GLU A 133 -3.43 -17.12 0.89
N GLU A 134 -4.52 -17.42 0.19
CA GLU A 134 -4.54 -18.57 -0.70
C GLU A 134 -3.53 -18.36 -1.81
N PHE A 135 -3.55 -17.15 -2.36
CA PHE A 135 -2.64 -16.77 -3.41
C PHE A 135 -1.19 -16.87 -2.92
N THR A 136 -0.94 -16.33 -1.74
CA THR A 136 0.40 -16.38 -1.16
C THR A 136 0.82 -17.83 -0.92
N ASP A 137 -0.09 -18.62 -0.38
CA ASP A 137 0.21 -20.02 -0.08
C ASP A 137 0.64 -20.76 -1.33
N THR A 138 0.02 -20.45 -2.47
CA THR A 138 0.38 -21.13 -3.70
C THR A 138 1.85 -20.89 -4.03
N VAL A 139 2.28 -19.64 -3.92
CA VAL A 139 3.68 -19.29 -4.21
C VAL A 139 4.61 -19.94 -3.19
N PHE A 140 4.22 -19.95 -1.93
CA PHE A 140 5.04 -20.54 -0.89
C PHE A 140 5.10 -22.06 -1.05
N SER A 141 3.99 -22.68 -1.44
CA SER A 141 3.97 -24.13 -1.61
C SER A 141 4.79 -24.59 -2.82
N LYS A 142 4.70 -23.84 -3.92
CA LYS A 142 5.43 -24.21 -5.14
C LYS A 142 6.92 -23.88 -5.01
N ILE A 143 7.27 -22.97 -4.10
CA ILE A 143 8.67 -22.59 -3.93
C ILE A 143 9.56 -23.82 -3.80
N ASP A 144 8.98 -24.90 -3.28
CA ASP A 144 9.71 -26.16 -3.11
C ASP A 144 11.12 -25.90 -2.56
N VAL A 145 11.20 -25.61 -1.26
CA VAL A 145 12.50 -25.36 -0.61
C VAL A 145 12.66 -26.26 0.61
N ASN A 146 13.76 -27.01 0.66
CA ASN A 146 14.03 -27.91 1.78
C ASN A 146 15.40 -27.63 2.38
N GLY A 147 16.01 -26.51 1.95
CA GLY A 147 17.33 -26.11 2.43
C GLY A 147 17.23 -24.89 3.33
N ASP A 148 17.16 -23.72 2.72
CA ASP A 148 17.04 -22.47 3.48
C ASP A 148 15.59 -22.18 3.82
N GLY A 149 15.25 -22.36 5.10
CA GLY A 149 13.89 -22.13 5.54
C GLY A 149 13.57 -20.63 5.56
N GLU A 150 12.29 -20.31 5.63
CA GLU A 150 11.86 -18.91 5.64
C GLU A 150 12.37 -18.19 4.39
N LEU A 151 11.98 -16.93 4.23
CA LEU A 151 12.40 -16.14 3.07
C LEU A 151 13.28 -14.97 3.48
N SER A 152 14.24 -14.62 2.62
CA SER A 152 15.15 -13.51 2.88
C SER A 152 14.69 -12.26 2.14
N LEU A 153 15.62 -11.31 1.97
CA LEU A 153 15.30 -10.06 1.28
C LEU A 153 15.35 -10.26 -0.25
N GLU A 154 16.30 -11.05 -0.71
CA GLU A 154 16.42 -11.30 -2.14
C GLU A 154 15.24 -12.11 -2.65
N GLU A 155 14.79 -13.09 -1.87
CA GLU A 155 13.65 -13.90 -2.26
C GLU A 155 12.38 -13.06 -2.17
N PHE A 156 12.40 -12.10 -1.26
CA PHE A 156 11.23 -11.25 -1.05
C PHE A 156 10.76 -10.71 -2.40
N MET A 157 11.68 -10.14 -3.19
CA MET A 157 11.29 -9.62 -4.50
C MET A 157 10.88 -10.76 -5.43
N GLU A 158 11.50 -11.92 -5.26
CA GLU A 158 11.21 -13.07 -6.10
C GLU A 158 9.73 -13.46 -5.96
N GLY A 159 9.19 -13.36 -4.75
CA GLY A 159 7.80 -13.73 -4.52
C GLY A 159 6.84 -12.96 -5.42
N VAL A 160 7.08 -11.67 -5.61
CA VAL A 160 6.21 -10.84 -6.46
C VAL A 160 6.53 -11.06 -7.95
N GLN A 161 7.73 -11.55 -8.22
CA GLN A 161 8.16 -11.79 -9.61
C GLN A 161 7.66 -13.15 -10.08
N LYS A 162 7.17 -13.95 -9.14
CA LYS A 162 6.67 -15.29 -9.47
C LYS A 162 5.16 -15.30 -9.73
N ASP A 163 4.52 -14.13 -9.72
CA ASP A 163 3.09 -14.06 -9.96
C ASP A 163 2.69 -12.72 -10.60
N GLN A 164 1.65 -12.75 -11.44
CA GLN A 164 1.17 -11.54 -12.12
C GLN A 164 -0.13 -11.05 -11.48
N MET A 165 -0.96 -11.99 -11.04
CA MET A 165 -2.24 -11.63 -10.42
C MET A 165 -2.03 -10.58 -9.34
N LEU A 166 -0.83 -10.55 -8.79
CA LEU A 166 -0.50 -9.57 -7.76
C LEU A 166 -0.57 -8.18 -8.37
N LEU A 167 -0.14 -8.08 -9.62
CA LEU A 167 -0.12 -6.78 -10.31
C LEU A 167 -1.49 -6.13 -10.16
N ASP A 168 -2.55 -6.83 -10.53
CA ASP A 168 -3.89 -6.25 -10.46
C ASP A 168 -4.11 -5.60 -9.09
N THR A 169 -3.73 -6.28 -8.03
CA THR A 169 -3.87 -5.71 -6.69
C THR A 169 -2.95 -4.50 -6.55
N LEU A 170 -1.73 -4.63 -7.07
CA LEU A 170 -0.76 -3.55 -7.00
C LEU A 170 -1.34 -2.29 -7.65
N THR A 171 -2.30 -2.49 -8.55
CA THR A 171 -2.93 -1.36 -9.23
C THR A 171 -3.35 -0.33 -8.20
N ARG A 172 -3.84 -0.80 -7.06
CA ARG A 172 -4.28 0.11 -6.00
C ARG A 172 -3.24 1.20 -5.77
N SER A 173 -1.98 0.88 -6.02
CA SER A 173 -0.90 1.84 -5.82
C SER A 173 -1.10 3.06 -6.71
N LEU A 174 -1.86 2.87 -7.79
CA LEU A 174 -2.16 3.96 -8.71
C LEU A 174 -2.94 5.05 -8.00
N ASP A 175 -3.92 4.63 -7.19
CA ASP A 175 -4.75 5.57 -6.46
C ASP A 175 -5.30 4.92 -5.19
N LEU A 176 -5.57 5.74 -4.18
CA LEU A 176 -6.11 5.24 -2.91
C LEU A 176 -7.63 5.28 -2.92
N THR A 177 -8.19 5.58 -4.08
CA THR A 177 -9.64 5.65 -4.24
C THR A 177 -10.25 4.26 -4.45
N ARG A 178 -9.43 3.31 -4.90
CA ARG A 178 -9.90 1.95 -5.15
C ARG A 178 -10.59 1.37 -3.92
N ILE A 179 -10.19 1.82 -2.74
CA ILE A 179 -10.77 1.31 -1.51
C ILE A 179 -12.29 1.52 -1.48
N VAL A 180 -12.75 2.69 -1.91
CA VAL A 180 -14.19 2.94 -1.89
C VAL A 180 -14.93 1.88 -2.69
N ARG A 181 -14.34 1.44 -3.79
CA ARG A 181 -14.94 0.41 -4.62
C ARG A 181 -15.11 -0.88 -3.83
N ARG A 182 -14.12 -1.21 -3.02
CA ARG A 182 -14.15 -2.42 -2.21
C ARG A 182 -15.35 -2.38 -1.27
N LEU A 183 -15.64 -1.21 -0.71
CA LEU A 183 -16.76 -1.07 0.20
C LEU A 183 -18.08 -1.46 -0.48
N GLN A 184 -18.31 -0.92 -1.67
CA GLN A 184 -19.53 -1.23 -2.41
C GLN A 184 -19.51 -2.70 -2.84
N ASN A 185 -18.34 -3.18 -3.26
CA ASN A 185 -18.21 -4.56 -3.70
C ASN A 185 -18.15 -5.50 -2.51
N GLY A 2 -11.05 7.15 -3.91
CA GLY A 2 -12.40 7.59 -4.23
C GLY A 2 -12.65 9.00 -3.70
N ASN A 3 -11.59 9.78 -3.61
CA ASN A 3 -11.69 11.16 -3.11
C ASN A 3 -12.65 11.98 -3.98
N ILE A 4 -12.55 11.82 -5.30
CA ILE A 4 -13.42 12.55 -6.23
C ILE A 4 -14.00 11.61 -7.28
N MET A 5 -15.04 12.08 -7.97
CA MET A 5 -15.69 11.30 -9.00
C MET A 5 -14.74 11.06 -10.18
N ASP A 6 -15.09 10.08 -11.02
CA ASP A 6 -14.27 9.75 -12.18
C ASP A 6 -12.92 9.19 -11.74
N GLY A 7 -12.74 7.88 -11.90
CA GLY A 7 -11.50 7.23 -11.51
C GLY A 7 -10.33 7.79 -12.31
N LYS A 8 -10.54 8.06 -13.59
CA LYS A 8 -9.47 8.59 -14.43
C LYS A 8 -8.90 9.88 -13.87
N SER A 9 -9.74 10.65 -13.16
CA SER A 9 -9.29 11.90 -12.57
C SER A 9 -8.22 11.64 -11.52
N VAL A 10 -8.40 10.55 -10.76
CA VAL A 10 -7.44 10.19 -9.72
C VAL A 10 -6.07 9.93 -10.32
N GLU A 11 -6.03 9.28 -11.47
CA GLU A 11 -4.77 8.97 -12.13
C GLU A 11 -3.99 10.26 -12.43
N GLU A 12 -4.69 11.26 -12.93
CA GLU A 12 -4.04 12.53 -13.26
C GLU A 12 -3.47 13.16 -11.98
N LEU A 13 -4.25 13.11 -10.91
CA LEU A 13 -3.84 13.66 -9.63
C LEU A 13 -2.65 12.89 -9.07
N SER A 14 -2.64 11.58 -9.28
CA SER A 14 -1.57 10.72 -8.79
C SER A 14 -0.21 11.26 -9.23
N SER A 15 -0.19 11.97 -10.35
CA SER A 15 1.06 12.52 -10.86
C SER A 15 1.68 13.46 -9.85
N THR A 16 0.85 13.97 -8.94
CA THR A 16 1.34 14.89 -7.91
C THR A 16 2.39 14.19 -7.05
N GLU A 17 3.65 14.33 -7.46
CA GLU A 17 4.75 13.70 -6.72
C GLU A 17 4.90 14.32 -5.34
N CYS A 18 5.82 13.79 -4.55
CA CYS A 18 6.06 14.30 -3.20
C CYS A 18 6.49 15.76 -3.24
N HIS A 19 7.20 16.15 -4.29
CA HIS A 19 7.65 17.53 -4.41
C HIS A 19 6.44 18.47 -4.42
N GLN A 20 5.44 18.10 -5.23
CA GLN A 20 4.23 18.90 -5.33
C GLN A 20 3.52 18.96 -3.98
N TRP A 21 3.52 17.83 -3.27
CA TRP A 21 2.87 17.76 -1.96
C TRP A 21 3.53 18.73 -1.00
N TYR A 22 4.86 18.77 -1.00
CA TYR A 22 5.59 19.68 -0.13
C TYR A 22 5.19 21.12 -0.40
N LYS A 23 4.97 21.46 -1.66
CA LYS A 23 4.61 22.83 -2.00
C LYS A 23 3.29 23.23 -1.34
N LYS A 24 2.32 22.32 -1.35
CA LYS A 24 1.02 22.61 -0.74
C LYS A 24 1.13 22.78 0.77
N PHE A 25 1.93 21.92 1.40
CA PHE A 25 2.11 21.97 2.84
C PHE A 25 2.95 23.19 3.22
N MET A 26 3.90 23.51 2.34
CA MET A 26 4.80 24.65 2.56
C MET A 26 4.00 25.95 2.63
N THR A 27 2.96 26.04 1.81
CA THR A 27 2.14 27.25 1.78
C THR A 27 1.55 27.52 3.16
N GLU A 28 1.05 26.48 3.82
CA GLU A 28 0.47 26.65 5.14
C GLU A 28 1.56 26.82 6.20
N CYS A 29 2.32 25.75 6.46
CA CYS A 29 3.40 25.79 7.43
C CYS A 29 4.08 24.42 7.55
N PRO A 30 5.32 24.26 7.11
CA PRO A 30 6.03 22.94 7.23
C PRO A 30 5.95 22.38 8.66
N SER A 31 5.58 21.10 8.78
CA SER A 31 5.47 20.45 10.09
C SER A 31 6.26 19.14 10.14
N GLY A 32 6.46 18.52 8.98
CA GLY A 32 7.21 17.27 8.91
C GLY A 32 6.37 16.07 9.35
N GLN A 33 5.04 16.25 9.41
CA GLN A 33 4.14 15.16 9.83
C GLN A 33 2.91 15.14 8.94
N LEU A 34 2.44 13.94 8.61
CA LEU A 34 1.26 13.78 7.74
C LEU A 34 0.36 12.65 8.24
N THR A 35 -0.95 12.79 7.99
CA THR A 35 -1.92 11.78 8.39
C THR A 35 -2.85 11.47 7.21
N LEU A 36 -3.56 10.36 7.30
CA LEU A 36 -4.47 9.97 6.22
C LEU A 36 -5.68 10.90 6.14
N TYR A 37 -6.19 11.34 7.28
CA TYR A 37 -7.36 12.22 7.27
C TYR A 37 -6.95 13.61 6.81
N GLU A 38 -5.94 14.19 7.45
CA GLU A 38 -5.51 15.53 7.11
C GLU A 38 -5.20 15.61 5.61
N PHE A 39 -4.85 14.48 5.01
CA PHE A 39 -4.55 14.48 3.58
C PHE A 39 -5.77 14.92 2.79
N ARG A 40 -6.91 14.31 3.10
CA ARG A 40 -8.16 14.66 2.43
C ARG A 40 -8.55 16.10 2.73
N GLN A 41 -8.35 16.54 3.97
CA GLN A 41 -8.71 17.90 4.33
C GLN A 41 -7.86 18.90 3.55
N PHE A 42 -6.57 18.61 3.44
CA PHE A 42 -5.66 19.48 2.71
C PHE A 42 -5.95 19.41 1.21
N PHE A 43 -6.23 18.20 0.74
CA PHE A 43 -6.50 17.99 -0.69
C PHE A 43 -7.83 18.63 -1.09
N GLY A 44 -8.86 18.43 -0.26
CA GLY A 44 -10.18 18.98 -0.55
C GLY A 44 -11.29 18.03 -0.09
N LEU A 45 -12.50 18.25 -0.59
CA LEU A 45 -13.64 17.41 -0.25
C LEU A 45 -14.16 17.76 1.15
N LYS A 46 -13.56 18.75 1.77
CA LYS A 46 -13.98 19.18 3.11
C LYS A 46 -13.97 17.98 4.07
N ASN A 47 -14.88 18.00 5.05
CA ASN A 47 -14.96 16.92 6.04
C ASN A 47 -16.30 16.20 5.89
N LEU A 48 -16.84 16.22 4.68
CA LEU A 48 -18.12 15.57 4.42
C LEU A 48 -17.88 14.10 4.07
N SER A 49 -16.91 13.47 4.74
CA SER A 49 -16.58 12.06 4.51
C SER A 49 -16.45 11.29 5.83
N PRO A 50 -17.54 11.06 6.53
CA PRO A 50 -17.51 10.30 7.82
C PRO A 50 -17.06 8.86 7.61
N TRP A 51 -17.95 8.03 7.06
CA TRP A 51 -17.64 6.63 6.79
C TRP A 51 -16.54 6.51 5.75
N ALA A 52 -16.63 7.32 4.70
CA ALA A 52 -15.66 7.26 3.61
C ALA A 52 -14.26 7.50 4.13
N SER A 53 -14.08 8.42 5.06
CA SER A 53 -12.74 8.66 5.60
C SER A 53 -12.26 7.41 6.32
N GLN A 54 -13.07 6.88 7.22
CA GLN A 54 -12.68 5.68 7.97
C GLN A 54 -12.15 4.60 7.04
N TYR A 55 -12.56 4.64 5.78
CA TYR A 55 -12.08 3.65 4.82
C TYR A 55 -10.60 3.90 4.51
N VAL A 56 -10.28 5.15 4.16
CA VAL A 56 -8.89 5.50 3.84
C VAL A 56 -8.04 5.41 5.11
N GLU A 57 -8.70 5.56 6.24
CA GLU A 57 -8.01 5.50 7.52
C GLU A 57 -7.37 4.13 7.72
N GLN A 58 -8.05 3.08 7.27
CA GLN A 58 -7.54 1.73 7.42
C GLN A 58 -6.18 1.58 6.73
N MET A 59 -5.91 2.43 5.74
CA MET A 59 -4.64 2.38 5.02
C MET A 59 -3.47 2.70 5.95
N PHE A 60 -3.67 3.63 6.87
CA PHE A 60 -2.59 4.01 7.78
C PHE A 60 -2.12 2.80 8.59
N GLU A 61 -3.04 1.87 8.87
CA GLU A 61 -2.71 0.70 9.66
C GLU A 61 -1.65 -0.17 8.98
N THR A 62 -1.78 -0.37 7.67
CA THR A 62 -0.81 -1.20 6.94
C THR A 62 0.39 -0.38 6.49
N PHE A 63 0.15 0.85 6.06
CA PHE A 63 1.22 1.73 5.59
C PHE A 63 2.23 2.00 6.71
N ASP A 64 1.76 2.64 7.78
CA ASP A 64 2.63 2.98 8.92
C ASP A 64 2.13 2.31 10.20
N PHE A 65 2.92 1.35 10.68
CA PHE A 65 2.57 0.62 11.91
C PHE A 65 3.65 0.84 12.97
N ASN A 66 3.22 1.33 14.13
CA ASN A 66 4.13 1.59 15.24
C ASN A 66 3.44 2.42 16.31
N LYS A 67 3.69 3.73 16.28
CA LYS A 67 3.09 4.65 17.24
C LYS A 67 1.95 5.44 16.60
N ASP A 68 1.08 6.02 17.43
CA ASP A 68 -0.06 6.80 16.97
C ASP A 68 -0.51 6.41 15.56
N GLY A 69 -0.57 7.38 14.65
CA GLY A 69 -0.99 7.09 13.28
C GLY A 69 -0.50 8.14 12.29
N TYR A 70 0.64 8.77 12.60
CA TYR A 70 1.19 9.79 11.70
C TYR A 70 2.31 9.17 10.86
N ILE A 71 2.53 9.70 9.66
CA ILE A 71 3.58 9.19 8.78
C ILE A 71 4.58 10.30 8.47
N ASP A 72 5.84 9.90 8.25
CA ASP A 72 6.90 10.85 7.95
C ASP A 72 7.01 11.06 6.44
N PHE A 73 7.77 12.07 6.03
CA PHE A 73 7.94 12.37 4.61
C PHE A 73 8.57 11.19 3.88
N MET A 74 9.40 10.43 4.58
CA MET A 74 10.04 9.27 3.98
C MET A 74 8.97 8.28 3.51
N GLU A 75 7.97 8.08 4.35
CA GLU A 75 6.88 7.15 4.02
C GLU A 75 6.12 7.65 2.81
N TYR A 76 5.92 8.96 2.73
CA TYR A 76 5.18 9.56 1.62
C TYR A 76 5.91 9.34 0.29
N GLU A 77 7.23 9.24 0.35
CA GLU A 77 8.01 9.03 -0.87
C GLU A 77 7.58 7.75 -1.57
N ALA A 78 7.30 6.71 -0.79
CA ALA A 78 6.87 5.45 -1.36
C ALA A 78 5.62 5.66 -2.22
N ALA A 79 4.86 6.69 -1.88
CA ALA A 79 3.65 7.01 -2.63
C ALA A 79 3.99 7.30 -4.08
N LEU A 80 5.21 7.72 -4.33
CA LEU A 80 5.65 8.02 -5.68
C LEU A 80 5.55 6.78 -6.57
N SER A 81 5.92 5.63 -6.03
CA SER A 81 5.87 4.39 -6.79
C SER A 81 4.44 4.06 -7.23
N LEU A 82 3.46 4.58 -6.50
CA LEU A 82 2.06 4.34 -6.84
C LEU A 82 1.74 4.88 -8.24
N VAL A 83 2.31 6.04 -8.56
CA VAL A 83 2.07 6.67 -9.87
C VAL A 83 1.91 5.62 -10.98
N LEU A 84 2.78 4.62 -10.99
CA LEU A 84 2.72 3.55 -11.98
C LEU A 84 2.92 2.19 -11.32
N LYS A 85 3.78 2.17 -10.30
CA LYS A 85 4.07 0.94 -9.57
C LYS A 85 4.59 -0.14 -10.51
N GLY A 86 4.91 0.25 -11.74
CA GLY A 86 5.42 -0.69 -12.73
C GLY A 86 6.95 -0.77 -12.68
N LYS A 87 7.54 -0.05 -11.71
CA LYS A 87 8.98 -0.03 -11.56
C LYS A 87 9.47 -1.27 -10.82
N VAL A 88 10.69 -1.72 -11.12
CA VAL A 88 11.25 -2.91 -10.47
C VAL A 88 12.07 -2.55 -9.23
N GLU A 89 13.14 -1.78 -9.40
CA GLU A 89 14.01 -1.41 -8.28
C GLU A 89 13.27 -0.59 -7.24
N GLN A 90 12.50 0.40 -7.68
CA GLN A 90 11.77 1.25 -6.75
C GLN A 90 10.74 0.41 -5.99
N LYS A 91 10.12 -0.53 -6.68
CA LYS A 91 9.11 -1.38 -6.05
C LYS A 91 9.70 -2.00 -4.78
N LEU A 92 10.99 -2.29 -4.80
CA LEU A 92 11.65 -2.87 -3.63
C LEU A 92 11.50 -1.93 -2.45
N ARG A 93 11.65 -0.64 -2.70
CA ARG A 93 11.52 0.36 -1.66
C ARG A 93 10.12 0.32 -1.05
N TRP A 94 9.12 0.10 -1.88
CA TRP A 94 7.75 0.04 -1.40
C TRP A 94 7.60 -1.07 -0.36
N TYR A 95 8.11 -2.25 -0.67
CA TYR A 95 8.03 -3.38 0.26
C TYR A 95 8.86 -3.07 1.52
N PHE A 96 9.98 -2.39 1.32
CA PHE A 96 10.85 -2.03 2.44
C PHE A 96 10.08 -1.20 3.46
N LYS A 97 9.19 -0.34 2.94
CA LYS A 97 8.40 0.52 3.81
C LYS A 97 7.59 -0.30 4.81
N LEU A 98 7.02 -1.41 4.34
CA LEU A 98 6.22 -2.26 5.21
C LEU A 98 7.08 -2.82 6.36
N TYR A 99 8.31 -3.23 6.04
CA TYR A 99 9.20 -3.76 7.05
C TYR A 99 9.97 -2.62 7.73
N ASP A 100 10.78 -1.92 6.95
CA ASP A 100 11.57 -0.81 7.47
C ASP A 100 12.26 -1.21 8.76
N VAL A 101 12.85 -2.41 8.76
CA VAL A 101 13.55 -2.89 9.94
C VAL A 101 14.59 -3.95 9.58
N ASP A 102 14.25 -4.80 8.60
CA ASP A 102 15.16 -5.86 8.17
C ASP A 102 15.63 -6.69 9.36
N GLY A 103 14.70 -7.02 10.25
CA GLY A 103 15.05 -7.81 11.43
C GLY A 103 15.57 -9.18 11.03
N ASN A 104 16.76 -9.53 11.51
CA ASN A 104 17.38 -10.80 11.21
C ASN A 104 17.65 -10.95 9.71
N GLY A 105 17.19 -9.98 8.93
CA GLY A 105 17.38 -9.99 7.49
C GLY A 105 16.37 -10.90 6.81
N CYS A 106 15.54 -11.58 7.62
CA CYS A 106 14.52 -12.48 7.08
C CYS A 106 13.19 -12.26 7.78
N ILE A 107 12.11 -12.17 6.99
CA ILE A 107 10.77 -11.95 7.56
C ILE A 107 9.85 -13.10 7.14
N ASP A 108 9.23 -13.76 8.12
CA ASP A 108 8.33 -14.87 7.82
C ASP A 108 6.99 -14.35 7.27
N ARG A 109 6.48 -15.02 6.24
CA ARG A 109 5.21 -14.61 5.64
C ARG A 109 4.05 -14.78 6.63
N ASP A 110 4.14 -15.81 7.46
CA ASP A 110 3.09 -16.09 8.43
C ASP A 110 2.71 -14.84 9.21
N GLU A 111 3.69 -13.99 9.48
CA GLU A 111 3.40 -12.74 10.19
C GLU A 111 2.69 -11.78 9.26
N LEU A 112 3.17 -11.70 8.02
CA LEU A 112 2.58 -10.79 7.04
C LEU A 112 1.07 -10.98 7.01
N LEU A 113 0.57 -12.16 7.36
CA LEU A 113 -0.87 -12.36 7.36
C LEU A 113 -1.56 -11.25 8.15
N THR A 114 -1.28 -11.20 9.43
CA THR A 114 -1.90 -10.20 10.31
C THR A 114 -2.08 -8.84 9.62
N ILE A 115 -1.29 -8.55 8.60
CA ILE A 115 -1.45 -7.26 7.92
C ILE A 115 -2.84 -7.23 7.28
N ILE A 116 -3.27 -8.39 6.80
CA ILE A 116 -4.57 -8.53 6.15
C ILE A 116 -5.59 -7.62 6.85
N ARG A 117 -5.97 -7.93 8.08
CA ARG A 117 -6.96 -7.11 8.77
C ARG A 117 -6.58 -5.65 8.69
N ALA A 118 -5.29 -5.34 8.73
CA ALA A 118 -4.84 -3.96 8.65
C ALA A 118 -5.28 -3.34 7.33
N ILE A 119 -5.21 -4.12 6.25
CA ILE A 119 -5.60 -3.62 4.94
C ILE A 119 -7.12 -3.71 4.78
N ARG A 120 -7.61 -4.91 4.53
CA ARG A 120 -9.04 -5.14 4.36
C ARG A 120 -9.33 -6.64 4.23
N ALA A 121 -10.59 -7.01 4.35
CA ALA A 121 -10.98 -8.41 4.25
C ALA A 121 -12.49 -8.55 4.19
N ILE A 122 -13.18 -7.44 3.94
CA ILE A 122 -14.63 -7.46 3.88
C ILE A 122 -15.12 -8.34 2.72
N ASN A 123 -14.51 -8.16 1.55
CA ASN A 123 -14.90 -8.95 0.37
C ASN A 123 -13.69 -9.22 -0.52
N PRO A 124 -12.81 -10.09 -0.11
CA PRO A 124 -11.58 -10.44 -0.89
C PRO A 124 -11.92 -10.95 -2.29
N CYS A 125 -11.19 -10.47 -3.28
CA CYS A 125 -11.42 -10.87 -4.67
C CYS A 125 -11.16 -12.37 -4.86
N SER A 126 -10.03 -12.85 -4.34
CA SER A 126 -9.66 -14.26 -4.49
C SER A 126 -10.27 -15.12 -3.38
N ASP A 127 -10.95 -16.18 -3.78
CA ASP A 127 -11.58 -17.10 -2.84
C ASP A 127 -10.60 -18.22 -2.46
N SER A 128 -11.14 -19.24 -1.78
CA SER A 128 -10.34 -20.40 -1.34
C SER A 128 -9.91 -20.25 0.11
N THR A 129 -9.47 -19.05 0.49
CA THR A 129 -9.03 -18.80 1.87
C THR A 129 -9.65 -17.52 2.42
N MET A 130 -9.70 -17.43 3.74
CA MET A 130 -10.27 -16.26 4.40
C MET A 130 -9.44 -15.01 4.10
N THR A 131 -8.12 -15.17 4.06
CA THR A 131 -7.22 -14.03 3.80
C THR A 131 -6.43 -14.25 2.50
N ALA A 132 -6.20 -13.16 1.79
CA ALA A 132 -5.48 -13.23 0.51
C ALA A 132 -4.07 -13.79 0.68
N GLU A 133 -3.37 -13.37 1.73
CA GLU A 133 -2.02 -13.85 1.97
C GLU A 133 -2.01 -15.36 2.21
N GLU A 134 -3.03 -15.86 2.89
CA GLU A 134 -3.11 -17.29 3.17
C GLU A 134 -3.14 -18.08 1.87
N PHE A 135 -3.91 -17.58 0.89
CA PHE A 135 -4.00 -18.27 -0.39
C PHE A 135 -2.67 -18.15 -1.13
N THR A 136 -1.94 -17.06 -0.87
CA THR A 136 -0.65 -16.88 -1.50
C THR A 136 0.30 -17.96 -1.01
N ASP A 137 0.22 -18.25 0.29
CA ASP A 137 1.07 -19.26 0.89
C ASP A 137 1.20 -20.47 -0.01
N THR A 138 0.20 -20.70 -0.86
CA THR A 138 0.25 -21.86 -1.75
C THR A 138 1.42 -21.75 -2.73
N VAL A 139 1.52 -20.63 -3.45
CA VAL A 139 2.60 -20.45 -4.40
C VAL A 139 3.91 -20.12 -3.66
N PHE A 140 3.78 -19.44 -2.53
CA PHE A 140 4.95 -19.08 -1.74
C PHE A 140 5.59 -20.33 -1.15
N SER A 141 4.77 -21.35 -0.89
CA SER A 141 5.30 -22.60 -0.34
C SER A 141 6.25 -23.27 -1.32
N LYS A 142 6.10 -22.95 -2.60
CA LYS A 142 6.93 -23.54 -3.65
C LYS A 142 8.41 -23.20 -3.45
N ILE A 143 8.69 -21.96 -3.07
CA ILE A 143 10.08 -21.52 -2.86
C ILE A 143 10.84 -22.50 -1.97
N ASP A 144 10.10 -23.29 -1.19
CA ASP A 144 10.70 -24.27 -0.28
C ASP A 144 11.97 -24.87 -0.88
N VAL A 145 12.02 -24.94 -2.20
CA VAL A 145 13.20 -25.48 -2.87
C VAL A 145 14.40 -24.58 -2.59
N ASN A 146 15.50 -25.19 -2.18
CA ASN A 146 16.72 -24.44 -1.86
C ASN A 146 16.58 -23.79 -0.48
N GLY A 147 17.62 -23.11 -0.03
CA GLY A 147 17.59 -22.45 1.27
C GLY A 147 16.80 -21.15 1.21
N ASP A 148 15.65 -21.13 1.88
CA ASP A 148 14.80 -19.95 1.92
C ASP A 148 13.59 -20.19 2.82
N GLY A 149 12.43 -20.40 2.20
CA GLY A 149 11.20 -20.65 2.96
C GLY A 149 10.57 -19.35 3.43
N GLU A 150 11.40 -18.46 3.97
CA GLU A 150 10.91 -17.17 4.47
C GLU A 150 11.13 -16.08 3.42
N LEU A 151 11.08 -14.82 3.85
CA LEU A 151 11.26 -13.70 2.94
C LEU A 151 12.72 -13.21 3.00
N SER A 152 13.43 -13.32 1.87
CA SER A 152 14.83 -12.91 1.81
C SER A 152 15.11 -12.08 0.56
N LEU A 153 16.39 -11.98 0.19
CA LEU A 153 16.79 -11.20 -0.98
C LEU A 153 16.32 -11.86 -2.29
N GLU A 154 16.79 -13.06 -2.55
CA GLU A 154 16.44 -13.75 -3.78
C GLU A 154 14.93 -13.82 -3.95
N GLU A 155 14.20 -13.73 -2.84
CA GLU A 155 12.74 -13.78 -2.92
C GLU A 155 12.21 -12.60 -3.71
N PHE A 156 12.79 -11.42 -3.53
CA PHE A 156 12.35 -10.23 -4.26
C PHE A 156 12.57 -10.43 -5.76
N MET A 157 13.56 -11.24 -6.11
CA MET A 157 13.82 -11.51 -7.52
C MET A 157 12.72 -12.43 -8.05
N GLU A 158 12.57 -13.57 -7.38
CA GLU A 158 11.56 -14.54 -7.80
C GLU A 158 10.20 -13.89 -7.97
N GLY A 159 9.93 -12.86 -7.18
CA GLY A 159 8.66 -12.16 -7.27
C GLY A 159 8.49 -11.51 -8.64
N VAL A 160 9.62 -11.25 -9.31
CA VAL A 160 9.59 -10.62 -10.63
C VAL A 160 8.84 -11.46 -11.66
N GLN A 161 9.00 -12.78 -11.59
CA GLN A 161 8.32 -13.68 -12.52
C GLN A 161 6.83 -13.71 -12.24
N LYS A 162 6.48 -13.69 -10.95
CA LYS A 162 5.07 -13.74 -10.54
C LYS A 162 4.56 -12.35 -10.19
N ASP A 163 5.26 -11.33 -10.65
CA ASP A 163 4.87 -9.95 -10.37
C ASP A 163 3.53 -9.60 -10.99
N GLN A 164 2.97 -10.50 -11.80
CA GLN A 164 1.68 -10.23 -12.44
C GLN A 164 0.53 -10.59 -11.50
N MET A 165 0.51 -11.85 -11.06
CA MET A 165 -0.55 -12.33 -10.17
C MET A 165 -0.44 -11.66 -8.80
N LEU A 166 0.78 -11.49 -8.32
CA LEU A 166 0.99 -10.86 -7.02
C LEU A 166 0.47 -9.43 -7.04
N LEU A 167 1.08 -8.61 -7.90
CA LEU A 167 0.68 -7.21 -8.03
C LEU A 167 -0.82 -7.09 -8.20
N ASP A 168 -1.42 -8.11 -8.81
CA ASP A 168 -2.86 -8.09 -9.04
C ASP A 168 -3.59 -8.05 -7.70
N THR A 169 -3.16 -8.87 -6.75
CA THR A 169 -3.77 -8.90 -5.43
C THR A 169 -3.52 -7.61 -4.67
N LEU A 170 -2.27 -7.12 -4.74
CA LEU A 170 -1.91 -5.89 -4.05
C LEU A 170 -2.69 -4.69 -4.61
N THR A 171 -2.91 -4.69 -5.92
CA THR A 171 -3.64 -3.57 -6.52
C THR A 171 -5.01 -3.41 -5.88
N ARG A 172 -5.59 -4.51 -5.41
CA ARG A 172 -6.88 -4.42 -4.76
C ARG A 172 -6.76 -3.62 -3.46
N SER A 173 -5.69 -3.87 -2.72
CA SER A 173 -5.47 -3.18 -1.45
C SER A 173 -5.38 -1.67 -1.64
N LEU A 174 -4.49 -1.22 -2.54
CA LEU A 174 -4.34 0.22 -2.79
C LEU A 174 -5.36 0.70 -3.81
N ASP A 175 -6.21 -0.20 -4.27
CA ASP A 175 -7.24 0.14 -5.26
C ASP A 175 -6.67 1.11 -6.30
N LEU A 176 -6.08 0.55 -7.36
CA LEU A 176 -5.51 1.38 -8.42
C LEU A 176 -6.55 2.37 -8.93
N THR A 177 -6.19 3.13 -9.95
CA THR A 177 -7.11 4.11 -10.51
C THR A 177 -8.29 3.42 -11.20
N ARG A 178 -8.03 2.28 -11.82
CA ARG A 178 -9.09 1.51 -12.48
C ARG A 178 -9.89 0.71 -11.46
N ILE A 179 -9.22 0.32 -10.38
CA ILE A 179 -9.87 -0.45 -9.34
C ILE A 179 -10.90 0.40 -8.61
N VAL A 180 -10.59 1.68 -8.42
CA VAL A 180 -11.49 2.58 -7.71
C VAL A 180 -12.92 2.46 -8.25
N ARG A 181 -13.04 2.14 -9.54
CA ARG A 181 -14.38 2.01 -10.13
C ARG A 181 -15.15 0.90 -9.43
N ARG A 182 -14.42 -0.07 -8.88
CA ARG A 182 -15.05 -1.18 -8.17
C ARG A 182 -15.80 -0.68 -6.95
N LEU A 183 -15.20 0.26 -6.23
CA LEU A 183 -15.83 0.83 -5.03
C LEU A 183 -17.13 1.52 -5.38
N GLN A 184 -17.15 2.23 -6.50
CA GLN A 184 -18.34 2.93 -6.94
C GLN A 184 -19.48 1.95 -7.20
N ASN A 185 -19.15 0.81 -7.80
CA ASN A 185 -20.15 -0.21 -8.10
C ASN A 185 -20.65 -0.87 -6.82
N GLY A 2 -9.06 9.65 0.47
CA GLY A 2 -7.70 10.00 0.11
C GLY A 2 -7.26 9.24 -1.15
N ASN A 3 -7.10 7.93 -1.02
CA ASN A 3 -6.70 7.11 -2.16
C ASN A 3 -7.87 6.93 -3.12
N ILE A 4 -9.07 7.27 -2.66
CA ILE A 4 -10.26 7.14 -3.49
C ILE A 4 -10.30 8.22 -4.55
N MET A 5 -11.16 8.03 -5.55
CA MET A 5 -11.29 8.99 -6.65
C MET A 5 -12.75 9.21 -7.02
N ASP A 6 -13.04 10.35 -7.65
CA ASP A 6 -14.41 10.68 -8.05
C ASP A 6 -14.42 11.53 -9.32
N GLY A 7 -13.62 12.60 -9.33
CA GLY A 7 -13.55 13.50 -10.49
C GLY A 7 -12.11 13.95 -10.74
N LYS A 8 -11.79 15.17 -10.33
CA LYS A 8 -10.46 15.71 -10.51
C LYS A 8 -9.46 14.87 -9.73
N SER A 9 -9.96 14.22 -8.69
CA SER A 9 -9.14 13.36 -7.86
C SER A 9 -8.59 12.19 -8.67
N VAL A 10 -9.26 11.88 -9.78
CA VAL A 10 -8.83 10.77 -10.65
C VAL A 10 -7.42 11.03 -11.18
N GLU A 11 -7.15 12.26 -11.58
CA GLU A 11 -5.83 12.61 -12.11
C GLU A 11 -4.74 12.35 -11.06
N GLU A 12 -5.08 12.51 -9.79
CA GLU A 12 -4.11 12.29 -8.73
C GLU A 12 -3.59 10.86 -8.79
N LEU A 13 -4.48 9.90 -9.02
CA LEU A 13 -4.07 8.51 -9.11
C LEU A 13 -3.09 8.31 -10.27
N SER A 14 -3.39 8.97 -11.40
CA SER A 14 -2.52 8.86 -12.57
C SER A 14 -1.31 9.79 -12.43
N SER A 15 -1.57 11.10 -12.52
CA SER A 15 -0.50 12.08 -12.38
C SER A 15 -1.06 13.46 -12.03
N THR A 16 -0.20 14.30 -11.46
CA THR A 16 -0.60 15.65 -11.08
C THR A 16 0.62 16.52 -10.83
N GLU A 17 0.47 17.83 -10.95
CA GLU A 17 1.59 18.73 -10.74
C GLU A 17 2.17 18.55 -9.33
N CYS A 18 3.43 18.12 -9.27
CA CYS A 18 4.10 17.92 -8.00
C CYS A 18 4.33 19.24 -7.28
N HIS A 19 4.64 20.28 -8.05
CA HIS A 19 4.89 21.59 -7.50
C HIS A 19 3.68 22.12 -6.74
N GLN A 20 2.50 21.62 -7.09
CA GLN A 20 1.28 22.04 -6.43
C GLN A 20 1.34 21.72 -4.94
N TRP A 21 1.89 20.55 -4.61
CA TRP A 21 2.01 20.14 -3.20
C TRP A 21 2.92 21.10 -2.45
N TYR A 22 3.99 21.54 -3.09
CA TYR A 22 4.93 22.47 -2.47
C TYR A 22 4.26 23.81 -2.19
N LYS A 23 3.37 24.22 -3.08
CA LYS A 23 2.66 25.49 -2.92
C LYS A 23 1.86 25.49 -1.63
N LYS A 24 1.25 24.35 -1.31
CA LYS A 24 0.45 24.24 -0.09
C LYS A 24 1.31 24.53 1.13
N PHE A 25 2.52 23.98 1.14
CA PHE A 25 3.43 24.18 2.27
C PHE A 25 3.70 25.66 2.49
N MET A 26 3.93 26.39 1.40
CA MET A 26 4.19 27.81 1.50
C MET A 26 3.01 28.53 2.16
N THR A 27 1.79 28.14 1.77
CA THR A 27 0.59 28.78 2.32
C THR A 27 0.48 28.59 3.83
N GLU A 28 0.62 27.35 4.32
CA GLU A 28 0.51 27.07 5.75
C GLU A 28 1.86 27.23 6.47
N CYS A 29 2.93 26.78 5.82
CA CYS A 29 4.26 26.86 6.42
C CYS A 29 4.27 26.24 7.82
N PRO A 30 3.90 24.99 7.93
CA PRO A 30 3.88 24.26 9.22
C PRO A 30 5.28 23.94 9.71
N SER A 31 5.43 23.68 11.00
CA SER A 31 6.74 23.37 11.57
C SER A 31 7.18 21.97 11.16
N GLY A 32 7.03 21.65 9.87
CA GLY A 32 7.43 20.35 9.36
C GLY A 32 6.47 19.26 9.83
N GLN A 33 5.25 19.66 10.19
CA GLN A 33 4.23 18.73 10.67
C GLN A 33 2.96 18.84 9.83
N LEU A 34 2.45 17.69 9.39
CA LEU A 34 1.23 17.66 8.57
C LEU A 34 0.14 16.89 9.30
N THR A 35 -1.06 17.47 9.39
CA THR A 35 -2.18 16.84 10.09
C THR A 35 -3.25 16.35 9.11
N LEU A 36 -4.11 15.46 9.60
CA LEU A 36 -5.18 14.88 8.79
C LEU A 36 -6.17 15.93 8.31
N TYR A 37 -6.46 16.93 9.16
CA TYR A 37 -7.40 17.99 8.77
C TYR A 37 -6.81 18.78 7.61
N GLU A 38 -5.53 19.06 7.73
CA GLU A 38 -4.79 19.82 6.72
C GLU A 38 -4.87 19.11 5.37
N PHE A 39 -4.90 17.78 5.38
CA PHE A 39 -4.98 17.01 4.15
C PHE A 39 -6.28 17.31 3.39
N ARG A 40 -7.38 17.51 4.12
CA ARG A 40 -8.67 17.80 3.48
C ARG A 40 -8.57 19.06 2.63
N GLN A 41 -7.84 20.05 3.12
CA GLN A 41 -7.69 21.31 2.40
C GLN A 41 -7.08 21.08 1.02
N PHE A 42 -6.11 20.17 0.94
CA PHE A 42 -5.47 19.88 -0.33
C PHE A 42 -6.50 19.37 -1.33
N PHE A 43 -7.31 18.40 -0.91
CA PHE A 43 -8.34 17.84 -1.79
C PHE A 43 -9.39 18.91 -2.12
N GLY A 44 -9.94 19.54 -1.09
CA GLY A 44 -10.97 20.56 -1.27
C GLY A 44 -12.33 19.92 -1.39
N LEU A 45 -12.32 18.58 -1.51
CA LEU A 45 -13.55 17.79 -1.63
C LEU A 45 -13.52 16.65 -0.61
N LYS A 46 -14.69 16.07 -0.35
CA LYS A 46 -14.78 14.97 0.61
C LYS A 46 -15.73 13.88 0.09
N ASN A 47 -15.66 12.71 0.73
CA ASN A 47 -16.51 11.59 0.34
C ASN A 47 -16.82 10.71 1.55
N LEU A 48 -17.57 9.64 1.32
CA LEU A 48 -17.94 8.72 2.40
C LEU A 48 -17.39 7.32 2.12
N SER A 49 -16.16 7.07 2.56
CA SER A 49 -15.52 5.77 2.37
C SER A 49 -14.73 5.36 3.61
N PRO A 50 -15.40 5.10 4.70
CA PRO A 50 -14.75 4.70 5.98
C PRO A 50 -13.87 3.46 5.83
N TRP A 51 -14.29 2.53 4.98
CA TRP A 51 -13.53 1.29 4.78
C TRP A 51 -12.12 1.60 4.28
N ALA A 52 -12.01 2.49 3.30
CA ALA A 52 -10.72 2.85 2.75
C ALA A 52 -9.85 3.46 3.84
N SER A 53 -10.47 4.23 4.71
CA SER A 53 -9.76 4.84 5.82
C SER A 53 -9.27 3.76 6.79
N GLN A 54 -10.09 2.73 6.96
CA GLN A 54 -9.76 1.65 7.88
C GLN A 54 -8.47 0.93 7.50
N TYR A 55 -8.22 0.71 6.20
CA TYR A 55 -6.99 0.02 5.81
C TYR A 55 -5.80 0.96 5.85
N VAL A 56 -6.04 2.25 5.61
CA VAL A 56 -4.95 3.21 5.62
C VAL A 56 -4.33 3.28 7.01
N GLU A 57 -5.10 2.89 8.03
CA GLU A 57 -4.60 2.93 9.39
C GLU A 57 -3.33 2.08 9.51
N GLN A 58 -3.36 0.88 8.94
CA GLN A 58 -2.19 0.00 8.98
C GLN A 58 -1.03 0.64 8.24
N MET A 59 -1.33 1.26 7.10
CA MET A 59 -0.30 1.92 6.31
C MET A 59 0.29 3.05 7.13
N PHE A 60 -0.57 3.73 7.88
CA PHE A 60 -0.15 4.85 8.72
C PHE A 60 1.13 4.48 9.46
N GLU A 61 1.32 3.19 9.71
CA GLU A 61 2.50 2.71 10.41
C GLU A 61 3.78 3.01 9.63
N THR A 62 3.75 2.83 8.31
CA THR A 62 4.93 3.04 7.48
C THR A 62 5.27 4.52 7.25
N PHE A 63 4.27 5.34 6.93
CA PHE A 63 4.56 6.75 6.67
C PHE A 63 5.17 7.40 7.90
N ASP A 64 4.60 7.10 9.06
CA ASP A 64 5.11 7.63 10.32
C ASP A 64 6.45 6.98 10.69
N PHE A 65 6.57 5.70 10.37
CA PHE A 65 7.79 4.95 10.68
C PHE A 65 8.06 4.94 12.18
N ASN A 66 7.10 5.45 12.95
CA ASN A 66 7.24 5.50 14.41
C ASN A 66 5.88 5.53 15.09
N LYS A 67 4.84 5.25 14.31
CA LYS A 67 3.47 5.24 14.84
C LYS A 67 3.12 6.57 15.52
N ASP A 68 3.58 7.66 14.94
CA ASP A 68 3.30 9.00 15.48
C ASP A 68 1.91 9.46 15.10
N GLY A 69 1.40 10.44 15.83
CA GLY A 69 0.08 11.01 15.57
C GLY A 69 0.19 12.16 14.58
N TYR A 70 1.38 12.33 14.02
CA TYR A 70 1.65 13.40 13.06
C TYR A 70 2.52 12.88 11.92
N ILE A 71 2.40 13.49 10.73
CA ILE A 71 3.18 13.06 9.57
C ILE A 71 4.23 14.10 9.19
N ASP A 72 5.49 13.68 9.19
CA ASP A 72 6.58 14.58 8.84
C ASP A 72 6.55 14.92 7.35
N PHE A 73 6.82 16.18 7.02
CA PHE A 73 6.82 16.62 5.64
C PHE A 73 7.88 15.88 4.83
N MET A 74 9.07 15.75 5.40
CA MET A 74 10.16 15.09 4.70
C MET A 74 9.80 13.65 4.37
N GLU A 75 9.24 12.93 5.34
CA GLU A 75 8.85 11.54 5.12
C GLU A 75 7.66 11.48 4.17
N TYR A 76 6.85 12.53 4.18
CA TYR A 76 5.67 12.59 3.32
C TYR A 76 6.05 12.49 1.84
N GLU A 77 7.16 13.13 1.45
CA GLU A 77 7.56 13.09 0.05
C GLU A 77 7.57 11.64 -0.45
N ALA A 78 8.00 10.73 0.41
CA ALA A 78 8.01 9.32 0.05
C ALA A 78 6.59 8.79 -0.03
N ALA A 79 5.76 9.23 0.90
CA ALA A 79 4.38 8.78 0.96
C ALA A 79 3.56 9.22 -0.26
N LEU A 80 3.75 10.45 -0.71
CA LEU A 80 2.98 10.94 -1.85
C LEU A 80 3.42 10.24 -3.13
N SER A 81 4.67 9.80 -3.19
CA SER A 81 5.16 9.11 -4.38
C SER A 81 4.37 7.82 -4.59
N LEU A 82 3.98 7.17 -3.50
CA LEU A 82 3.22 5.93 -3.59
C LEU A 82 1.87 6.16 -4.27
N VAL A 83 1.13 7.17 -3.80
CA VAL A 83 -0.19 7.47 -4.37
C VAL A 83 -0.07 8.09 -5.75
N LEU A 84 0.84 9.06 -5.89
CA LEU A 84 1.03 9.73 -7.17
C LEU A 84 1.73 8.81 -8.17
N LYS A 85 2.27 7.70 -7.66
CA LYS A 85 2.96 6.74 -8.51
C LYS A 85 4.13 7.40 -9.24
N GLY A 86 5.33 6.85 -9.04
CA GLY A 86 6.52 7.39 -9.67
C GLY A 86 7.59 6.30 -9.81
N LYS A 87 7.74 5.50 -8.76
CA LYS A 87 8.72 4.42 -8.76
C LYS A 87 8.24 3.26 -9.64
N VAL A 88 9.19 2.57 -10.29
CA VAL A 88 8.86 1.45 -11.16
C VAL A 88 8.97 0.13 -10.38
N GLU A 89 10.02 -0.64 -10.64
CA GLU A 89 10.22 -1.91 -9.96
C GLU A 89 10.42 -1.68 -8.46
N GLN A 90 11.09 -0.59 -8.13
CA GLN A 90 11.36 -0.25 -6.73
C GLN A 90 10.05 -0.05 -5.99
N LYS A 91 9.00 0.29 -6.72
CA LYS A 91 7.69 0.51 -6.11
C LYS A 91 7.24 -0.75 -5.37
N LEU A 92 7.43 -1.90 -6.01
CA LEU A 92 7.04 -3.16 -5.39
C LEU A 92 7.86 -3.40 -4.13
N ARG A 93 9.15 -3.07 -4.20
CA ARG A 93 10.03 -3.25 -3.06
C ARG A 93 9.60 -2.33 -1.91
N TRP A 94 9.19 -1.13 -2.27
CA TRP A 94 8.77 -0.13 -1.28
C TRP A 94 7.62 -0.70 -0.45
N TYR A 95 6.72 -1.42 -1.11
CA TYR A 95 5.59 -2.04 -0.44
C TYR A 95 6.07 -2.99 0.67
N PHE A 96 7.08 -3.79 0.37
CA PHE A 96 7.61 -4.72 1.35
C PHE A 96 8.09 -3.97 2.59
N LYS A 97 8.64 -2.79 2.36
CA LYS A 97 9.12 -1.98 3.47
C LYS A 97 8.02 -1.82 4.51
N LEU A 98 6.76 -1.95 4.06
CA LEU A 98 5.63 -1.84 4.96
C LEU A 98 5.83 -2.71 6.19
N TYR A 99 5.85 -4.02 5.97
CA TYR A 99 6.06 -4.95 7.08
C TYR A 99 7.49 -4.89 7.60
N ASP A 100 8.43 -4.78 6.67
CA ASP A 100 9.84 -4.74 7.02
C ASP A 100 10.29 -3.34 7.45
N VAL A 101 10.55 -3.18 8.74
CA VAL A 101 10.98 -1.89 9.27
C VAL A 101 12.34 -1.48 8.70
N ASP A 102 13.31 -2.40 8.70
CA ASP A 102 14.64 -2.10 8.17
C ASP A 102 15.31 -3.35 7.61
N GLY A 103 14.71 -4.51 7.86
CA GLY A 103 15.24 -5.78 7.37
C GLY A 103 15.77 -6.65 8.51
N ASN A 104 14.92 -7.56 8.98
CA ASN A 104 15.30 -8.47 10.06
C ASN A 104 15.95 -9.73 9.47
N GLY A 105 16.29 -10.68 10.34
CA GLY A 105 16.93 -11.92 9.88
C GLY A 105 15.90 -12.99 9.57
N CYS A 106 15.75 -13.31 8.29
CA CYS A 106 14.80 -14.34 7.87
C CYS A 106 13.39 -14.02 8.33
N ILE A 107 12.39 -14.43 7.53
CA ILE A 107 10.99 -14.19 7.86
C ILE A 107 10.12 -15.39 7.47
N ASP A 108 9.02 -15.57 8.20
CA ASP A 108 8.10 -16.69 7.97
C ASP A 108 6.90 -16.24 7.14
N ARG A 109 6.30 -17.19 6.43
CA ARG A 109 5.13 -16.90 5.61
C ARG A 109 3.93 -16.53 6.47
N ASP A 110 3.96 -16.97 7.73
CA ASP A 110 2.84 -16.69 8.64
C ASP A 110 2.63 -15.18 8.77
N GLU A 111 3.71 -14.42 8.88
CA GLU A 111 3.58 -12.97 8.99
C GLU A 111 2.99 -12.39 7.71
N LEU A 112 3.42 -12.95 6.57
CA LEU A 112 2.94 -12.49 5.27
C LEU A 112 1.42 -12.67 5.18
N LEU A 113 0.88 -13.59 5.95
CA LEU A 113 -0.56 -13.85 5.95
C LEU A 113 -1.34 -12.76 6.69
N THR A 114 -0.69 -12.10 7.64
CA THR A 114 -1.36 -11.05 8.42
C THR A 114 -1.35 -9.71 7.70
N ILE A 115 -0.35 -9.47 6.86
CA ILE A 115 -0.32 -8.23 6.13
C ILE A 115 -1.41 -8.28 5.08
N ILE A 116 -1.76 -9.52 4.70
CA ILE A 116 -2.79 -9.77 3.70
C ILE A 116 -3.91 -8.74 3.83
N ARG A 117 -4.46 -8.55 5.03
CA ARG A 117 -5.55 -7.60 5.20
C ARG A 117 -5.11 -6.20 4.77
N ALA A 118 -3.87 -5.86 5.05
CA ALA A 118 -3.36 -4.53 4.71
C ALA A 118 -3.48 -4.29 3.20
N ILE A 119 -3.09 -5.27 2.39
CA ILE A 119 -3.18 -5.14 0.93
C ILE A 119 -4.55 -5.59 0.44
N ARG A 120 -5.21 -6.44 1.23
CA ARG A 120 -6.54 -6.96 0.88
C ARG A 120 -6.66 -7.24 -0.60
N ALA A 121 -7.90 -7.45 -1.05
CA ALA A 121 -8.18 -7.74 -2.47
C ALA A 121 -9.61 -8.24 -2.62
N ILE A 122 -10.54 -7.32 -2.91
CA ILE A 122 -11.94 -7.70 -3.07
C ILE A 122 -12.08 -8.69 -4.23
N ASN A 123 -11.47 -8.36 -5.37
CA ASN A 123 -11.54 -9.23 -6.54
C ASN A 123 -12.96 -9.76 -6.75
N PRO A 124 -13.87 -8.90 -7.15
CA PRO A 124 -15.31 -9.29 -7.38
C PRO A 124 -15.45 -10.43 -8.39
N CYS A 125 -14.95 -11.61 -8.04
CA CYS A 125 -15.04 -12.78 -8.91
C CYS A 125 -14.50 -14.02 -8.20
N SER A 126 -14.08 -13.84 -6.96
CA SER A 126 -13.52 -14.96 -6.20
C SER A 126 -13.55 -14.65 -4.70
N ASP A 127 -14.50 -13.83 -4.28
CA ASP A 127 -14.61 -13.46 -2.87
C ASP A 127 -14.88 -14.68 -2.00
N SER A 128 -15.86 -15.49 -2.40
CA SER A 128 -16.21 -16.70 -1.64
C SER A 128 -15.37 -17.90 -2.09
N THR A 129 -15.05 -17.94 -3.38
CA THR A 129 -14.26 -19.04 -3.93
C THR A 129 -12.77 -18.71 -3.86
N MET A 130 -11.99 -19.65 -3.35
CA MET A 130 -10.55 -19.45 -3.23
C MET A 130 -10.25 -18.21 -2.41
N THR A 131 -10.01 -18.40 -1.12
CA THR A 131 -9.72 -17.27 -0.24
C THR A 131 -8.30 -16.78 -0.48
N ALA A 132 -8.01 -15.55 -0.03
CA ALA A 132 -6.69 -14.98 -0.22
C ALA A 132 -5.64 -15.79 0.52
N GLU A 133 -5.96 -16.24 1.73
CA GLU A 133 -5.02 -17.02 2.52
C GLU A 133 -4.63 -18.30 1.78
N GLU A 134 -5.48 -18.74 0.87
CA GLU A 134 -5.21 -19.94 0.10
C GLU A 134 -3.99 -19.73 -0.78
N PHE A 135 -3.76 -18.47 -1.15
CA PHE A 135 -2.61 -18.15 -2.00
C PHE A 135 -1.31 -18.31 -1.21
N THR A 136 -1.38 -18.12 0.11
CA THR A 136 -0.18 -18.25 0.93
C THR A 136 0.26 -19.70 1.06
N ASP A 137 -0.66 -20.58 1.49
CA ASP A 137 -0.29 -21.98 1.68
C ASP A 137 0.11 -22.63 0.35
N THR A 138 -0.40 -22.11 -0.76
CA THR A 138 -0.02 -22.68 -2.06
C THR A 138 1.43 -22.36 -2.36
N VAL A 139 1.85 -21.15 -2.02
CA VAL A 139 3.24 -20.75 -2.23
C VAL A 139 4.14 -21.55 -1.30
N PHE A 140 3.69 -21.71 -0.06
CA PHE A 140 4.45 -22.44 0.94
C PHE A 140 4.68 -23.88 0.48
N SER A 141 3.62 -24.54 0.03
CA SER A 141 3.73 -25.92 -0.41
C SER A 141 4.64 -26.02 -1.64
N LYS A 142 4.48 -25.07 -2.57
CA LYS A 142 5.28 -25.08 -3.79
C LYS A 142 6.76 -24.86 -3.51
N ILE A 143 7.07 -23.92 -2.61
CA ILE A 143 8.46 -23.62 -2.28
C ILE A 143 9.00 -24.62 -1.26
N ASP A 144 8.09 -25.24 -0.50
CA ASP A 144 8.47 -26.20 0.54
C ASP A 144 9.70 -27.03 0.12
N VAL A 145 10.65 -27.15 1.06
CA VAL A 145 11.88 -27.90 0.84
C VAL A 145 12.11 -28.89 1.97
N ASN A 146 13.10 -29.76 1.79
CA ASN A 146 13.40 -30.76 2.81
C ASN A 146 13.76 -30.06 4.13
N GLY A 147 14.49 -28.96 4.01
CA GLY A 147 14.89 -28.19 5.19
C GLY A 147 13.78 -27.22 5.59
N ASP A 148 14.07 -26.34 6.54
CA ASP A 148 13.09 -25.38 7.00
C ASP A 148 12.63 -24.48 5.85
N GLY A 149 13.58 -24.09 5.00
CA GLY A 149 13.26 -23.25 3.85
C GLY A 149 13.08 -21.79 4.25
N GLU A 150 12.05 -21.53 5.05
CA GLU A 150 11.77 -20.16 5.49
C GLU A 150 11.67 -19.25 4.29
N LEU A 151 11.64 -17.93 4.51
CA LEU A 151 11.55 -16.96 3.42
C LEU A 151 12.62 -15.89 3.57
N SER A 152 13.46 -15.75 2.54
CA SER A 152 14.56 -14.77 2.55
C SER A 152 14.22 -13.56 1.69
N LEU A 153 15.06 -12.53 1.75
CA LEU A 153 14.83 -11.31 0.99
C LEU A 153 14.82 -11.61 -0.52
N GLU A 154 15.75 -12.41 -0.98
CA GLU A 154 15.82 -12.75 -2.41
C GLU A 154 14.59 -13.52 -2.84
N GLU A 155 14.06 -14.35 -1.95
CA GLU A 155 12.87 -15.11 -2.26
C GLU A 155 11.71 -14.15 -2.54
N PHE A 156 11.83 -12.95 -1.99
CA PHE A 156 10.78 -11.96 -2.17
C PHE A 156 10.43 -11.84 -3.64
N MET A 157 11.38 -11.47 -4.49
CA MET A 157 11.08 -11.34 -5.91
C MET A 157 10.64 -12.68 -6.49
N GLU A 158 11.27 -13.75 -6.04
CA GLU A 158 10.93 -15.08 -6.55
C GLU A 158 9.44 -15.34 -6.38
N GLY A 159 8.88 -14.90 -5.25
CA GLY A 159 7.45 -15.10 -5.01
C GLY A 159 6.65 -14.41 -6.10
N VAL A 160 7.12 -13.23 -6.50
CA VAL A 160 6.47 -12.44 -7.55
C VAL A 160 6.67 -13.08 -8.92
N GLN A 161 7.80 -13.75 -9.10
CA GLN A 161 8.13 -14.39 -10.36
C GLN A 161 7.40 -15.72 -10.47
N LYS A 162 6.82 -16.15 -9.36
CA LYS A 162 6.07 -17.42 -9.30
C LYS A 162 4.67 -17.18 -8.76
N ASP A 163 3.77 -18.11 -9.06
CA ASP A 163 2.39 -18.00 -8.59
C ASP A 163 1.70 -16.77 -9.19
N GLN A 164 1.25 -16.90 -10.43
CA GLN A 164 0.57 -15.80 -11.11
C GLN A 164 -0.53 -15.23 -10.22
N MET A 165 -0.97 -16.05 -9.26
CA MET A 165 -2.01 -15.62 -8.34
C MET A 165 -1.55 -14.40 -7.56
N LEU A 166 -0.25 -14.38 -7.24
CA LEU A 166 0.33 -13.26 -6.51
C LEU A 166 0.32 -12.00 -7.38
N LEU A 167 0.58 -12.18 -8.67
CA LEU A 167 0.61 -11.07 -9.62
C LEU A 167 -0.74 -10.36 -9.67
N ASP A 168 -1.82 -11.13 -9.63
CA ASP A 168 -3.15 -10.54 -9.68
C ASP A 168 -3.33 -9.60 -8.49
N THR A 169 -2.83 -10.02 -7.33
CA THR A 169 -2.93 -9.21 -6.12
C THR A 169 -2.11 -7.92 -6.27
N LEU A 170 -0.93 -8.05 -6.86
CA LEU A 170 -0.06 -6.90 -7.08
C LEU A 170 -0.70 -5.91 -8.03
N THR A 171 -1.44 -6.43 -9.00
CA THR A 171 -2.09 -5.59 -10.00
C THR A 171 -3.05 -4.61 -9.32
N ARG A 172 -3.79 -5.08 -8.33
CA ARG A 172 -4.74 -4.21 -7.64
C ARG A 172 -3.99 -3.09 -6.93
N SER A 173 -2.88 -3.45 -6.28
CA SER A 173 -2.04 -2.48 -5.57
C SER A 173 -1.38 -1.50 -6.53
N LEU A 174 -0.98 -2.04 -7.67
CA LEU A 174 -0.30 -1.25 -8.70
C LEU A 174 -0.96 0.12 -8.88
N ASP A 175 -2.19 0.12 -9.39
CA ASP A 175 -2.92 1.36 -9.62
C ASP A 175 -3.96 1.61 -8.52
N LEU A 176 -3.88 0.84 -7.44
CA LEU A 176 -4.84 0.98 -6.35
C LEU A 176 -6.26 0.79 -6.86
N THR A 177 -6.45 -0.30 -7.59
CA THR A 177 -7.76 -0.61 -8.16
C THR A 177 -8.70 -1.17 -7.08
N ARG A 178 -8.12 -1.75 -6.03
CA ARG A 178 -8.92 -2.33 -4.96
C ARG A 178 -9.94 -1.35 -4.41
N ILE A 179 -9.62 -0.06 -4.41
CA ILE A 179 -10.55 0.95 -3.92
C ILE A 179 -11.62 1.21 -4.98
N VAL A 180 -11.21 1.12 -6.24
CA VAL A 180 -12.14 1.36 -7.35
C VAL A 180 -13.23 0.28 -7.35
N ARG A 181 -12.83 -0.96 -7.11
CA ARG A 181 -13.78 -2.07 -7.09
C ARG A 181 -14.81 -1.86 -5.99
N ARG A 182 -14.35 -1.37 -4.84
CA ARG A 182 -15.23 -1.12 -3.72
C ARG A 182 -16.32 -0.12 -4.09
N LEU A 183 -15.90 0.95 -4.78
CA LEU A 183 -16.83 1.99 -5.20
C LEU A 183 -17.84 1.45 -6.21
N GLN A 184 -17.37 0.58 -7.10
CA GLN A 184 -18.23 0.03 -8.15
C GLN A 184 -19.43 -0.72 -7.55
N ASN A 185 -19.19 -1.51 -6.51
CA ASN A 185 -20.29 -2.26 -5.88
C ASN A 185 -21.02 -1.39 -4.86
N GLY A 2 -6.29 19.44 -2.00
CA GLY A 2 -7.22 20.05 -1.06
C GLY A 2 -8.66 19.73 -1.46
N ASN A 3 -9.46 20.79 -1.62
CA ASN A 3 -10.85 20.62 -2.00
C ASN A 3 -10.97 19.98 -3.37
N ILE A 4 -12.19 19.61 -3.74
CA ILE A 4 -12.46 18.98 -5.03
C ILE A 4 -11.80 17.60 -5.09
N MET A 5 -12.40 16.63 -4.42
CA MET A 5 -11.88 15.27 -4.39
C MET A 5 -12.99 14.26 -4.19
N ASP A 6 -14.20 14.64 -4.61
CA ASP A 6 -15.37 13.76 -4.46
C ASP A 6 -15.13 12.45 -5.21
N GLY A 7 -16.01 11.48 -5.01
CA GLY A 7 -15.87 10.19 -5.67
C GLY A 7 -15.90 10.37 -7.19
N LYS A 8 -16.82 11.22 -7.65
CA LYS A 8 -16.93 11.49 -9.08
C LYS A 8 -15.71 12.27 -9.55
N SER A 9 -15.21 13.15 -8.70
CA SER A 9 -14.04 13.95 -9.04
C SER A 9 -12.85 13.04 -9.33
N VAL A 10 -12.72 11.96 -8.57
CA VAL A 10 -11.63 11.03 -8.78
C VAL A 10 -11.50 10.69 -10.26
N GLU A 11 -12.59 10.81 -11.00
CA GLU A 11 -12.55 10.49 -12.42
C GLU A 11 -11.55 11.37 -13.16
N GLU A 12 -11.48 12.66 -12.83
CA GLU A 12 -10.53 13.55 -13.51
C GLU A 12 -9.10 13.25 -13.06
N LEU A 13 -8.96 12.71 -11.85
CA LEU A 13 -7.63 12.38 -11.33
C LEU A 13 -6.99 11.30 -12.20
N SER A 14 -7.80 10.39 -12.73
CA SER A 14 -7.27 9.33 -13.57
C SER A 14 -6.58 9.94 -14.79
N SER A 15 -7.21 10.94 -15.38
CA SER A 15 -6.63 11.63 -16.53
C SER A 15 -5.33 12.32 -16.11
N THR A 16 -5.36 12.90 -14.92
CA THR A 16 -4.20 13.61 -14.38
C THR A 16 -3.04 12.65 -14.13
N GLU A 17 -1.85 13.06 -14.56
CA GLU A 17 -0.65 12.24 -14.39
C GLU A 17 -0.31 12.11 -12.90
N CYS A 18 0.24 10.95 -12.54
CA CYS A 18 0.62 10.69 -11.15
C CYS A 18 1.62 11.72 -10.65
N HIS A 19 2.34 12.33 -11.58
CA HIS A 19 3.34 13.33 -11.23
C HIS A 19 2.70 14.49 -10.45
N GLN A 20 1.40 14.67 -10.64
CA GLN A 20 0.68 15.75 -9.96
C GLN A 20 0.80 15.62 -8.44
N TRP A 21 0.82 14.39 -7.95
CA TRP A 21 0.92 14.16 -6.50
C TRP A 21 2.21 14.79 -5.97
N TYR A 22 3.20 14.95 -6.83
CA TYR A 22 4.46 15.56 -6.42
C TYR A 22 4.21 16.98 -5.90
N LYS A 23 3.39 17.71 -6.64
CA LYS A 23 3.07 19.10 -6.26
C LYS A 23 2.41 19.15 -4.88
N LYS A 24 1.56 18.16 -4.59
CA LYS A 24 0.90 18.13 -3.28
C LYS A 24 1.93 18.20 -2.16
N PHE A 25 3.09 17.57 -2.35
CA PHE A 25 4.11 17.60 -1.32
C PHE A 25 4.52 19.04 -1.04
N MET A 26 4.78 19.79 -2.09
CA MET A 26 5.16 21.20 -1.95
C MET A 26 4.02 21.97 -1.29
N THR A 27 2.80 21.68 -1.72
CA THR A 27 1.63 22.37 -1.19
C THR A 27 1.48 22.14 0.32
N GLU A 28 1.65 20.90 0.75
CA GLU A 28 1.51 20.59 2.17
C GLU A 28 2.47 21.44 3.00
N CYS A 29 3.78 21.18 2.82
CA CYS A 29 4.81 21.92 3.54
C CYS A 29 6.17 21.30 3.25
N PRO A 30 7.27 22.04 3.37
CA PRO A 30 8.62 21.47 3.13
C PRO A 30 8.82 20.17 3.92
N SER A 31 8.34 20.17 5.16
CA SER A 31 8.45 19.00 6.02
C SER A 31 7.58 19.17 7.27
N GLY A 32 6.54 18.35 7.39
CA GLY A 32 5.65 18.41 8.53
C GLY A 32 4.89 17.11 8.72
N GLN A 33 4.62 16.75 9.97
CA GLN A 33 3.89 15.51 10.26
C GLN A 33 2.39 15.71 10.04
N LEU A 34 1.69 14.63 9.70
CA LEU A 34 0.25 14.70 9.47
C LEU A 34 -0.49 14.04 10.63
N THR A 35 -1.43 14.80 11.21
CA THR A 35 -2.23 14.32 12.33
C THR A 35 -3.57 13.80 11.85
N LEU A 36 -4.32 13.18 12.76
CA LEU A 36 -5.63 12.64 12.43
C LEU A 36 -6.53 13.76 11.90
N TYR A 37 -6.53 14.89 12.59
CA TYR A 37 -7.33 16.03 12.18
C TYR A 37 -6.79 16.61 10.88
N GLU A 38 -5.47 16.60 10.76
CA GLU A 38 -4.82 17.13 9.56
C GLU A 38 -5.25 16.34 8.33
N PHE A 39 -5.31 15.01 8.46
CA PHE A 39 -5.71 14.17 7.34
C PHE A 39 -7.12 14.51 6.90
N ARG A 40 -7.98 14.82 7.85
CA ARG A 40 -9.37 15.16 7.52
C ARG A 40 -9.42 16.35 6.58
N GLN A 41 -8.63 17.37 6.86
CA GLN A 41 -8.63 18.56 6.01
C GLN A 41 -8.27 18.20 4.57
N PHE A 42 -7.25 17.36 4.40
CA PHE A 42 -6.84 16.97 3.06
C PHE A 42 -7.83 16.00 2.43
N PHE A 43 -8.24 14.97 3.18
CA PHE A 43 -9.18 13.98 2.67
C PHE A 43 -10.55 14.61 2.44
N GLY A 44 -11.02 15.37 3.44
CA GLY A 44 -12.32 16.03 3.35
C GLY A 44 -13.45 15.06 3.68
N LEU A 45 -14.67 15.59 3.72
CA LEU A 45 -15.86 14.77 4.01
C LEU A 45 -16.72 14.67 2.76
N LYS A 46 -16.13 14.96 1.61
CA LYS A 46 -16.84 14.88 0.33
C LYS A 46 -16.69 13.50 -0.28
N ASN A 47 -15.96 12.63 0.41
CA ASN A 47 -15.73 11.28 -0.08
C ASN A 47 -17.05 10.56 -0.33
N LEU A 48 -17.81 10.31 0.74
CA LEU A 48 -19.10 9.62 0.61
C LEU A 48 -19.80 9.55 1.97
N SER A 49 -19.09 9.04 2.98
CA SER A 49 -19.65 8.90 4.33
C SER A 49 -18.57 9.24 5.37
N PRO A 50 -18.93 9.86 6.47
CA PRO A 50 -17.93 10.24 7.52
C PRO A 50 -17.29 9.01 8.17
N TRP A 51 -18.04 7.91 8.26
CA TRP A 51 -17.52 6.69 8.84
C TRP A 51 -16.43 6.11 7.94
N ALA A 52 -16.64 6.23 6.63
CA ALA A 52 -15.68 5.71 5.67
C ALA A 52 -14.31 6.37 5.86
N SER A 53 -14.31 7.67 6.17
CA SER A 53 -13.06 8.38 6.38
C SER A 53 -12.30 7.78 7.56
N GLN A 54 -13.04 7.43 8.60
CA GLN A 54 -12.44 6.83 9.79
C GLN A 54 -12.05 5.38 9.52
N TYR A 55 -12.70 4.77 8.53
CA TYR A 55 -12.40 3.38 8.17
C TYR A 55 -11.12 3.31 7.35
N VAL A 56 -11.03 4.14 6.33
CA VAL A 56 -9.84 4.14 5.48
C VAL A 56 -8.62 4.50 6.30
N GLU A 57 -8.84 5.18 7.42
CA GLU A 57 -7.76 5.59 8.28
C GLU A 57 -6.94 4.39 8.76
N GLN A 58 -7.59 3.31 9.17
CA GLN A 58 -6.83 2.15 9.63
C GLN A 58 -6.14 1.48 8.45
N MET A 59 -6.77 1.58 7.28
CA MET A 59 -6.21 1.00 6.06
C MET A 59 -4.94 1.75 5.67
N PHE A 60 -4.96 3.06 5.88
CA PHE A 60 -3.82 3.90 5.56
C PHE A 60 -2.56 3.30 6.20
N GLU A 61 -2.75 2.55 7.27
CA GLU A 61 -1.63 1.92 7.95
C GLU A 61 -0.77 1.18 6.94
N THR A 62 -1.40 0.75 5.84
CA THR A 62 -0.67 0.02 4.81
C THR A 62 0.49 0.86 4.29
N PHE A 63 0.21 2.10 3.89
CA PHE A 63 1.25 2.99 3.38
C PHE A 63 2.21 3.40 4.49
N ASP A 64 1.66 3.70 5.66
CA ASP A 64 2.45 4.11 6.81
C ASP A 64 3.10 2.91 7.48
N PHE A 65 4.40 3.00 7.73
CA PHE A 65 5.11 1.90 8.36
C PHE A 65 4.52 1.63 9.75
N ASN A 66 4.15 2.71 10.44
CA ASN A 66 3.54 2.60 11.77
C ASN A 66 2.03 2.40 11.65
N LYS A 67 1.43 1.80 12.68
CA LYS A 67 -0.02 1.55 12.67
C LYS A 67 -0.76 2.68 13.39
N ASP A 68 -0.07 3.79 13.58
CA ASP A 68 -0.67 4.94 14.27
C ASP A 68 -1.54 5.77 13.31
N GLY A 69 -2.21 6.77 13.86
CA GLY A 69 -3.08 7.65 13.07
C GLY A 69 -2.33 8.89 12.60
N TYR A 70 -1.04 8.93 12.88
CA TYR A 70 -0.19 10.06 12.49
C TYR A 70 1.12 9.55 11.90
N ILE A 71 1.72 10.34 11.01
CA ILE A 71 2.97 9.93 10.36
C ILE A 71 3.95 11.09 10.27
N ASP A 72 5.22 10.79 10.58
CA ASP A 72 6.28 11.79 10.53
C ASP A 72 6.59 12.13 9.06
N PHE A 73 7.02 13.36 8.82
CA PHE A 73 7.34 13.78 7.47
C PHE A 73 8.46 12.93 6.88
N MET A 74 9.32 12.40 7.75
CA MET A 74 10.43 11.57 7.29
C MET A 74 9.91 10.30 6.64
N GLU A 75 8.88 9.72 7.22
CA GLU A 75 8.29 8.50 6.66
C GLU A 75 7.40 8.86 5.48
N TYR A 76 6.87 10.08 5.50
CA TYR A 76 5.98 10.55 4.45
C TYR A 76 6.71 10.64 3.11
N GLU A 77 7.96 11.11 3.14
CA GLU A 77 8.71 11.26 1.89
C GLU A 77 8.81 9.92 1.16
N ALA A 78 8.99 8.84 1.91
CA ALA A 78 9.08 7.51 1.30
C ALA A 78 7.78 7.18 0.57
N ALA A 79 6.67 7.51 1.22
CA ALA A 79 5.35 7.24 0.64
C ALA A 79 5.18 8.03 -0.66
N LEU A 80 5.70 9.25 -0.67
CA LEU A 80 5.59 10.11 -1.84
C LEU A 80 6.22 9.45 -3.07
N SER A 81 7.37 8.81 -2.87
CA SER A 81 8.05 8.16 -3.99
C SER A 81 7.16 7.08 -4.60
N LEU A 82 6.52 6.28 -3.75
CA LEU A 82 5.63 5.22 -4.24
C LEU A 82 4.42 5.85 -4.92
N VAL A 83 3.88 6.88 -4.30
CA VAL A 83 2.71 7.59 -4.81
C VAL A 83 3.07 8.42 -6.05
N LEU A 84 4.35 8.81 -6.14
CA LEU A 84 4.80 9.64 -7.25
C LEU A 84 4.49 8.99 -8.61
N LYS A 85 4.81 7.72 -8.76
CA LYS A 85 4.55 7.03 -10.03
C LYS A 85 4.80 5.53 -9.90
N GLY A 86 6.04 5.18 -9.56
CA GLY A 86 6.42 3.77 -9.42
C GLY A 86 7.68 3.49 -10.24
N LYS A 87 8.83 3.56 -9.58
CA LYS A 87 10.11 3.33 -10.24
C LYS A 87 10.34 1.83 -10.42
N VAL A 88 11.40 1.48 -11.15
CA VAL A 88 11.72 0.09 -11.37
C VAL A 88 12.24 -0.55 -10.08
N GLU A 89 13.54 -0.82 -10.03
CA GLU A 89 14.16 -1.43 -8.86
C GLU A 89 14.02 -0.55 -7.62
N GLN A 90 14.16 0.76 -7.82
CA GLN A 90 14.09 1.71 -6.70
C GLN A 90 12.75 1.59 -5.95
N LYS A 91 11.66 1.41 -6.69
CA LYS A 91 10.34 1.30 -6.06
C LYS A 91 10.30 0.11 -5.12
N LEU A 92 10.90 -1.00 -5.53
CA LEU A 92 10.91 -2.20 -4.71
C LEU A 92 11.62 -1.93 -3.38
N ARG A 93 12.64 -1.09 -3.40
CA ARG A 93 13.38 -0.80 -2.17
C ARG A 93 12.46 -0.16 -1.12
N TRP A 94 11.61 0.77 -1.54
CA TRP A 94 10.69 1.40 -0.61
C TRP A 94 9.60 0.42 -0.19
N TYR A 95 9.12 -0.36 -1.15
CA TYR A 95 8.07 -1.35 -0.87
C TYR A 95 8.60 -2.41 0.08
N PHE A 96 9.88 -2.72 -0.08
CA PHE A 96 10.54 -3.73 0.75
C PHE A 96 10.42 -3.39 2.22
N LYS A 97 10.70 -2.15 2.57
CA LYS A 97 10.59 -1.73 3.97
C LYS A 97 9.18 -1.94 4.49
N LEU A 98 8.20 -1.62 3.65
CA LEU A 98 6.80 -1.79 4.03
C LEU A 98 6.44 -3.27 4.13
N TYR A 99 6.77 -4.03 3.10
CA TYR A 99 6.48 -5.46 3.09
C TYR A 99 7.17 -6.17 4.24
N ASP A 100 8.46 -5.90 4.40
CA ASP A 100 9.26 -6.51 5.47
C ASP A 100 10.21 -5.47 6.06
N VAL A 101 10.40 -5.53 7.39
CA VAL A 101 11.29 -4.59 8.06
C VAL A 101 12.03 -5.27 9.21
N ASP A 102 11.40 -6.30 9.78
CA ASP A 102 12.02 -7.03 10.88
C ASP A 102 13.30 -7.72 10.44
N GLY A 103 13.28 -8.28 9.23
CA GLY A 103 14.46 -8.96 8.69
C GLY A 103 14.11 -9.71 7.41
N ASN A 104 15.13 -10.16 6.68
CA ASN A 104 14.91 -10.89 5.45
C ASN A 104 16.09 -11.81 5.13
N GLY A 105 15.77 -13.07 4.82
CA GLY A 105 16.82 -14.04 4.52
C GLY A 105 16.28 -15.29 3.82
N CYS A 106 15.77 -16.25 4.61
CA CYS A 106 15.26 -17.51 4.06
C CYS A 106 13.74 -17.52 3.86
N ILE A 107 12.98 -17.69 4.94
CA ILE A 107 11.52 -17.74 4.85
C ILE A 107 10.86 -17.00 6.02
N ASP A 108 9.66 -16.48 5.77
CA ASP A 108 8.91 -15.76 6.80
C ASP A 108 7.41 -15.79 6.52
N ARG A 109 6.74 -16.77 7.10
CA ARG A 109 5.30 -16.91 6.93
C ARG A 109 4.54 -16.05 7.95
N ASP A 110 5.18 -15.78 9.09
CA ASP A 110 4.55 -14.99 10.13
C ASP A 110 4.22 -13.58 9.64
N GLU A 111 5.19 -12.91 9.03
CA GLU A 111 4.95 -11.56 8.54
C GLU A 111 3.91 -11.60 7.43
N LEU A 112 3.89 -12.72 6.72
CA LEU A 112 2.95 -12.88 5.62
C LEU A 112 1.52 -12.63 6.11
N LEU A 113 1.23 -13.03 7.34
CA LEU A 113 -0.10 -12.80 7.87
C LEU A 113 -0.44 -11.32 7.78
N THR A 114 0.30 -10.50 8.54
CA THR A 114 0.07 -9.06 8.57
C THR A 114 -0.13 -8.45 7.19
N ILE A 115 0.34 -9.13 6.14
CA ILE A 115 0.10 -8.62 4.80
C ILE A 115 -1.39 -8.75 4.52
N ILE A 116 -1.94 -9.87 4.98
CA ILE A 116 -3.34 -10.20 4.76
C ILE A 116 -4.23 -8.94 4.77
N ARG A 117 -4.30 -8.21 5.88
CA ARG A 117 -5.16 -7.03 5.93
C ARG A 117 -4.92 -6.14 4.71
N ALA A 118 -3.72 -6.20 4.16
CA ALA A 118 -3.38 -5.40 2.98
C ALA A 118 -4.27 -5.78 1.79
N ILE A 119 -4.54 -7.08 1.63
CA ILE A 119 -5.36 -7.55 0.52
C ILE A 119 -6.82 -7.11 0.69
N ARG A 120 -7.22 -6.90 1.94
CA ARG A 120 -8.59 -6.50 2.27
C ARG A 120 -9.60 -7.09 1.28
N ALA A 121 -10.26 -6.22 0.52
CA ALA A 121 -11.25 -6.65 -0.46
C ALA A 121 -10.60 -7.49 -1.55
N ILE A 122 -11.41 -8.25 -2.27
CA ILE A 122 -10.90 -9.11 -3.34
C ILE A 122 -10.20 -8.24 -4.39
N ASN A 123 -10.83 -7.13 -4.74
CA ASN A 123 -10.27 -6.20 -5.72
C ASN A 123 -10.21 -6.84 -7.12
N PRO A 124 -9.81 -6.10 -8.14
CA PRO A 124 -9.74 -6.61 -9.55
C PRO A 124 -8.81 -7.80 -9.72
N CYS A 125 -9.12 -8.65 -10.70
CA CYS A 125 -8.31 -9.83 -10.98
C CYS A 125 -8.18 -10.71 -9.73
N SER A 126 -9.32 -11.23 -9.27
CA SER A 126 -9.33 -12.08 -8.09
C SER A 126 -8.45 -13.31 -8.30
N ASP A 127 -8.61 -13.96 -9.45
CA ASP A 127 -7.82 -15.15 -9.75
C ASP A 127 -7.86 -16.11 -8.57
N SER A 128 -9.00 -16.16 -7.89
CA SER A 128 -9.16 -17.05 -6.75
C SER A 128 -8.17 -16.69 -5.65
N THR A 129 -8.04 -15.40 -5.36
CA THR A 129 -7.10 -14.95 -4.33
C THR A 129 -7.48 -15.52 -2.96
N MET A 130 -8.77 -15.48 -2.64
CA MET A 130 -9.23 -15.99 -1.36
C MET A 130 -8.34 -15.47 -0.23
N THR A 131 -7.38 -16.27 0.19
CA THR A 131 -6.45 -15.88 1.26
C THR A 131 -5.01 -15.93 0.75
N ALA A 132 -4.30 -14.84 0.93
CA ALA A 132 -2.91 -14.75 0.48
C ALA A 132 -2.03 -15.80 1.16
N GLU A 133 -2.27 -16.02 2.45
CA GLU A 133 -1.49 -16.99 3.20
C GLU A 133 -1.65 -18.39 2.61
N GLU A 134 -2.86 -18.74 2.20
CA GLU A 134 -3.09 -20.06 1.62
C GLU A 134 -2.31 -20.21 0.32
N PHE A 135 -2.40 -19.18 -0.51
CA PHE A 135 -1.71 -19.17 -1.78
C PHE A 135 -0.20 -19.18 -1.58
N THR A 136 0.30 -18.34 -0.69
CA THR A 136 1.75 -18.30 -0.46
C THR A 136 2.21 -19.66 0.04
N ASP A 137 1.43 -20.29 0.90
CA ASP A 137 1.82 -21.58 1.45
C ASP A 137 2.29 -22.51 0.33
N THR A 138 1.62 -22.48 -0.81
CA THR A 138 2.03 -23.33 -1.91
C THR A 138 3.44 -22.95 -2.37
N VAL A 139 3.68 -21.66 -2.54
CA VAL A 139 4.99 -21.18 -2.97
C VAL A 139 6.06 -21.50 -1.92
N PHE A 140 5.73 -21.24 -0.66
CA PHE A 140 6.66 -21.49 0.44
C PHE A 140 6.95 -22.98 0.55
N SER A 141 5.93 -23.80 0.33
CA SER A 141 6.10 -25.24 0.41
C SER A 141 7.09 -25.72 -0.62
N LYS A 142 7.02 -25.13 -1.82
CA LYS A 142 7.92 -25.52 -2.90
C LYS A 142 9.38 -25.29 -2.55
N ILE A 143 9.71 -24.11 -2.02
CA ILE A 143 11.10 -23.82 -1.67
C ILE A 143 11.48 -24.48 -0.34
N ASP A 144 10.57 -24.47 0.63
CA ASP A 144 10.84 -25.07 1.94
C ASP A 144 9.57 -25.62 2.56
N VAL A 145 9.45 -26.95 2.57
CA VAL A 145 8.28 -27.60 3.15
C VAL A 145 8.25 -27.42 4.66
N ASN A 146 9.44 -27.39 5.27
CA ASN A 146 9.54 -27.22 6.73
C ASN A 146 9.90 -25.78 7.08
N GLY A 147 9.09 -25.18 7.95
CA GLY A 147 9.33 -23.80 8.38
C GLY A 147 10.61 -23.71 9.20
N ASP A 148 11.21 -22.52 9.23
CA ASP A 148 12.46 -22.32 9.97
C ASP A 148 12.53 -20.91 10.55
N GLY A 149 13.35 -20.05 9.93
CA GLY A 149 13.50 -18.69 10.40
C GLY A 149 12.36 -17.79 9.93
N GLU A 150 12.37 -16.54 10.38
CA GLU A 150 11.33 -15.58 10.00
C GLU A 150 11.90 -14.48 9.11
N LEU A 151 12.78 -14.86 8.18
CA LEU A 151 13.40 -13.88 7.28
C LEU A 151 13.38 -14.42 5.84
N SER A 152 13.00 -13.56 4.87
CA SER A 152 12.94 -14.01 3.46
C SER A 152 13.22 -12.86 2.47
N LEU A 153 14.46 -12.79 1.96
CA LEU A 153 14.84 -11.74 0.99
C LEU A 153 14.56 -12.18 -0.45
N GLU A 154 15.39 -13.09 -0.97
CA GLU A 154 15.24 -13.53 -2.36
C GLU A 154 13.84 -14.07 -2.59
N GLU A 155 13.33 -14.79 -1.61
CA GLU A 155 12.00 -15.36 -1.77
C GLU A 155 11.01 -14.25 -2.10
N PHE A 156 11.13 -13.10 -1.43
CA PHE A 156 10.26 -11.98 -1.75
C PHE A 156 10.54 -11.53 -3.18
N MET A 157 11.83 -11.39 -3.48
CA MET A 157 12.26 -10.95 -4.79
C MET A 157 11.60 -11.81 -5.87
N GLU A 158 11.94 -13.10 -5.94
CA GLU A 158 11.36 -13.95 -6.95
C GLU A 158 9.84 -13.92 -6.87
N GLY A 159 9.32 -13.67 -5.68
CA GLY A 159 7.88 -13.59 -5.49
C GLY A 159 7.31 -12.45 -6.32
N VAL A 160 8.00 -11.31 -6.30
CA VAL A 160 7.56 -10.15 -7.06
C VAL A 160 7.64 -10.41 -8.56
N GLN A 161 8.73 -11.06 -8.97
CA GLN A 161 8.94 -11.38 -10.37
C GLN A 161 7.97 -12.45 -10.81
N LYS A 162 7.74 -13.40 -9.90
CA LYS A 162 6.84 -14.52 -10.17
C LYS A 162 5.94 -14.80 -8.96
N ASP A 163 4.62 -14.80 -9.21
CA ASP A 163 3.63 -15.05 -8.17
C ASP A 163 2.23 -14.92 -8.78
N GLN A 164 2.11 -13.99 -9.73
CA GLN A 164 0.84 -13.74 -10.41
C GLN A 164 -0.18 -13.11 -9.45
N MET A 165 -0.44 -13.78 -8.33
CA MET A 165 -1.39 -13.26 -7.36
C MET A 165 -0.82 -12.03 -6.65
N LEU A 166 0.47 -12.08 -6.31
CA LEU A 166 1.11 -10.94 -5.64
C LEU A 166 1.25 -9.78 -6.62
N LEU A 167 1.61 -10.11 -7.85
CA LEU A 167 1.79 -9.10 -8.89
C LEU A 167 0.49 -8.34 -9.09
N ASP A 168 -0.62 -9.07 -9.14
CA ASP A 168 -1.92 -8.43 -9.33
C ASP A 168 -2.20 -7.50 -8.16
N THR A 169 -1.85 -7.96 -6.96
CA THR A 169 -2.05 -7.17 -5.75
C THR A 169 -1.24 -5.88 -5.81
N LEU A 170 0.02 -6.01 -6.19
CA LEU A 170 0.92 -4.85 -6.27
C LEU A 170 0.40 -3.87 -7.31
N THR A 171 -0.15 -4.38 -8.40
CA THR A 171 -0.65 -3.53 -9.46
C THR A 171 -1.79 -2.64 -8.98
N ARG A 172 -2.72 -3.18 -8.20
CA ARG A 172 -3.85 -2.40 -7.73
C ARG A 172 -3.38 -1.20 -6.90
N SER A 173 -2.21 -1.35 -6.27
CA SER A 173 -1.66 -0.28 -5.43
C SER A 173 -1.41 0.97 -6.27
N LEU A 174 -0.89 0.78 -7.48
CA LEU A 174 -0.59 1.91 -8.35
C LEU A 174 -1.88 2.51 -8.92
N ASP A 175 -1.73 3.42 -9.89
CA ASP A 175 -2.86 4.10 -10.53
C ASP A 175 -3.56 5.05 -9.56
N LEU A 176 -3.34 4.83 -8.26
CA LEU A 176 -3.94 5.68 -7.23
C LEU A 176 -5.46 5.77 -7.39
N THR A 177 -5.92 6.55 -8.36
CA THR A 177 -7.35 6.73 -8.59
C THR A 177 -8.13 5.43 -8.33
N ARG A 178 -7.47 4.29 -8.49
CA ARG A 178 -8.13 3.01 -8.27
C ARG A 178 -8.14 2.65 -6.77
N ILE A 179 -7.05 2.97 -6.07
CA ILE A 179 -6.97 2.65 -4.64
C ILE A 179 -7.87 3.57 -3.83
N VAL A 180 -7.99 4.83 -4.24
CA VAL A 180 -8.81 5.77 -3.51
C VAL A 180 -10.29 5.42 -3.65
N ARG A 181 -10.67 4.91 -4.83
CA ARG A 181 -12.06 4.53 -5.05
C ARG A 181 -12.48 3.45 -4.06
N ARG A 182 -11.63 2.45 -3.91
CA ARG A 182 -11.91 1.35 -2.99
C ARG A 182 -11.94 1.86 -1.55
N LEU A 183 -11.03 2.77 -1.22
CA LEU A 183 -10.98 3.32 0.13
C LEU A 183 -12.27 4.09 0.44
N GLN A 184 -12.76 4.85 -0.54
CA GLN A 184 -14.00 5.60 -0.33
C GLN A 184 -15.18 4.66 -0.13
N ASN A 185 -15.19 3.57 -0.89
CA ASN A 185 -16.26 2.57 -0.78
C ASN A 185 -15.96 1.58 0.33
N GLY A 2 -8.82 14.79 -4.29
CA GLY A 2 -9.94 14.12 -3.63
C GLY A 2 -10.71 13.25 -4.62
N ASN A 3 -11.96 13.62 -4.86
CA ASN A 3 -12.81 12.87 -5.79
C ASN A 3 -12.58 13.33 -7.23
N ILE A 4 -11.61 14.23 -7.41
CA ILE A 4 -11.30 14.75 -8.74
C ILE A 4 -10.36 13.78 -9.47
N MET A 5 -10.21 12.58 -8.92
CA MET A 5 -9.33 11.57 -9.51
C MET A 5 -9.78 10.16 -9.11
N ASP A 6 -9.37 9.17 -9.91
CA ASP A 6 -9.74 7.77 -9.64
C ASP A 6 -8.53 7.02 -9.08
N GLY A 7 -8.28 5.83 -9.61
CA GLY A 7 -7.16 5.01 -9.16
C GLY A 7 -5.88 5.35 -9.92
N LYS A 8 -5.51 4.46 -10.85
CA LYS A 8 -4.31 4.66 -11.65
C LYS A 8 -4.37 5.94 -12.46
N SER A 9 -5.59 6.43 -12.70
CA SER A 9 -5.77 7.66 -13.46
C SER A 9 -4.97 8.79 -12.83
N VAL A 10 -4.93 8.81 -11.50
CA VAL A 10 -4.21 9.85 -10.79
C VAL A 10 -2.82 10.05 -11.42
N GLU A 11 -2.31 9.01 -12.08
CA GLU A 11 -1.00 9.10 -12.70
C GLU A 11 -0.97 10.26 -13.69
N GLU A 12 -2.13 10.55 -14.28
CA GLU A 12 -2.23 11.64 -15.23
C GLU A 12 -1.90 12.97 -14.55
N LEU A 13 -2.43 13.15 -13.34
CA LEU A 13 -2.17 14.36 -12.59
C LEU A 13 -0.68 14.46 -12.26
N SER A 14 -0.09 13.33 -11.88
CA SER A 14 1.32 13.30 -11.53
C SER A 14 2.20 13.34 -12.78
N SER A 15 1.66 12.92 -13.92
CA SER A 15 2.42 12.90 -15.16
C SER A 15 2.86 14.32 -15.55
N THR A 16 2.04 15.31 -15.26
CA THR A 16 2.36 16.69 -15.60
C THR A 16 3.22 17.32 -14.50
N GLU A 17 4.54 17.08 -14.58
CA GLU A 17 5.45 17.64 -13.59
C GLU A 17 5.03 17.27 -12.18
N CYS A 18 5.32 16.03 -11.79
CA CYS A 18 4.96 15.55 -10.45
C CYS A 18 5.60 16.44 -9.39
N HIS A 19 6.66 17.14 -9.77
CA HIS A 19 7.38 18.00 -8.85
C HIS A 19 6.44 19.06 -8.27
N GLN A 20 5.55 19.59 -9.10
CA GLN A 20 4.61 20.61 -8.65
C GLN A 20 3.83 20.14 -7.43
N TRP A 21 3.72 18.83 -7.27
CA TRP A 21 2.99 18.28 -6.13
C TRP A 21 3.65 18.70 -4.83
N TYR A 22 4.97 18.72 -4.82
CA TYR A 22 5.74 19.10 -3.64
C TYR A 22 5.46 20.55 -3.27
N LYS A 23 5.12 21.37 -4.26
CA LYS A 23 4.83 22.77 -4.00
C LYS A 23 3.67 22.90 -3.04
N LYS A 24 2.66 22.05 -3.21
CA LYS A 24 1.49 22.09 -2.33
C LYS A 24 1.91 21.82 -0.88
N PHE A 25 2.84 20.90 -0.70
CA PHE A 25 3.32 20.57 0.64
C PHE A 25 3.95 21.77 1.33
N MET A 26 4.80 22.48 0.61
CA MET A 26 5.49 23.64 1.17
C MET A 26 4.50 24.69 1.68
N THR A 27 3.48 25.00 0.88
CA THR A 27 2.51 26.00 1.29
C THR A 27 1.51 25.44 2.29
N GLU A 28 1.09 24.19 2.11
CA GLU A 28 0.11 23.59 3.00
C GLU A 28 0.65 23.47 4.43
N CYS A 29 1.84 22.87 4.57
CA CYS A 29 2.45 22.70 5.90
C CYS A 29 3.95 22.44 5.80
N PRO A 30 4.79 23.44 5.97
CA PRO A 30 6.27 23.26 5.90
C PRO A 30 6.78 22.15 6.85
N SER A 31 6.10 21.99 7.98
CA SER A 31 6.51 20.98 8.96
C SER A 31 6.54 19.60 8.32
N GLY A 32 7.56 18.82 8.67
CA GLY A 32 7.71 17.47 8.11
C GLY A 32 6.57 16.54 8.53
N GLN A 33 6.40 16.35 9.83
CA GLN A 33 5.35 15.47 10.31
C GLN A 33 3.98 16.11 10.14
N LEU A 34 3.00 15.29 9.76
CA LEU A 34 1.63 15.78 9.55
C LEU A 34 0.69 15.16 10.59
N THR A 35 -0.30 15.93 11.01
CA THR A 35 -1.26 15.46 12.01
C THR A 35 -2.28 14.51 11.39
N LEU A 36 -2.94 13.73 12.24
CA LEU A 36 -3.95 12.78 11.78
C LEU A 36 -5.13 13.51 11.14
N TYR A 37 -5.53 14.62 11.75
CA TYR A 37 -6.64 15.41 11.24
C TYR A 37 -6.25 16.02 9.89
N GLU A 38 -5.02 16.51 9.81
CA GLU A 38 -4.51 17.12 8.59
C GLU A 38 -4.55 16.11 7.45
N PHE A 39 -4.22 14.87 7.75
CA PHE A 39 -4.21 13.83 6.73
C PHE A 39 -5.56 13.77 6.02
N ARG A 40 -6.65 13.91 6.76
CA ARG A 40 -7.99 13.88 6.18
C ARG A 40 -8.08 14.83 4.99
N GLN A 41 -7.40 15.96 5.07
CA GLN A 41 -7.47 16.95 4.00
C GLN A 41 -7.12 16.28 2.67
N PHE A 42 -6.19 15.34 2.69
CA PHE A 42 -5.81 14.65 1.47
C PHE A 42 -7.04 13.94 0.90
N PHE A 43 -7.78 13.25 1.77
CA PHE A 43 -8.97 12.52 1.35
C PHE A 43 -10.19 13.44 1.34
N GLY A 44 -10.64 13.83 2.54
CA GLY A 44 -11.81 14.69 2.67
C GLY A 44 -13.07 13.84 2.85
N LEU A 45 -14.04 14.38 3.60
CA LEU A 45 -15.30 13.66 3.84
C LEU A 45 -16.38 14.20 2.90
N LYS A 46 -16.05 14.29 1.62
CA LYS A 46 -16.99 14.78 0.63
C LYS A 46 -18.21 13.87 0.55
N ASN A 47 -17.97 12.57 0.62
CA ASN A 47 -19.07 11.59 0.56
C ASN A 47 -18.53 10.18 0.82
N LEU A 48 -18.19 9.50 -0.27
CA LEU A 48 -17.67 8.14 -0.18
C LEU A 48 -18.49 7.32 0.83
N SER A 49 -17.83 6.68 1.80
CA SER A 49 -18.54 5.88 2.79
C SER A 49 -17.65 5.69 4.03
N PRO A 50 -18.22 5.55 5.20
CA PRO A 50 -17.41 5.37 6.45
C PRO A 50 -16.65 4.04 6.45
N TRP A 51 -17.30 2.99 5.93
CA TRP A 51 -16.66 1.68 5.88
C TRP A 51 -15.43 1.72 4.98
N ALA A 52 -15.61 2.30 3.80
CA ALA A 52 -14.52 2.42 2.84
C ALA A 52 -13.39 3.27 3.41
N SER A 53 -13.75 4.28 4.20
CA SER A 53 -12.75 5.14 4.83
C SER A 53 -12.16 4.45 6.04
N GLN A 54 -12.92 3.51 6.60
CA GLN A 54 -12.46 2.77 7.77
C GLN A 54 -11.23 1.94 7.46
N TYR A 55 -11.18 1.34 6.27
CA TYR A 55 -10.03 0.52 5.92
C TYR A 55 -8.75 1.35 5.98
N VAL A 56 -8.77 2.56 5.43
CA VAL A 56 -7.58 3.40 5.43
C VAL A 56 -7.12 3.68 6.86
N GLU A 57 -8.07 3.93 7.76
CA GLU A 57 -7.71 4.23 9.14
C GLU A 57 -6.93 3.06 9.73
N GLN A 58 -7.42 1.84 9.51
CA GLN A 58 -6.73 0.65 10.02
C GLN A 58 -5.41 0.47 9.28
N MET A 59 -5.44 0.76 7.99
CA MET A 59 -4.24 0.62 7.18
C MET A 59 -3.13 1.48 7.75
N PHE A 60 -3.50 2.63 8.32
CA PHE A 60 -2.50 3.52 8.89
C PHE A 60 -1.49 2.71 9.71
N GLU A 61 -1.91 1.53 10.17
CA GLU A 61 -1.02 0.67 10.95
C GLU A 61 0.21 0.31 10.11
N THR A 62 -0.01 -0.01 8.84
CA THR A 62 1.10 -0.36 7.95
C THR A 62 1.80 0.87 7.41
N PHE A 63 1.02 1.86 6.98
CA PHE A 63 1.62 3.08 6.44
C PHE A 63 2.45 3.75 7.52
N ASP A 64 1.88 3.90 8.71
CA ASP A 64 2.60 4.50 9.84
C ASP A 64 2.73 3.50 10.98
N PHE A 65 3.87 2.82 11.03
CA PHE A 65 4.11 1.84 12.08
C PHE A 65 4.30 2.54 13.42
N ASN A 66 4.72 3.80 13.37
CA ASN A 66 4.92 4.57 14.60
C ASN A 66 3.62 5.24 15.00
N LYS A 67 2.88 4.60 15.90
CA LYS A 67 1.60 5.13 16.35
C LYS A 67 1.80 6.31 17.29
N ASP A 68 1.38 7.49 16.84
CA ASP A 68 1.51 8.70 17.65
C ASP A 68 0.57 9.79 17.16
N GLY A 69 -0.26 9.45 16.17
CA GLY A 69 -1.20 10.42 15.63
C GLY A 69 -0.52 11.32 14.60
N TYR A 70 0.75 11.00 14.30
CA TYR A 70 1.52 11.78 13.34
C TYR A 70 2.14 10.84 12.31
N ILE A 71 2.34 11.35 11.09
CA ILE A 71 2.94 10.55 10.00
C ILE A 71 4.25 11.18 9.51
N ASP A 72 5.18 10.33 9.10
CA ASP A 72 6.49 10.78 8.62
C ASP A 72 6.43 11.29 7.18
N PHE A 73 7.16 12.37 6.94
CA PHE A 73 7.23 12.98 5.60
C PHE A 73 7.98 12.09 4.61
N MET A 74 9.04 11.45 5.08
CA MET A 74 9.86 10.63 4.20
C MET A 74 9.05 9.51 3.56
N GLU A 75 8.21 8.85 4.34
CA GLU A 75 7.38 7.78 3.81
C GLU A 75 6.40 8.35 2.80
N TYR A 76 5.85 9.52 3.11
CA TYR A 76 4.89 10.19 2.24
C TYR A 76 5.51 10.42 0.86
N GLU A 77 6.76 10.87 0.84
CA GLU A 77 7.44 11.13 -0.42
C GLU A 77 7.48 9.86 -1.25
N ALA A 78 7.80 8.75 -0.61
CA ALA A 78 7.85 7.46 -1.30
C ALA A 78 6.47 7.11 -1.84
N ALA A 79 5.43 7.55 -1.13
CA ALA A 79 4.06 7.27 -1.54
C ALA A 79 3.79 7.83 -2.93
N LEU A 80 4.33 9.01 -3.22
CA LEU A 80 4.12 9.63 -4.53
C LEU A 80 4.43 8.61 -5.62
N SER A 81 5.25 7.61 -5.30
CA SER A 81 5.59 6.60 -6.28
C SER A 81 4.33 5.89 -6.77
N LEU A 82 3.40 5.64 -5.85
CA LEU A 82 2.16 4.96 -6.21
C LEU A 82 1.50 5.60 -7.43
N VAL A 83 1.80 6.87 -7.68
CA VAL A 83 1.20 7.56 -8.82
C VAL A 83 1.47 6.81 -10.12
N LEU A 84 2.56 6.05 -10.16
CA LEU A 84 2.89 5.30 -11.37
C LEU A 84 1.75 4.35 -11.72
N LYS A 85 1.70 3.20 -11.05
CA LYS A 85 0.65 2.20 -11.28
C LYS A 85 0.03 1.80 -9.95
N GLY A 86 0.72 2.12 -8.86
CA GLY A 86 0.24 1.78 -7.52
C GLY A 86 0.84 0.45 -7.07
N LYS A 87 1.05 0.32 -5.75
CA LYS A 87 1.61 -0.90 -5.19
C LYS A 87 2.70 -1.47 -6.12
N VAL A 88 3.46 -0.58 -6.74
CA VAL A 88 4.52 -0.99 -7.65
C VAL A 88 5.67 -1.65 -6.89
N GLU A 89 6.61 -2.22 -7.62
CA GLU A 89 7.74 -2.91 -7.00
C GLU A 89 8.59 -1.97 -6.15
N GLN A 90 8.76 -0.73 -6.59
CA GLN A 90 9.56 0.21 -5.82
C GLN A 90 8.84 0.64 -4.54
N LYS A 91 7.51 0.74 -4.60
CA LYS A 91 6.73 1.13 -3.44
C LYS A 91 6.81 0.06 -2.36
N LEU A 92 6.81 -1.20 -2.78
CA LEU A 92 6.85 -2.32 -1.84
C LEU A 92 8.13 -2.27 -1.01
N ARG A 93 9.19 -1.68 -1.55
CA ARG A 93 10.45 -1.59 -0.82
C ARG A 93 10.24 -0.81 0.47
N TRP A 94 9.46 0.27 0.40
CA TRP A 94 9.19 1.08 1.58
C TRP A 94 8.36 0.29 2.59
N TYR A 95 7.42 -0.52 2.11
CA TYR A 95 6.60 -1.31 3.01
C TYR A 95 7.48 -2.27 3.82
N PHE A 96 8.49 -2.83 3.17
CA PHE A 96 9.39 -3.75 3.86
C PHE A 96 10.24 -3.00 4.89
N LYS A 97 10.49 -1.72 4.61
CA LYS A 97 11.31 -0.90 5.52
C LYS A 97 10.67 -0.83 6.90
N LEU A 98 9.35 -0.64 6.95
CA LEU A 98 8.67 -0.54 8.23
C LEU A 98 8.97 -1.77 9.10
N TYR A 99 8.99 -2.93 8.47
CA TYR A 99 9.27 -4.18 9.19
C TYR A 99 10.67 -4.15 9.79
N ASP A 100 11.65 -3.74 9.00
CA ASP A 100 13.02 -3.70 9.47
C ASP A 100 13.13 -2.95 10.78
N VAL A 101 13.70 -3.63 11.79
CA VAL A 101 13.87 -3.03 13.11
C VAL A 101 15.28 -3.30 13.62
N ASP A 102 15.66 -4.59 13.64
CA ASP A 102 17.00 -4.98 14.09
C ASP A 102 17.96 -5.05 12.91
N GLY A 103 17.48 -4.68 11.72
CA GLY A 103 18.32 -4.70 10.53
C GLY A 103 18.50 -6.12 10.02
N ASN A 104 17.67 -7.04 10.51
CA ASN A 104 17.76 -8.44 10.09
C ASN A 104 17.52 -8.57 8.59
N GLY A 105 16.53 -7.86 8.08
CA GLY A 105 16.22 -7.92 6.66
C GLY A 105 15.42 -9.18 6.32
N CYS A 106 15.28 -9.48 5.04
CA CYS A 106 14.54 -10.64 4.59
C CYS A 106 13.04 -10.47 4.87
N ILE A 107 12.23 -11.36 4.30
CA ILE A 107 10.78 -11.30 4.48
C ILE A 107 10.24 -12.59 5.09
N ASP A 108 9.48 -12.46 6.18
CA ASP A 108 8.90 -13.62 6.87
C ASP A 108 7.42 -13.74 6.52
N ARG A 109 7.00 -14.95 6.14
CA ARG A 109 5.60 -15.16 5.77
C ARG A 109 4.68 -15.00 6.98
N ASP A 110 5.17 -15.37 8.16
CA ASP A 110 4.36 -15.27 9.37
C ASP A 110 4.00 -13.82 9.65
N GLU A 111 4.97 -12.93 9.56
CA GLU A 111 4.72 -11.53 9.80
C GLU A 111 3.88 -10.95 8.67
N LEU A 112 4.17 -11.39 7.47
CA LEU A 112 3.46 -10.92 6.29
C LEU A 112 1.97 -11.26 6.37
N LEU A 113 1.64 -12.50 6.73
CA LEU A 113 0.24 -12.92 6.81
C LEU A 113 -0.50 -12.13 7.90
N THR A 114 0.26 -11.57 8.83
CA THR A 114 -0.33 -10.78 9.90
C THR A 114 -0.58 -9.35 9.46
N ILE A 115 0.24 -8.85 8.53
CA ILE A 115 0.05 -7.51 8.02
C ILE A 115 -1.07 -7.57 6.97
N ILE A 116 -1.13 -8.70 6.26
CA ILE A 116 -2.12 -8.90 5.21
C ILE A 116 -3.47 -8.33 5.64
N ARG A 117 -3.91 -8.56 6.88
CA ARG A 117 -5.23 -8.05 7.28
C ARG A 117 -5.28 -6.54 7.12
N ALA A 118 -4.21 -5.85 7.52
CA ALA A 118 -4.17 -4.40 7.38
C ALA A 118 -4.25 -4.01 5.91
N ILE A 119 -3.52 -4.74 5.08
CA ILE A 119 -3.50 -4.48 3.64
C ILE A 119 -4.86 -4.81 3.02
N ARG A 120 -5.44 -5.92 3.45
CA ARG A 120 -6.75 -6.39 2.95
C ARG A 120 -6.59 -7.09 1.60
N ALA A 121 -6.71 -8.42 1.62
CA ALA A 121 -6.59 -9.22 0.38
C ALA A 121 -7.78 -10.17 0.27
N ILE A 122 -8.95 -9.70 0.70
CA ILE A 122 -10.17 -10.50 0.66
C ILE A 122 -10.53 -10.87 -0.79
N ASN A 123 -10.37 -9.91 -1.70
CA ASN A 123 -10.71 -10.15 -3.10
C ASN A 123 -10.13 -11.50 -3.57
N PRO A 124 -10.97 -12.49 -3.88
CA PRO A 124 -10.47 -13.81 -4.38
C PRO A 124 -9.52 -13.69 -5.57
N CYS A 125 -8.46 -14.49 -5.55
CA CYS A 125 -7.48 -14.47 -6.62
C CYS A 125 -6.70 -15.79 -6.66
N SER A 126 -7.19 -16.77 -5.91
CA SER A 126 -6.54 -18.08 -5.86
C SER A 126 -7.55 -19.16 -5.49
N ASP A 127 -7.20 -20.42 -5.74
CA ASP A 127 -8.09 -21.52 -5.42
C ASP A 127 -8.28 -21.65 -3.92
N SER A 128 -7.28 -21.20 -3.15
CA SER A 128 -7.35 -21.27 -1.70
C SER A 128 -8.52 -20.44 -1.19
N THR A 129 -8.68 -19.24 -1.73
CA THR A 129 -9.77 -18.36 -1.32
C THR A 129 -9.88 -18.34 0.20
N MET A 130 -11.09 -18.58 0.70
CA MET A 130 -11.31 -18.59 2.15
C MET A 130 -10.73 -17.34 2.80
N THR A 131 -9.88 -17.53 3.79
CA THR A 131 -9.26 -16.40 4.50
C THR A 131 -8.10 -15.82 3.69
N ALA A 132 -7.74 -14.59 4.01
CA ALA A 132 -6.63 -13.92 3.33
C ALA A 132 -5.30 -14.58 3.69
N GLU A 133 -5.16 -14.95 4.95
CA GLU A 133 -3.92 -15.57 5.44
C GLU A 133 -3.63 -16.89 4.72
N GLU A 134 -4.67 -17.63 4.37
CA GLU A 134 -4.50 -18.90 3.67
C GLU A 134 -4.04 -18.62 2.25
N PHE A 135 -4.62 -17.57 1.69
CA PHE A 135 -4.30 -17.13 0.34
C PHE A 135 -2.80 -16.78 0.23
N THR A 136 -2.32 -16.02 1.21
CA THR A 136 -0.91 -15.63 1.22
C THR A 136 -0.02 -16.86 1.37
N ASP A 137 -0.45 -17.78 2.22
CA ASP A 137 0.30 -19.01 2.45
C ASP A 137 0.38 -19.83 1.16
N THR A 138 -0.74 -19.86 0.44
CA THR A 138 -0.79 -20.60 -0.82
C THR A 138 0.16 -19.99 -1.85
N VAL A 139 0.17 -18.66 -1.91
CA VAL A 139 1.03 -17.96 -2.85
C VAL A 139 2.51 -18.30 -2.61
N PHE A 140 2.92 -18.27 -1.34
CA PHE A 140 4.30 -18.56 -1.00
C PHE A 140 4.65 -20.00 -1.40
N SER A 141 3.73 -20.92 -1.14
CA SER A 141 3.96 -22.32 -1.48
C SER A 141 4.05 -22.49 -2.99
N LYS A 142 3.23 -21.75 -3.72
CA LYS A 142 3.22 -21.83 -5.18
C LYS A 142 4.56 -21.41 -5.77
N ILE A 143 5.09 -20.28 -5.31
CA ILE A 143 6.38 -19.79 -5.83
C ILE A 143 7.54 -20.48 -5.15
N ASP A 144 7.40 -20.73 -3.84
CA ASP A 144 8.46 -21.40 -3.07
C ASP A 144 8.02 -22.80 -2.66
N VAL A 145 8.95 -23.75 -2.74
CA VAL A 145 8.65 -25.13 -2.40
C VAL A 145 8.21 -25.27 -0.95
N ASN A 146 8.72 -24.40 -0.07
CA ASN A 146 8.36 -24.46 1.34
C ASN A 146 8.54 -23.10 2.01
N GLY A 147 9.65 -22.44 1.72
CA GLY A 147 9.93 -21.13 2.31
C GLY A 147 10.29 -21.26 3.79
N ASP A 148 10.84 -22.41 4.16
CA ASP A 148 11.24 -22.63 5.55
C ASP A 148 12.29 -21.59 5.97
N GLY A 149 13.22 -21.31 5.06
CA GLY A 149 14.27 -20.32 5.33
C GLY A 149 13.84 -18.94 4.88
N GLU A 150 12.78 -18.41 5.50
CA GLU A 150 12.28 -17.09 5.14
C GLU A 150 12.20 -16.94 3.63
N LEU A 151 12.07 -15.70 3.15
CA LEU A 151 11.97 -15.43 1.71
C LEU A 151 12.91 -14.29 1.33
N SER A 152 13.50 -14.38 0.14
CA SER A 152 14.43 -13.35 -0.34
C SER A 152 13.71 -12.37 -1.28
N LEU A 153 14.34 -11.23 -1.52
CA LEU A 153 13.76 -10.19 -2.36
C LEU A 153 13.50 -10.66 -3.79
N GLU A 154 14.38 -11.48 -4.35
CA GLU A 154 14.22 -11.92 -5.73
C GLU A 154 12.87 -12.59 -5.95
N GLU A 155 12.40 -13.35 -4.98
CA GLU A 155 11.12 -14.03 -5.12
C GLU A 155 9.99 -13.02 -5.31
N PHE A 156 10.07 -11.90 -4.58
CA PHE A 156 9.06 -10.86 -4.71
C PHE A 156 9.24 -10.18 -6.07
N MET A 157 10.50 -10.04 -6.46
CA MET A 157 10.81 -9.43 -7.76
C MET A 157 10.20 -10.28 -8.86
N GLU A 158 10.73 -11.51 -8.99
CA GLU A 158 10.26 -12.42 -10.03
C GLU A 158 8.74 -12.56 -9.95
N GLY A 159 8.20 -12.50 -8.74
CA GLY A 159 6.76 -12.62 -8.57
C GLY A 159 6.04 -11.51 -9.34
N VAL A 160 6.59 -10.31 -9.28
CA VAL A 160 6.01 -9.16 -9.98
C VAL A 160 6.08 -9.36 -11.50
N GLN A 161 7.23 -9.81 -11.98
CA GLN A 161 7.43 -10.04 -13.41
C GLN A 161 6.63 -11.25 -13.84
N LYS A 162 6.64 -12.25 -12.97
CA LYS A 162 5.94 -13.51 -13.24
C LYS A 162 4.47 -13.41 -12.88
N ASP A 163 3.63 -14.01 -13.73
CA ASP A 163 2.18 -14.02 -13.52
C ASP A 163 1.55 -12.68 -13.89
N GLN A 164 1.71 -11.68 -13.02
CA GLN A 164 1.11 -10.36 -13.26
C GLN A 164 -0.36 -10.41 -12.88
N MET A 165 -0.92 -11.62 -12.93
CA MET A 165 -2.32 -11.83 -12.55
C MET A 165 -2.47 -11.66 -11.04
N LEU A 166 -1.46 -12.12 -10.31
CA LEU A 166 -1.49 -11.99 -8.85
C LEU A 166 -1.39 -10.52 -8.48
N LEU A 167 -0.37 -9.86 -9.00
CA LEU A 167 -0.14 -8.46 -8.72
C LEU A 167 -1.36 -7.65 -9.14
N ASP A 168 -1.96 -8.00 -10.26
CA ASP A 168 -3.13 -7.29 -10.74
C ASP A 168 -4.24 -7.32 -9.71
N THR A 169 -4.48 -8.49 -9.11
CA THR A 169 -5.53 -8.60 -8.10
C THR A 169 -5.12 -7.87 -6.83
N LEU A 170 -3.84 -7.98 -6.47
CA LEU A 170 -3.35 -7.33 -5.27
C LEU A 170 -3.47 -5.81 -5.38
N THR A 171 -3.21 -5.28 -6.56
CA THR A 171 -3.29 -3.83 -6.74
C THR A 171 -4.72 -3.34 -6.50
N ARG A 172 -5.69 -4.03 -7.07
CA ARG A 172 -7.08 -3.61 -6.90
C ARG A 172 -7.48 -3.60 -5.43
N SER A 173 -7.06 -4.62 -4.69
CA SER A 173 -7.41 -4.70 -3.28
C SER A 173 -6.89 -3.51 -2.49
N LEU A 174 -5.62 -3.14 -2.68
CA LEU A 174 -5.03 -2.02 -1.95
C LEU A 174 -6.05 -0.88 -1.76
N ASP A 175 -6.05 -0.29 -0.57
CA ASP A 175 -6.99 0.80 -0.27
C ASP A 175 -6.39 2.14 -0.66
N LEU A 176 -5.57 2.71 0.22
CA LEU A 176 -4.95 4.01 -0.05
C LEU A 176 -5.95 4.96 -0.71
N THR A 177 -5.43 5.99 -1.36
CA THR A 177 -6.26 6.98 -2.03
C THR A 177 -6.92 6.39 -3.26
N ARG A 178 -6.33 5.36 -3.81
CA ARG A 178 -6.89 4.72 -4.99
C ARG A 178 -8.25 4.11 -4.65
N ILE A 179 -8.46 3.80 -3.37
CA ILE A 179 -9.72 3.22 -2.93
C ILE A 179 -10.88 4.03 -3.50
N VAL A 180 -10.65 5.31 -3.74
CA VAL A 180 -11.69 6.16 -4.30
C VAL A 180 -12.20 5.60 -5.63
N ARG A 181 -11.37 4.81 -6.30
CA ARG A 181 -11.76 4.23 -7.58
C ARG A 181 -12.97 3.30 -7.43
N ARG A 182 -13.13 2.71 -6.24
CA ARG A 182 -14.25 1.81 -6.01
C ARG A 182 -15.56 2.58 -6.15
N LEU A 183 -15.57 3.81 -5.66
CA LEU A 183 -16.75 4.67 -5.73
C LEU A 183 -17.17 4.89 -7.18
N GLN A 184 -16.19 5.16 -8.04
CA GLN A 184 -16.48 5.40 -9.45
C GLN A 184 -17.17 4.19 -10.08
N ASN A 185 -16.66 3.00 -9.77
CA ASN A 185 -17.23 1.77 -10.32
C ASN A 185 -18.42 1.31 -9.48
N GLY A 2 -10.02 18.25 -7.19
CA GLY A 2 -11.19 17.90 -7.99
C GLY A 2 -12.44 17.82 -7.13
N ASN A 3 -12.35 18.35 -5.91
CA ASN A 3 -13.48 18.32 -4.98
C ASN A 3 -14.25 17.01 -5.08
N ILE A 4 -13.93 16.07 -4.19
CA ILE A 4 -14.60 14.77 -4.18
C ILE A 4 -14.37 14.05 -5.51
N MET A 5 -14.13 12.75 -5.44
CA MET A 5 -13.90 11.97 -6.65
C MET A 5 -15.15 11.94 -7.51
N ASP A 6 -14.96 12.03 -8.82
CA ASP A 6 -16.08 12.01 -9.76
C ASP A 6 -15.65 11.50 -11.12
N GLY A 7 -15.71 10.18 -11.30
CA GLY A 7 -15.33 9.57 -12.56
C GLY A 7 -13.82 9.37 -12.64
N LYS A 8 -13.38 8.62 -13.66
CA LYS A 8 -11.96 8.35 -13.84
C LYS A 8 -11.23 9.60 -14.31
N SER A 9 -11.96 10.53 -14.93
CA SER A 9 -11.35 11.75 -15.44
C SER A 9 -10.69 12.54 -14.33
N VAL A 10 -11.26 12.49 -13.13
CA VAL A 10 -10.70 13.19 -11.98
C VAL A 10 -9.30 12.66 -11.69
N GLU A 11 -9.15 11.35 -11.84
CA GLU A 11 -7.86 10.72 -11.59
C GLU A 11 -6.75 11.45 -12.34
N GLU A 12 -7.10 12.11 -13.43
CA GLU A 12 -6.10 12.82 -14.22
C GLU A 12 -5.37 13.84 -13.33
N LEU A 13 -6.05 14.35 -12.30
CA LEU A 13 -5.42 15.31 -11.40
C LEU A 13 -4.22 14.65 -10.73
N SER A 14 -4.44 13.43 -10.27
CA SER A 14 -3.39 12.65 -9.62
C SER A 14 -2.28 12.29 -10.60
N SER A 15 -2.68 12.02 -11.84
CA SER A 15 -1.74 11.64 -12.89
C SER A 15 -0.68 12.71 -13.10
N THR A 16 -1.08 13.97 -12.99
CA THR A 16 -0.15 15.09 -13.17
C THR A 16 1.25 14.77 -12.63
N GLU A 17 2.24 15.53 -13.08
CA GLU A 17 3.61 15.31 -12.66
C GLU A 17 3.72 15.17 -11.14
N CYS A 18 4.51 14.19 -10.71
CA CYS A 18 4.71 13.92 -9.29
C CYS A 18 5.32 15.13 -8.59
N HIS A 19 6.29 15.77 -9.24
CA HIS A 19 6.96 16.92 -8.66
C HIS A 19 5.96 18.03 -8.36
N GLN A 20 4.83 18.02 -9.07
CA GLN A 20 3.81 19.04 -8.84
C GLN A 20 3.29 18.96 -7.41
N TRP A 21 3.13 17.74 -6.90
CA TRP A 21 2.64 17.55 -5.54
C TRP A 21 3.61 18.14 -4.53
N TYR A 22 4.91 18.01 -4.78
CA TYR A 22 5.91 18.55 -3.88
C TYR A 22 5.73 20.06 -3.76
N LYS A 23 5.54 20.72 -4.89
CA LYS A 23 5.32 22.16 -4.91
C LYS A 23 4.01 22.50 -4.22
N LYS A 24 3.01 21.67 -4.46
CA LYS A 24 1.69 21.87 -3.86
C LYS A 24 1.78 21.84 -2.34
N PHE A 25 2.57 20.93 -1.80
CA PHE A 25 2.73 20.82 -0.35
C PHE A 25 3.24 22.13 0.24
N MET A 26 4.30 22.67 -0.37
CA MET A 26 4.87 23.92 0.12
C MET A 26 3.84 25.04 0.02
N THR A 27 3.14 25.08 -1.11
CA THR A 27 2.13 26.11 -1.34
C THR A 27 0.98 25.99 -0.34
N GLU A 28 0.51 24.78 -0.09
CA GLU A 28 -0.61 24.59 0.83
C GLU A 28 -0.22 25.02 2.24
N CYS A 29 0.72 24.31 2.85
CA CYS A 29 1.15 24.65 4.21
C CYS A 29 2.36 23.80 4.61
N PRO A 30 3.23 24.32 5.47
CA PRO A 30 4.43 23.56 5.93
C PRO A 30 4.02 22.36 6.79
N SER A 31 2.85 22.46 7.41
CA SER A 31 2.33 21.39 8.26
C SER A 31 3.27 21.10 9.44
N GLY A 32 4.44 20.55 9.14
CA GLY A 32 5.41 20.21 10.19
C GLY A 32 5.16 18.80 10.70
N GLN A 33 4.35 18.68 11.75
CA GLN A 33 4.02 17.37 12.33
C GLN A 33 2.69 16.90 11.74
N LEU A 34 2.62 15.63 11.33
CA LEU A 34 1.39 15.10 10.73
C LEU A 34 0.76 14.04 11.65
N THR A 35 -0.57 14.00 11.67
CA THR A 35 -1.34 13.07 12.51
C THR A 35 -2.34 12.30 11.66
N LEU A 36 -3.11 11.43 12.31
CA LEU A 36 -4.11 10.62 11.60
C LEU A 36 -5.18 11.48 10.93
N TYR A 37 -5.66 12.50 11.62
CA TYR A 37 -6.68 13.37 11.04
C TYR A 37 -6.10 14.20 9.92
N GLU A 38 -4.90 14.72 10.15
CA GLU A 38 -4.23 15.52 9.15
C GLU A 38 -3.95 14.66 7.92
N PHE A 39 -3.55 13.42 8.18
CA PHE A 39 -3.25 12.50 7.09
C PHE A 39 -4.39 12.51 6.07
N ARG A 40 -5.60 12.76 6.54
CA ARG A 40 -6.75 12.81 5.63
C ARG A 40 -6.44 13.75 4.47
N GLN A 41 -5.60 14.73 4.73
CA GLN A 41 -5.26 15.72 3.71
C GLN A 41 -4.70 15.04 2.46
N PHE A 42 -4.07 13.87 2.63
CA PHE A 42 -3.51 13.14 1.49
C PHE A 42 -4.61 12.60 0.57
N PHE A 43 -5.82 12.44 1.10
CA PHE A 43 -6.94 11.88 0.32
C PHE A 43 -6.87 12.30 -1.15
N GLY A 44 -6.66 13.58 -1.40
CA GLY A 44 -6.58 14.07 -2.76
C GLY A 44 -7.96 14.03 -3.43
N LEU A 45 -8.71 12.97 -3.17
CA LEU A 45 -10.05 12.83 -3.74
C LEU A 45 -10.84 11.72 -3.06
N LYS A 46 -10.25 11.07 -2.07
CA LYS A 46 -10.93 9.98 -1.36
C LYS A 46 -11.73 10.54 -0.18
N ASN A 47 -13.02 10.77 -0.39
CA ASN A 47 -13.89 11.29 0.66
C ASN A 47 -15.30 10.72 0.53
N LEU A 48 -15.62 9.74 1.37
CA LEU A 48 -16.94 9.12 1.36
C LEU A 48 -17.26 8.48 2.71
N SER A 49 -17.98 9.22 3.56
CA SER A 49 -18.35 8.73 4.87
C SER A 49 -17.10 8.46 5.73
N PRO A 50 -17.14 8.74 7.02
CA PRO A 50 -15.97 8.52 7.93
C PRO A 50 -15.67 7.03 8.14
N TRP A 51 -16.66 6.19 7.90
CA TRP A 51 -16.48 4.75 8.08
C TRP A 51 -15.35 4.25 7.19
N ALA A 52 -15.42 4.58 5.91
CA ALA A 52 -14.40 4.16 4.96
C ALA A 52 -13.02 4.70 5.35
N SER A 53 -13.01 5.88 5.94
CA SER A 53 -11.77 6.48 6.40
C SER A 53 -11.17 5.65 7.52
N GLN A 54 -12.03 5.17 8.40
CA GLN A 54 -11.61 4.37 9.56
C GLN A 54 -10.86 3.09 9.16
N TYR A 55 -11.09 2.58 7.96
CA TYR A 55 -10.38 1.37 7.53
C TYR A 55 -8.94 1.72 7.16
N VAL A 56 -8.71 2.96 6.76
CA VAL A 56 -7.37 3.40 6.38
C VAL A 56 -6.40 3.19 7.54
N GLU A 57 -6.87 3.46 8.77
CA GLU A 57 -6.00 3.32 9.93
C GLU A 57 -5.23 2.00 9.87
N GLN A 58 -5.90 0.93 9.44
CA GLN A 58 -5.24 -0.37 9.34
C GLN A 58 -4.15 -0.34 8.28
N MET A 59 -4.45 0.31 7.15
CA MET A 59 -3.48 0.43 6.07
C MET A 59 -2.28 1.24 6.56
N PHE A 60 -2.58 2.27 7.33
CA PHE A 60 -1.56 3.14 7.89
C PHE A 60 -0.44 2.30 8.51
N GLU A 61 -0.80 1.11 8.97
CA GLU A 61 0.18 0.24 9.59
C GLU A 61 1.32 -0.07 8.62
N THR A 62 0.99 -0.32 7.36
CA THR A 62 2.01 -0.60 6.36
C THR A 62 2.80 0.65 6.03
N PHE A 63 2.11 1.79 5.93
CA PHE A 63 2.76 3.05 5.61
C PHE A 63 3.67 3.49 6.75
N ASP A 64 3.22 3.29 7.98
CA ASP A 64 4.00 3.67 9.16
C ASP A 64 4.38 2.45 9.98
N PHE A 65 5.63 2.01 9.84
CA PHE A 65 6.11 0.84 10.57
C PHE A 65 6.28 1.12 12.06
N ASN A 66 6.42 2.40 12.41
CA ASN A 66 6.60 2.80 13.81
C ASN A 66 5.28 3.27 14.41
N LYS A 67 4.17 2.85 13.79
CA LYS A 67 2.83 3.22 14.24
C LYS A 67 2.80 4.63 14.85
N ASP A 68 2.56 4.71 16.15
CA ASP A 68 2.50 6.01 16.83
C ASP A 68 1.57 6.98 16.09
N GLY A 69 1.28 8.11 16.72
CA GLY A 69 0.40 9.11 16.13
C GLY A 69 1.20 10.21 15.44
N TYR A 70 2.51 10.02 15.34
CA TYR A 70 3.38 11.01 14.72
C TYR A 70 3.96 10.48 13.40
N ILE A 71 3.83 11.29 12.35
CA ILE A 71 4.37 10.92 11.03
C ILE A 71 4.99 12.14 10.37
N ASP A 72 6.07 11.89 9.60
CA ASP A 72 6.78 12.96 8.89
C ASP A 72 6.29 13.06 7.45
N PHE A 73 5.88 14.26 7.07
CA PHE A 73 5.38 14.47 5.72
C PHE A 73 6.52 14.45 4.70
N MET A 74 7.70 14.90 5.11
CA MET A 74 8.84 14.95 4.20
C MET A 74 9.20 13.56 3.71
N GLU A 75 9.31 12.60 4.61
CA GLU A 75 9.63 11.23 4.22
C GLU A 75 8.45 10.61 3.49
N TYR A 76 7.25 11.01 3.89
CA TYR A 76 6.05 10.49 3.30
C TYR A 76 6.01 10.78 1.80
N GLU A 77 6.50 11.95 1.39
CA GLU A 77 6.48 12.28 -0.04
C GLU A 77 6.94 11.08 -0.86
N ALA A 78 7.98 10.39 -0.37
CA ALA A 78 8.47 9.22 -1.08
C ALA A 78 7.39 8.15 -1.11
N ALA A 79 6.69 8.00 0.01
CA ALA A 79 5.61 7.01 0.13
C ALA A 79 4.49 7.34 -0.84
N LEU A 80 4.19 8.62 -0.98
CA LEU A 80 3.12 9.07 -1.86
C LEU A 80 3.42 8.66 -3.30
N SER A 81 4.69 8.77 -3.68
CA SER A 81 5.09 8.41 -5.04
C SER A 81 4.80 6.95 -5.35
N LEU A 82 5.03 6.07 -4.37
CA LEU A 82 4.81 4.63 -4.58
C LEU A 82 3.32 4.32 -4.77
N VAL A 83 2.45 5.20 -4.30
CA VAL A 83 1.01 4.97 -4.42
C VAL A 83 0.61 4.83 -5.89
N LEU A 84 1.14 5.72 -6.74
CA LEU A 84 0.83 5.68 -8.17
C LEU A 84 1.89 4.84 -8.90
N LYS A 85 1.49 4.21 -9.99
CA LYS A 85 2.40 3.37 -10.75
C LYS A 85 3.42 4.21 -11.51
N GLY A 86 4.61 3.63 -11.70
CA GLY A 86 5.69 4.32 -12.41
C GLY A 86 7.04 3.78 -11.97
N LYS A 87 7.72 4.53 -11.11
CA LYS A 87 9.03 4.13 -10.60
C LYS A 87 9.00 2.65 -10.19
N VAL A 88 10.11 1.95 -10.44
CA VAL A 88 10.20 0.52 -10.11
C VAL A 88 11.31 0.25 -9.09
N GLU A 89 12.50 0.77 -9.35
CA GLU A 89 13.62 0.54 -8.44
C GLU A 89 13.33 1.15 -7.07
N GLN A 90 12.87 2.40 -7.06
CA GLN A 90 12.55 3.07 -5.81
C GLN A 90 11.36 2.38 -5.15
N LYS A 91 10.41 1.97 -5.97
CA LYS A 91 9.22 1.29 -5.48
C LYS A 91 9.61 0.00 -4.75
N LEU A 92 10.54 -0.74 -5.32
CA LEU A 92 10.97 -1.99 -4.71
C LEU A 92 11.55 -1.74 -3.32
N ARG A 93 12.38 -0.71 -3.19
CA ARG A 93 12.99 -0.38 -1.91
C ARG A 93 11.92 -0.04 -0.86
N TRP A 94 10.96 0.79 -1.26
CA TRP A 94 9.88 1.16 -0.35
C TRP A 94 8.96 -0.02 -0.11
N TYR A 95 8.92 -0.94 -1.06
CA TYR A 95 8.06 -2.11 -0.93
C TYR A 95 8.44 -2.88 0.32
N PHE A 96 9.74 -3.05 0.55
CA PHE A 96 10.20 -3.77 1.73
C PHE A 96 9.80 -3.00 3.00
N LYS A 97 9.89 -1.68 2.92
CA LYS A 97 9.57 -0.82 4.05
C LYS A 97 8.12 -1.00 4.48
N LEU A 98 7.22 -1.17 3.51
CA LEU A 98 5.81 -1.35 3.83
C LEU A 98 5.58 -2.58 4.70
N TYR A 99 6.29 -3.66 4.41
CA TYR A 99 6.12 -4.88 5.19
C TYR A 99 7.01 -4.88 6.44
N ASP A 100 8.29 -4.56 6.28
CA ASP A 100 9.20 -4.52 7.40
C ASP A 100 10.55 -3.94 7.01
N VAL A 101 11.35 -3.57 8.02
CA VAL A 101 12.68 -3.01 7.80
C VAL A 101 13.74 -4.10 8.01
N ASP A 102 15.00 -3.67 8.09
CA ASP A 102 16.14 -4.58 8.30
C ASP A 102 16.76 -5.00 6.97
N GLY A 103 17.66 -5.98 7.04
CA GLY A 103 18.35 -6.47 5.84
C GLY A 103 17.61 -7.65 5.21
N ASN A 104 18.37 -8.52 4.55
CA ASN A 104 17.77 -9.69 3.91
C ASN A 104 17.15 -10.62 4.94
N GLY A 105 16.23 -11.46 4.48
CA GLY A 105 15.54 -12.41 5.36
C GLY A 105 15.56 -13.82 4.78
N CYS A 106 14.48 -14.55 4.97
CA CYS A 106 14.37 -15.92 4.47
C CYS A 106 12.92 -16.36 4.36
N ILE A 107 12.29 -16.65 5.49
CA ILE A 107 10.90 -17.09 5.52
C ILE A 107 10.08 -16.32 6.54
N ASP A 108 8.87 -15.91 6.15
CA ASP A 108 7.98 -15.17 7.05
C ASP A 108 6.58 -15.09 6.45
N ARG A 109 6.02 -16.24 6.09
CA ARG A 109 4.68 -16.27 5.50
C ARG A 109 3.60 -16.28 6.59
N ASP A 110 3.95 -16.78 7.77
CA ASP A 110 2.98 -16.83 8.87
C ASP A 110 2.55 -15.43 9.27
N GLU A 111 3.52 -14.56 9.50
CA GLU A 111 3.25 -13.18 9.87
C GLU A 111 2.52 -12.49 8.71
N LEU A 112 2.96 -12.83 7.51
CA LEU A 112 2.39 -12.25 6.29
C LEU A 112 0.88 -12.48 6.24
N LEU A 113 0.43 -13.66 6.65
CA LEU A 113 -0.99 -13.98 6.63
C LEU A 113 -1.76 -13.21 7.70
N THR A 114 -1.08 -12.80 8.76
CA THR A 114 -1.74 -12.07 9.84
C THR A 114 -1.80 -10.58 9.56
N ILE A 115 -0.76 -10.03 8.93
CA ILE A 115 -0.79 -8.61 8.63
C ILE A 115 -1.74 -8.39 7.45
N ILE A 116 -1.81 -9.40 6.57
CA ILE A 116 -2.66 -9.31 5.40
C ILE A 116 -3.97 -8.59 5.73
N ARG A 117 -4.59 -8.93 6.87
CA ARG A 117 -5.84 -8.29 7.26
C ARG A 117 -5.65 -6.77 7.33
N ALA A 118 -4.48 -6.37 7.79
CA ALA A 118 -4.19 -4.95 7.93
C ALA A 118 -4.43 -4.23 6.61
N ILE A 119 -4.06 -4.86 5.49
CA ILE A 119 -4.27 -4.26 4.19
C ILE A 119 -5.73 -4.42 3.76
N ARG A 120 -6.22 -5.66 3.76
CA ARG A 120 -7.61 -5.94 3.38
C ARG A 120 -7.95 -7.42 3.59
N ALA A 121 -9.22 -7.69 3.91
CA ALA A 121 -9.69 -9.06 4.12
C ALA A 121 -10.39 -9.58 2.86
N ILE A 122 -10.82 -10.84 2.90
CA ILE A 122 -11.51 -11.46 1.78
C ILE A 122 -10.63 -11.52 0.54
N ASN A 123 -10.32 -10.35 -0.01
CA ASN A 123 -9.48 -10.29 -1.20
C ASN A 123 -10.12 -11.03 -2.38
N PRO A 124 -11.10 -10.43 -3.00
CA PRO A 124 -11.82 -11.05 -4.16
C PRO A 124 -10.85 -11.49 -5.26
N CYS A 125 -9.73 -10.77 -5.38
CA CYS A 125 -8.71 -11.08 -6.37
C CYS A 125 -9.26 -10.93 -7.79
N SER A 126 -8.57 -11.53 -8.75
CA SER A 126 -8.97 -11.45 -10.15
C SER A 126 -10.32 -12.12 -10.38
N ASP A 127 -10.57 -13.24 -9.70
CA ASP A 127 -11.83 -13.95 -9.87
C ASP A 127 -12.12 -14.87 -8.68
N SER A 128 -12.00 -14.32 -7.48
CA SER A 128 -12.27 -15.10 -6.26
C SER A 128 -11.74 -16.53 -6.39
N THR A 129 -10.77 -16.73 -7.27
CA THR A 129 -10.20 -18.06 -7.46
C THR A 129 -9.74 -18.64 -6.14
N MET A 130 -10.41 -19.70 -5.70
CA MET A 130 -10.07 -20.35 -4.44
C MET A 130 -9.89 -19.30 -3.35
N THR A 131 -9.44 -19.73 -2.17
CA THR A 131 -9.22 -18.80 -1.06
C THR A 131 -7.89 -18.07 -1.24
N ALA A 132 -7.80 -16.88 -0.63
CA ALA A 132 -6.59 -16.08 -0.72
C ALA A 132 -5.41 -16.80 -0.06
N GLU A 133 -5.69 -17.47 1.05
CA GLU A 133 -4.64 -18.18 1.78
C GLU A 133 -3.98 -19.24 0.90
N GLU A 134 -4.78 -19.96 0.12
CA GLU A 134 -4.24 -20.99 -0.76
C GLU A 134 -3.40 -20.35 -1.85
N PHE A 135 -3.91 -19.25 -2.39
CA PHE A 135 -3.23 -18.52 -3.43
C PHE A 135 -1.87 -18.01 -2.91
N THR A 136 -1.88 -17.35 -1.76
CA THR A 136 -0.65 -16.84 -1.19
C THR A 136 0.29 -17.97 -0.83
N ASP A 137 -0.27 -19.01 -0.22
CA ASP A 137 0.51 -20.17 0.18
C ASP A 137 1.17 -20.82 -1.02
N THR A 138 0.45 -20.87 -2.14
CA THR A 138 1.00 -21.50 -3.34
C THR A 138 2.29 -20.82 -3.80
N VAL A 139 2.28 -19.49 -3.84
CA VAL A 139 3.47 -18.75 -4.27
C VAL A 139 4.65 -19.00 -3.33
N PHE A 140 4.40 -18.92 -2.03
CA PHE A 140 5.46 -19.14 -1.05
C PHE A 140 5.89 -20.61 -1.04
N SER A 141 4.93 -21.49 -1.31
CA SER A 141 5.22 -22.91 -1.34
C SER A 141 6.25 -23.25 -2.40
N LYS A 142 6.17 -22.61 -3.56
CA LYS A 142 7.12 -22.88 -4.63
C LYS A 142 8.53 -22.53 -4.18
N ILE A 143 8.69 -21.36 -3.56
CA ILE A 143 10.00 -20.92 -3.06
C ILE A 143 10.23 -21.41 -1.64
N ASP A 144 9.47 -20.85 -0.70
CA ASP A 144 9.58 -21.21 0.70
C ASP A 144 8.99 -22.59 0.96
N VAL A 145 9.48 -23.25 2.01
CA VAL A 145 9.00 -24.58 2.37
C VAL A 145 8.67 -24.65 3.86
N ASN A 146 7.63 -25.42 4.20
CA ASN A 146 7.21 -25.55 5.59
C ASN A 146 6.78 -24.20 6.16
N GLY A 147 6.08 -24.23 7.28
CA GLY A 147 5.60 -23.00 7.92
C GLY A 147 6.63 -22.47 8.91
N ASP A 148 7.03 -21.21 8.73
CA ASP A 148 8.01 -20.58 9.62
C ASP A 148 7.76 -19.08 9.69
N GLY A 149 7.83 -18.52 10.90
CA GLY A 149 7.61 -17.08 11.10
C GLY A 149 8.91 -16.39 11.49
N GLU A 150 9.57 -15.76 10.52
CA GLU A 150 10.83 -15.05 10.78
C GLU A 150 10.93 -13.80 9.91
N LEU A 151 11.71 -13.89 8.83
CA LEU A 151 11.89 -12.76 7.91
C LEU A 151 11.91 -13.28 6.48
N SER A 152 11.45 -12.47 5.53
CA SER A 152 11.43 -12.89 4.12
C SER A 152 11.54 -11.68 3.18
N LEU A 153 12.77 -11.25 2.89
CA LEU A 153 12.99 -10.10 2.01
C LEU A 153 13.02 -10.52 0.54
N GLU A 154 13.99 -11.35 0.17
CA GLU A 154 14.12 -11.78 -1.23
C GLU A 154 12.86 -12.50 -1.68
N GLU A 155 12.15 -13.09 -0.73
CA GLU A 155 10.92 -13.79 -1.07
C GLU A 155 9.99 -12.82 -1.78
N PHE A 156 9.99 -11.57 -1.35
CA PHE A 156 9.15 -10.57 -2.00
C PHE A 156 9.68 -10.29 -3.39
N MET A 157 11.00 -10.38 -3.55
CA MET A 157 11.62 -10.14 -4.84
C MET A 157 11.13 -11.20 -5.83
N GLU A 158 11.50 -12.45 -5.61
CA GLU A 158 11.13 -13.53 -6.53
C GLU A 158 9.66 -13.44 -6.90
N GLY A 159 8.83 -12.91 -6.01
CA GLY A 159 7.41 -12.80 -6.29
C GLY A 159 7.16 -11.90 -7.49
N VAL A 160 8.11 -10.99 -7.74
CA VAL A 160 8.02 -10.04 -8.86
C VAL A 160 7.94 -10.76 -10.21
N GLN A 161 8.73 -11.81 -10.38
CA GLN A 161 8.73 -12.56 -11.64
C GLN A 161 7.43 -13.33 -11.77
N LYS A 162 6.97 -13.85 -10.65
CA LYS A 162 5.73 -14.64 -10.61
C LYS A 162 4.62 -13.87 -9.91
N ASP A 163 4.64 -12.55 -10.04
CA ASP A 163 3.62 -11.73 -9.39
C ASP A 163 2.27 -11.86 -10.08
N GLN A 164 2.23 -12.47 -11.27
CA GLN A 164 0.99 -12.63 -12.05
C GLN A 164 -0.28 -12.36 -11.23
N MET A 165 -0.69 -13.33 -10.40
CA MET A 165 -1.88 -13.18 -9.58
C MET A 165 -1.67 -12.15 -8.46
N LEU A 166 -0.43 -12.03 -8.02
CA LEU A 166 -0.08 -11.09 -6.96
C LEU A 166 -0.20 -9.66 -7.47
N LEU A 167 0.05 -9.48 -8.76
CA LEU A 167 -0.02 -8.16 -9.37
C LEU A 167 -1.43 -7.59 -9.24
N ASP A 168 -2.43 -8.43 -9.48
CA ASP A 168 -3.81 -7.98 -9.39
C ASP A 168 -4.13 -7.48 -7.98
N THR A 169 -3.73 -8.24 -6.97
CA THR A 169 -3.98 -7.83 -5.59
C THR A 169 -3.12 -6.62 -5.23
N LEU A 170 -1.88 -6.63 -5.70
CA LEU A 170 -0.96 -5.53 -5.43
C LEU A 170 -1.47 -4.25 -6.06
N THR A 171 -1.93 -4.35 -7.30
CA THR A 171 -2.43 -3.17 -8.00
C THR A 171 -3.60 -2.60 -7.23
N ARG A 172 -4.45 -3.47 -6.72
CA ARG A 172 -5.61 -3.03 -5.96
C ARG A 172 -5.19 -1.97 -4.93
N SER A 173 -4.24 -2.31 -4.06
CA SER A 173 -3.76 -1.36 -3.06
C SER A 173 -2.91 -0.26 -3.69
N LEU A 174 -2.03 -0.66 -4.61
CA LEU A 174 -1.15 0.29 -5.29
C LEU A 174 -1.82 0.86 -6.53
N ASP A 175 -2.51 1.97 -6.34
CA ASP A 175 -3.21 2.64 -7.44
C ASP A 175 -3.79 3.96 -6.97
N LEU A 176 -4.92 4.35 -7.56
CA LEU A 176 -5.58 5.60 -7.20
C LEU A 176 -7.08 5.39 -7.03
N THR A 177 -7.80 5.24 -8.15
CA THR A 177 -9.23 5.02 -8.10
C THR A 177 -9.58 3.61 -7.58
N ARG A 178 -8.74 2.64 -7.90
CA ARG A 178 -8.97 1.27 -7.46
C ARG A 178 -8.84 1.17 -5.94
N ILE A 179 -8.05 2.06 -5.35
CA ILE A 179 -7.86 2.06 -3.90
C ILE A 179 -9.20 2.28 -3.21
N VAL A 180 -10.03 3.13 -3.78
CA VAL A 180 -11.33 3.40 -3.19
C VAL A 180 -12.11 2.10 -3.06
N ARG A 181 -12.06 1.27 -4.09
CA ARG A 181 -12.75 -0.01 -4.07
C ARG A 181 -12.16 -0.91 -2.97
N ARG A 182 -10.83 -0.85 -2.82
CA ARG A 182 -10.14 -1.66 -1.82
C ARG A 182 -10.65 -1.33 -0.42
N LEU A 183 -10.71 -0.05 -0.10
CA LEU A 183 -11.17 0.38 1.22
C LEU A 183 -12.69 0.26 1.34
N GLN A 184 -13.37 0.31 0.20
CA GLN A 184 -14.83 0.23 0.19
C GLN A 184 -15.29 -1.09 0.79
N ASN A 185 -14.60 -2.18 0.45
CA ASN A 185 -14.95 -3.49 0.97
C ASN A 185 -14.67 -3.56 2.48
N GLY A 2 -11.88 10.24 -3.70
CA GLY A 2 -12.84 9.19 -3.37
C GLY A 2 -14.21 9.78 -3.03
N ASN A 3 -14.31 11.11 -3.16
CA ASN A 3 -15.56 11.82 -2.87
C ASN A 3 -16.32 12.09 -4.15
N ILE A 4 -16.81 13.33 -4.30
CA ILE A 4 -17.57 13.71 -5.49
C ILE A 4 -16.80 13.31 -6.74
N MET A 5 -15.47 13.26 -6.63
CA MET A 5 -14.63 12.90 -7.77
C MET A 5 -14.64 11.39 -7.96
N ASP A 6 -14.79 10.96 -9.22
CA ASP A 6 -14.81 9.54 -9.54
C ASP A 6 -13.40 9.07 -9.88
N GLY A 7 -12.45 9.99 -9.80
CA GLY A 7 -11.05 9.68 -10.09
C GLY A 7 -10.74 9.96 -11.56
N LYS A 8 -11.79 10.17 -12.35
CA LYS A 8 -11.61 10.46 -13.78
C LYS A 8 -11.37 11.95 -13.99
N SER A 9 -12.14 12.78 -13.31
CA SER A 9 -12.00 14.23 -13.44
C SER A 9 -10.64 14.69 -12.93
N VAL A 10 -10.25 14.16 -11.77
CA VAL A 10 -8.96 14.52 -11.19
C VAL A 10 -7.81 14.06 -12.08
N GLU A 11 -8.07 13.05 -12.89
CA GLU A 11 -7.03 12.54 -13.78
C GLU A 11 -6.58 13.62 -14.74
N GLU A 12 -7.54 14.41 -15.23
CA GLU A 12 -7.20 15.49 -16.16
C GLU A 12 -6.29 16.49 -15.47
N LEU A 13 -6.60 16.82 -14.23
CA LEU A 13 -5.79 17.78 -13.47
C LEU A 13 -4.42 17.17 -13.15
N SER A 14 -4.41 15.90 -12.78
CA SER A 14 -3.17 15.22 -12.43
C SER A 14 -2.24 15.14 -13.65
N SER A 15 -2.83 14.85 -14.80
CA SER A 15 -2.05 14.75 -16.03
C SER A 15 -1.40 16.09 -16.35
N THR A 16 -2.17 17.16 -16.22
CA THR A 16 -1.67 18.49 -16.50
C THR A 16 -0.53 18.85 -15.57
N GLU A 17 -0.69 18.56 -14.28
CA GLU A 17 0.36 18.88 -13.30
C GLU A 17 0.22 18.05 -12.02
N CYS A 18 1.01 16.99 -11.93
CA CYS A 18 1.00 16.12 -10.75
C CYS A 18 1.70 16.82 -9.58
N HIS A 19 2.54 17.80 -9.91
CA HIS A 19 3.28 18.55 -8.90
C HIS A 19 2.34 19.24 -7.93
N GLN A 20 1.10 19.48 -8.38
CA GLN A 20 0.11 20.14 -7.53
C GLN A 20 -0.12 19.31 -6.26
N TRP A 21 -0.13 17.99 -6.40
CA TRP A 21 -0.35 17.12 -5.26
C TRP A 21 0.75 17.33 -4.22
N TYR A 22 1.99 17.46 -4.69
CA TYR A 22 3.13 17.68 -3.80
C TYR A 22 3.02 19.06 -3.15
N LYS A 23 2.55 20.03 -3.92
CA LYS A 23 2.41 21.40 -3.42
C LYS A 23 1.44 21.43 -2.24
N LYS A 24 0.35 20.67 -2.34
CA LYS A 24 -0.64 20.63 -1.28
C LYS A 24 -0.01 20.14 0.03
N PHE A 25 0.85 19.14 -0.08
CA PHE A 25 1.51 18.61 1.11
C PHE A 25 2.32 19.68 1.80
N MET A 26 3.13 20.40 1.03
CA MET A 26 3.95 21.47 1.58
C MET A 26 3.07 22.56 2.18
N THR A 27 1.99 22.90 1.47
CA THR A 27 1.08 23.95 1.92
C THR A 27 0.43 23.58 3.26
N GLU A 28 -0.09 22.36 3.37
CA GLU A 28 -0.75 21.96 4.62
C GLU A 28 0.29 21.63 5.69
N CYS A 29 1.50 21.27 5.26
CA CYS A 29 2.56 20.92 6.19
C CYS A 29 3.93 21.26 5.60
N PRO A 30 4.31 22.51 5.64
CA PRO A 30 5.63 22.97 5.10
C PRO A 30 6.79 22.17 5.67
N SER A 31 6.69 21.86 6.97
CA SER A 31 7.72 21.09 7.65
C SER A 31 7.42 19.59 7.54
N GLY A 32 8.46 18.77 7.59
CA GLY A 32 8.26 17.33 7.50
C GLY A 32 7.60 16.78 8.75
N GLN A 33 6.42 17.31 9.07
CA GLN A 33 5.67 16.86 10.24
C GLN A 33 4.17 16.92 9.96
N LEU A 34 3.64 15.87 9.33
CA LEU A 34 2.20 15.82 9.00
C LEU A 34 1.49 14.76 9.83
N THR A 35 0.42 15.17 10.50
CA THR A 35 -0.35 14.24 11.34
C THR A 35 -1.26 13.37 10.49
N LEU A 36 -1.82 12.32 11.12
CA LEU A 36 -2.70 11.39 10.41
C LEU A 36 -4.03 12.04 10.03
N TYR A 37 -4.46 13.04 10.78
CA TYR A 37 -5.72 13.71 10.44
C TYR A 37 -5.56 14.40 9.08
N GLU A 38 -4.52 15.22 9.01
CA GLU A 38 -4.23 15.97 7.78
C GLU A 38 -4.04 15.01 6.60
N PHE A 39 -3.63 13.78 6.89
CA PHE A 39 -3.45 12.80 5.83
C PHE A 39 -4.78 12.50 5.18
N ARG A 40 -5.79 12.20 6.00
CA ARG A 40 -7.12 11.91 5.49
C ARG A 40 -7.72 13.15 4.84
N GLN A 41 -7.48 14.30 5.45
CA GLN A 41 -8.00 15.55 4.94
C GLN A 41 -7.48 15.79 3.52
N PHE A 42 -6.32 15.23 3.23
CA PHE A 42 -5.73 15.39 1.91
C PHE A 42 -6.70 14.92 0.83
N PHE A 43 -7.28 13.74 1.03
CA PHE A 43 -8.24 13.20 0.06
C PHE A 43 -9.48 14.09 -0.01
N GLY A 44 -9.95 14.56 1.15
CA GLY A 44 -11.14 15.42 1.20
C GLY A 44 -12.25 14.73 2.01
N LEU A 45 -13.38 14.49 1.36
CA LEU A 45 -14.52 13.85 2.01
C LEU A 45 -14.49 12.34 1.80
N LYS A 46 -13.30 11.75 1.89
CA LYS A 46 -13.14 10.31 1.70
C LYS A 46 -13.96 9.55 2.74
N ASN A 47 -14.02 10.09 3.95
CA ASN A 47 -14.74 9.45 5.05
C ASN A 47 -16.21 9.18 4.70
N LEU A 48 -16.44 8.25 3.78
CA LEU A 48 -17.80 7.88 3.37
C LEU A 48 -18.22 6.60 4.08
N SER A 49 -17.26 5.70 4.25
CA SER A 49 -17.52 4.42 4.91
C SER A 49 -16.21 3.79 5.38
N PRO A 50 -16.28 2.85 6.29
CA PRO A 50 -15.08 2.16 6.84
C PRO A 50 -14.43 1.19 5.85
N TRP A 51 -15.13 0.86 4.77
CA TRP A 51 -14.61 -0.11 3.79
C TRP A 51 -13.17 0.20 3.36
N ALA A 52 -12.99 1.16 2.46
CA ALA A 52 -11.66 1.50 1.97
C ALA A 52 -10.74 1.91 3.11
N SER A 53 -11.31 2.61 4.09
CA SER A 53 -10.53 3.02 5.24
C SER A 53 -10.01 1.81 6.00
N GLN A 54 -10.74 0.69 5.89
CA GLN A 54 -10.34 -0.51 6.61
C GLN A 54 -8.92 -0.91 6.24
N TYR A 55 -8.56 -0.86 4.96
CA TYR A 55 -7.20 -1.22 4.58
C TYR A 55 -6.25 -0.18 5.18
N VAL A 56 -6.54 1.08 4.88
CA VAL A 56 -5.71 2.18 5.33
C VAL A 56 -5.40 2.02 6.82
N GLU A 57 -6.37 1.56 7.58
CA GLU A 57 -6.14 1.37 9.02
C GLU A 57 -4.99 0.38 9.21
N GLN A 58 -5.00 -0.70 8.43
CA GLN A 58 -3.94 -1.70 8.52
C GLN A 58 -2.62 -1.10 8.03
N MET A 59 -2.72 -0.27 6.98
CA MET A 59 -1.55 0.38 6.41
C MET A 59 -0.88 1.27 7.46
N PHE A 60 -1.69 1.89 8.29
CA PHE A 60 -1.18 2.78 9.33
C PHE A 60 -0.15 2.05 10.19
N GLU A 61 -0.44 0.80 10.51
CA GLU A 61 0.48 0.02 11.35
C GLU A 61 1.85 -0.11 10.66
N THR A 62 1.84 -0.40 9.36
CA THR A 62 3.10 -0.56 8.62
C THR A 62 3.79 0.80 8.47
N PHE A 63 3.00 1.83 8.23
CA PHE A 63 3.54 3.18 8.06
C PHE A 63 4.24 3.63 9.35
N ASP A 64 3.56 3.50 10.47
CA ASP A 64 4.11 3.94 11.74
C ASP A 64 4.97 2.86 12.37
N PHE A 65 6.17 2.68 11.84
CA PHE A 65 7.10 1.67 12.37
C PHE A 65 7.68 2.13 13.70
N ASN A 66 7.75 3.45 13.89
CA ASN A 66 8.29 4.02 15.12
C ASN A 66 7.16 4.31 16.10
N LYS A 67 5.97 3.83 15.78
CA LYS A 67 4.80 4.03 16.63
C LYS A 67 4.61 5.51 16.98
N ASP A 68 4.96 6.39 16.04
CA ASP A 68 4.80 7.84 16.26
C ASP A 68 3.44 8.32 15.78
N GLY A 69 3.19 9.62 15.88
CA GLY A 69 1.91 10.19 15.44
C GLY A 69 2.12 11.18 14.29
N TYR A 70 3.26 11.10 13.62
CA TYR A 70 3.57 12.01 12.52
C TYR A 70 4.48 11.35 11.49
N ILE A 71 4.39 11.83 10.23
CA ILE A 71 5.22 11.30 9.14
C ILE A 71 6.14 12.39 8.62
N ASP A 72 7.36 11.98 8.27
CA ASP A 72 8.37 12.91 7.78
C ASP A 72 8.31 13.04 6.26
N PHE A 73 8.83 14.15 5.74
CA PHE A 73 8.83 14.39 4.30
C PHE A 73 9.58 13.27 3.57
N MET A 74 10.77 12.94 4.05
CA MET A 74 11.55 11.89 3.42
C MET A 74 10.80 10.56 3.52
N GLU A 75 10.16 10.34 4.66
CA GLU A 75 9.38 9.12 4.87
C GLU A 75 8.13 9.13 4.00
N TYR A 76 7.65 10.34 3.68
CA TYR A 76 6.45 10.48 2.87
C TYR A 76 6.62 9.83 1.50
N GLU A 77 7.76 10.06 0.86
CA GLU A 77 7.99 9.47 -0.46
C GLU A 77 7.74 7.96 -0.41
N ALA A 78 8.04 7.36 0.74
CA ALA A 78 7.84 5.93 0.93
C ALA A 78 6.36 5.57 0.81
N ALA A 79 5.51 6.46 1.32
CA ALA A 79 4.07 6.24 1.30
C ALA A 79 3.57 6.09 -0.14
N LEU A 80 4.15 6.86 -1.05
CA LEU A 80 3.72 6.79 -2.45
C LEU A 80 3.93 5.38 -3.00
N SER A 81 5.03 4.75 -2.62
CA SER A 81 5.31 3.40 -3.10
C SER A 81 4.22 2.42 -2.66
N LEU A 82 3.80 2.54 -1.40
CA LEU A 82 2.78 1.64 -0.87
C LEU A 82 1.44 1.84 -1.58
N VAL A 83 1.08 3.11 -1.82
CA VAL A 83 -0.19 3.42 -2.48
C VAL A 83 0.00 3.44 -3.99
N LEU A 84 0.90 4.30 -4.46
CA LEU A 84 1.19 4.43 -5.89
C LEU A 84 2.52 3.75 -6.22
N LYS A 85 2.92 3.82 -7.48
CA LYS A 85 4.19 3.21 -7.91
C LYS A 85 5.29 4.27 -7.98
N GLY A 86 5.92 4.54 -6.86
CA GLY A 86 7.00 5.52 -6.82
C GLY A 86 8.15 5.08 -7.71
N LYS A 87 8.47 3.78 -7.65
CA LYS A 87 9.56 3.20 -8.45
C LYS A 87 9.14 1.83 -8.97
N VAL A 88 9.80 1.36 -10.01
CA VAL A 88 9.47 0.06 -10.58
C VAL A 88 9.74 -1.06 -9.57
N GLU A 89 10.40 -2.13 -10.02
CA GLU A 89 10.72 -3.25 -9.15
C GLU A 89 11.63 -2.82 -8.01
N GLN A 90 12.40 -1.77 -8.25
CA GLN A 90 13.31 -1.27 -7.24
C GLN A 90 12.54 -0.90 -5.98
N LYS A 91 11.24 -0.59 -6.14
CA LYS A 91 10.41 -0.21 -5.00
C LYS A 91 10.49 -1.28 -3.92
N LEU A 92 10.78 -2.52 -4.31
CA LEU A 92 10.88 -3.60 -3.33
C LEU A 92 11.94 -3.24 -2.29
N ARG A 93 13.06 -2.68 -2.74
CA ARG A 93 14.13 -2.28 -1.83
C ARG A 93 13.65 -1.19 -0.89
N TRP A 94 12.86 -0.26 -1.42
CA TRP A 94 12.33 0.84 -0.62
C TRP A 94 11.38 0.32 0.46
N TYR A 95 10.76 -0.82 0.18
CA TYR A 95 9.85 -1.42 1.15
C TYR A 95 10.61 -1.72 2.43
N PHE A 96 11.86 -2.14 2.27
CA PHE A 96 12.70 -2.45 3.40
C PHE A 96 12.98 -1.20 4.23
N LYS A 97 13.17 -0.07 3.54
CA LYS A 97 13.48 1.20 4.20
C LYS A 97 12.37 1.63 5.16
N LEU A 98 11.10 1.46 4.77
CA LEU A 98 10.01 1.86 5.65
C LEU A 98 9.74 0.80 6.71
N TYR A 99 10.14 -0.44 6.42
CA TYR A 99 9.94 -1.53 7.38
C TYR A 99 10.79 -1.26 8.62
N ASP A 100 12.00 -0.77 8.40
CA ASP A 100 12.92 -0.43 9.50
C ASP A 100 13.19 -1.62 10.41
N VAL A 101 12.46 -1.70 11.51
CA VAL A 101 12.66 -2.77 12.48
C VAL A 101 12.82 -4.11 11.78
N ASP A 102 14.07 -4.57 11.71
CA ASP A 102 14.38 -5.86 11.08
C ASP A 102 15.85 -6.22 11.31
N GLY A 103 16.32 -5.98 12.52
CA GLY A 103 17.70 -6.29 12.87
C GLY A 103 17.98 -7.78 12.73
N ASN A 104 17.02 -8.59 13.14
CA ASN A 104 17.19 -10.04 13.07
C ASN A 104 17.27 -10.51 11.61
N GLY A 105 16.62 -9.77 10.73
CA GLY A 105 16.61 -10.11 9.31
C GLY A 105 15.49 -11.09 9.00
N CYS A 106 15.00 -11.07 7.76
CA CYS A 106 13.92 -11.95 7.33
C CYS A 106 12.71 -11.82 8.27
N ILE A 107 11.53 -12.18 7.77
CA ILE A 107 10.32 -12.09 8.59
C ILE A 107 9.28 -13.14 8.16
N ASP A 108 8.47 -13.58 9.11
CA ASP A 108 7.42 -14.57 8.82
C ASP A 108 6.41 -13.97 7.86
N ARG A 109 5.81 -14.81 7.03
CA ARG A 109 4.83 -14.33 6.05
C ARG A 109 3.45 -14.23 6.68
N ASP A 110 3.23 -14.98 7.77
CA ASP A 110 1.93 -15.00 8.42
C ASP A 110 1.52 -13.60 8.88
N GLU A 111 2.47 -12.82 9.37
CA GLU A 111 2.16 -11.45 9.80
C GLU A 111 1.87 -10.59 8.57
N LEU A 112 2.67 -10.80 7.54
CA LEU A 112 2.49 -10.05 6.30
C LEU A 112 1.13 -10.40 5.70
N LEU A 113 0.64 -11.60 6.03
CA LEU A 113 -0.64 -12.06 5.52
C LEU A 113 -1.69 -10.98 5.71
N THR A 114 -1.67 -10.33 6.86
CA THR A 114 -2.62 -9.25 7.07
C THR A 114 -2.33 -8.17 6.03
N ILE A 115 -1.18 -7.54 6.19
CA ILE A 115 -0.75 -6.47 5.28
C ILE A 115 -1.18 -6.76 3.84
N ILE A 116 -0.96 -8.00 3.38
CA ILE A 116 -1.33 -8.37 2.02
C ILE A 116 -2.80 -8.10 1.77
N ARG A 117 -3.64 -8.34 2.76
CA ARG A 117 -5.06 -8.09 2.60
C ARG A 117 -5.30 -6.64 2.20
N ALA A 118 -4.49 -5.75 2.76
CA ALA A 118 -4.64 -4.32 2.48
C ALA A 118 -4.64 -4.04 0.97
N ILE A 119 -3.86 -4.80 0.21
CA ILE A 119 -3.84 -4.58 -1.24
C ILE A 119 -5.24 -4.73 -1.82
N ARG A 120 -6.09 -5.47 -1.10
CA ARG A 120 -7.48 -5.70 -1.51
C ARG A 120 -7.61 -6.97 -2.35
N ALA A 121 -8.14 -8.03 -1.75
CA ALA A 121 -8.32 -9.29 -2.46
C ALA A 121 -9.37 -10.16 -1.76
N ILE A 122 -10.22 -9.54 -0.94
CA ILE A 122 -11.26 -10.27 -0.22
C ILE A 122 -12.52 -10.43 -1.06
N ASN A 123 -13.33 -9.37 -1.13
CA ASN A 123 -14.58 -9.41 -1.91
C ASN A 123 -14.56 -8.40 -3.06
N PRO A 124 -13.99 -7.23 -2.87
CA PRO A 124 -13.94 -6.20 -3.95
C PRO A 124 -13.19 -6.71 -5.19
N CYS A 125 -13.94 -6.97 -6.27
CA CYS A 125 -13.34 -7.45 -7.51
C CYS A 125 -12.22 -8.45 -7.22
N SER A 126 -12.39 -9.23 -6.15
CA SER A 126 -11.39 -10.21 -5.75
C SER A 126 -11.68 -11.57 -6.37
N ASP A 127 -10.62 -12.25 -6.81
CA ASP A 127 -10.76 -13.56 -7.42
C ASP A 127 -11.33 -14.57 -6.41
N SER A 128 -10.89 -14.46 -5.16
CA SER A 128 -11.35 -15.36 -4.09
C SER A 128 -12.19 -14.59 -3.08
N THR A 129 -13.27 -15.21 -2.61
CA THR A 129 -14.16 -14.56 -1.64
C THR A 129 -13.95 -15.13 -0.23
N MET A 130 -14.24 -16.42 -0.07
CA MET A 130 -14.08 -17.09 1.23
C MET A 130 -12.91 -18.07 1.20
N THR A 131 -12.06 -17.91 0.20
CA THR A 131 -10.88 -18.77 0.03
C THR A 131 -9.65 -17.89 -0.13
N ALA A 132 -9.79 -16.62 0.20
CA ALA A 132 -8.66 -15.70 0.07
C ALA A 132 -7.53 -16.17 0.96
N GLU A 133 -7.86 -16.55 2.19
CA GLU A 133 -6.86 -17.06 3.11
C GLU A 133 -6.34 -18.39 2.60
N GLU A 134 -7.24 -19.18 2.02
CA GLU A 134 -6.85 -20.50 1.49
C GLU A 134 -5.91 -20.32 0.32
N PHE A 135 -6.22 -19.33 -0.49
CA PHE A 135 -5.41 -19.01 -1.66
C PHE A 135 -4.00 -18.59 -1.24
N THR A 136 -3.91 -17.70 -0.26
CA THR A 136 -2.62 -17.25 0.22
C THR A 136 -1.84 -18.40 0.85
N ASP A 137 -2.53 -19.19 1.67
CA ASP A 137 -1.88 -20.31 2.34
C ASP A 137 -1.26 -21.29 1.35
N THR A 138 -1.94 -21.51 0.22
CA THR A 138 -1.40 -22.43 -0.78
C THR A 138 -0.04 -21.94 -1.27
N VAL A 139 0.04 -20.66 -1.58
CA VAL A 139 1.29 -20.08 -2.05
C VAL A 139 2.37 -20.15 -0.96
N PHE A 140 1.96 -19.88 0.27
CA PHE A 140 2.89 -19.89 1.39
C PHE A 140 3.47 -21.30 1.60
N SER A 141 2.62 -22.31 1.42
CA SER A 141 3.06 -23.68 1.61
C SER A 141 4.17 -24.03 0.62
N LYS A 142 4.05 -23.54 -0.60
CA LYS A 142 5.07 -23.79 -1.61
C LYS A 142 6.38 -23.17 -1.17
N ILE A 143 6.30 -21.93 -0.67
CA ILE A 143 7.48 -21.21 -0.21
C ILE A 143 8.12 -21.92 0.98
N ASP A 144 7.29 -22.41 1.89
CA ASP A 144 7.80 -23.09 3.08
C ASP A 144 8.79 -24.18 2.68
N VAL A 145 10.00 -24.09 3.22
CA VAL A 145 11.06 -25.06 2.92
C VAL A 145 12.06 -25.10 4.08
N ASN A 146 12.76 -26.22 4.22
CA ASN A 146 13.74 -26.37 5.29
C ASN A 146 15.00 -25.58 4.96
N GLY A 147 15.00 -24.93 3.81
CA GLY A 147 16.16 -24.13 3.37
C GLY A 147 15.84 -22.65 3.46
N ASP A 148 15.47 -22.05 2.32
CA ASP A 148 15.14 -20.63 2.28
C ASP A 148 13.69 -20.41 2.70
N GLY A 149 13.44 -20.47 4.00
CA GLY A 149 12.08 -20.27 4.53
C GLY A 149 11.84 -18.80 4.87
N GLU A 150 10.70 -18.52 5.49
CA GLU A 150 10.36 -17.16 5.88
C GLU A 150 10.37 -16.23 4.67
N LEU A 151 10.41 -14.92 4.92
CA LEU A 151 10.42 -13.93 3.85
C LEU A 151 11.79 -13.26 3.75
N SER A 152 12.37 -13.28 2.55
CA SER A 152 13.67 -12.68 2.29
C SER A 152 13.52 -11.53 1.30
N LEU A 153 14.52 -10.65 1.25
CA LEU A 153 14.45 -9.51 0.34
C LEU A 153 14.30 -9.99 -1.11
N GLU A 154 15.16 -10.92 -1.52
CA GLU A 154 15.09 -11.45 -2.87
C GLU A 154 13.82 -12.25 -3.07
N GLU A 155 13.41 -12.98 -2.04
CA GLU A 155 12.18 -13.75 -2.13
C GLU A 155 11.01 -12.78 -2.23
N PHE A 156 11.18 -11.62 -1.63
CA PHE A 156 10.12 -10.61 -1.64
C PHE A 156 9.52 -10.46 -3.04
N MET A 157 10.36 -10.19 -4.05
CA MET A 157 9.80 -10.05 -5.40
C MET A 157 9.29 -11.38 -5.91
N GLU A 158 9.92 -12.47 -5.46
CA GLU A 158 9.52 -13.81 -5.90
C GLU A 158 8.07 -14.08 -5.50
N GLY A 159 7.66 -13.55 -4.34
CA GLY A 159 6.31 -13.77 -3.85
C GLY A 159 5.26 -13.26 -4.83
N VAL A 160 5.50 -12.10 -5.43
CA VAL A 160 4.54 -11.53 -6.39
C VAL A 160 4.78 -12.06 -7.81
N GLN A 161 6.03 -12.34 -8.14
CA GLN A 161 6.37 -12.85 -9.47
C GLN A 161 5.88 -14.27 -9.63
N LYS A 162 6.01 -15.04 -8.56
CA LYS A 162 5.61 -16.45 -8.58
C LYS A 162 4.09 -16.61 -8.67
N ASP A 163 3.35 -15.51 -8.49
CA ASP A 163 1.88 -15.57 -8.52
C ASP A 163 1.32 -14.40 -9.33
N GLN A 164 0.15 -14.64 -9.94
CA GLN A 164 -0.50 -13.61 -10.76
C GLN A 164 -1.52 -12.81 -9.95
N MET A 165 -2.09 -13.41 -8.92
CA MET A 165 -3.09 -12.73 -8.10
C MET A 165 -2.47 -11.54 -7.39
N LEU A 166 -1.19 -11.63 -7.07
CA LEU A 166 -0.49 -10.53 -6.44
C LEU A 166 -0.47 -9.34 -7.39
N LEU A 167 -0.61 -9.64 -8.69
CA LEU A 167 -0.63 -8.59 -9.70
C LEU A 167 -1.65 -7.53 -9.33
N ASP A 168 -2.68 -7.96 -8.59
CA ASP A 168 -3.71 -7.03 -8.16
C ASP A 168 -3.08 -5.92 -7.33
N THR A 169 -2.09 -6.27 -6.53
CA THR A 169 -1.39 -5.28 -5.71
C THR A 169 -0.59 -4.32 -6.56
N LEU A 170 -0.01 -4.81 -7.65
CA LEU A 170 0.78 -3.96 -8.53
C LEU A 170 -0.13 -3.13 -9.44
N THR A 171 -1.35 -3.61 -9.66
CA THR A 171 -2.29 -2.91 -10.54
C THR A 171 -2.75 -1.60 -9.91
N ARG A 172 -3.04 -1.59 -8.61
CA ARG A 172 -3.49 -0.36 -7.97
C ARG A 172 -2.36 0.65 -7.91
N SER A 173 -1.11 0.17 -7.93
CA SER A 173 0.04 1.05 -7.88
C SER A 173 0.19 1.84 -9.19
N LEU A 174 -0.35 1.30 -10.27
CA LEU A 174 -0.27 1.97 -11.56
C LEU A 174 -1.23 3.15 -11.61
N ASP A 175 -0.73 4.32 -12.01
CA ASP A 175 -1.54 5.52 -12.08
C ASP A 175 -2.46 5.62 -10.87
N LEU A 176 -3.44 6.52 -10.95
CA LEU A 176 -4.38 6.69 -9.84
C LEU A 176 -5.49 5.65 -9.96
N THR A 177 -5.08 4.41 -10.25
CA THR A 177 -6.03 3.31 -10.41
C THR A 177 -6.78 3.07 -9.10
N ARG A 178 -6.07 3.17 -7.99
CA ARG A 178 -6.69 2.95 -6.69
C ARG A 178 -7.90 3.86 -6.51
N ILE A 179 -7.80 5.09 -7.00
CA ILE A 179 -8.88 6.05 -6.86
C ILE A 179 -10.15 5.60 -7.60
N VAL A 180 -10.01 5.12 -8.83
CA VAL A 180 -11.19 4.68 -9.58
C VAL A 180 -11.77 3.41 -8.97
N ARG A 181 -10.89 2.62 -8.34
CA ARG A 181 -11.33 1.38 -7.69
C ARG A 181 -12.26 1.71 -6.53
N ARG A 182 -12.04 2.89 -5.95
CA ARG A 182 -12.85 3.32 -4.81
C ARG A 182 -14.32 3.44 -5.19
N LEU A 183 -14.58 3.93 -6.41
CA LEU A 183 -15.96 4.11 -6.87
C LEU A 183 -16.71 2.79 -6.92
N GLN A 184 -16.10 1.76 -7.51
CA GLN A 184 -16.76 0.46 -7.61
C GLN A 184 -16.78 -0.24 -6.24
N ASN A 185 -15.84 0.13 -5.38
CA ASN A 185 -15.77 -0.47 -4.05
C ASN A 185 -17.00 -0.12 -3.24
N GLY A 2 -4.41 6.39 -0.61
CA GLY A 2 -5.86 6.50 -0.66
C GLY A 2 -6.29 7.81 -1.30
N ASN A 3 -5.43 8.33 -2.17
CA ASN A 3 -5.72 9.59 -2.86
C ASN A 3 -7.02 9.49 -3.65
N ILE A 4 -7.89 10.49 -3.49
CA ILE A 4 -9.15 10.51 -4.20
C ILE A 4 -8.92 10.73 -5.69
N MET A 5 -9.33 9.75 -6.50
CA MET A 5 -9.16 9.83 -7.95
C MET A 5 -10.41 9.30 -8.66
N ASP A 6 -11.02 8.26 -8.09
CA ASP A 6 -12.20 7.67 -8.69
C ASP A 6 -11.87 7.10 -10.07
N GLY A 7 -11.85 7.96 -11.09
CA GLY A 7 -11.53 7.52 -12.43
C GLY A 7 -10.02 7.32 -12.59
N LYS A 8 -9.62 6.39 -13.44
CA LYS A 8 -8.19 6.12 -13.65
C LYS A 8 -7.55 7.16 -14.56
N SER A 9 -8.33 7.73 -15.47
CA SER A 9 -7.82 8.73 -16.39
C SER A 9 -7.31 9.96 -15.65
N VAL A 10 -8.05 10.40 -14.65
CA VAL A 10 -7.64 11.57 -13.88
C VAL A 10 -6.18 11.45 -13.47
N GLU A 11 -5.69 10.21 -13.40
CA GLU A 11 -4.31 9.97 -13.02
C GLU A 11 -3.37 10.84 -13.84
N GLU A 12 -3.73 11.08 -15.10
CA GLU A 12 -2.89 11.91 -15.96
C GLU A 12 -2.94 13.37 -15.50
N LEU A 13 -4.03 13.74 -14.83
CA LEU A 13 -4.19 15.12 -14.33
C LEU A 13 -3.53 15.28 -12.96
N SER A 14 -3.83 14.34 -12.06
CA SER A 14 -3.29 14.38 -10.70
C SER A 14 -1.77 14.29 -10.69
N SER A 15 -1.23 13.37 -11.49
CA SER A 15 0.21 13.18 -11.54
C SER A 15 0.91 14.36 -12.19
N THR A 16 0.13 15.40 -12.53
CA THR A 16 0.69 16.60 -13.16
C THR A 16 0.79 17.78 -12.19
N GLU A 17 -0.12 17.86 -11.22
CA GLU A 17 -0.11 19.00 -10.28
C GLU A 17 -0.40 18.58 -8.84
N CYS A 18 -0.23 17.31 -8.51
CA CYS A 18 -0.48 16.86 -7.14
C CYS A 18 0.49 17.54 -6.16
N HIS A 19 1.72 17.75 -6.62
CA HIS A 19 2.73 18.38 -5.79
C HIS A 19 2.35 19.84 -5.50
N GLN A 20 1.81 20.51 -6.50
CA GLN A 20 1.41 21.91 -6.34
C GLN A 20 0.34 22.05 -5.28
N TRP A 21 -0.60 21.11 -5.26
CA TRP A 21 -1.69 21.16 -4.29
C TRP A 21 -1.12 21.11 -2.87
N TYR A 22 -0.17 20.20 -2.67
CA TYR A 22 0.48 20.04 -1.37
C TYR A 22 0.99 21.39 -0.85
N LYS A 23 1.30 22.30 -1.76
CA LYS A 23 1.79 23.61 -1.37
C LYS A 23 0.77 24.32 -0.49
N LYS A 24 -0.52 24.13 -0.79
CA LYS A 24 -1.58 24.76 -0.01
C LYS A 24 -1.48 24.35 1.46
N PHE A 25 -1.24 23.07 1.71
CA PHE A 25 -1.12 22.57 3.07
C PHE A 25 -0.13 23.43 3.87
N MET A 26 0.82 24.05 3.18
CA MET A 26 1.83 24.87 3.85
C MET A 26 1.17 26.01 4.62
N THR A 27 0.22 26.68 3.98
CA THR A 27 -0.46 27.80 4.61
C THR A 27 -1.29 27.35 5.81
N GLU A 28 -2.00 26.25 5.66
CA GLU A 28 -2.86 25.74 6.73
C GLU A 28 -2.05 25.38 7.97
N CYS A 29 -0.94 24.68 7.79
CA CYS A 29 -0.10 24.29 8.92
C CYS A 29 1.22 23.66 8.46
N PRO A 30 2.30 24.42 8.38
CA PRO A 30 3.62 23.88 7.94
C PRO A 30 4.35 23.15 9.07
N SER A 31 4.99 22.03 8.74
CA SER A 31 5.71 21.27 9.75
C SER A 31 6.69 20.29 9.11
N GLY A 32 7.82 20.04 9.76
CA GLY A 32 8.80 19.09 9.24
C GLY A 32 8.19 17.71 9.11
N GLN A 33 7.40 17.33 10.11
CA GLN A 33 6.73 16.03 10.13
C GLN A 33 5.22 16.25 9.99
N LEU A 34 4.48 15.20 9.63
CA LEU A 34 3.02 15.30 9.46
C LEU A 34 2.32 14.42 10.48
N THR A 35 1.17 14.88 10.96
CA THR A 35 0.38 14.12 11.94
C THR A 35 -0.73 13.35 11.25
N LEU A 36 -1.47 12.59 12.04
CA LEU A 36 -2.57 11.79 11.52
C LEU A 36 -3.62 12.70 10.87
N TYR A 37 -3.88 13.84 11.48
CA TYR A 37 -4.83 14.80 10.93
C TYR A 37 -4.28 15.39 9.63
N GLU A 38 -2.98 15.65 9.66
CA GLU A 38 -2.30 16.23 8.49
C GLU A 38 -2.46 15.30 7.30
N PHE A 39 -2.38 14.00 7.56
CA PHE A 39 -2.55 13.01 6.50
C PHE A 39 -3.93 13.18 5.85
N ARG A 40 -4.95 13.28 6.68
CA ARG A 40 -6.31 13.46 6.17
C ARG A 40 -6.38 14.73 5.35
N GLN A 41 -5.72 15.76 5.84
CA GLN A 41 -5.72 17.05 5.16
C GLN A 41 -5.33 16.86 3.70
N PHE A 42 -4.56 15.82 3.39
CA PHE A 42 -4.15 15.60 2.01
C PHE A 42 -5.36 15.44 1.09
N PHE A 43 -6.29 14.52 1.44
CA PHE A 43 -7.50 14.36 0.61
C PHE A 43 -8.62 15.28 1.11
N GLY A 44 -8.72 15.40 2.44
CA GLY A 44 -9.73 16.28 3.03
C GLY A 44 -11.15 15.93 2.60
N LEU A 45 -11.56 14.67 2.80
CA LEU A 45 -12.91 14.25 2.41
C LEU A 45 -13.42 13.14 3.33
N LYS A 46 -14.50 13.41 4.06
CA LYS A 46 -15.10 12.43 4.95
C LYS A 46 -16.59 12.71 5.12
N ASN A 47 -17.06 13.76 4.47
CA ASN A 47 -18.47 14.14 4.56
C ASN A 47 -19.38 13.04 4.03
N LEU A 48 -18.98 12.40 2.93
CA LEU A 48 -19.78 11.31 2.35
C LEU A 48 -18.90 10.10 2.06
N SER A 49 -18.44 9.44 3.13
CA SER A 49 -17.59 8.25 2.99
C SER A 49 -18.04 7.13 3.92
N PRO A 50 -19.21 6.56 3.70
CA PRO A 50 -19.73 5.45 4.56
C PRO A 50 -18.79 4.25 4.58
N TRP A 51 -18.65 3.61 3.42
CA TRP A 51 -17.78 2.44 3.29
C TRP A 51 -16.35 2.87 3.02
N ALA A 52 -16.22 4.02 2.36
CA ALA A 52 -14.91 4.57 2.03
C ALA A 52 -14.12 4.92 3.30
N SER A 53 -14.82 5.35 4.34
CA SER A 53 -14.17 5.69 5.60
C SER A 53 -13.74 4.42 6.33
N GLN A 54 -14.47 3.33 6.09
CA GLN A 54 -14.16 2.06 6.74
C GLN A 54 -12.77 1.56 6.34
N TYR A 55 -12.40 1.75 5.08
CA TYR A 55 -11.10 1.30 4.62
C TYR A 55 -9.99 2.18 5.19
N VAL A 56 -10.33 3.41 5.55
CA VAL A 56 -9.35 4.33 6.11
C VAL A 56 -8.77 3.79 7.41
N GLU A 57 -9.59 3.14 8.23
CA GLU A 57 -9.09 2.64 9.51
C GLU A 57 -7.94 1.66 9.27
N GLN A 58 -8.06 0.81 8.25
CA GLN A 58 -6.99 -0.14 7.95
C GLN A 58 -5.72 0.60 7.54
N MET A 59 -5.90 1.65 6.75
CA MET A 59 -4.76 2.45 6.30
C MET A 59 -4.16 3.21 7.47
N PHE A 60 -5.01 3.52 8.44
CA PHE A 60 -4.59 4.27 9.61
C PHE A 60 -3.48 3.51 10.34
N GLU A 61 -3.65 2.20 10.48
CA GLU A 61 -2.64 1.36 11.13
C GLU A 61 -1.38 1.30 10.27
N THR A 62 -1.60 1.20 8.96
CA THR A 62 -0.50 1.11 7.99
C THR A 62 0.37 2.36 7.98
N PHE A 63 -0.25 3.52 8.20
CA PHE A 63 0.46 4.80 8.16
C PHE A 63 1.91 4.67 8.65
N ASP A 64 2.15 3.79 9.60
CA ASP A 64 3.51 3.60 10.11
C ASP A 64 3.58 2.40 11.05
N PHE A 65 2.48 2.15 11.76
CA PHE A 65 2.43 1.04 12.70
C PHE A 65 3.55 1.14 13.73
N ASN A 66 4.33 2.20 13.68
CA ASN A 66 5.43 2.40 14.63
C ASN A 66 4.90 3.02 15.92
N LYS A 67 3.61 3.30 15.93
CA LYS A 67 2.96 3.88 17.11
C LYS A 67 3.72 5.11 17.61
N ASP A 68 4.27 5.90 16.70
CA ASP A 68 5.00 7.11 17.09
C ASP A 68 4.08 8.34 17.05
N GLY A 69 2.97 8.21 16.32
CA GLY A 69 2.00 9.30 16.22
C GLY A 69 2.44 10.34 15.18
N TYR A 70 3.60 10.10 14.56
CA TYR A 70 4.13 11.01 13.53
C TYR A 70 4.65 10.23 12.34
N ILE A 71 4.60 10.85 11.14
CA ILE A 71 5.08 10.19 9.93
C ILE A 71 6.13 11.06 9.23
N ASP A 72 7.06 10.39 8.54
CA ASP A 72 8.14 11.06 7.83
C ASP A 72 7.92 11.07 6.31
N PHE A 73 8.80 11.75 5.60
CA PHE A 73 8.72 11.85 4.15
C PHE A 73 9.01 10.50 3.49
N MET A 74 9.70 9.64 4.21
CA MET A 74 10.06 8.32 3.68
C MET A 74 8.82 7.52 3.30
N GLU A 75 7.78 7.62 4.10
CA GLU A 75 6.55 6.90 3.80
C GLU A 75 5.81 7.56 2.62
N TYR A 76 5.83 8.88 2.60
CA TYR A 76 5.15 9.64 1.55
C TYR A 76 5.79 9.43 0.18
N GLU A 77 7.12 9.34 0.10
CA GLU A 77 7.75 9.15 -1.20
C GLU A 77 7.23 7.86 -1.85
N ALA A 78 6.79 6.92 -1.04
CA ALA A 78 6.24 5.68 -1.57
C ALA A 78 5.01 6.00 -2.42
N ALA A 79 4.24 6.99 -1.96
CA ALA A 79 3.04 7.41 -2.66
C ALA A 79 3.39 7.87 -4.08
N LEU A 80 4.63 8.28 -4.28
CA LEU A 80 5.05 8.74 -5.60
C LEU A 80 4.73 7.66 -6.62
N SER A 81 4.85 6.40 -6.22
CA SER A 81 4.57 5.29 -7.11
C SER A 81 3.12 5.36 -7.61
N LEU A 82 2.27 6.06 -6.86
CA LEU A 82 0.85 6.18 -7.22
C LEU A 82 0.69 6.82 -8.60
N VAL A 83 1.45 7.88 -8.88
CA VAL A 83 1.35 8.58 -10.16
C VAL A 83 1.04 7.62 -11.32
N LEU A 84 1.99 6.76 -11.68
CA LEU A 84 1.79 5.81 -12.76
C LEU A 84 3.03 4.91 -12.92
N LYS A 85 4.19 5.52 -12.77
CA LYS A 85 5.44 4.77 -12.89
C LYS A 85 5.55 3.70 -11.82
N GLY A 86 6.02 2.52 -12.23
CA GLY A 86 6.17 1.40 -11.29
C GLY A 86 7.64 1.00 -11.18
N LYS A 87 8.09 0.77 -9.96
CA LYS A 87 9.47 0.37 -9.71
C LYS A 87 9.67 -1.08 -10.14
N VAL A 88 10.88 -1.40 -10.61
CA VAL A 88 11.18 -2.76 -11.04
C VAL A 88 11.32 -3.68 -9.83
N GLU A 89 12.33 -4.54 -9.85
CA GLU A 89 12.55 -5.46 -8.74
C GLU A 89 12.82 -4.68 -7.47
N GLN A 90 13.28 -3.44 -7.64
CA GLN A 90 13.55 -2.58 -6.51
C GLN A 90 12.27 -2.35 -5.72
N LYS A 91 11.13 -2.43 -6.42
CA LYS A 91 9.84 -2.22 -5.79
C LYS A 91 9.68 -3.07 -4.54
N LEU A 92 10.34 -4.23 -4.51
CA LEU A 92 10.24 -5.10 -3.34
C LEU A 92 10.72 -4.38 -2.08
N ARG A 93 11.68 -3.48 -2.22
CA ARG A 93 12.18 -2.72 -1.08
C ARG A 93 11.16 -1.66 -0.65
N TRP A 94 10.54 -1.03 -1.64
CA TRP A 94 9.54 0.00 -1.36
C TRP A 94 8.33 -0.61 -0.66
N TYR A 95 7.98 -1.84 -1.04
CA TYR A 95 6.83 -2.51 -0.45
C TYR A 95 7.02 -2.68 1.06
N PHE A 96 8.19 -3.15 1.48
CA PHE A 96 8.44 -3.37 2.90
C PHE A 96 8.54 -2.05 3.67
N LYS A 97 9.30 -1.09 3.14
CA LYS A 97 9.45 0.19 3.84
C LYS A 97 8.10 0.89 3.95
N LEU A 98 7.17 0.56 3.05
CA LEU A 98 5.86 1.19 3.10
C LEU A 98 5.20 0.93 4.45
N TYR A 99 5.22 -0.33 4.89
CA TYR A 99 4.64 -0.68 6.18
C TYR A 99 5.65 -0.38 7.30
N ASP A 100 6.93 -0.60 6.99
CA ASP A 100 8.04 -0.37 7.93
C ASP A 100 8.33 -1.61 8.76
N VAL A 101 7.35 -2.04 9.56
CA VAL A 101 7.52 -3.22 10.41
C VAL A 101 8.90 -3.19 11.07
N ASP A 102 9.33 -4.29 11.67
CA ASP A 102 10.62 -4.34 12.33
C ASP A 102 11.73 -3.97 11.35
N GLY A 103 11.62 -4.46 10.12
CA GLY A 103 12.61 -4.16 9.09
C GLY A 103 13.96 -4.79 9.39
N ASN A 104 14.09 -6.10 9.16
CA ASN A 104 15.34 -6.82 9.40
C ASN A 104 15.74 -7.63 8.17
N GLY A 105 15.19 -7.27 7.02
CA GLY A 105 15.48 -7.98 5.76
C GLY A 105 14.44 -9.05 5.51
N CYS A 106 14.08 -9.25 4.23
CA CYS A 106 13.08 -10.25 3.89
C CYS A 106 11.88 -10.13 4.82
N ILE A 107 10.94 -11.06 4.74
CA ILE A 107 9.77 -11.00 5.63
C ILE A 107 9.26 -12.40 5.99
N ASP A 108 8.96 -12.58 7.28
CA ASP A 108 8.47 -13.85 7.80
C ASP A 108 6.99 -14.04 7.48
N ARG A 109 6.53 -15.28 7.56
CA ARG A 109 5.14 -15.60 7.25
C ARG A 109 4.15 -14.97 8.23
N ASP A 110 4.58 -14.73 9.47
CA ASP A 110 3.69 -14.11 10.47
C ASP A 110 3.39 -12.66 10.13
N GLU A 111 4.41 -11.94 9.71
CA GLU A 111 4.23 -10.54 9.34
C GLU A 111 3.19 -10.39 8.24
N LEU A 112 2.94 -11.48 7.51
CA LEU A 112 1.97 -11.43 6.42
C LEU A 112 0.64 -10.93 6.95
N LEU A 113 0.27 -11.29 8.17
CA LEU A 113 -0.99 -10.82 8.72
C LEU A 113 -1.10 -9.31 8.54
N THR A 114 0.02 -8.65 8.34
CA THR A 114 0.03 -7.19 8.18
C THR A 114 -0.25 -6.75 6.73
N ILE A 115 -0.07 -7.65 5.75
CA ILE A 115 -0.36 -7.24 4.37
C ILE A 115 -1.87 -7.22 4.15
N ILE A 116 -2.57 -8.22 4.71
CA ILE A 116 -4.03 -8.28 4.52
C ILE A 116 -4.62 -6.87 4.62
N ARG A 117 -4.57 -6.23 5.79
CA ARG A 117 -5.17 -4.90 5.92
C ARG A 117 -4.67 -3.94 4.85
N ALA A 118 -3.38 -4.02 4.53
CA ALA A 118 -2.84 -3.14 3.50
C ALA A 118 -3.55 -3.41 2.16
N ILE A 119 -3.74 -4.69 1.85
CA ILE A 119 -4.41 -5.10 0.62
C ILE A 119 -5.87 -4.63 0.62
N ARG A 120 -6.55 -4.86 1.74
CA ARG A 120 -7.96 -4.48 1.88
C ARG A 120 -8.80 -5.21 0.82
N ALA A 121 -10.13 -5.18 1.01
CA ALA A 121 -11.04 -5.85 0.09
C ALA A 121 -11.24 -5.00 -1.17
N ILE A 122 -10.38 -5.20 -2.15
CA ILE A 122 -10.46 -4.47 -3.43
C ILE A 122 -10.34 -5.46 -4.59
N ASN A 123 -9.42 -6.41 -4.45
CA ASN A 123 -9.21 -7.40 -5.49
C ASN A 123 -10.42 -8.34 -5.60
N PRO A 124 -10.64 -9.00 -6.72
CA PRO A 124 -11.80 -9.93 -6.87
C PRO A 124 -11.88 -10.94 -5.73
N CYS A 125 -13.09 -11.19 -5.24
CA CYS A 125 -13.29 -12.15 -4.15
C CYS A 125 -13.45 -13.56 -4.70
N SER A 126 -12.94 -14.53 -3.95
CA SER A 126 -13.02 -15.93 -4.37
C SER A 126 -12.93 -16.86 -3.15
N ASP A 127 -13.30 -18.12 -3.35
CA ASP A 127 -13.26 -19.09 -2.27
C ASP A 127 -14.00 -18.58 -1.05
N SER A 128 -15.13 -17.90 -1.29
CA SER A 128 -15.92 -17.36 -0.19
C SER A 128 -15.05 -16.60 0.81
N THR A 129 -14.77 -15.35 0.50
CA THR A 129 -13.95 -14.50 1.38
C THR A 129 -12.54 -15.08 1.50
N MET A 130 -11.74 -14.93 0.45
CA MET A 130 -10.38 -15.41 0.45
C MET A 130 -9.50 -14.56 1.37
N THR A 131 -8.34 -15.09 1.73
CA THR A 131 -7.40 -14.37 2.60
C THR A 131 -6.02 -14.32 1.94
N ALA A 132 -5.29 -13.26 2.21
CA ALA A 132 -3.95 -13.11 1.63
C ALA A 132 -2.99 -14.14 2.22
N GLU A 133 -3.11 -14.39 3.52
CA GLU A 133 -2.21 -15.32 4.19
C GLU A 133 -2.30 -16.73 3.57
N GLU A 134 -3.49 -17.14 3.19
CA GLU A 134 -3.66 -18.46 2.58
C GLU A 134 -3.01 -18.52 1.20
N PHE A 135 -3.18 -17.44 0.44
CA PHE A 135 -2.60 -17.36 -0.89
C PHE A 135 -1.07 -17.24 -0.80
N THR A 136 -0.61 -16.42 0.13
CA THR A 136 0.82 -16.24 0.29
C THR A 136 1.47 -17.54 0.75
N ASP A 137 0.74 -18.32 1.55
CA ASP A 137 1.28 -19.56 2.06
C ASP A 137 1.63 -20.53 0.93
N THR A 138 0.76 -20.61 -0.08
CA THR A 138 1.03 -21.52 -1.20
C THR A 138 2.25 -21.05 -1.99
N VAL A 139 2.35 -19.75 -2.23
CA VAL A 139 3.48 -19.20 -2.95
C VAL A 139 4.77 -19.32 -2.12
N PHE A 140 4.63 -19.03 -0.83
CA PHE A 140 5.76 -19.08 0.09
C PHE A 140 6.25 -20.52 0.23
N SER A 141 5.33 -21.46 0.08
CA SER A 141 5.66 -22.87 0.19
C SER A 141 6.72 -23.25 -0.83
N LYS A 142 6.61 -22.70 -2.04
CA LYS A 142 7.57 -23.00 -3.10
C LYS A 142 8.98 -22.61 -2.66
N ILE A 143 9.11 -21.46 -1.99
CA ILE A 143 10.42 -21.01 -1.51
C ILE A 143 10.98 -21.97 -0.47
N ASP A 144 10.14 -22.36 0.49
CA ASP A 144 10.56 -23.27 1.57
C ASP A 144 12.01 -23.01 1.96
N VAL A 145 12.82 -24.06 1.99
CA VAL A 145 14.23 -23.94 2.35
C VAL A 145 14.40 -23.25 3.69
N ASN A 146 14.30 -21.92 3.70
CA ASN A 146 14.45 -21.15 4.94
C ASN A 146 13.10 -20.98 5.64
N GLY A 147 12.90 -21.74 6.70
CA GLY A 147 11.66 -21.65 7.46
C GLY A 147 10.51 -22.29 6.70
N ASP A 148 9.29 -22.10 7.20
CA ASP A 148 8.11 -22.65 6.54
C ASP A 148 7.68 -21.76 5.39
N GLY A 149 8.27 -20.57 5.32
CA GLY A 149 7.95 -19.61 4.27
C GLY A 149 9.17 -18.75 3.95
N GLU A 150 9.29 -17.63 4.65
CA GLU A 150 10.41 -16.71 4.43
C GLU A 150 10.46 -16.28 2.98
N LEU A 151 10.18 -14.99 2.75
CA LEU A 151 10.19 -14.44 1.39
C LEU A 151 11.49 -13.68 1.13
N SER A 152 12.17 -14.08 0.05
CA SER A 152 13.44 -13.47 -0.36
C SER A 152 13.27 -12.78 -1.71
N LEU A 153 14.38 -12.26 -2.26
CA LEU A 153 14.33 -11.55 -3.54
C LEU A 153 13.88 -12.47 -4.67
N GLU A 154 14.44 -13.68 -4.74
CA GLU A 154 14.12 -14.60 -5.81
C GLU A 154 12.61 -14.81 -5.94
N GLU A 155 11.88 -14.66 -4.85
CA GLU A 155 10.44 -14.83 -4.90
C GLU A 155 9.83 -13.83 -5.87
N PHE A 156 10.35 -12.60 -5.88
CA PHE A 156 9.85 -11.59 -6.79
C PHE A 156 10.10 -12.04 -8.23
N MET A 157 11.25 -12.64 -8.44
CA MET A 157 11.58 -13.16 -9.76
C MET A 157 10.62 -14.29 -10.08
N GLU A 158 10.71 -15.35 -9.29
CA GLU A 158 9.85 -16.52 -9.47
C GLU A 158 8.44 -16.12 -9.87
N GLY A 159 8.02 -14.91 -9.54
CA GLY A 159 6.68 -14.46 -9.89
C GLY A 159 6.46 -14.45 -11.40
N VAL A 160 7.48 -14.04 -12.15
CA VAL A 160 7.35 -13.97 -13.60
C VAL A 160 7.13 -15.35 -14.22
N GLN A 161 7.88 -16.34 -13.75
CA GLN A 161 7.76 -17.69 -14.27
C GLN A 161 6.40 -18.27 -13.92
N LYS A 162 5.96 -17.96 -12.71
CA LYS A 162 4.68 -18.47 -12.22
C LYS A 162 4.07 -17.52 -11.20
N ASP A 163 2.77 -17.65 -11.00
CA ASP A 163 2.03 -16.82 -10.06
C ASP A 163 1.92 -15.38 -10.56
N GLN A 164 1.83 -15.24 -11.88
CA GLN A 164 1.69 -13.92 -12.50
C GLN A 164 0.37 -13.31 -12.07
N MET A 165 -0.52 -14.17 -11.63
CA MET A 165 -1.82 -13.74 -11.15
C MET A 165 -1.62 -12.92 -9.88
N LEU A 166 -1.35 -13.60 -8.77
CA LEU A 166 -1.17 -12.91 -7.51
C LEU A 166 -0.14 -11.81 -7.66
N LEU A 167 0.87 -12.07 -8.50
CA LEU A 167 1.91 -11.07 -8.72
C LEU A 167 1.28 -9.70 -8.89
N ASP A 168 0.14 -9.66 -9.57
CA ASP A 168 -0.56 -8.41 -9.77
C ASP A 168 -1.09 -7.86 -8.44
N THR A 169 -1.46 -8.76 -7.53
CA THR A 169 -2.05 -8.36 -6.26
C THR A 169 -1.11 -7.49 -5.39
N LEU A 170 0.17 -7.86 -5.22
CA LEU A 170 1.03 -7.00 -4.38
C LEU A 170 1.36 -5.71 -5.13
N THR A 171 1.33 -5.77 -6.46
CA THR A 171 1.60 -4.58 -7.26
C THR A 171 0.55 -3.54 -6.94
N ARG A 172 -0.69 -3.99 -6.82
CA ARG A 172 -1.80 -3.11 -6.48
C ARG A 172 -1.57 -2.49 -5.09
N SER A 173 -1.08 -3.30 -4.16
CA SER A 173 -0.85 -2.81 -2.81
C SER A 173 0.18 -1.69 -2.81
N LEU A 174 1.24 -1.86 -3.58
CA LEU A 174 2.28 -0.83 -3.68
C LEU A 174 1.81 0.34 -4.54
N ASP A 175 1.16 0.02 -5.66
CA ASP A 175 0.70 1.04 -6.59
C ASP A 175 -0.30 2.00 -5.96
N LEU A 176 -1.18 1.48 -5.13
CA LEU A 176 -2.21 2.31 -4.49
C LEU A 176 -3.11 2.95 -5.55
N THR A 177 -3.18 2.35 -6.73
CA THR A 177 -4.01 2.88 -7.81
C THR A 177 -5.42 2.32 -7.72
N ARG A 178 -5.53 0.99 -7.59
CA ARG A 178 -6.83 0.34 -7.52
C ARG A 178 -7.58 0.82 -6.28
N ILE A 179 -6.84 1.13 -5.23
CA ILE A 179 -7.43 1.59 -3.99
C ILE A 179 -8.44 2.70 -4.24
N VAL A 180 -8.18 3.52 -5.26
CA VAL A 180 -9.09 4.62 -5.58
C VAL A 180 -10.50 4.09 -5.83
N ARG A 181 -10.58 2.82 -6.20
CA ARG A 181 -11.85 2.19 -6.49
C ARG A 181 -12.79 2.24 -5.28
N ARG A 182 -12.24 2.06 -4.08
CA ARG A 182 -13.08 2.06 -2.88
C ARG A 182 -13.92 3.33 -2.82
N LEU A 183 -13.36 4.44 -3.30
CA LEU A 183 -14.07 5.71 -3.28
C LEU A 183 -15.30 5.62 -4.18
N GLN A 184 -15.14 4.98 -5.33
CA GLN A 184 -16.24 4.83 -6.27
C GLN A 184 -17.38 4.04 -5.64
N ASN A 185 -17.02 2.99 -4.90
CA ASN A 185 -18.03 2.16 -4.25
C ASN A 185 -18.51 2.81 -2.95
N GLY A 2 -12.09 15.25 -1.12
CA GLY A 2 -13.51 15.44 -0.84
C GLY A 2 -14.32 14.21 -1.23
N ASN A 3 -14.87 13.54 -0.22
CA ASN A 3 -15.68 12.32 -0.44
C ASN A 3 -15.17 11.54 -1.65
N ILE A 4 -16.09 11.04 -2.47
CA ILE A 4 -15.73 10.28 -3.65
C ILE A 4 -16.72 10.55 -4.78
N MET A 5 -16.19 10.84 -5.97
CA MET A 5 -17.04 11.11 -7.14
C MET A 5 -16.72 10.12 -8.25
N ASP A 6 -17.20 8.88 -8.08
CA ASP A 6 -16.97 7.84 -9.06
C ASP A 6 -15.47 7.68 -9.31
N GLY A 7 -14.67 8.03 -8.31
CA GLY A 7 -13.21 7.91 -8.42
C GLY A 7 -12.62 9.08 -9.20
N LYS A 8 -13.46 10.01 -9.62
CA LYS A 8 -12.98 11.17 -10.38
C LYS A 8 -12.04 12.01 -9.53
N SER A 9 -12.38 12.16 -8.26
CA SER A 9 -11.55 12.94 -7.35
C SER A 9 -10.17 12.32 -7.21
N VAL A 10 -10.15 10.99 -7.10
CA VAL A 10 -8.89 10.26 -6.98
C VAL A 10 -8.02 10.48 -8.21
N GLU A 11 -8.67 10.52 -9.37
CA GLU A 11 -7.96 10.71 -10.63
C GLU A 11 -7.16 12.01 -10.60
N GLU A 12 -7.72 13.05 -9.97
CA GLU A 12 -7.03 14.33 -9.90
C GLU A 12 -5.69 14.17 -9.18
N LEU A 13 -5.67 13.40 -8.10
CA LEU A 13 -4.42 13.18 -7.37
C LEU A 13 -3.43 12.44 -8.26
N SER A 14 -3.94 11.47 -9.01
CA SER A 14 -3.10 10.69 -9.92
C SER A 14 -2.53 11.60 -11.01
N SER A 15 -3.35 12.53 -11.48
CA SER A 15 -2.94 13.47 -12.52
C SER A 15 -1.74 14.29 -12.08
N THR A 16 -1.75 14.72 -10.82
CA THR A 16 -0.64 15.53 -10.31
C THR A 16 0.66 14.73 -10.35
N GLU A 17 1.78 15.46 -10.47
CA GLU A 17 3.10 14.83 -10.53
C GLU A 17 3.84 15.01 -9.21
N CYS A 18 5.11 14.62 -9.20
CA CYS A 18 5.91 14.72 -7.99
C CYS A 18 6.04 16.17 -7.54
N HIS A 19 6.24 17.08 -8.47
CA HIS A 19 6.38 18.49 -8.12
C HIS A 19 5.11 19.00 -7.46
N GLN A 20 3.96 18.74 -8.09
CA GLN A 20 2.68 19.18 -7.54
C GLN A 20 2.40 18.46 -6.23
N TRP A 21 2.74 17.18 -6.18
CA TRP A 21 2.53 16.40 -4.96
C TRP A 21 3.37 16.97 -3.82
N TYR A 22 4.61 17.31 -4.14
CA TYR A 22 5.53 17.85 -3.15
C TYR A 22 4.97 19.16 -2.59
N LYS A 23 4.31 19.94 -3.45
CA LYS A 23 3.74 21.22 -3.03
C LYS A 23 2.86 21.03 -1.81
N LYS A 24 2.32 19.84 -1.63
CA LYS A 24 1.46 19.58 -0.48
C LYS A 24 2.21 19.83 0.82
N PHE A 25 3.48 19.44 0.86
CA PHE A 25 4.29 19.65 2.05
C PHE A 25 4.55 21.13 2.27
N MET A 26 4.73 21.86 1.18
CA MET A 26 4.99 23.29 1.27
C MET A 26 3.82 24.00 1.95
N THR A 27 2.60 23.63 1.56
CA THR A 27 1.42 24.24 2.16
C THR A 27 1.36 23.90 3.65
N GLU A 28 1.57 22.63 3.95
CA GLU A 28 1.54 22.17 5.34
C GLU A 28 2.68 22.79 6.14
N CYS A 29 3.85 22.89 5.52
CA CYS A 29 5.03 23.45 6.18
C CYS A 29 5.66 22.38 7.10
N PRO A 30 6.94 22.13 7.05
CA PRO A 30 7.58 21.10 7.93
C PRO A 30 7.15 21.27 9.39
N SER A 31 6.77 20.16 10.02
CA SER A 31 6.34 20.19 11.41
C SER A 31 6.46 18.80 12.04
N GLY A 32 6.71 17.80 11.21
CA GLY A 32 6.84 16.43 11.71
C GLY A 32 5.48 15.86 12.10
N GLN A 33 4.42 16.45 11.55
CA GLN A 33 3.06 16.00 11.85
C GLN A 33 2.20 15.96 10.58
N LEU A 34 1.95 14.76 10.06
CA LEU A 34 1.15 14.59 8.84
C LEU A 34 0.16 13.43 9.03
N THR A 35 -1.14 13.73 8.88
CA THR A 35 -2.18 12.71 9.04
C THR A 35 -3.23 12.84 7.94
N LEU A 36 -4.20 11.93 7.97
CA LEU A 36 -5.27 11.95 6.97
C LEU A 36 -6.02 13.28 7.07
N TYR A 37 -6.21 13.75 8.30
CA TYR A 37 -6.89 15.02 8.51
C TYR A 37 -6.09 16.14 7.85
N GLU A 38 -4.77 16.11 8.04
CA GLU A 38 -3.90 17.13 7.48
C GLU A 38 -4.16 17.29 5.98
N PHE A 39 -4.58 16.21 5.34
CA PHE A 39 -4.87 16.27 3.91
C PHE A 39 -5.85 17.41 3.61
N ARG A 40 -6.79 17.62 4.53
CA ARG A 40 -7.77 18.68 4.36
C ARG A 40 -7.06 20.01 4.16
N GLN A 41 -5.84 20.10 4.66
CA GLN A 41 -5.07 21.34 4.55
C GLN A 41 -4.85 21.72 3.08
N PHE A 42 -4.51 20.72 2.26
CA PHE A 42 -4.26 20.97 0.85
C PHE A 42 -5.51 21.48 0.13
N PHE A 43 -6.64 20.78 0.30
CA PHE A 43 -7.90 21.19 -0.35
C PHE A 43 -8.64 22.23 0.50
N GLY A 44 -8.78 21.96 1.79
CA GLY A 44 -9.47 22.86 2.71
C GLY A 44 -10.55 22.13 3.50
N LEU A 45 -10.83 20.87 3.13
CA LEU A 45 -11.84 20.08 3.83
C LEU A 45 -11.48 18.60 3.82
N LYS A 46 -12.07 17.84 4.74
CA LYS A 46 -11.79 16.40 4.84
C LYS A 46 -12.90 15.59 4.18
N ASN A 47 -13.55 14.72 4.95
CA ASN A 47 -14.63 13.89 4.42
C ASN A 47 -14.15 13.15 3.18
N LEU A 48 -12.96 12.56 3.27
CA LEU A 48 -12.40 11.82 2.15
C LEU A 48 -13.03 10.43 2.06
N SER A 49 -13.73 10.16 0.98
CA SER A 49 -14.37 8.87 0.78
C SER A 49 -15.34 8.58 1.94
N PRO A 50 -16.36 7.79 1.71
CA PRO A 50 -17.35 7.46 2.77
C PRO A 50 -16.76 6.48 3.80
N TRP A 51 -17.16 5.21 3.73
CA TRP A 51 -16.64 4.21 4.65
C TRP A 51 -15.23 3.80 4.27
N ALA A 52 -14.92 3.86 2.98
CA ALA A 52 -13.61 3.46 2.50
C ALA A 52 -12.50 4.07 3.36
N SER A 53 -12.79 5.21 3.98
CA SER A 53 -11.82 5.88 4.83
C SER A 53 -11.42 5.00 6.02
N GLN A 54 -12.39 4.32 6.63
CA GLN A 54 -12.11 3.48 7.80
C GLN A 54 -11.23 2.29 7.43
N TYR A 55 -11.25 1.90 6.16
CA TYR A 55 -10.40 0.79 5.71
C TYR A 55 -8.95 1.25 5.66
N VAL A 56 -8.77 2.45 5.09
CA VAL A 56 -7.45 3.03 4.93
C VAL A 56 -6.72 3.07 6.28
N GLU A 57 -7.47 3.22 7.35
CA GLU A 57 -6.86 3.27 8.68
C GLU A 57 -6.08 1.99 8.92
N GLN A 58 -6.65 0.84 8.53
CA GLN A 58 -5.97 -0.44 8.72
C GLN A 58 -4.66 -0.45 7.94
N MET A 59 -4.71 0.01 6.69
CA MET A 59 -3.52 0.06 5.85
C MET A 59 -2.50 1.01 6.45
N PHE A 60 -3.01 2.13 6.95
CA PHE A 60 -2.16 3.15 7.56
C PHE A 60 -1.38 2.57 8.74
N GLU A 61 -2.08 1.82 9.58
CA GLU A 61 -1.42 1.22 10.75
C GLU A 61 -0.30 0.28 10.30
N THR A 62 -0.56 -0.52 9.27
CA THR A 62 0.45 -1.46 8.77
C THR A 62 1.59 -0.69 8.11
N PHE A 63 1.26 0.40 7.43
CA PHE A 63 2.28 1.21 6.77
C PHE A 63 3.28 1.74 7.78
N ASP A 64 2.77 2.30 8.87
CA ASP A 64 3.62 2.85 9.92
C ASP A 64 4.18 1.73 10.80
N PHE A 65 5.51 1.56 10.74
CA PHE A 65 6.17 0.53 11.52
C PHE A 65 5.91 0.73 13.01
N ASN A 66 6.08 1.97 13.48
CA ASN A 66 5.87 2.28 14.88
C ASN A 66 4.37 2.36 15.18
N LYS A 67 3.56 2.04 14.15
CA LYS A 67 2.10 2.07 14.28
C LYS A 67 1.64 3.18 15.22
N ASP A 68 1.28 4.32 14.63
CA ASP A 68 0.82 5.48 15.41
C ASP A 68 -0.25 6.22 14.63
N GLY A 69 -0.76 7.31 15.20
CA GLY A 69 -1.81 8.08 14.54
C GLY A 69 -1.26 9.15 13.59
N TYR A 70 0.06 9.34 13.56
CA TYR A 70 0.64 10.35 12.69
C TYR A 70 2.06 9.99 12.25
N ILE A 71 2.47 10.52 11.10
CA ILE A 71 3.81 10.27 10.56
C ILE A 71 4.51 11.58 10.24
N ASP A 72 5.84 11.58 10.34
CA ASP A 72 6.63 12.76 10.06
C ASP A 72 6.82 12.96 8.56
N PHE A 73 7.02 14.21 8.14
CA PHE A 73 7.21 14.50 6.73
C PHE A 73 8.47 13.84 6.20
N MET A 74 9.47 13.66 7.08
CA MET A 74 10.72 13.04 6.68
C MET A 74 10.47 11.62 6.17
N GLU A 75 9.68 10.87 6.92
CA GLU A 75 9.35 9.50 6.53
C GLU A 75 8.58 9.51 5.22
N TYR A 76 7.70 10.50 5.07
CA TYR A 76 6.87 10.62 3.88
C TYR A 76 7.74 10.78 2.63
N GLU A 77 8.91 11.39 2.79
CA GLU A 77 9.82 11.61 1.66
C GLU A 77 10.20 10.27 1.04
N ALA A 78 10.46 9.28 1.87
CA ALA A 78 10.84 7.96 1.36
C ALA A 78 9.72 7.42 0.46
N ALA A 79 8.48 7.62 0.89
CA ALA A 79 7.34 7.16 0.12
C ALA A 79 7.29 7.88 -1.23
N LEU A 80 7.61 9.17 -1.22
CA LEU A 80 7.61 9.95 -2.45
C LEU A 80 8.62 9.41 -3.44
N SER A 81 9.78 8.99 -2.94
CA SER A 81 10.84 8.48 -3.79
C SER A 81 10.39 7.25 -4.59
N LEU A 82 9.71 6.31 -3.93
CA LEU A 82 9.26 5.10 -4.62
C LEU A 82 7.90 5.30 -5.29
N VAL A 83 7.01 6.07 -4.65
CA VAL A 83 5.68 6.29 -5.19
C VAL A 83 5.74 7.00 -6.54
N LEU A 84 6.56 8.06 -6.62
CA LEU A 84 6.73 8.86 -7.84
C LEU A 84 5.73 8.47 -8.95
N LYS A 85 6.21 7.95 -10.07
CA LYS A 85 5.33 7.55 -11.16
C LYS A 85 6.09 6.71 -12.19
N GLY A 86 7.42 6.84 -12.19
CA GLY A 86 8.24 6.10 -13.14
C GLY A 86 8.08 4.59 -12.95
N LYS A 87 8.06 4.15 -11.70
CA LYS A 87 7.92 2.73 -11.40
C LYS A 87 6.43 2.34 -11.36
N VAL A 88 6.14 1.14 -11.86
CA VAL A 88 4.76 0.64 -11.89
C VAL A 88 4.64 -0.59 -10.99
N GLU A 89 5.05 -1.75 -11.48
CA GLU A 89 4.98 -2.97 -10.70
C GLU A 89 5.91 -2.87 -9.49
N GLN A 90 7.09 -2.31 -9.71
CA GLN A 90 8.06 -2.17 -8.64
C GLN A 90 7.55 -1.19 -7.58
N LYS A 91 6.74 -0.23 -8.00
CA LYS A 91 6.21 0.76 -7.07
C LYS A 91 5.43 0.08 -5.94
N LEU A 92 4.56 -0.86 -6.28
CA LEU A 92 3.80 -1.56 -5.25
C LEU A 92 4.71 -2.41 -4.39
N ARG A 93 5.69 -3.06 -5.03
CA ARG A 93 6.62 -3.93 -4.31
C ARG A 93 7.47 -3.13 -3.34
N TRP A 94 7.91 -1.94 -3.75
CA TRP A 94 8.73 -1.10 -2.89
C TRP A 94 7.93 -0.68 -1.65
N TYR A 95 6.62 -0.67 -1.78
CA TYR A 95 5.76 -0.26 -0.67
C TYR A 95 5.96 -1.17 0.54
N PHE A 96 6.14 -2.47 0.28
CA PHE A 96 6.35 -3.42 1.38
C PHE A 96 7.69 -3.17 2.07
N LYS A 97 8.66 -2.66 1.32
CA LYS A 97 9.99 -2.40 1.87
C LYS A 97 9.91 -1.40 3.02
N LEU A 98 9.06 -0.39 2.87
CA LEU A 98 8.92 0.66 3.89
C LEU A 98 8.41 0.10 5.22
N TYR A 99 7.74 -1.05 5.20
CA TYR A 99 7.21 -1.60 6.45
C TYR A 99 8.34 -1.73 7.47
N ASP A 100 9.50 -2.20 7.02
CA ASP A 100 10.65 -2.34 7.91
C ASP A 100 11.92 -2.58 7.10
N VAL A 101 13.07 -2.32 7.73
CA VAL A 101 14.36 -2.52 7.06
C VAL A 101 15.35 -3.18 8.02
N ASP A 102 16.27 -3.98 7.45
CA ASP A 102 17.27 -4.66 8.25
C ASP A 102 18.30 -5.32 7.35
N GLY A 103 19.22 -6.08 7.94
CA GLY A 103 20.24 -6.77 7.17
C GLY A 103 19.63 -7.96 6.43
N ASN A 104 19.42 -9.06 7.17
CA ASN A 104 18.82 -10.26 6.59
C ASN A 104 17.30 -10.18 6.64
N GLY A 105 16.64 -11.23 6.16
CA GLY A 105 15.18 -11.26 6.16
C GLY A 105 14.63 -11.34 7.57
N CYS A 106 13.47 -10.72 7.80
CA CYS A 106 12.85 -10.72 9.12
C CYS A 106 11.35 -10.51 9.04
N ILE A 107 10.79 -10.55 7.82
CA ILE A 107 9.35 -10.34 7.64
C ILE A 107 8.62 -11.66 7.48
N ASP A 108 7.67 -11.91 8.39
CA ASP A 108 6.88 -13.14 8.34
C ASP A 108 5.85 -13.05 7.22
N ARG A 109 5.66 -14.15 6.49
CA ARG A 109 4.70 -14.16 5.39
C ARG A 109 3.30 -13.86 5.94
N ASP A 110 3.11 -14.12 7.23
CA ASP A 110 1.80 -13.89 7.85
C ASP A 110 1.35 -12.44 7.66
N GLU A 111 2.28 -11.50 7.77
CA GLU A 111 1.93 -10.10 7.57
C GLU A 111 1.52 -9.88 6.11
N LEU A 112 2.27 -10.52 5.21
CA LEU A 112 2.00 -10.40 3.79
C LEU A 112 0.60 -10.94 3.48
N LEU A 113 0.10 -11.81 4.33
CA LEU A 113 -1.23 -12.34 4.10
C LEU A 113 -2.25 -11.26 4.40
N THR A 114 -2.33 -10.86 5.67
CA THR A 114 -3.31 -9.87 6.10
C THR A 114 -3.27 -8.59 5.29
N ILE A 115 -2.13 -8.20 4.73
CA ILE A 115 -2.13 -7.00 3.91
C ILE A 115 -2.72 -7.34 2.55
N ILE A 116 -2.47 -8.58 2.11
CA ILE A 116 -2.92 -9.03 0.80
C ILE A 116 -4.33 -8.50 0.48
N ARG A 117 -5.25 -8.55 1.43
CA ARG A 117 -6.60 -8.07 1.16
C ARG A 117 -6.60 -6.58 0.83
N ALA A 118 -5.75 -5.83 1.51
CA ALA A 118 -5.69 -4.38 1.28
C ALA A 118 -5.23 -4.06 -0.14
N ILE A 119 -4.19 -4.74 -0.62
CA ILE A 119 -3.66 -4.49 -1.97
C ILE A 119 -4.39 -5.29 -3.03
N ARG A 120 -4.57 -6.59 -2.80
CA ARG A 120 -5.26 -7.47 -3.76
C ARG A 120 -6.50 -8.08 -3.13
N ALA A 121 -7.55 -8.24 -3.94
CA ALA A 121 -8.79 -8.82 -3.44
C ALA A 121 -9.32 -8.02 -2.26
N ILE A 122 -10.56 -8.28 -1.88
CA ILE A 122 -11.17 -7.57 -0.77
C ILE A 122 -12.51 -8.21 -0.41
N ASN A 123 -13.04 -8.97 -1.37
CA ASN A 123 -14.32 -9.65 -1.18
C ASN A 123 -14.58 -10.62 -2.33
N PRO A 124 -14.34 -10.22 -3.55
CA PRO A 124 -14.55 -11.09 -4.75
C PRO A 124 -13.71 -12.37 -4.67
N CYS A 125 -13.33 -12.89 -5.83
CA CYS A 125 -12.53 -14.11 -5.91
C CYS A 125 -13.31 -15.29 -5.33
N SER A 126 -12.91 -15.74 -4.14
CA SER A 126 -13.60 -16.86 -3.50
C SER A 126 -13.65 -18.05 -4.46
N ASP A 127 -12.48 -18.46 -4.94
CA ASP A 127 -12.41 -19.58 -5.88
C ASP A 127 -12.54 -20.91 -5.14
N SER A 128 -12.70 -20.83 -3.82
CA SER A 128 -12.85 -22.04 -3.00
C SER A 128 -14.13 -21.98 -2.18
N THR A 129 -14.00 -21.69 -0.89
CA THR A 129 -15.17 -21.61 -0.01
C THR A 129 -14.88 -20.72 1.20
N MET A 130 -13.61 -20.67 1.59
CA MET A 130 -13.22 -19.85 2.74
C MET A 130 -12.98 -18.39 2.32
N THR A 131 -11.72 -17.97 2.36
CA THR A 131 -11.40 -16.59 1.98
C THR A 131 -9.89 -16.45 1.73
N ALA A 132 -9.36 -15.28 2.08
CA ALA A 132 -7.95 -14.99 1.88
C ALA A 132 -7.09 -16.02 2.61
N GLU A 133 -7.68 -16.68 3.60
CA GLU A 133 -6.95 -17.67 4.39
C GLU A 133 -6.39 -18.79 3.52
N GLU A 134 -7.10 -19.17 2.46
CA GLU A 134 -6.62 -20.24 1.58
C GLU A 134 -5.26 -19.86 1.02
N PHE A 135 -5.12 -18.61 0.62
CA PHE A 135 -3.87 -18.14 0.07
C PHE A 135 -2.75 -18.31 1.09
N THR A 136 -3.12 -18.41 2.36
CA THR A 136 -2.13 -18.56 3.41
C THR A 136 -1.21 -19.74 3.09
N ASP A 137 -1.79 -20.89 2.80
CA ASP A 137 -0.98 -22.05 2.51
C ASP A 137 -0.21 -21.85 1.20
N THR A 138 -0.77 -21.05 0.30
CA THR A 138 -0.13 -20.79 -0.98
C THR A 138 1.13 -19.95 -0.81
N VAL A 139 1.06 -18.90 0.02
CA VAL A 139 2.22 -18.03 0.20
C VAL A 139 3.29 -18.71 1.06
N PHE A 140 2.87 -19.47 2.08
CA PHE A 140 3.85 -20.18 2.92
C PHE A 140 4.48 -21.32 2.14
N SER A 141 3.73 -21.90 1.20
CA SER A 141 4.27 -22.99 0.40
C SER A 141 5.26 -22.44 -0.63
N LYS A 142 5.10 -21.17 -0.98
CA LYS A 142 5.96 -20.53 -1.97
C LYS A 142 7.40 -20.35 -1.46
N ILE A 143 7.55 -19.94 -0.20
CA ILE A 143 8.88 -19.69 0.37
C ILE A 143 9.73 -20.96 0.38
N ASP A 144 9.10 -22.12 0.51
CA ASP A 144 9.83 -23.40 0.49
C ASP A 144 11.09 -23.36 1.37
N VAL A 145 12.19 -22.89 0.79
CA VAL A 145 13.48 -22.86 1.49
C VAL A 145 13.38 -22.26 2.88
N ASN A 146 12.53 -21.25 3.07
CA ASN A 146 12.38 -20.62 4.39
C ASN A 146 11.11 -21.15 5.06
N GLY A 147 11.22 -21.47 6.35
CA GLY A 147 10.09 -22.01 7.10
C GLY A 147 9.19 -20.89 7.63
N ASP A 148 9.63 -20.24 8.70
CA ASP A 148 8.85 -19.17 9.30
C ASP A 148 8.63 -18.03 8.33
N GLY A 149 9.67 -17.70 7.55
CA GLY A 149 9.58 -16.62 6.57
C GLY A 149 10.88 -15.83 6.53
N GLU A 150 10.95 -14.77 7.36
CA GLU A 150 12.15 -13.94 7.40
C GLU A 150 12.51 -13.44 6.01
N LEU A 151 11.72 -12.49 5.51
CA LEU A 151 11.95 -11.93 4.17
C LEU A 151 12.23 -10.43 4.24
N SER A 152 13.01 -9.92 3.28
CA SER A 152 13.34 -8.49 3.22
C SER A 152 13.52 -8.06 1.77
N LEU A 153 14.78 -7.81 1.36
CA LEU A 153 15.06 -7.40 -0.01
C LEU A 153 15.20 -8.63 -0.90
N GLU A 154 16.03 -9.58 -0.49
CA GLU A 154 16.23 -10.78 -1.28
C GLU A 154 14.91 -11.32 -1.81
N GLU A 155 13.81 -10.95 -1.15
CA GLU A 155 12.50 -11.41 -1.58
C GLU A 155 12.24 -11.02 -3.03
N PHE A 156 12.82 -9.91 -3.47
CA PHE A 156 12.62 -9.46 -4.85
C PHE A 156 13.18 -10.49 -5.82
N MET A 157 14.21 -11.21 -5.40
CA MET A 157 14.79 -12.24 -6.25
C MET A 157 13.93 -13.49 -6.17
N GLU A 158 13.70 -13.93 -4.94
CA GLU A 158 12.90 -15.13 -4.69
C GLU A 158 11.52 -15.02 -5.33
N GLY A 159 10.91 -13.84 -5.30
CA GLY A 159 9.60 -13.67 -5.91
C GLY A 159 9.66 -13.93 -7.41
N VAL A 160 10.73 -13.45 -8.03
CA VAL A 160 10.91 -13.63 -9.46
C VAL A 160 11.04 -15.10 -9.82
N GLN A 161 11.70 -15.87 -8.96
CA GLN A 161 11.87 -17.30 -9.19
C GLN A 161 10.50 -17.96 -9.13
N LYS A 162 9.70 -17.49 -8.20
CA LYS A 162 8.34 -18.04 -8.01
C LYS A 162 7.32 -16.92 -7.79
N ASP A 163 6.33 -16.88 -8.69
CA ASP A 163 5.24 -15.88 -8.63
C ASP A 163 4.36 -16.01 -9.87
N GLN A 164 4.65 -15.18 -10.86
CA GLN A 164 3.91 -15.18 -12.12
C GLN A 164 2.47 -14.72 -11.93
N MET A 165 1.86 -15.11 -10.83
CA MET A 165 0.49 -14.70 -10.57
C MET A 165 0.50 -13.29 -9.99
N LEU A 166 1.12 -13.17 -8.82
CA LEU A 166 1.18 -11.88 -8.12
C LEU A 166 1.39 -10.73 -9.10
N LEU A 167 2.30 -10.89 -10.04
CA LEU A 167 2.55 -9.83 -11.01
C LEU A 167 1.28 -9.57 -11.82
N ASP A 168 0.68 -10.65 -12.29
CA ASP A 168 -0.55 -10.56 -13.08
C ASP A 168 -1.68 -9.92 -12.27
N THR A 169 -1.82 -10.34 -11.03
CA THR A 169 -2.88 -9.82 -10.17
C THR A 169 -2.62 -8.34 -9.83
N LEU A 170 -1.36 -7.99 -9.62
CA LEU A 170 -1.01 -6.61 -9.32
C LEU A 170 -1.32 -5.70 -10.49
N THR A 171 -1.14 -6.22 -11.71
CA THR A 171 -1.42 -5.43 -12.90
C THR A 171 -2.88 -5.01 -12.92
N ARG A 172 -3.77 -5.95 -12.60
CA ARG A 172 -5.19 -5.65 -12.57
C ARG A 172 -5.48 -4.59 -11.50
N SER A 173 -4.82 -4.74 -10.37
CA SER A 173 -4.98 -3.79 -9.26
C SER A 173 -4.48 -2.41 -9.67
N LEU A 174 -3.35 -2.39 -10.35
CA LEU A 174 -2.73 -1.14 -10.79
C LEU A 174 -3.64 -0.40 -11.77
N ASP A 175 -3.83 0.90 -11.51
CA ASP A 175 -4.65 1.77 -12.34
C ASP A 175 -5.01 3.02 -11.54
N LEU A 176 -4.49 3.09 -10.32
CA LEU A 176 -4.71 4.23 -9.42
C LEU A 176 -6.19 4.35 -9.03
N THR A 177 -7.08 4.24 -10.00
CA THR A 177 -8.52 4.34 -9.71
C THR A 177 -9.08 2.99 -9.30
N ARG A 178 -8.46 1.92 -9.78
CA ARG A 178 -8.93 0.57 -9.46
C ARG A 178 -8.65 0.24 -7.99
N ILE A 179 -7.48 0.66 -7.51
CA ILE A 179 -7.11 0.37 -6.12
C ILE A 179 -8.10 0.98 -5.12
N VAL A 180 -8.59 2.17 -5.39
CA VAL A 180 -9.55 2.78 -4.47
C VAL A 180 -10.89 2.07 -4.57
N ARG A 181 -11.20 1.59 -5.76
CA ARG A 181 -12.45 0.87 -5.98
C ARG A 181 -12.49 -0.41 -5.15
N ARG A 182 -11.39 -1.14 -5.16
CA ARG A 182 -11.33 -2.38 -4.38
C ARG A 182 -11.40 -2.08 -2.89
N LEU A 183 -10.72 -1.00 -2.48
CA LEU A 183 -10.70 -0.62 -1.07
C LEU A 183 -12.09 -0.22 -0.56
N GLN A 184 -12.87 0.50 -1.37
CA GLN A 184 -14.20 0.91 -0.92
C GLN A 184 -15.14 -0.28 -0.90
N ASN A 185 -14.82 -1.30 -1.69
CA ASN A 185 -15.64 -2.50 -1.75
C ASN A 185 -15.61 -3.24 -0.42
N GLY A 2 -8.53 14.97 -3.53
CA GLY A 2 -8.10 15.52 -4.80
C GLY A 2 -9.04 15.12 -5.93
N ASN A 3 -10.24 14.66 -5.57
CA ASN A 3 -11.21 14.24 -6.57
C ASN A 3 -11.99 15.44 -7.09
N ILE A 4 -11.27 16.48 -7.50
CA ILE A 4 -11.90 17.69 -8.00
C ILE A 4 -12.71 17.37 -9.26
N MET A 5 -12.10 16.64 -10.19
CA MET A 5 -12.77 16.28 -11.43
C MET A 5 -13.54 14.97 -11.27
N ASP A 6 -12.92 14.00 -10.62
CA ASP A 6 -13.55 12.70 -10.40
C ASP A 6 -12.71 11.86 -9.44
N GLY A 7 -13.30 10.79 -8.92
CA GLY A 7 -12.59 9.91 -8.00
C GLY A 7 -11.37 9.29 -8.67
N LYS A 8 -11.56 8.88 -9.93
CA LYS A 8 -10.48 8.27 -10.70
C LYS A 8 -9.45 9.29 -11.14
N SER A 9 -9.86 10.56 -11.23
CA SER A 9 -8.97 11.61 -11.67
C SER A 9 -7.72 11.69 -10.79
N VAL A 10 -7.90 11.52 -9.48
CA VAL A 10 -6.77 11.57 -8.57
C VAL A 10 -5.65 10.67 -9.07
N GLU A 11 -6.01 9.60 -9.78
CA GLU A 11 -5.03 8.68 -10.32
C GLU A 11 -4.18 9.36 -11.40
N GLU A 12 -4.83 10.20 -12.21
CA GLU A 12 -4.15 10.89 -13.30
C GLU A 12 -3.03 11.81 -12.81
N LEU A 13 -3.28 12.55 -11.73
CA LEU A 13 -2.27 13.47 -11.21
C LEU A 13 -1.29 12.73 -10.30
N SER A 14 -1.77 11.64 -9.69
CA SER A 14 -0.93 10.86 -8.80
C SER A 14 0.25 10.26 -9.56
N SER A 15 -0.01 9.77 -10.77
CA SER A 15 1.04 9.19 -11.60
C SER A 15 1.91 10.27 -12.21
N THR A 16 3.22 10.03 -12.20
CA THR A 16 4.18 11.00 -12.75
C THR A 16 4.13 12.32 -11.99
N GLU A 17 3.02 13.02 -12.09
CA GLU A 17 2.86 14.31 -11.42
C GLU A 17 2.61 14.11 -9.93
N CYS A 18 3.28 13.14 -9.34
CA CYS A 18 3.11 12.86 -7.92
C CYS A 18 3.52 14.08 -7.09
N HIS A 19 4.66 14.66 -7.43
CA HIS A 19 5.16 15.83 -6.71
C HIS A 19 4.18 16.99 -6.80
N GLN A 20 3.37 17.00 -7.85
CA GLN A 20 2.38 18.06 -8.02
C GLN A 20 1.37 18.03 -6.88
N TRP A 21 1.02 16.83 -6.46
CA TRP A 21 0.05 16.66 -5.38
C TRP A 21 0.52 17.43 -4.15
N TYR A 22 1.79 17.26 -3.81
CA TYR A 22 2.36 17.96 -2.65
C TYR A 22 2.27 19.47 -2.86
N LYS A 23 2.64 19.91 -4.07
CA LYS A 23 2.61 21.33 -4.40
C LYS A 23 1.20 21.89 -4.24
N LYS A 24 0.19 21.11 -4.64
CA LYS A 24 -1.19 21.56 -4.52
C LYS A 24 -1.53 21.83 -3.05
N PHE A 25 -1.07 20.92 -2.19
CA PHE A 25 -1.30 21.05 -0.76
C PHE A 25 -0.69 22.34 -0.23
N MET A 26 0.53 22.63 -0.65
CA MET A 26 1.22 23.83 -0.19
C MET A 26 0.41 25.09 -0.48
N THR A 27 -0.11 25.22 -1.69
CA THR A 27 -0.91 26.39 -2.03
C THR A 27 -2.28 26.34 -1.36
N GLU A 28 -2.80 25.12 -1.19
CA GLU A 28 -4.11 24.95 -0.57
C GLU A 28 -4.12 25.49 0.87
N CYS A 29 -3.10 25.13 1.65
CA CYS A 29 -3.02 25.58 3.04
C CYS A 29 -1.69 25.17 3.69
N PRO A 30 -0.68 26.01 3.64
CA PRO A 30 0.64 25.69 4.26
C PRO A 30 0.51 25.30 5.74
N SER A 31 1.15 24.19 6.12
CA SER A 31 1.08 23.71 7.50
C SER A 31 2.11 22.61 7.74
N GLY A 32 2.28 22.22 9.00
CA GLY A 32 3.23 21.15 9.37
C GLY A 32 2.57 20.15 10.31
N GLN A 33 3.22 19.00 10.50
CA GLN A 33 2.68 17.96 11.38
C GLN A 33 1.21 17.71 11.02
N LEU A 34 0.97 16.72 10.16
CA LEU A 34 -0.39 16.39 9.74
C LEU A 34 -0.80 15.02 10.23
N THR A 35 -2.09 14.88 10.57
CA THR A 35 -2.64 13.61 11.06
C THR A 35 -3.56 12.98 10.02
N LEU A 36 -3.94 11.74 10.28
CA LEU A 36 -4.82 11.00 9.37
C LEU A 36 -6.19 11.66 9.29
N TYR A 37 -6.67 12.19 10.41
CA TYR A 37 -7.96 12.85 10.43
C TYR A 37 -7.89 14.14 9.60
N GLU A 38 -6.89 14.94 9.91
CA GLU A 38 -6.71 16.21 9.22
C GLU A 38 -6.61 15.99 7.71
N PHE A 39 -6.14 14.80 7.32
CA PHE A 39 -6.03 14.49 5.91
C PHE A 39 -7.42 14.41 5.27
N ARG A 40 -8.31 13.62 5.86
CA ARG A 40 -9.66 13.48 5.32
C ARG A 40 -10.46 14.75 5.57
N GLN A 41 -10.35 15.32 6.78
CA GLN A 41 -11.07 16.53 7.08
C GLN A 41 -10.64 17.66 6.14
N PHE A 42 -9.44 17.59 5.61
CA PHE A 42 -8.98 18.64 4.70
C PHE A 42 -9.92 18.71 3.48
N PHE A 43 -10.12 17.58 2.81
CA PHE A 43 -11.01 17.54 1.64
C PHE A 43 -12.47 17.35 2.05
N GLY A 44 -12.69 16.50 3.05
CA GLY A 44 -14.05 16.24 3.53
C GLY A 44 -14.94 15.71 2.41
N LEU A 45 -14.58 14.56 1.85
CA LEU A 45 -15.37 13.99 0.75
C LEU A 45 -16.80 13.71 1.22
N LYS A 46 -16.93 13.12 2.40
CA LYS A 46 -18.25 12.81 2.95
C LYS A 46 -19.18 12.25 1.87
N ASN A 47 -18.60 11.79 0.77
CA ASN A 47 -19.38 11.24 -0.33
C ASN A 47 -20.16 10.00 0.11
N LEU A 48 -19.50 9.12 0.86
CA LEU A 48 -20.13 7.88 1.34
C LEU A 48 -19.98 7.78 2.85
N SER A 49 -20.17 6.56 3.37
CA SER A 49 -20.06 6.33 4.80
C SER A 49 -18.65 6.66 5.30
N PRO A 50 -18.48 7.57 6.25
CA PRO A 50 -17.12 7.93 6.79
C PRO A 50 -16.28 6.73 7.23
N TRP A 51 -16.93 5.69 7.74
CA TRP A 51 -16.20 4.52 8.22
C TRP A 51 -15.16 4.08 7.19
N ALA A 52 -15.42 4.34 5.91
CA ALA A 52 -14.50 3.95 4.85
C ALA A 52 -13.11 4.50 5.12
N SER A 53 -13.05 5.61 5.84
CA SER A 53 -11.77 6.21 6.19
C SER A 53 -11.06 5.31 7.21
N GLN A 54 -11.83 4.48 7.91
CA GLN A 54 -11.26 3.61 8.91
C GLN A 54 -10.29 2.61 8.29
N TYR A 55 -10.45 2.33 6.99
CA TYR A 55 -9.57 1.38 6.34
C TYR A 55 -8.14 1.91 6.31
N VAL A 56 -7.94 3.14 5.83
CA VAL A 56 -6.61 3.71 5.77
C VAL A 56 -6.02 3.86 7.17
N GLU A 57 -6.90 3.97 8.15
CA GLU A 57 -6.48 4.13 9.53
C GLU A 57 -5.78 2.88 10.07
N GLN A 58 -6.31 1.71 9.75
CA GLN A 58 -5.73 0.45 10.25
C GLN A 58 -4.38 0.13 9.60
N MET A 59 -4.26 0.37 8.30
CA MET A 59 -3.00 0.08 7.63
C MET A 59 -1.92 1.01 8.17
N PHE A 60 -2.33 2.14 8.72
CA PHE A 60 -1.37 3.10 9.25
C PHE A 60 -0.36 2.38 10.15
N GLU A 61 -0.76 1.25 10.71
CA GLU A 61 0.14 0.51 11.59
C GLU A 61 1.42 0.13 10.86
N THR A 62 1.30 -0.66 9.79
CA THR A 62 2.48 -1.10 9.03
C THR A 62 2.83 -0.12 7.90
N PHE A 63 1.82 0.57 7.38
CA PHE A 63 2.03 1.51 6.28
C PHE A 63 2.97 2.64 6.70
N ASP A 64 2.74 3.20 7.88
CA ASP A 64 3.57 4.29 8.35
C ASP A 64 5.02 3.83 8.43
N PHE A 65 5.92 4.58 7.80
CA PHE A 65 7.33 4.23 7.79
C PHE A 65 7.90 4.26 9.21
N ASN A 66 7.47 5.25 9.99
CA ASN A 66 7.93 5.38 11.37
C ASN A 66 6.96 4.74 12.33
N LYS A 67 6.18 5.56 13.04
CA LYS A 67 5.20 5.06 14.00
C LYS A 67 4.06 6.06 14.17
N ASP A 68 3.02 5.64 14.87
CA ASP A 68 1.84 6.49 15.10
C ASP A 68 1.31 7.09 13.79
N GLY A 69 0.42 8.07 13.91
CA GLY A 69 -0.17 8.71 12.73
C GLY A 69 0.40 10.10 12.45
N TYR A 70 1.73 10.18 12.35
CA TYR A 70 2.40 11.46 12.06
C TYR A 70 2.87 11.49 10.61
N ILE A 71 2.51 12.55 9.90
CA ILE A 71 2.92 12.71 8.50
C ILE A 71 3.72 13.99 8.32
N ASP A 72 4.95 13.85 7.80
CA ASP A 72 5.85 14.99 7.60
C ASP A 72 6.39 15.00 6.17
N PHE A 73 7.00 16.12 5.80
CA PHE A 73 7.58 16.25 4.46
C PHE A 73 8.64 15.19 4.22
N MET A 74 9.54 15.01 5.18
CA MET A 74 10.60 14.02 5.03
C MET A 74 9.99 12.62 4.87
N GLU A 75 8.99 12.32 5.67
CA GLU A 75 8.32 11.03 5.59
C GLU A 75 7.53 10.93 4.28
N TYR A 76 6.98 12.07 3.86
CA TYR A 76 6.19 12.12 2.65
C TYR A 76 7.01 11.66 1.45
N GLU A 77 8.26 12.11 1.34
CA GLU A 77 9.09 11.74 0.20
C GLU A 77 9.03 10.23 -0.02
N ALA A 78 8.84 9.46 1.06
CA ALA A 78 8.76 8.02 0.92
C ALA A 78 7.48 7.61 0.20
N ALA A 79 6.38 8.31 0.51
CA ALA A 79 5.08 7.99 -0.09
C ALA A 79 5.08 8.20 -1.61
N LEU A 80 5.68 9.29 -2.09
CA LEU A 80 5.68 9.55 -3.52
C LEU A 80 6.55 8.54 -4.26
N SER A 81 7.49 7.92 -3.56
CA SER A 81 8.36 6.93 -4.19
C SER A 81 7.54 5.76 -4.71
N LEU A 82 6.57 5.31 -3.91
CA LEU A 82 5.71 4.20 -4.34
C LEU A 82 4.88 4.61 -5.55
N VAL A 83 4.34 5.83 -5.51
CA VAL A 83 3.54 6.35 -6.61
C VAL A 83 4.40 6.58 -7.84
N LEU A 84 5.60 7.09 -7.61
CA LEU A 84 6.53 7.39 -8.69
C LEU A 84 6.82 6.14 -9.50
N LYS A 85 7.04 5.02 -8.81
CA LYS A 85 7.35 3.73 -9.45
C LYS A 85 8.04 3.91 -10.81
N GLY A 86 9.36 3.75 -10.80
CA GLY A 86 10.15 3.90 -12.02
C GLY A 86 11.46 3.13 -11.91
N LYS A 87 11.98 2.99 -10.68
CA LYS A 87 13.23 2.29 -10.47
C LYS A 87 12.94 0.78 -10.38
N VAL A 88 11.68 0.46 -10.13
CA VAL A 88 11.25 -0.93 -10.05
C VAL A 88 12.00 -1.75 -9.01
N GLU A 89 13.24 -2.13 -9.32
CA GLU A 89 14.02 -2.96 -8.40
C GLU A 89 14.23 -2.27 -7.06
N GLN A 90 14.62 -1.01 -7.09
CA GLN A 90 14.82 -0.27 -5.84
C GLN A 90 13.48 -0.06 -5.14
N LYS A 91 12.45 0.23 -5.94
CA LYS A 91 11.12 0.46 -5.42
C LYS A 91 10.59 -0.79 -4.70
N LEU A 92 10.78 -1.95 -5.33
CA LEU A 92 10.30 -3.19 -4.73
C LEU A 92 11.00 -3.47 -3.40
N ARG A 93 12.30 -3.20 -3.34
CA ARG A 93 13.05 -3.42 -2.11
C ARG A 93 12.55 -2.47 -1.02
N TRP A 94 12.26 -1.24 -1.41
CA TRP A 94 11.78 -0.25 -0.46
C TRP A 94 10.46 -0.73 0.12
N TYR A 95 9.58 -1.21 -0.75
CA TYR A 95 8.28 -1.72 -0.33
C TYR A 95 8.45 -2.87 0.66
N PHE A 96 9.33 -3.80 0.33
CA PHE A 96 9.56 -4.95 1.19
C PHE A 96 9.96 -4.50 2.59
N LYS A 97 10.90 -3.57 2.67
CA LYS A 97 11.33 -3.07 3.97
C LYS A 97 10.16 -2.46 4.73
N LEU A 98 9.39 -1.63 4.04
CA LEU A 98 8.23 -0.98 4.66
C LEU A 98 7.19 -2.01 5.07
N TYR A 99 6.87 -2.93 4.17
CA TYR A 99 5.87 -3.95 4.45
C TYR A 99 6.32 -4.81 5.62
N ASP A 100 7.59 -5.22 5.58
CA ASP A 100 8.18 -6.04 6.64
C ASP A 100 9.18 -5.21 7.44
N VAL A 101 8.80 -4.84 8.65
CA VAL A 101 9.67 -4.04 9.50
C VAL A 101 10.94 -4.79 9.86
N ASP A 102 12.06 -4.07 9.94
CA ASP A 102 13.33 -4.68 10.28
C ASP A 102 13.60 -5.90 9.40
N GLY A 103 13.41 -5.75 8.09
CA GLY A 103 13.64 -6.85 7.16
C GLY A 103 15.12 -7.16 7.07
N ASN A 104 15.48 -8.43 7.25
CA ASN A 104 16.87 -8.86 7.17
C ASN A 104 16.95 -10.38 7.02
N GLY A 105 17.69 -10.82 5.99
CA GLY A 105 17.85 -12.25 5.75
C GLY A 105 16.55 -12.87 5.24
N CYS A 106 16.39 -14.17 5.46
CA CYS A 106 15.21 -14.88 5.02
C CYS A 106 13.99 -14.49 5.86
N ILE A 107 12.79 -14.85 5.39
CA ILE A 107 11.57 -14.52 6.12
C ILE A 107 10.53 -15.63 5.96
N ASP A 108 9.68 -15.77 6.99
CA ASP A 108 8.64 -16.79 7.01
C ASP A 108 7.31 -16.23 6.51
N ARG A 109 6.65 -16.98 5.63
CA ARG A 109 5.37 -16.56 5.09
C ARG A 109 4.36 -16.32 6.22
N ASP A 110 4.61 -16.97 7.35
CA ASP A 110 3.73 -16.84 8.51
C ASP A 110 3.63 -15.38 8.96
N GLU A 111 4.75 -14.68 8.98
CA GLU A 111 4.77 -13.28 9.37
C GLU A 111 3.99 -12.44 8.35
N LEU A 112 4.23 -12.74 7.08
CA LEU A 112 3.57 -12.00 6.00
C LEU A 112 2.04 -12.18 6.08
N LEU A 113 1.61 -13.37 6.44
CA LEU A 113 0.17 -13.65 6.57
C LEU A 113 -0.45 -12.82 7.68
N THR A 114 0.38 -12.39 8.62
CA THR A 114 -0.08 -11.57 9.74
C THR A 114 -0.14 -10.11 9.36
N ILE A 115 0.68 -9.69 8.40
CA ILE A 115 0.66 -8.32 7.95
C ILE A 115 -0.66 -8.05 7.26
N ILE A 116 -1.14 -9.05 6.51
CA ILE A 116 -2.38 -8.91 5.75
C ILE A 116 -3.39 -8.02 6.49
N ARG A 117 -3.65 -8.28 7.76
CA ARG A 117 -4.63 -7.47 8.50
C ARG A 117 -4.38 -5.98 8.25
N ALA A 118 -3.14 -5.64 7.96
CA ALA A 118 -2.78 -4.25 7.69
C ALA A 118 -3.56 -3.70 6.48
N ILE A 119 -3.62 -4.48 5.41
CA ILE A 119 -4.35 -4.05 4.21
C ILE A 119 -5.83 -4.42 4.31
N ARG A 120 -6.11 -5.51 5.02
CA ARG A 120 -7.47 -5.99 5.21
C ARG A 120 -8.29 -5.83 3.92
N ALA A 121 -7.89 -6.56 2.88
CA ALA A 121 -8.59 -6.49 1.60
C ALA A 121 -9.93 -7.20 1.68
N ILE A 122 -10.98 -6.42 1.94
CA ILE A 122 -12.33 -6.97 2.04
C ILE A 122 -12.83 -7.46 0.68
N ASN A 123 -12.34 -6.85 -0.39
CA ASN A 123 -12.76 -7.24 -1.74
C ASN A 123 -12.28 -8.65 -2.07
N PRO A 124 -12.99 -9.38 -2.91
CA PRO A 124 -12.57 -10.77 -3.29
C PRO A 124 -11.11 -10.83 -3.74
N CYS A 125 -10.67 -9.80 -4.45
CA CYS A 125 -9.29 -9.75 -4.95
C CYS A 125 -9.14 -10.68 -6.15
N SER A 126 -7.91 -11.15 -6.37
CA SER A 126 -7.66 -12.04 -7.50
C SER A 126 -8.44 -13.35 -7.36
N ASP A 127 -8.51 -13.87 -6.14
CA ASP A 127 -9.23 -15.13 -5.89
C ASP A 127 -10.62 -14.88 -5.31
N SER A 128 -11.63 -15.43 -5.95
CA SER A 128 -13.02 -15.26 -5.49
C SER A 128 -13.19 -15.84 -4.09
N THR A 129 -14.07 -15.22 -3.30
CA THR A 129 -14.34 -15.66 -1.94
C THR A 129 -13.05 -16.11 -1.25
N MET A 130 -13.18 -17.09 -0.35
CA MET A 130 -12.03 -17.62 0.39
C MET A 130 -11.32 -16.49 1.14
N THR A 131 -11.26 -16.61 2.46
CA THR A 131 -10.61 -15.59 3.27
C THR A 131 -9.26 -15.19 2.66
N ALA A 132 -8.68 -14.13 3.20
CA ALA A 132 -7.39 -13.64 2.70
C ALA A 132 -6.28 -14.65 2.94
N GLU A 133 -6.31 -15.30 4.10
CA GLU A 133 -5.28 -16.27 4.46
C GLU A 133 -5.28 -17.46 3.50
N GLU A 134 -6.46 -17.92 3.11
CA GLU A 134 -6.55 -19.06 2.19
C GLU A 134 -6.06 -18.64 0.82
N PHE A 135 -6.45 -17.44 0.42
CA PHE A 135 -6.04 -16.90 -0.87
C PHE A 135 -4.52 -16.71 -0.93
N THR A 136 -3.96 -16.11 0.11
CA THR A 136 -2.52 -15.89 0.15
C THR A 136 -1.78 -17.23 0.24
N ASP A 137 -2.34 -18.14 1.02
CA ASP A 137 -1.73 -19.46 1.20
C ASP A 137 -1.61 -20.18 -0.15
N THR A 138 -2.65 -20.06 -0.98
CA THR A 138 -2.60 -20.72 -2.28
C THR A 138 -1.55 -20.07 -3.17
N VAL A 139 -1.43 -18.75 -3.07
CA VAL A 139 -0.44 -18.03 -3.87
C VAL A 139 0.98 -18.44 -3.46
N PHE A 140 1.24 -18.48 -2.16
CA PHE A 140 2.55 -18.86 -1.66
C PHE A 140 2.83 -20.33 -1.97
N SER A 141 1.80 -21.16 -1.82
CA SER A 141 1.94 -22.60 -2.08
C SER A 141 2.33 -22.84 -3.53
N LYS A 142 1.98 -21.91 -4.40
CA LYS A 142 2.31 -22.05 -5.82
C LYS A 142 3.82 -22.10 -6.02
N ILE A 143 4.54 -21.22 -5.33
CA ILE A 143 5.98 -21.17 -5.48
C ILE A 143 6.63 -22.48 -5.04
N ASP A 144 6.27 -22.95 -3.83
CA ASP A 144 6.81 -24.20 -3.29
C ASP A 144 6.31 -24.43 -1.87
N VAL A 145 6.95 -23.73 -0.92
CA VAL A 145 6.61 -23.83 0.50
C VAL A 145 7.00 -25.18 1.08
N ASN A 146 8.30 -25.39 1.25
CA ASN A 146 8.82 -26.63 1.82
C ASN A 146 9.19 -26.42 3.29
N GLY A 147 8.89 -25.23 3.81
CA GLY A 147 9.19 -24.92 5.20
C GLY A 147 9.17 -23.41 5.45
N ASP A 148 9.41 -23.02 6.70
CA ASP A 148 9.42 -21.60 7.06
C ASP A 148 10.76 -20.96 6.74
N GLY A 149 10.79 -19.63 6.68
CA GLY A 149 12.03 -18.91 6.39
C GLY A 149 12.52 -19.29 4.99
N GLU A 150 11.59 -19.66 4.12
CA GLU A 150 11.93 -20.07 2.76
C GLU A 150 11.99 -18.87 1.81
N LEU A 151 11.60 -17.68 2.28
CA LEU A 151 11.62 -16.49 1.41
C LEU A 151 12.90 -15.69 1.64
N SER A 152 13.73 -15.62 0.59
CA SER A 152 15.00 -14.89 0.64
C SER A 152 14.98 -13.70 -0.31
N LEU A 153 16.08 -12.95 -0.35
CA LEU A 153 16.17 -11.79 -1.22
C LEU A 153 15.87 -12.18 -2.67
N GLU A 154 16.71 -13.04 -3.24
CA GLU A 154 16.53 -13.44 -4.64
C GLU A 154 15.14 -14.02 -4.87
N GLU A 155 14.63 -14.76 -3.89
CA GLU A 155 13.31 -15.36 -4.04
C GLU A 155 12.27 -14.26 -4.24
N PHE A 156 12.42 -13.16 -3.50
CA PHE A 156 11.51 -12.03 -3.64
C PHE A 156 11.70 -11.41 -5.02
N MET A 157 12.97 -11.34 -5.42
CA MET A 157 13.30 -10.80 -6.72
C MET A 157 12.64 -11.64 -7.80
N GLU A 158 13.07 -12.90 -7.91
CA GLU A 158 12.53 -13.81 -8.90
C GLU A 158 11.01 -13.77 -8.91
N GLY A 159 10.43 -13.39 -7.78
CA GLY A 159 8.98 -13.31 -7.68
C GLY A 159 8.40 -12.35 -8.71
N VAL A 160 9.09 -11.24 -8.96
CA VAL A 160 8.60 -10.25 -9.92
C VAL A 160 8.58 -10.82 -11.35
N GLN A 161 9.58 -11.63 -11.71
CA GLN A 161 9.65 -12.20 -13.04
C GLN A 161 8.84 -13.50 -13.11
N LYS A 162 8.81 -14.21 -11.99
CA LYS A 162 8.09 -15.49 -11.92
C LYS A 162 6.85 -15.37 -11.05
N ASP A 163 5.74 -15.92 -11.53
CA ASP A 163 4.46 -15.87 -10.82
C ASP A 163 3.69 -14.61 -11.20
N GLN A 164 2.65 -14.78 -12.00
CA GLN A 164 1.82 -13.67 -12.44
C GLN A 164 0.74 -13.39 -11.40
N MET A 165 0.37 -14.44 -10.67
CA MET A 165 -0.65 -14.35 -9.64
C MET A 165 -0.13 -13.49 -8.47
N LEU A 166 1.16 -13.58 -8.24
CA LEU A 166 1.80 -12.79 -7.17
C LEU A 166 1.78 -11.31 -7.52
N LEU A 167 2.03 -11.01 -8.79
CA LEU A 167 2.08 -9.63 -9.26
C LEU A 167 0.77 -8.89 -8.97
N ASP A 168 -0.37 -9.51 -9.30
CA ASP A 168 -1.65 -8.85 -9.05
C ASP A 168 -1.84 -8.61 -7.56
N THR A 169 -1.45 -9.58 -6.73
CA THR A 169 -1.58 -9.43 -5.29
C THR A 169 -0.73 -8.26 -4.81
N LEU A 170 0.50 -8.20 -5.30
CA LEU A 170 1.41 -7.12 -4.92
C LEU A 170 0.86 -5.79 -5.38
N THR A 171 0.25 -5.78 -6.56
CA THR A 171 -0.31 -4.55 -7.11
C THR A 171 -1.29 -3.93 -6.13
N ARG A 172 -2.00 -4.77 -5.39
CA ARG A 172 -2.99 -4.26 -4.45
C ARG A 172 -2.29 -3.31 -3.46
N SER A 173 -1.22 -3.79 -2.82
CA SER A 173 -0.47 -2.95 -1.88
C SER A 173 0.34 -1.88 -2.61
N LEU A 174 0.95 -2.28 -3.72
CA LEU A 174 1.79 -1.38 -4.51
C LEU A 174 0.92 -0.40 -5.31
N ASP A 175 0.13 0.39 -4.60
CA ASP A 175 -0.74 1.39 -5.24
C ASP A 175 -1.55 2.14 -4.18
N LEU A 176 -1.29 3.43 -4.03
CA LEU A 176 -2.02 4.24 -3.06
C LEU A 176 -3.39 4.59 -3.63
N THR A 177 -3.53 4.44 -4.94
CA THR A 177 -4.78 4.73 -5.63
C THR A 177 -5.84 3.70 -5.29
N ARG A 178 -5.40 2.52 -4.85
CA ARG A 178 -6.35 1.45 -4.51
C ARG A 178 -7.51 2.01 -3.69
N ILE A 179 -7.29 3.13 -3.01
CA ILE A 179 -8.32 3.74 -2.19
C ILE A 179 -9.56 4.05 -3.02
N VAL A 180 -9.37 4.30 -4.31
CA VAL A 180 -10.51 4.62 -5.17
C VAL A 180 -11.43 3.41 -5.30
N ARG A 181 -10.84 2.21 -5.39
CA ARG A 181 -11.63 1.00 -5.51
C ARG A 181 -12.51 0.82 -4.29
N ARG A 182 -11.92 0.95 -3.11
CA ARG A 182 -12.67 0.81 -1.86
C ARG A 182 -13.71 1.93 -1.74
N LEU A 183 -13.31 3.13 -2.16
CA LEU A 183 -14.21 4.28 -2.10
C LEU A 183 -15.42 4.04 -2.99
N GLN A 184 -15.17 3.50 -4.19
CA GLN A 184 -16.26 3.23 -5.12
C GLN A 184 -17.22 2.20 -4.55
N ASN A 185 -16.68 1.19 -3.88
CA ASN A 185 -17.50 0.15 -3.28
C ASN A 185 -18.41 0.74 -2.21
#